data_7YMT
#
_entry.id   7YMT
#
loop_
_entity.id
_entity.type
_entity.pdbx_description
1 polymer 'Spike glycoprotein'
2 branched 2-acetamido-2-deoxy-beta-D-glucopyranose-(1-4)-2-acetamido-2-deoxy-beta-D-glucopyranose
3 branched alpha-D-mannopyranose-(1-3)-[alpha-D-mannopyranose-(1-6)]beta-D-mannopyranose-(1-4)-2-acetamido-2-deoxy-beta-D-glucopyranose-(1-4)-2-acetamido-2-deoxy-beta-D-glucopyranose
4 branched beta-D-mannopyranose-(1-4)-2-acetamido-2-deoxy-beta-D-glucopyranose-(1-4)-2-acetamido-2-deoxy-beta-D-glucopyranose
5 branched alpha-D-mannopyranose-(1-6)-beta-D-mannopyranose-(1-4)-2-acetamido-2-deoxy-beta-D-glucopyranose-(1-4)-2-acetamido-2-deoxy-beta-D-glucopyranose
6 branched alpha-L-fucopyranose-(1-6)-2-acetamido-2-deoxy-beta-D-glucopyranose
7 non-polymer 2-acetamido-2-deoxy-beta-D-glucopyranose
#
_entity_poly.entity_id   1
_entity_poly.type   'polypeptide(L)'
_entity_poly.pdbx_seq_one_letter_code
;MDSWFILVLLGSGLICVSASYVDVGPDSVKSACIEVDIQQTFFDKTWPRPIDVSKADGIIYPQGRTYSNITITYQGLFPY
QGDHGDMYVYSAGHATGTTPQKLFVANYSQDVKQFANGFVVRIGAAANSTGTVIISPSTSATIRKIYPAFMLGSSVGNFS
DGKMGRFFNHTLVLLPDGCGTLLRAFYCILEPRSGNHCPAGNSYTSFATYHTPATDCSDGNYNRNASLNSFKEYFNLRNC
TFMYTYNITEDEILEWFGITQTAQGVHLFSSRYVDLYGGNMFQFATLPVYDTIKYYSIIPHSIRSIQSDRKAWAAFYVYK
LQPLTFLLDFSVDGYIRRAIDCGFNDLSQLHCSYESFDVESGVYSVSSFEAKPSGSVVEQAEGVECDFSPLLSGTPPQVY
NFKRLVFTNCNYNLTKLLSLFSVNDFTCSQISPAAIASNCYSSLILDYFSYPLSMKSDLSVSSAGPISQFNYKQSFSNPT
CLILATVPHNLTTITKPLKYSYINKCSRLLSDDRTEVPQLVNANQYSPCVSIVPSTVWEDGDYYRKQLSPLEGGGWLVAS
GSTVAMTEQLQMGFGITVQYGTDTNSVCPKLEFANDTKIASQLGNCVEYSLYGVSGRGVFQNCTAVGVRQQRFVYDAYQN
LVGYYSDDGNYYCLRACVSVPVSVIYDKETKTHATLFGSVACEHISSTMSQYSRSTRSMLKRRDSTYGPLQTPVGCVLGL
VNSSLFVEDCKLPLGQSLCALPDTPSTLTPASVGSVPGEMRLASIAFNHPIQVDQLNSSYFKLSIPTNFSFGVTQEYIQT
TIQKVTVDCKQYVCNGFQKCEQLLREYGQFCSKINQALHGANLRQDDSVRNLFASVKSSQSSPIIPGFGGDFNLTLLEPV
SISTGSRSARSAIEDLLFDKVTIADPGYMQGYDDCMQQGPASARDLICAQYVAGYKVLPPLMDVNMEAAYTSSLLGSIAG
VGWTAGLSSFAAIPFAQSIFYRLNGVGITQQVLSENQKLIANKFNQALGAMQTGFTTTNEAFQKVQDAVNNNAQALSKLA
SELSNTFGAISASIGDIIQRLDPPEQDAQIDRLINGRLTTLNAFVAQQLVRSESAALSAQLAKDKVNECVKAQSKRSGFC
GQGTHIVSFVVNAPNGLYFMHVGYYPSNHIEVVSAYGLCDAANPTNCIAPVNGYFIKTNNTRIVDEWSYTGSSFYAPEPI
TSLNTKYVAPQVTYQNISTNLPPPLLGNSTGIDFQDELDEFFKNVSTSIPNFGSLTQINTTLLDLTYEMLSLQQVVKALN
ESYIDLKELGNYTYEFGSGGYIPEAPRDGQAYVRKDGEWVLLSTFLKGQDNSADIQHSGRPLESRGPFEQKLISEEDLNM
HTGHHHHHH
;
_entity_poly.pdbx_strand_id   A,B,C
#
# COMPACT_ATOMS: atom_id res chain seq x y z
N VAL A 22 31.99 -19.77 -51.65
CA VAL A 22 30.70 -20.16 -52.20
C VAL A 22 30.19 -19.06 -53.13
N ASP A 23 30.31 -17.82 -52.68
CA ASP A 23 29.89 -16.65 -53.45
C ASP A 23 30.81 -16.45 -54.64
N VAL A 24 30.31 -15.72 -55.64
CA VAL A 24 31.12 -15.42 -56.81
C VAL A 24 31.31 -13.91 -56.91
N GLY A 25 30.22 -13.19 -57.17
CA GLY A 25 30.21 -11.74 -57.23
C GLY A 25 31.25 -11.13 -58.15
N PRO A 26 31.40 -11.71 -59.37
CA PRO A 26 32.69 -11.72 -60.12
C PRO A 26 33.88 -10.91 -59.62
N ASP A 27 34.40 -10.03 -60.46
CA ASP A 27 35.67 -9.36 -60.16
C ASP A 27 35.78 -8.04 -60.90
N SER A 28 37.00 -7.51 -61.02
CA SER A 28 37.23 -6.12 -61.36
C SER A 28 38.27 -5.95 -62.46
N VAL A 29 38.76 -4.71 -62.59
CA VAL A 29 39.71 -4.32 -63.64
C VAL A 29 41.05 -4.07 -62.98
N LYS A 30 42.05 -3.66 -63.77
CA LYS A 30 43.41 -3.47 -63.33
C LYS A 30 43.50 -2.43 -62.20
N SER A 31 44.61 -2.48 -61.46
CA SER A 31 44.81 -1.62 -60.29
C SER A 31 45.20 -0.22 -60.77
N ALA A 32 44.19 0.51 -61.26
CA ALA A 32 44.38 1.88 -61.74
C ALA A 32 43.03 2.58 -61.62
N CYS A 33 42.93 3.52 -60.69
CA CYS A 33 41.67 4.18 -60.39
C CYS A 33 41.59 5.53 -61.08
N ILE A 34 40.36 5.94 -61.39
CA ILE A 34 40.10 7.22 -62.05
C ILE A 34 40.06 8.34 -61.02
N GLU A 35 40.06 9.59 -61.51
CA GLU A 35 40.25 10.75 -60.65
C GLU A 35 38.95 11.16 -59.96
N VAL A 36 39.10 11.80 -58.80
CA VAL A 36 37.99 12.32 -58.00
C VAL A 36 38.38 13.71 -57.50
N ASP A 37 37.46 14.67 -57.66
CA ASP A 37 37.67 16.05 -57.22
C ASP A 37 36.62 16.44 -56.19
N ILE A 38 36.96 17.41 -55.35
CA ILE A 38 36.05 17.94 -54.33
C ILE A 38 35.78 19.40 -54.63
N GLN A 39 34.51 19.76 -54.73
CA GLN A 39 34.09 21.11 -55.14
C GLN A 39 32.85 21.55 -54.35
N GLN A 40 32.72 21.03 -53.11
CA GLN A 40 31.46 20.94 -52.36
C GLN A 40 30.75 22.28 -52.14
N THR A 41 31.34 23.41 -52.52
CA THR A 41 30.67 24.70 -52.39
C THR A 41 29.41 24.77 -53.26
N PHE A 42 29.42 24.12 -54.43
CA PHE A 42 28.22 24.02 -55.24
C PHE A 42 27.12 23.25 -54.52
N PHE A 43 27.49 22.17 -53.82
CA PHE A 43 26.53 21.36 -53.08
C PHE A 43 25.98 22.06 -51.84
N ASP A 44 26.58 23.18 -51.43
CA ASP A 44 26.10 23.91 -50.26
C ASP A 44 24.99 24.85 -50.69
N LYS A 45 23.75 24.41 -50.49
CA LYS A 45 22.58 25.25 -50.73
C LYS A 45 21.47 24.77 -49.81
N THR A 46 20.69 25.72 -49.30
CA THR A 46 19.64 25.43 -48.33
C THR A 46 18.31 25.25 -49.06
N TRP A 47 17.80 24.03 -49.05
CA TRP A 47 16.44 23.73 -49.49
C TRP A 47 15.61 23.37 -48.28
N PRO A 48 14.78 24.28 -47.78
CA PRO A 48 14.04 23.99 -46.53
C PRO A 48 12.89 23.02 -46.71
N ARG A 49 13.01 21.82 -46.12
CA ARG A 49 11.96 20.81 -46.13
C ARG A 49 11.81 20.23 -44.73
N PRO A 50 10.84 20.70 -43.96
CA PRO A 50 10.57 20.11 -42.64
C PRO A 50 9.82 18.79 -42.79
N ILE A 51 9.56 18.15 -41.65
CA ILE A 51 8.82 16.90 -41.59
C ILE A 51 7.64 17.09 -40.65
N ASP A 52 6.43 16.89 -41.16
CA ASP A 52 5.22 16.99 -40.37
C ASP A 52 4.87 15.61 -39.82
N VAL A 53 4.44 15.57 -38.56
CA VAL A 53 3.99 14.32 -37.98
C VAL A 53 2.48 14.16 -38.14
N SER A 54 1.73 15.27 -38.21
CA SER A 54 0.31 15.20 -38.52
C SER A 54 0.07 14.74 -39.95
N LYS A 55 1.03 14.94 -40.84
CA LYS A 55 0.99 14.36 -42.17
C LYS A 55 1.72 13.02 -42.26
N ALA A 56 2.41 12.63 -41.18
CA ALA A 56 3.09 11.33 -41.05
C ALA A 56 4.10 11.10 -42.18
N ASP A 57 5.13 11.94 -42.20
CA ASP A 57 6.15 11.89 -43.25
C ASP A 57 7.27 10.94 -42.83
N GLY A 58 7.10 9.65 -43.18
CA GLY A 58 8.16 8.67 -42.98
C GLY A 58 8.39 8.25 -41.54
N ILE A 59 7.42 7.56 -40.95
CA ILE A 59 7.50 7.10 -39.56
C ILE A 59 7.21 5.60 -39.54
N ILE A 60 7.94 4.89 -38.67
CA ILE A 60 7.85 3.44 -38.58
C ILE A 60 6.44 2.99 -38.21
N TYR A 61 5.97 1.94 -38.88
CA TYR A 61 4.74 1.21 -38.60
C TYR A 61 4.99 0.14 -37.56
N PRO A 62 3.97 -0.22 -36.77
CA PRO A 62 4.09 -1.41 -35.92
C PRO A 62 4.29 -2.66 -36.78
N GLN A 63 5.13 -3.57 -36.27
CA GLN A 63 5.60 -4.68 -37.08
C GLN A 63 4.51 -5.71 -37.33
N GLY A 64 3.65 -5.96 -36.34
CA GLY A 64 2.62 -6.95 -36.51
C GLY A 64 1.31 -6.61 -35.82
N ARG A 65 1.19 -5.37 -35.32
CA ARG A 65 0.05 -4.96 -34.51
C ARG A 65 -0.69 -3.85 -35.27
N THR A 66 -1.58 -4.22 -36.18
CA THR A 66 -2.34 -3.22 -36.92
C THR A 66 -3.72 -3.04 -36.29
N TYR A 67 -4.18 -1.80 -36.28
CA TYR A 67 -5.41 -1.38 -35.63
C TYR A 67 -6.31 -0.73 -36.67
N SER A 68 -7.42 -0.15 -36.20
CA SER A 68 -8.35 0.50 -37.11
C SER A 68 -9.19 1.53 -36.36
N ASN A 69 -9.16 2.77 -36.85
CA ASN A 69 -10.04 3.87 -36.48
C ASN A 69 -9.84 4.34 -35.04
N ILE A 70 -8.73 4.00 -34.39
CA ILE A 70 -8.46 4.41 -33.02
C ILE A 70 -7.10 5.10 -32.98
N THR A 71 -6.90 5.93 -31.96
CA THR A 71 -5.61 6.54 -31.66
C THR A 71 -4.89 5.71 -30.60
N ILE A 72 -3.64 5.36 -30.87
CA ILE A 72 -2.88 4.47 -29.99
C ILE A 72 -1.48 5.03 -29.74
N THR A 73 -1.02 4.94 -28.50
CA THR A 73 0.34 5.31 -28.14
C THR A 73 1.28 4.13 -28.35
N TYR A 74 2.52 4.44 -28.72
CA TYR A 74 3.52 3.41 -28.92
C TYR A 74 4.91 3.98 -28.70
N GLN A 75 5.74 3.20 -28.02
CA GLN A 75 7.14 3.55 -27.77
C GLN A 75 8.01 2.86 -28.82
N GLY A 76 8.74 3.66 -29.59
CA GLY A 76 9.61 3.12 -30.62
C GLY A 76 10.72 4.07 -30.99
N LEU A 77 11.14 4.04 -32.25
CA LEU A 77 12.18 4.94 -32.75
C LEU A 77 11.52 5.92 -33.72
N PHE A 78 11.61 7.21 -33.41
CA PHE A 78 11.00 8.27 -34.18
C PHE A 78 11.96 9.45 -34.24
N PRO A 79 11.83 10.31 -35.26
CA PRO A 79 12.54 11.60 -35.23
C PRO A 79 11.69 12.71 -34.60
N TYR A 80 12.20 13.94 -34.56
CA TYR A 80 11.43 15.07 -34.06
C TYR A 80 10.54 15.65 -35.16
N GLN A 81 9.93 16.79 -34.88
CA GLN A 81 8.96 17.41 -35.76
C GLN A 81 9.57 18.63 -36.45
N GLY A 82 9.38 18.70 -37.76
CA GLY A 82 9.85 19.83 -38.54
C GLY A 82 11.36 19.95 -38.60
N ASP A 83 12.05 18.83 -38.67
CA ASP A 83 13.50 18.85 -38.61
C ASP A 83 14.10 19.23 -39.96
N HIS A 84 15.42 19.43 -39.96
CA HIS A 84 16.13 19.85 -41.15
C HIS A 84 16.56 18.66 -42.00
N GLY A 85 17.36 17.78 -41.43
CA GLY A 85 17.79 16.57 -42.10
C GLY A 85 19.30 16.46 -42.18
N ASP A 86 19.74 15.59 -43.08
CA ASP A 86 21.15 15.36 -43.40
C ASP A 86 21.36 15.52 -44.89
N MET A 87 21.00 16.70 -45.39
CA MET A 87 20.91 17.06 -46.80
C MET A 87 22.17 16.76 -47.60
N TYR A 88 22.05 15.83 -48.54
CA TYR A 88 23.02 15.63 -49.60
C TYR A 88 22.28 15.53 -50.93
N VAL A 89 23.04 15.57 -52.03
CA VAL A 89 22.46 15.57 -53.37
C VAL A 89 23.51 15.04 -54.35
N TYR A 90 23.05 14.30 -55.35
CA TYR A 90 23.91 13.80 -56.42
C TYR A 90 23.91 14.78 -57.60
N SER A 91 24.86 14.59 -58.50
CA SER A 91 25.03 15.47 -59.65
C SER A 91 25.74 14.74 -60.76
N ALA A 92 25.95 15.43 -61.87
CA ALA A 92 26.61 14.89 -63.06
C ALA A 92 28.02 15.45 -63.18
N GLY A 93 28.86 14.70 -63.90
CA GLY A 93 30.27 15.02 -64.01
C GLY A 93 30.58 15.99 -65.13
N HIS A 94 31.88 16.23 -65.32
CA HIS A 94 32.33 17.08 -66.41
C HIS A 94 32.06 16.40 -67.75
N ALA A 95 31.70 17.20 -68.75
CA ALA A 95 31.45 16.70 -70.08
C ALA A 95 31.59 17.84 -71.07
N THR A 96 31.83 17.50 -72.33
CA THR A 96 31.89 18.48 -73.41
C THR A 96 31.52 17.75 -74.70
N GLY A 97 30.37 18.10 -75.29
CA GLY A 97 29.91 17.39 -76.46
C GLY A 97 29.18 16.12 -76.11
N THR A 98 29.84 14.99 -76.30
CA THR A 98 29.28 13.69 -75.92
C THR A 98 30.15 12.93 -74.93
N THR A 99 31.44 13.26 -74.84
CA THR A 99 32.32 12.53 -73.95
C THR A 99 32.23 13.10 -72.52
N PRO A 100 32.03 12.25 -71.51
CA PRO A 100 32.05 12.73 -70.12
C PRO A 100 33.46 12.73 -69.54
N GLN A 101 33.90 13.87 -69.03
CA GLN A 101 35.22 14.01 -68.44
C GLN A 101 35.14 13.75 -66.94
N LYS A 102 36.19 14.13 -66.20
CA LYS A 102 36.46 13.81 -64.81
C LYS A 102 35.27 14.10 -63.88
N LEU A 103 35.20 13.39 -62.75
CA LEU A 103 34.00 13.26 -61.94
C LEU A 103 33.61 14.60 -61.28
N PHE A 104 32.50 14.55 -60.54
CA PHE A 104 31.97 15.75 -59.88
C PHE A 104 31.25 15.26 -58.63
N VAL A 105 31.97 15.23 -57.49
CA VAL A 105 31.42 14.80 -56.21
C VAL A 105 31.88 15.76 -55.12
N ALA A 106 31.17 15.74 -53.99
CA ALA A 106 31.45 16.63 -52.87
C ALA A 106 32.38 15.93 -51.87
N ASN A 107 32.55 16.54 -50.70
CA ASN A 107 33.31 15.96 -49.59
C ASN A 107 32.45 15.06 -48.71
N TYR A 108 31.29 14.62 -49.21
CA TYR A 108 30.34 13.84 -48.42
C TYR A 108 30.88 12.46 -48.09
N SER A 109 31.90 11.99 -48.80
CA SER A 109 32.48 10.67 -48.50
C SER A 109 33.23 10.67 -47.17
N GLN A 110 33.75 11.82 -46.75
CA GLN A 110 34.54 11.93 -45.53
C GLN A 110 33.74 12.45 -44.35
N ASP A 111 32.42 12.55 -44.48
CA ASP A 111 31.55 13.02 -43.41
C ASP A 111 30.81 11.82 -42.84
N VAL A 112 31.18 11.42 -41.61
CA VAL A 112 30.72 10.18 -41.00
C VAL A 112 29.93 10.52 -39.74
N LYS A 113 28.77 9.87 -39.59
CA LYS A 113 27.89 10.07 -38.44
C LYS A 113 27.64 8.75 -37.75
N GLN A 114 27.31 8.81 -36.47
CA GLN A 114 27.00 7.62 -35.71
C GLN A 114 25.67 7.03 -36.17
N PHE A 115 25.59 5.69 -36.14
CA PHE A 115 24.40 4.99 -36.62
C PHE A 115 23.20 5.27 -35.73
N ALA A 116 23.42 5.37 -34.41
CA ALA A 116 22.38 5.51 -33.40
C ALA A 116 21.33 4.41 -33.51
N ASN A 117 20.21 4.72 -34.14
CA ASN A 117 19.08 3.80 -34.29
C ASN A 117 18.55 3.82 -35.71
N GLY A 118 19.45 3.82 -36.70
CA GLY A 118 19.05 3.86 -38.08
C GLY A 118 18.60 5.24 -38.50
N PHE A 119 18.09 5.30 -39.73
CA PHE A 119 17.69 6.57 -40.32
C PHE A 119 16.67 6.37 -41.42
N VAL A 120 15.93 7.44 -41.71
CA VAL A 120 14.85 7.47 -42.69
C VAL A 120 15.25 8.41 -43.81
N VAL A 121 14.99 7.98 -45.04
CA VAL A 121 15.40 8.69 -46.25
C VAL A 121 14.16 9.02 -47.07
N ARG A 122 14.01 10.30 -47.40
CA ARG A 122 13.03 10.70 -48.39
C ARG A 122 13.71 10.77 -49.76
N ILE A 123 12.96 10.38 -50.79
CA ILE A 123 13.51 10.24 -52.14
C ILE A 123 12.53 10.86 -53.13
N GLY A 124 13.03 11.77 -53.96
CA GLY A 124 12.19 12.33 -55.01
C GLY A 124 11.18 13.35 -54.54
N ALA A 125 11.46 14.05 -53.44
CA ALA A 125 10.63 15.18 -53.05
C ALA A 125 10.80 16.37 -53.97
N ALA A 126 11.90 16.44 -54.70
CA ALA A 126 12.11 17.45 -55.73
C ALA A 126 11.68 16.99 -57.11
N ALA A 127 11.24 15.74 -57.24
CA ALA A 127 10.84 15.20 -58.54
C ALA A 127 9.56 15.89 -59.03
N ASN A 128 9.26 15.64 -60.31
CA ASN A 128 8.23 16.26 -61.15
C ASN A 128 8.55 17.70 -61.49
N SER A 129 9.61 18.28 -60.95
CA SER A 129 9.87 19.70 -61.05
C SER A 129 11.13 19.96 -61.85
N THR A 130 11.38 21.24 -62.11
CA THR A 130 12.55 21.70 -62.82
C THR A 130 13.44 22.48 -61.85
N GLY A 131 14.68 22.03 -61.71
CA GLY A 131 15.63 22.70 -60.87
C GLY A 131 16.93 22.94 -61.62
N THR A 132 17.75 23.84 -61.08
CA THR A 132 19.01 24.16 -61.72
C THR A 132 19.96 22.95 -61.64
N VAL A 133 20.77 22.81 -62.69
CA VAL A 133 21.79 21.76 -62.71
C VAL A 133 22.85 22.12 -61.70
N ILE A 134 23.31 21.11 -60.94
CA ILE A 134 24.23 21.37 -59.83
C ILE A 134 25.60 21.78 -60.34
N ILE A 135 26.09 21.10 -61.37
CA ILE A 135 27.40 21.44 -61.94
C ILE A 135 27.34 22.78 -62.68
N SER A 136 26.23 23.07 -63.36
CA SER A 136 26.07 24.33 -64.09
C SER A 136 24.88 25.09 -63.51
N PRO A 137 25.11 26.04 -62.60
CA PRO A 137 23.98 26.76 -61.98
C PRO A 137 23.14 27.56 -62.96
N SER A 138 23.73 28.06 -64.05
CA SER A 138 22.96 28.77 -65.05
C SER A 138 22.06 27.83 -65.85
N THR A 139 22.33 26.54 -65.84
CA THR A 139 21.54 25.56 -66.58
C THR A 139 20.54 24.89 -65.64
N SER A 140 19.32 24.69 -66.14
CA SER A 140 18.27 24.03 -65.38
C SER A 140 17.66 22.90 -66.22
N ALA A 141 17.15 21.89 -65.52
CA ALA A 141 16.55 20.73 -66.16
C ALA A 141 15.53 20.11 -65.21
N THR A 142 14.73 19.20 -65.75
CA THR A 142 13.71 18.52 -64.97
C THR A 142 14.34 17.57 -63.97
N ILE A 143 13.86 17.61 -62.73
CA ILE A 143 14.43 16.83 -61.64
C ILE A 143 13.93 15.39 -61.73
N ARG A 144 14.87 14.45 -61.75
CA ARG A 144 14.57 13.02 -61.81
C ARG A 144 14.97 12.36 -60.51
N LYS A 145 14.22 11.34 -60.10
CA LYS A 145 14.48 10.68 -58.83
C LYS A 145 15.74 9.81 -58.90
N ILE A 146 16.51 9.83 -57.82
CA ILE A 146 17.75 9.07 -57.71
C ILE A 146 17.72 8.35 -56.36
N TYR A 147 18.58 7.33 -56.23
CA TYR A 147 18.57 6.48 -55.06
C TYR A 147 19.98 6.33 -54.50
N PRO A 148 20.13 6.32 -53.17
CA PRO A 148 21.47 6.36 -52.57
C PRO A 148 22.06 5.01 -52.23
N ALA A 149 23.40 4.94 -52.21
CA ALA A 149 24.14 3.71 -51.91
C ALA A 149 24.87 3.87 -50.59
N PHE A 150 24.68 2.90 -49.69
CA PHE A 150 25.08 3.05 -48.29
C PHE A 150 26.18 2.06 -47.94
N MET A 151 27.01 2.42 -46.96
CA MET A 151 27.95 1.47 -46.38
C MET A 151 27.90 1.60 -44.86
N LEU A 152 28.08 0.45 -44.19
CA LEU A 152 27.86 0.34 -42.76
C LEU A 152 28.94 -0.52 -42.12
N GLY A 153 29.46 -0.04 -41.00
CA GLY A 153 30.45 -0.78 -40.26
C GLY A 153 30.59 -0.24 -38.86
N SER A 154 31.73 -0.53 -38.23
CA SER A 154 31.92 -0.13 -36.85
C SER A 154 33.32 0.40 -36.54
N SER A 155 34.13 0.71 -37.55
CA SER A 155 35.48 1.22 -37.32
C SER A 155 35.74 2.46 -38.16
N VAL A 156 36.54 3.38 -37.62
CA VAL A 156 36.95 4.60 -38.30
C VAL A 156 38.47 4.62 -38.36
N GLY A 157 39.02 4.93 -39.54
CA GLY A 157 40.45 5.05 -39.71
C GLY A 157 40.79 6.04 -40.81
N ASN A 158 42.05 6.46 -40.84
CA ASN A 158 42.52 7.40 -41.84
C ASN A 158 42.96 6.68 -43.12
N PHE A 159 42.72 7.34 -44.26
CA PHE A 159 42.98 6.75 -45.58
C PHE A 159 44.48 6.70 -45.85
N SER A 160 44.83 6.37 -47.10
CA SER A 160 46.23 6.37 -47.51
C SER A 160 46.83 7.78 -47.49
N ASP A 161 45.99 8.81 -47.64
CA ASP A 161 46.43 10.19 -47.54
C ASP A 161 46.12 10.82 -46.20
N GLY A 162 45.69 10.01 -45.22
CA GLY A 162 45.38 10.50 -43.90
C GLY A 162 43.96 10.98 -43.69
N LYS A 163 43.14 11.00 -44.73
CA LYS A 163 41.74 11.40 -44.57
C LYS A 163 40.99 10.31 -43.81
N MET A 164 40.23 10.71 -42.80
CA MET A 164 39.55 9.74 -41.94
C MET A 164 38.41 9.05 -42.70
N GLY A 165 38.17 7.79 -42.36
CA GLY A 165 37.09 7.06 -42.99
C GLY A 165 37.36 5.60 -43.34
N ARG A 166 38.52 5.05 -42.95
CA ARG A 166 38.77 3.64 -43.16
C ARG A 166 37.90 2.77 -42.28
N PHE A 167 37.29 1.75 -42.87
CA PHE A 167 36.53 0.75 -42.16
C PHE A 167 37.25 -0.59 -42.26
N PHE A 168 37.31 -1.29 -41.14
CA PHE A 168 37.95 -2.60 -41.09
C PHE A 168 36.91 -3.71 -41.04
N ASN A 169 37.39 -4.92 -41.35
CA ASN A 169 36.72 -6.19 -41.13
C ASN A 169 35.47 -6.28 -42.00
N HIS A 170 34.54 -7.18 -41.67
CA HIS A 170 33.39 -7.40 -42.53
C HIS A 170 32.40 -6.24 -42.42
N THR A 171 32.03 -5.67 -43.55
CA THR A 171 31.20 -4.48 -43.59
C THR A 171 30.17 -4.60 -44.70
N LEU A 172 29.08 -3.84 -44.56
CA LEU A 172 27.93 -3.94 -45.44
C LEU A 172 27.95 -2.81 -46.45
N VAL A 173 27.71 -3.13 -47.72
CA VAL A 173 27.55 -2.14 -48.78
C VAL A 173 26.29 -2.48 -49.57
N LEU A 174 25.42 -1.49 -49.76
CA LEU A 174 24.22 -1.65 -50.57
C LEU A 174 24.22 -0.57 -51.65
N LEU A 175 23.72 -0.92 -52.84
CA LEU A 175 23.87 -0.06 -53.98
C LEU A 175 22.69 -0.21 -54.94
N PRO A 176 22.04 0.89 -55.33
CA PRO A 176 21.03 0.87 -56.40
C PRO A 176 21.71 0.99 -57.76
N ASP A 177 21.29 0.14 -58.69
CA ASP A 177 21.88 0.07 -60.02
C ASP A 177 20.80 -0.22 -61.07
N GLY A 178 21.13 0.10 -62.31
CA GLY A 178 20.21 -0.09 -63.42
C GLY A 178 19.02 0.84 -63.38
N CYS A 179 19.29 2.15 -63.27
CA CYS A 179 18.27 3.17 -63.02
C CYS A 179 17.42 2.85 -61.79
N GLY A 180 18.05 2.32 -60.75
CA GLY A 180 17.35 2.00 -59.52
C GLY A 180 16.51 0.74 -59.55
N THR A 181 16.66 -0.10 -60.58
CA THR A 181 15.89 -1.33 -60.64
C THR A 181 16.42 -2.37 -59.66
N LEU A 182 17.74 -2.46 -59.52
CA LEU A 182 18.37 -3.41 -58.61
C LEU A 182 18.90 -2.68 -57.39
N LEU A 183 18.75 -3.32 -56.23
CA LEU A 183 19.07 -2.73 -54.93
C LEU A 183 20.03 -3.65 -54.17
N ARG A 184 21.11 -4.03 -54.83
CA ARG A 184 21.90 -5.17 -54.35
C ARG A 184 22.70 -4.81 -53.12
N ALA A 185 22.74 -5.75 -52.16
CA ALA A 185 23.44 -5.53 -50.90
C ALA A 185 24.33 -6.72 -50.61
N PHE A 186 25.44 -6.45 -49.91
CA PHE A 186 26.45 -7.47 -49.68
C PHE A 186 27.31 -7.09 -48.49
N TYR A 187 27.53 -8.06 -47.59
CA TYR A 187 28.27 -7.89 -46.34
C TYR A 187 29.59 -8.63 -46.49
N CYS A 188 30.59 -7.93 -47.02
CA CYS A 188 31.83 -8.60 -47.44
C CYS A 188 33.07 -7.90 -46.87
N ILE A 189 34.24 -8.25 -47.37
CA ILE A 189 35.50 -7.61 -47.03
C ILE A 189 35.88 -6.71 -48.20
N LEU A 190 36.04 -5.42 -47.94
CA LEU A 190 36.49 -4.50 -48.97
C LEU A 190 38.02 -4.43 -48.99
N GLU A 191 38.57 -4.32 -50.18
CA GLU A 191 40.01 -4.20 -50.38
C GLU A 191 40.28 -2.95 -51.22
N PRO A 192 40.90 -1.91 -50.68
CA PRO A 192 41.27 -0.75 -51.48
C PRO A 192 42.33 -1.10 -52.51
N ARG A 193 42.22 -0.49 -53.69
CA ARG A 193 43.28 -0.64 -54.68
C ARG A 193 44.44 0.27 -54.36
N SER A 194 45.60 -0.02 -54.96
CA SER A 194 46.84 0.67 -54.62
C SER A 194 47.49 1.39 -55.79
N GLY A 195 46.79 1.56 -56.91
CA GLY A 195 47.33 2.24 -58.06
C GLY A 195 47.15 3.75 -58.00
N ASN A 196 47.08 4.36 -59.18
CA ASN A 196 46.89 5.80 -59.27
C ASN A 196 45.46 6.17 -58.90
N HIS A 197 45.33 7.23 -58.08
CA HIS A 197 44.04 7.77 -57.61
C HIS A 197 43.22 6.72 -56.86
N CYS A 198 43.88 5.76 -56.25
CA CYS A 198 43.29 4.59 -55.64
C CYS A 198 43.25 4.74 -54.11
N PRO A 199 42.25 4.14 -53.44
CA PRO A 199 42.06 4.41 -52.00
C PRO A 199 43.23 4.02 -51.11
N ALA A 200 43.97 2.96 -51.45
CA ALA A 200 45.24 2.68 -50.79
C ALA A 200 46.43 3.17 -51.61
N GLY A 201 46.17 3.81 -52.74
CA GLY A 201 47.22 4.32 -53.60
C GLY A 201 47.42 5.81 -53.49
N ASN A 202 48.26 6.34 -54.37
CA ASN A 202 48.63 7.74 -54.35
C ASN A 202 47.74 8.55 -55.30
N SER A 203 47.88 9.88 -55.20
CA SER A 203 47.09 10.85 -55.97
C SER A 203 45.58 10.64 -55.76
N TYR A 204 45.21 10.30 -54.54
CA TYR A 204 43.84 9.96 -54.18
C TYR A 204 43.21 11.10 -53.39
N THR A 205 41.95 11.41 -53.68
CA THR A 205 41.19 12.40 -52.93
C THR A 205 39.99 11.78 -52.23
N SER A 206 39.10 11.12 -52.98
CA SER A 206 37.91 10.48 -52.42
C SER A 206 37.46 9.40 -53.40
N PHE A 207 36.31 8.79 -53.09
CA PHE A 207 35.79 7.67 -53.88
C PHE A 207 34.40 7.98 -54.40
N ALA A 208 34.10 7.45 -55.58
CA ALA A 208 32.81 7.68 -56.23
C ALA A 208 32.52 6.53 -57.18
N THR A 209 31.26 6.44 -57.60
CA THR A 209 30.81 5.41 -58.53
C THR A 209 30.22 6.06 -59.76
N TYR A 210 30.81 5.80 -60.93
CA TYR A 210 30.30 6.39 -62.16
C TYR A 210 29.17 5.55 -62.74
N HIS A 211 28.53 6.09 -63.78
CA HIS A 211 27.35 5.49 -64.39
C HIS A 211 27.15 6.12 -65.75
N THR A 212 27.10 5.31 -66.81
CA THR A 212 26.99 5.83 -68.17
C THR A 212 25.60 5.56 -68.72
N PRO A 213 24.63 6.46 -68.48
CA PRO A 213 23.23 6.12 -68.77
C PRO A 213 22.91 6.00 -70.25
N ALA A 214 23.78 6.49 -71.14
CA ALA A 214 23.61 6.23 -72.56
C ALA A 214 23.73 4.74 -72.88
N THR A 215 24.53 4.01 -72.09
CA THR A 215 24.68 2.58 -72.27
C THR A 215 24.35 1.74 -71.05
N ASP A 216 24.19 2.35 -69.87
CA ASP A 216 24.05 1.55 -68.65
C ASP A 216 22.62 1.04 -68.48
N CYS A 217 21.66 1.95 -68.28
CA CYS A 217 20.29 1.54 -68.00
C CYS A 217 19.27 2.09 -68.98
N SER A 218 19.51 1.90 -70.28
CA SER A 218 18.50 2.13 -71.29
C SER A 218 17.44 1.03 -71.24
N ASP A 219 16.55 1.02 -72.24
CA ASP A 219 15.51 0.01 -72.33
C ASP A 219 16.12 -1.39 -72.45
N GLY A 220 15.94 -2.20 -71.41
CA GLY A 220 16.60 -3.49 -71.35
C GLY A 220 18.04 -3.36 -70.89
N ASN A 221 18.88 -4.30 -71.35
CA ASN A 221 20.32 -4.31 -71.15
C ASN A 221 20.71 -4.33 -69.67
N TYR A 222 20.74 -3.14 -69.05
CA TYR A 222 21.09 -2.91 -67.65
C TYR A 222 22.54 -3.23 -67.32
N ASN A 223 23.37 -3.45 -68.36
CA ASN A 223 24.83 -3.31 -68.30
C ASN A 223 25.50 -4.18 -67.22
N ARG A 224 24.98 -5.41 -67.06
CA ARG A 224 25.41 -6.42 -66.08
C ARG A 224 25.83 -5.82 -64.72
N ASN A 225 24.96 -4.95 -64.20
CA ASN A 225 25.17 -4.13 -62.99
C ASN A 225 26.55 -3.48 -62.95
N ALA A 226 26.76 -2.57 -63.91
CA ALA A 226 28.06 -1.93 -64.13
C ALA A 226 28.47 -0.97 -63.02
N SER A 227 27.52 -0.41 -62.27
CA SER A 227 27.91 0.47 -61.16
C SER A 227 28.56 -0.34 -60.04
N LEU A 228 28.18 -1.61 -59.91
CA LEU A 228 28.93 -2.51 -59.04
C LEU A 228 30.35 -2.71 -59.54
N ASN A 229 30.55 -2.69 -60.87
CA ASN A 229 31.91 -2.78 -61.40
C ASN A 229 32.67 -1.49 -61.17
N SER A 230 31.98 -0.35 -61.18
CA SER A 230 32.61 0.92 -60.84
C SER A 230 33.02 0.95 -59.37
N PHE A 231 32.20 0.36 -58.51
CA PHE A 231 32.60 0.11 -57.13
C PHE A 231 33.79 -0.84 -57.08
N LYS A 232 33.78 -1.86 -57.93
CA LYS A 232 34.91 -2.76 -58.10
C LYS A 232 36.09 -2.08 -58.77
N GLU A 233 35.86 -1.00 -59.50
CA GLU A 233 36.96 -0.23 -60.06
C GLU A 233 37.71 0.56 -58.99
N TYR A 234 37.15 0.64 -57.78
CA TYR A 234 37.78 1.28 -56.63
C TYR A 234 38.10 0.32 -55.49
N PHE A 235 37.27 -0.70 -55.28
CA PHE A 235 37.41 -1.68 -54.19
C PHE A 235 37.41 -3.10 -54.75
N ASN A 236 37.67 -4.07 -53.87
CA ASN A 236 37.63 -5.48 -54.21
C ASN A 236 36.92 -6.25 -53.10
N LEU A 237 36.39 -7.42 -53.45
CA LEU A 237 35.56 -8.21 -52.56
C LEU A 237 36.34 -9.43 -52.06
N ARG A 238 36.22 -9.72 -50.76
CA ARG A 238 36.85 -10.89 -50.17
C ARG A 238 35.98 -11.46 -49.05
N ASN A 239 36.16 -12.76 -48.80
CA ASN A 239 35.72 -13.46 -47.58
C ASN A 239 34.25 -13.26 -47.27
N CYS A 240 33.42 -13.15 -48.30
CA CYS A 240 32.02 -12.79 -48.11
C CYS A 240 31.19 -14.01 -47.73
N THR A 241 30.20 -13.78 -46.87
CA THR A 241 29.34 -14.87 -46.40
C THR A 241 28.10 -15.02 -47.26
N PHE A 242 27.28 -13.97 -47.34
CA PHE A 242 26.01 -14.02 -48.04
C PHE A 242 25.80 -12.73 -48.83
N MET A 243 24.68 -12.65 -49.53
CA MET A 243 24.47 -11.63 -50.55
C MET A 243 22.99 -11.56 -50.92
N TYR A 244 22.43 -10.34 -50.98
CA TYR A 244 21.03 -10.12 -51.26
C TYR A 244 20.84 -9.18 -52.44
N THR A 245 19.74 -9.38 -53.17
CA THR A 245 19.41 -8.58 -54.35
C THR A 245 17.90 -8.40 -54.39
N TYR A 246 17.44 -7.22 -54.81
CA TYR A 246 16.02 -6.91 -54.91
C TYR A 246 15.66 -6.37 -56.27
N ASN A 247 14.42 -6.62 -56.68
CA ASN A 247 13.80 -6.04 -57.87
C ASN A 247 12.81 -4.98 -57.40
N ILE A 248 13.07 -3.73 -57.76
CA ILE A 248 12.14 -2.63 -57.48
C ILE A 248 11.83 -1.95 -58.80
N THR A 249 10.54 -1.76 -59.08
CA THR A 249 10.10 -1.10 -60.29
C THR A 249 10.33 0.41 -60.17
N GLU A 250 10.02 1.17 -61.21
CA GLU A 250 10.23 2.61 -61.21
C GLU A 250 8.91 3.33 -61.40
N ASP A 251 8.81 4.51 -60.79
CA ASP A 251 7.62 5.32 -60.86
C ASP A 251 7.99 6.80 -60.80
N GLU A 252 7.01 7.65 -60.52
CA GLU A 252 7.25 9.09 -60.42
C GLU A 252 6.85 9.67 -59.08
N ILE A 253 6.26 8.87 -58.19
CA ILE A 253 5.87 9.32 -56.85
C ILE A 253 7.07 9.15 -55.93
N LEU A 254 7.11 9.94 -54.87
CA LEU A 254 8.24 9.96 -53.94
C LEU A 254 8.30 8.66 -53.15
N GLU A 255 9.45 8.43 -52.50
CA GLU A 255 9.76 7.18 -51.83
C GLU A 255 10.23 7.45 -50.41
N TRP A 256 9.80 6.61 -49.48
CA TRP A 256 10.19 6.71 -48.08
C TRP A 256 10.86 5.39 -47.68
N PHE A 257 12.08 5.49 -47.14
CA PHE A 257 12.88 4.32 -46.81
C PHE A 257 13.34 4.40 -45.37
N GLY A 258 13.39 3.25 -44.70
CA GLY A 258 13.87 3.22 -43.33
C GLY A 258 14.85 2.10 -43.06
N ILE A 259 15.92 2.40 -42.30
CA ILE A 259 16.92 1.41 -41.93
C ILE A 259 17.10 1.43 -40.41
N THR A 260 17.13 0.25 -39.81
CA THR A 260 17.44 0.11 -38.39
C THR A 260 18.09 -1.26 -38.18
N GLN A 261 18.62 -1.48 -36.97
CA GLN A 261 19.16 -2.78 -36.63
C GLN A 261 18.69 -3.19 -35.23
N THR A 262 18.66 -4.50 -35.01
CA THR A 262 18.35 -5.09 -33.72
C THR A 262 19.14 -6.40 -33.70
N ALA A 263 19.26 -7.03 -32.52
CA ALA A 263 20.10 -8.21 -32.38
C ALA A 263 19.66 -9.37 -33.27
N GLN A 264 18.37 -9.45 -33.62
CA GLN A 264 17.92 -10.48 -34.55
C GLN A 264 18.31 -10.18 -35.99
N GLY A 265 18.47 -8.91 -36.36
CA GLY A 265 18.87 -8.59 -37.71
C GLY A 265 18.73 -7.12 -38.02
N VAL A 266 19.18 -6.77 -39.22
CA VAL A 266 19.04 -5.42 -39.75
C VAL A 266 17.73 -5.34 -40.51
N HIS A 267 16.87 -4.42 -40.13
CA HIS A 267 15.54 -4.32 -40.69
C HIS A 267 15.45 -3.12 -41.64
N LEU A 268 14.98 -3.40 -42.85
CA LEU A 268 14.81 -2.42 -43.91
C LEU A 268 13.35 -2.34 -44.28
N PHE A 269 12.79 -1.13 -44.22
CA PHE A 269 11.37 -0.87 -44.40
C PHE A 269 11.16 0.07 -45.58
N SER A 270 10.06 -0.10 -46.29
CA SER A 270 9.73 0.76 -47.42
C SER A 270 8.22 0.81 -47.61
N SER A 271 7.79 1.72 -48.47
CA SER A 271 6.37 1.90 -48.78
C SER A 271 5.98 1.19 -50.06
N ARG A 272 6.81 1.34 -51.09
CA ARG A 272 6.61 0.86 -52.47
C ARG A 272 6.02 -0.55 -52.59
N TYR A 273 6.41 -1.43 -51.67
CA TYR A 273 6.16 -2.86 -51.78
C TYR A 273 4.67 -3.15 -51.67
N VAL A 274 3.97 -2.38 -50.85
CA VAL A 274 2.51 -2.45 -50.78
C VAL A 274 1.94 -1.08 -51.09
N ASP A 275 2.37 -0.06 -50.35
CA ASP A 275 1.84 1.29 -50.50
C ASP A 275 2.66 2.04 -51.55
N LEU A 276 2.50 1.62 -52.80
CA LEU A 276 3.10 2.35 -53.93
C LEU A 276 2.41 3.71 -54.06
N TYR A 277 1.09 3.74 -53.91
CA TYR A 277 0.36 4.99 -53.93
C TYR A 277 0.24 5.62 -52.55
N GLY A 278 0.33 4.82 -51.50
CA GLY A 278 0.34 5.33 -50.14
C GLY A 278 1.75 5.54 -49.64
N GLY A 279 1.93 5.43 -48.33
CA GLY A 279 3.24 5.54 -47.74
C GLY A 279 3.29 5.01 -46.32
N ASN A 280 4.25 4.13 -46.04
CA ASN A 280 4.35 3.46 -44.75
C ASN A 280 5.71 2.77 -44.68
N MET A 281 6.02 2.23 -43.51
CA MET A 281 7.22 1.41 -43.30
C MET A 281 6.79 -0.05 -43.18
N PHE A 282 6.98 -0.81 -44.25
CA PHE A 282 6.78 -2.25 -44.26
C PHE A 282 8.13 -2.93 -44.48
N GLN A 283 8.45 -3.89 -43.62
CA GLN A 283 9.78 -4.50 -43.59
C GLN A 283 9.97 -5.36 -44.83
N PHE A 284 10.59 -4.79 -45.86
CA PHE A 284 10.89 -5.54 -47.06
C PHE A 284 12.21 -6.29 -46.98
N ALA A 285 13.03 -6.05 -45.95
CA ALA A 285 14.27 -6.80 -45.86
C ALA A 285 14.68 -7.01 -44.41
N THR A 286 15.30 -8.16 -44.15
CA THR A 286 15.85 -8.48 -42.82
C THR A 286 17.19 -9.17 -43.02
N LEU A 287 18.26 -8.39 -42.91
CA LEU A 287 19.61 -8.91 -43.00
C LEU A 287 19.93 -9.73 -41.76
N PRO A 288 20.37 -10.99 -41.90
CA PRO A 288 20.81 -11.80 -40.74
C PRO A 288 22.21 -11.38 -40.27
N VAL A 289 22.25 -10.29 -39.51
CA VAL A 289 23.52 -9.68 -39.16
C VAL A 289 24.09 -10.37 -37.92
N TYR A 290 25.42 -10.31 -37.77
CA TYR A 290 26.13 -10.89 -36.65
C TYR A 290 26.50 -9.87 -35.59
N ASP A 291 26.85 -8.65 -35.98
CA ASP A 291 27.30 -7.63 -35.03
C ASP A 291 26.60 -6.32 -35.32
N THR A 292 26.43 -5.51 -34.28
CA THR A 292 25.75 -4.22 -34.43
C THR A 292 26.64 -3.25 -35.20
N ILE A 293 26.01 -2.17 -35.67
CA ILE A 293 26.65 -1.18 -36.53
C ILE A 293 26.58 0.17 -35.82
N LYS A 294 27.72 0.86 -35.75
CA LYS A 294 27.77 2.17 -35.14
C LYS A 294 28.22 3.29 -36.07
N TYR A 295 28.71 2.96 -37.27
CA TYR A 295 29.16 3.98 -38.21
C TYR A 295 28.63 3.65 -39.61
N TYR A 296 28.40 4.69 -40.40
CA TYR A 296 27.91 4.52 -41.76
C TYR A 296 28.43 5.67 -42.61
N SER A 297 28.34 5.50 -43.93
CA SER A 297 28.64 6.58 -44.84
C SER A 297 27.88 6.40 -46.15
N ILE A 298 27.71 7.52 -46.85
CA ILE A 298 27.11 7.56 -48.17
C ILE A 298 28.22 7.49 -49.21
N ILE A 299 28.06 6.59 -50.18
CA ILE A 299 29.00 6.52 -51.30
C ILE A 299 28.57 7.56 -52.33
N PRO A 300 29.45 8.50 -52.69
CA PRO A 300 29.13 9.43 -53.79
C PRO A 300 29.01 8.68 -55.10
N HIS A 301 28.14 9.19 -55.97
CA HIS A 301 27.84 8.53 -57.23
C HIS A 301 27.91 9.53 -58.37
N SER A 302 28.52 9.11 -59.47
CA SER A 302 28.69 9.93 -60.65
C SER A 302 27.83 9.40 -61.80
N ILE A 303 27.47 10.30 -62.72
CA ILE A 303 26.68 9.97 -63.88
C ILE A 303 27.40 10.50 -65.12
N ARG A 304 27.65 9.62 -66.09
CA ARG A 304 28.40 9.96 -67.29
C ARG A 304 27.47 10.54 -68.36
N SER A 305 26.88 11.68 -68.02
CA SER A 305 25.95 12.36 -68.92
C SER A 305 26.69 13.44 -69.69
N ILE A 306 26.20 13.72 -70.90
CA ILE A 306 26.82 14.73 -71.75
C ILE A 306 26.43 16.12 -71.26
N GLN A 307 27.19 17.12 -71.69
CA GLN A 307 27.04 18.48 -71.17
C GLN A 307 25.73 19.12 -71.62
N SER A 308 25.35 18.93 -72.88
CA SER A 308 24.15 19.57 -73.41
C SER A 308 22.87 18.94 -72.86
N ASP A 309 22.93 17.69 -72.43
CA ASP A 309 21.76 16.98 -71.91
C ASP A 309 21.93 16.69 -70.41
N ARG A 310 22.46 17.64 -69.67
CA ARG A 310 22.62 17.49 -68.23
C ARG A 310 21.26 17.62 -67.55
N LYS A 311 20.86 16.58 -66.83
CA LYS A 311 19.54 16.50 -66.22
C LYS A 311 19.66 16.62 -64.71
N ALA A 312 18.74 17.39 -64.11
CA ALA A 312 18.71 17.53 -62.67
C ALA A 312 18.28 16.22 -62.01
N TRP A 313 18.92 15.89 -60.90
CA TRP A 313 18.65 14.68 -60.16
C TRP A 313 17.99 15.02 -58.83
N ALA A 314 17.58 13.98 -58.11
CA ALA A 314 16.82 14.16 -56.88
C ALA A 314 17.68 14.75 -55.77
N ALA A 315 17.01 15.41 -54.84
CA ALA A 315 17.64 16.06 -53.70
C ALA A 315 17.10 15.40 -52.43
N PHE A 316 17.81 14.40 -51.92
CA PHE A 316 17.27 13.54 -50.88
C PHE A 316 17.62 14.04 -49.48
N TYR A 317 16.79 13.64 -48.52
CA TYR A 317 16.94 14.03 -47.12
C TYR A 317 17.06 12.78 -46.25
N VAL A 318 17.90 12.89 -45.23
CA VAL A 318 18.12 11.83 -44.24
C VAL A 318 17.82 12.40 -42.86
N TYR A 319 16.92 11.73 -42.13
CA TYR A 319 16.57 12.13 -40.78
C TYR A 319 16.90 10.97 -39.83
N LYS A 320 17.54 11.29 -38.72
CA LYS A 320 17.95 10.26 -37.77
C LYS A 320 16.79 9.85 -36.87
N LEU A 321 16.93 8.66 -36.27
CA LEU A 321 15.86 8.03 -35.50
C LEU A 321 16.31 7.90 -34.05
N GLN A 322 15.49 8.37 -33.13
CA GLN A 322 15.83 8.34 -31.72
C GLN A 322 14.67 7.75 -30.92
N PRO A 323 14.94 7.15 -29.74
CA PRO A 323 13.85 6.52 -28.99
C PRO A 323 12.83 7.52 -28.47
N LEU A 324 11.62 7.45 -29.01
CA LEU A 324 10.53 8.35 -28.64
C LEU A 324 9.24 7.54 -28.46
N THR A 325 8.15 8.25 -28.15
CA THR A 325 6.83 7.65 -27.97
C THR A 325 5.82 8.50 -28.71
N PHE A 326 5.23 7.96 -29.78
CA PHE A 326 4.26 8.71 -30.56
C PHE A 326 2.87 8.09 -30.51
N LEU A 327 1.88 8.94 -30.78
CA LEU A 327 0.48 8.55 -30.87
C LEU A 327 0.07 8.55 -32.34
N LEU A 328 -0.67 7.51 -32.73
CA LEU A 328 -1.00 7.22 -34.12
C LEU A 328 -2.51 7.22 -34.29
N ASP A 329 -2.98 7.68 -35.45
CA ASP A 329 -4.39 7.69 -35.80
C ASP A 329 -4.62 6.60 -36.85
N PHE A 330 -4.92 5.39 -36.39
CA PHE A 330 -5.29 4.32 -37.30
C PHE A 330 -6.70 4.59 -37.82
N SER A 331 -6.83 4.78 -39.12
CA SER A 331 -8.13 5.07 -39.72
C SER A 331 -8.90 3.77 -39.95
N VAL A 332 -10.05 3.88 -40.61
CA VAL A 332 -10.86 2.70 -40.90
C VAL A 332 -10.15 1.76 -41.85
N ASP A 333 -9.51 2.31 -42.89
CA ASP A 333 -8.80 1.48 -43.86
C ASP A 333 -7.48 0.93 -43.28
N GLY A 334 -6.99 1.53 -42.20
CA GLY A 334 -5.74 1.12 -41.62
C GLY A 334 -4.53 1.90 -42.08
N TYR A 335 -4.69 2.79 -43.05
CA TYR A 335 -3.58 3.64 -43.50
C TYR A 335 -3.28 4.69 -42.44
N ILE A 336 -2.08 4.62 -41.85
CA ILE A 336 -1.68 5.66 -40.91
C ILE A 336 -1.31 6.91 -41.69
N ARG A 337 -1.95 8.03 -41.33
CA ARG A 337 -1.74 9.27 -42.08
C ARG A 337 -1.50 10.42 -41.12
N ARG A 338 -1.96 10.27 -39.88
CA ARG A 338 -1.83 11.33 -38.88
C ARG A 338 -1.22 10.76 -37.61
N ALA A 339 -0.14 11.39 -37.16
CA ALA A 339 0.53 11.01 -35.93
C ALA A 339 0.88 12.27 -35.16
N ILE A 340 1.33 12.09 -33.91
CA ILE A 340 1.71 13.23 -33.09
C ILE A 340 2.74 12.75 -32.06
N ASP A 341 3.59 13.67 -31.64
CA ASP A 341 4.75 13.36 -30.81
C ASP A 341 4.33 13.27 -29.35
N CYS A 342 5.31 13.17 -28.46
CA CYS A 342 5.08 13.34 -27.03
C CYS A 342 5.92 14.47 -26.45
N GLY A 343 7.19 14.56 -26.82
CA GLY A 343 8.08 15.51 -26.18
C GLY A 343 8.62 16.61 -27.07
N PHE A 344 8.13 16.70 -28.31
CA PHE A 344 8.59 17.77 -29.20
C PHE A 344 8.18 19.13 -28.67
N ASN A 345 6.96 19.27 -28.18
CA ASN A 345 6.50 20.51 -27.57
C ASN A 345 5.58 20.17 -26.41
N ASP A 346 4.97 21.19 -25.83
CA ASP A 346 3.95 20.99 -24.80
C ASP A 346 2.73 20.28 -25.38
N LEU A 347 2.30 20.71 -26.58
CA LEU A 347 1.07 20.21 -27.16
C LEU A 347 1.15 18.72 -27.49
N SER A 348 2.36 18.23 -27.79
CA SER A 348 2.54 16.80 -28.04
C SER A 348 2.21 15.98 -26.80
N GLN A 349 2.70 16.41 -25.64
CA GLN A 349 2.38 15.72 -24.40
C GLN A 349 0.93 15.95 -24.00
N LEU A 350 0.38 17.12 -24.30
CA LEU A 350 -1.03 17.37 -24.00
C LEU A 350 -1.94 16.43 -24.78
N HIS A 351 -1.67 16.24 -26.06
CA HIS A 351 -2.45 15.29 -26.85
C HIS A 351 -2.16 13.86 -26.42
N CYS A 352 -0.92 13.57 -25.99
CA CYS A 352 -0.64 12.27 -25.40
C CYS A 352 -1.38 12.09 -24.08
N SER A 353 -1.51 13.17 -23.30
CA SER A 353 -2.25 13.09 -22.03
C SER A 353 -3.72 12.82 -22.26
N TYR A 354 -4.28 13.33 -23.35
CA TYR A 354 -5.66 13.04 -23.72
C TYR A 354 -5.77 11.91 -24.73
N GLU A 355 -4.64 11.24 -25.03
CA GLU A 355 -4.47 10.10 -25.95
C GLU A 355 -5.30 10.21 -27.23
N SER A 356 -5.35 11.41 -27.81
CA SER A 356 -6.14 11.66 -29.00
C SER A 356 -5.63 12.95 -29.65
N PHE A 357 -6.17 13.23 -30.83
CA PHE A 357 -5.84 14.44 -31.57
C PHE A 357 -6.76 15.60 -31.23
N ASP A 358 -7.65 15.43 -30.26
CA ASP A 358 -8.45 16.51 -29.72
C ASP A 358 -8.24 16.58 -28.22
N VAL A 359 -8.09 17.80 -27.71
CA VAL A 359 -7.99 18.05 -26.28
C VAL A 359 -9.04 19.09 -25.93
N GLU A 360 -9.06 19.54 -24.69
CA GLU A 360 -9.95 20.61 -24.28
C GLU A 360 -9.18 21.91 -24.20
N SER A 361 -9.82 23.00 -24.65
CA SER A 361 -9.26 24.32 -24.45
C SER A 361 -9.21 24.64 -22.96
N GLY A 362 -8.14 25.32 -22.54
CA GLY A 362 -8.05 25.68 -21.14
C GLY A 362 -6.61 25.96 -20.74
N VAL A 363 -6.39 25.93 -19.43
CA VAL A 363 -5.11 26.21 -18.79
C VAL A 363 -4.59 24.93 -18.16
N TYR A 364 -3.34 24.59 -18.46
CA TYR A 364 -2.79 23.30 -18.08
C TYR A 364 -1.39 23.45 -17.53
N SER A 365 -1.10 22.68 -16.49
CA SER A 365 0.27 22.56 -16.00
C SER A 365 1.12 21.83 -17.02
N VAL A 366 2.33 22.32 -17.22
CA VAL A 366 3.28 21.72 -18.15
C VAL A 366 4.59 21.55 -17.38
N SER A 367 5.42 20.61 -17.86
CA SER A 367 6.72 20.37 -17.26
C SER A 367 7.60 21.61 -17.37
N SER A 368 7.83 22.26 -16.23
CA SER A 368 8.58 23.51 -16.21
C SER A 368 10.06 23.25 -16.45
N PHE A 369 10.76 24.29 -16.90
CA PHE A 369 12.17 24.18 -17.24
C PHE A 369 13.03 24.11 -15.99
N GLU A 370 14.33 23.96 -16.20
CA GLU A 370 15.31 24.03 -15.12
C GLU A 370 16.55 24.73 -15.64
N ALA A 371 16.87 25.88 -15.06
CA ALA A 371 18.12 26.56 -15.42
C ALA A 371 19.30 25.72 -14.97
N LYS A 372 20.28 25.56 -15.85
CA LYS A 372 21.41 24.68 -15.54
C LYS A 372 22.30 25.32 -14.48
N PRO A 373 22.90 24.50 -13.61
CA PRO A 373 23.76 25.04 -12.56
C PRO A 373 25.03 25.68 -13.13
N SER A 374 25.49 26.73 -12.45
CA SER A 374 26.65 27.48 -12.92
C SER A 374 27.96 26.80 -12.53
N GLY A 375 28.07 26.32 -11.29
CA GLY A 375 29.31 25.75 -10.82
C GLY A 375 29.16 24.43 -10.09
N SER A 376 30.26 23.92 -9.53
CA SER A 376 30.27 22.65 -8.82
C SER A 376 31.12 22.80 -7.57
N VAL A 377 30.44 23.02 -6.43
CA VAL A 377 31.11 23.29 -5.16
C VAL A 377 31.52 21.98 -4.53
N VAL A 378 32.76 21.92 -4.02
CA VAL A 378 33.40 20.72 -3.53
C VAL A 378 33.82 21.13 -2.12
N GLU A 379 34.67 20.34 -1.44
CA GLU A 379 35.34 20.73 -0.20
C GLU A 379 34.36 20.90 0.97
N GLN A 380 33.83 19.77 1.46
CA GLN A 380 33.03 19.83 2.69
C GLN A 380 33.91 20.06 3.92
N ALA A 381 35.17 19.61 3.91
CA ALA A 381 35.97 19.57 5.14
C ALA A 381 37.44 19.44 4.80
N GLU A 382 38.26 20.39 5.24
CA GLU A 382 39.71 20.33 5.05
C GLU A 382 40.36 19.72 6.29
N GLY A 383 41.14 18.67 6.01
CA GLY A 383 41.94 18.06 7.05
C GLY A 383 43.34 18.69 6.96
N VAL A 384 44.39 17.95 6.56
CA VAL A 384 45.77 18.53 6.57
C VAL A 384 46.09 19.33 5.30
N GLU A 385 47.35 19.47 4.91
CA GLU A 385 47.68 20.12 3.65
C GLU A 385 48.75 19.19 3.16
N CYS A 386 48.66 18.69 1.95
CA CYS A 386 49.65 17.73 1.53
C CYS A 386 50.84 18.51 1.10
N ASP A 387 51.74 18.75 2.04
CA ASP A 387 52.92 19.53 1.73
C ASP A 387 54.12 18.63 1.89
N PHE A 388 55.23 19.00 1.29
CA PHE A 388 56.37 18.11 1.28
C PHE A 388 57.68 18.73 1.75
N SER A 389 57.70 19.40 2.91
CA SER A 389 58.96 19.91 3.43
C SER A 389 60.03 18.85 3.71
N PRO A 390 59.74 17.68 4.32
CA PRO A 390 60.82 16.66 4.45
C PRO A 390 61.37 16.16 3.13
N LEU A 391 60.57 16.23 2.06
CA LEU A 391 61.11 15.97 0.72
C LEU A 391 62.14 17.04 0.34
N LEU A 392 61.91 18.28 0.75
CA LEU A 392 62.77 19.41 0.40
C LEU A 392 63.77 19.77 1.48
N SER A 393 63.86 19.02 2.57
CA SER A 393 64.76 19.35 3.67
C SER A 393 65.66 18.17 4.00
N GLY A 394 66.87 18.49 4.46
CA GLY A 394 67.82 17.49 4.90
C GLY A 394 68.56 16.84 3.75
N THR A 395 69.63 16.13 4.11
CA THR A 395 70.39 15.38 3.12
C THR A 395 69.61 14.12 2.74
N PRO A 396 69.22 13.95 1.49
CA PRO A 396 68.29 12.87 1.13
C PRO A 396 69.02 11.54 1.08
N PRO A 397 68.46 10.50 1.72
CA PRO A 397 69.01 9.15 1.55
C PRO A 397 68.87 8.63 0.12
N GLN A 398 69.41 7.46 -0.14
CA GLN A 398 69.73 7.05 -1.50
C GLN A 398 68.55 6.24 -2.04
N VAL A 399 68.68 5.67 -3.25
CA VAL A 399 67.56 5.06 -3.97
C VAL A 399 67.05 3.81 -3.25
N TYR A 400 67.91 3.09 -2.56
CA TYR A 400 67.48 1.97 -1.73
C TYR A 400 66.91 2.40 -0.39
N ASN A 401 66.93 3.69 -0.09
CA ASN A 401 66.42 4.26 1.16
C ASN A 401 65.42 5.37 0.87
N PHE A 402 64.46 5.09 0.00
CA PHE A 402 63.46 6.08 -0.36
C PHE A 402 62.56 6.38 0.83
N LYS A 403 62.30 7.66 1.06
CA LYS A 403 61.52 8.11 2.21
C LYS A 403 60.08 8.33 1.81
N ARG A 404 59.16 7.77 2.60
CA ARG A 404 57.73 7.74 2.30
C ARG A 404 57.02 8.87 3.04
N LEU A 405 56.19 9.62 2.32
CA LEU A 405 55.25 10.58 2.89
C LEU A 405 53.86 10.24 2.39
N VAL A 406 52.94 10.02 3.31
CA VAL A 406 51.56 9.65 2.98
C VAL A 406 50.67 10.88 3.17
N PHE A 407 49.65 10.99 2.33
CA PHE A 407 48.78 12.16 2.33
C PHE A 407 47.35 11.71 2.09
N THR A 408 46.44 12.16 2.96
CA THR A 408 45.02 11.83 2.86
C THR A 408 44.24 12.99 3.47
N ASN A 409 43.20 13.44 2.75
CA ASN A 409 42.36 14.57 3.13
C ASN A 409 43.19 15.83 3.34
N CYS A 410 43.94 16.20 2.32
CA CYS A 410 44.71 17.43 2.35
C CYS A 410 44.83 17.99 0.93
N ASN A 411 45.71 18.98 0.77
CA ASN A 411 45.86 19.75 -0.46
C ASN A 411 47.25 19.51 -1.04
N TYR A 412 47.36 18.57 -1.97
CA TYR A 412 48.61 18.44 -2.72
C TYR A 412 48.49 19.40 -3.89
N ASN A 413 49.62 19.93 -4.33
CA ASN A 413 49.60 20.82 -5.48
C ASN A 413 50.92 20.67 -6.21
N LEU A 414 50.87 20.06 -7.40
CA LEU A 414 52.05 19.93 -8.24
C LEU A 414 52.41 21.23 -8.94
N THR A 415 51.49 22.21 -8.96
CA THR A 415 51.81 23.51 -9.54
C THR A 415 52.85 24.24 -8.72
N LYS A 416 52.77 24.16 -7.39
CA LYS A 416 53.84 24.76 -6.59
C LYS A 416 55.06 23.86 -6.51
N LEU A 417 54.93 22.58 -6.89
CA LEU A 417 56.00 21.61 -6.79
C LEU A 417 56.78 21.46 -8.09
N LEU A 418 56.09 21.22 -9.21
CA LEU A 418 56.77 21.05 -10.48
C LEU A 418 57.32 22.36 -11.06
N SER A 419 56.75 23.50 -10.66
CA SER A 419 57.36 24.77 -11.02
C SER A 419 58.69 24.96 -10.30
N LEU A 420 58.77 24.54 -9.04
CA LEU A 420 60.02 24.55 -8.31
C LEU A 420 60.88 23.33 -8.60
N PHE A 421 60.37 22.36 -9.38
CA PHE A 421 61.14 21.20 -9.78
C PHE A 421 61.75 21.46 -11.16
N SER A 422 63.07 21.37 -11.26
CA SER A 422 63.75 21.44 -12.56
C SER A 422 63.65 20.07 -13.20
N VAL A 423 62.49 19.80 -13.79
CA VAL A 423 62.13 18.47 -14.28
C VAL A 423 63.00 18.15 -15.49
N ASN A 424 63.95 17.25 -15.31
CA ASN A 424 64.82 16.82 -16.41
C ASN A 424 64.45 15.44 -16.95
N ASP A 425 63.72 14.63 -16.18
CA ASP A 425 63.19 13.38 -16.69
C ASP A 425 61.85 13.10 -16.02
N PHE A 426 60.93 12.50 -16.76
CA PHE A 426 59.55 12.37 -16.29
C PHE A 426 58.96 11.11 -16.92
N THR A 427 58.95 10.00 -16.18
CA THR A 427 58.30 8.78 -16.62
C THR A 427 57.18 8.44 -15.67
N CYS A 428 56.12 7.83 -16.18
CA CYS A 428 54.91 7.61 -15.40
C CYS A 428 54.14 6.42 -15.97
N SER A 429 53.12 5.99 -15.21
CA SER A 429 52.27 4.87 -15.59
C SER A 429 50.94 4.97 -14.84
N GLN A 430 49.85 4.73 -15.56
CA GLN A 430 48.47 4.48 -15.15
C GLN A 430 47.69 5.73 -14.71
N ILE A 431 48.31 6.90 -14.58
CA ILE A 431 47.59 8.15 -14.33
C ILE A 431 48.19 9.25 -15.19
N SER A 432 47.40 9.80 -16.11
CA SER A 432 47.90 10.67 -17.16
C SER A 432 48.56 11.92 -16.58
N PRO A 433 49.60 12.45 -17.23
CA PRO A 433 50.34 13.59 -16.65
C PRO A 433 49.50 14.86 -16.50
N ALA A 434 48.41 14.99 -17.25
CA ALA A 434 47.45 16.05 -16.97
C ALA A 434 46.63 15.75 -15.72
N ALA A 435 46.48 14.48 -15.36
CA ALA A 435 45.67 14.08 -14.22
C ALA A 435 46.49 13.72 -12.97
N ILE A 436 47.79 13.98 -12.97
CA ILE A 436 48.56 13.77 -11.76
C ILE A 436 48.22 14.81 -10.69
N ALA A 437 47.67 15.95 -11.09
CA ALA A 437 47.23 16.97 -10.15
C ALA A 437 45.89 17.55 -10.58
N SER A 438 45.00 16.72 -11.10
CA SER A 438 43.64 17.15 -11.45
C SER A 438 42.57 16.37 -10.71
N ASN A 439 42.63 15.04 -10.74
CA ASN A 439 41.63 14.22 -10.08
C ASN A 439 41.87 14.17 -8.57
N CYS A 440 40.85 13.75 -7.84
CA CYS A 440 40.93 13.61 -6.39
C CYS A 440 41.33 12.19 -6.04
N TYR A 441 42.49 12.04 -5.40
CA TYR A 441 43.01 10.74 -5.02
C TYR A 441 42.54 10.36 -3.61
N SER A 442 42.66 9.08 -3.29
CA SER A 442 42.28 8.59 -1.96
C SER A 442 43.45 8.68 -0.99
N SER A 443 44.55 7.99 -1.29
CA SER A 443 45.78 8.15 -0.52
C SER A 443 46.94 8.35 -1.48
N LEU A 444 47.71 9.41 -1.25
CA LEU A 444 48.86 9.75 -2.09
C LEU A 444 50.13 9.50 -1.29
N ILE A 445 50.89 8.49 -1.70
CA ILE A 445 52.19 8.20 -1.07
C ILE A 445 53.27 8.67 -2.03
N LEU A 446 54.35 9.23 -1.47
CA LEU A 446 55.41 9.81 -2.28
C LEU A 446 56.74 9.49 -1.60
N ASP A 447 57.59 8.74 -2.30
CA ASP A 447 58.90 8.38 -1.77
C ASP A 447 59.99 9.13 -2.53
N TYR A 448 60.82 9.85 -1.80
CA TYR A 448 61.90 10.61 -2.40
C TYR A 448 63.24 9.95 -2.12
N PHE A 449 64.16 10.07 -3.08
CA PHE A 449 65.45 9.42 -3.00
C PHE A 449 66.43 10.16 -3.91
N SER A 450 67.69 9.72 -3.86
CA SER A 450 68.72 10.25 -4.75
C SER A 450 68.80 9.37 -5.99
N TYR A 451 68.74 10.01 -7.17
CA TYR A 451 68.79 9.26 -8.42
C TYR A 451 69.52 10.08 -9.49
N PRO A 452 70.77 9.74 -9.81
CA PRO A 452 71.51 10.51 -10.82
C PRO A 452 70.99 10.30 -12.22
N LEU A 453 71.22 11.31 -13.07
CA LEU A 453 70.70 11.30 -14.44
C LEU A 453 71.50 10.40 -15.37
N SER A 454 72.73 10.05 -14.98
CA SER A 454 73.52 9.13 -15.76
C SER A 454 72.93 7.73 -15.56
N MET A 455 72.14 7.57 -14.51
CA MET A 455 71.55 6.27 -14.22
C MET A 455 70.08 6.21 -14.57
N LYS A 456 69.59 7.22 -15.28
CA LYS A 456 68.18 7.29 -15.64
C LYS A 456 67.71 6.08 -16.44
N SER A 457 68.63 5.29 -16.96
CA SER A 457 68.22 4.18 -17.83
C SER A 457 67.62 3.00 -17.07
N ASP A 458 67.77 2.94 -15.75
CA ASP A 458 67.16 1.90 -14.94
C ASP A 458 65.79 2.31 -14.40
N LEU A 459 65.20 3.39 -14.91
CA LEU A 459 63.91 3.86 -14.42
C LEU A 459 62.75 2.99 -14.90
N SER A 460 62.86 2.40 -16.10
CA SER A 460 61.77 1.63 -16.66
C SER A 460 61.56 0.33 -15.90
N VAL A 461 60.33 -0.15 -15.91
CA VAL A 461 59.97 -1.37 -15.17
C VAL A 461 60.60 -2.60 -15.82
N SER A 462 60.63 -2.64 -17.16
CA SER A 462 61.14 -3.81 -17.87
C SER A 462 62.65 -3.95 -17.77
N SER A 463 63.37 -2.92 -17.33
CA SER A 463 64.81 -3.03 -17.16
C SER A 463 65.14 -3.93 -15.98
N ALA A 464 66.10 -4.83 -16.19
CA ALA A 464 66.51 -5.79 -15.17
C ALA A 464 67.76 -5.35 -14.42
N GLY A 465 67.94 -4.03 -14.26
CA GLY A 465 69.07 -3.50 -13.55
C GLY A 465 68.95 -3.70 -12.05
N PRO A 466 70.03 -3.40 -11.31
CA PRO A 466 70.04 -3.65 -9.86
C PRO A 466 69.02 -2.82 -9.09
N ILE A 467 68.57 -1.68 -9.63
CA ILE A 467 67.56 -0.88 -8.95
C ILE A 467 66.23 -1.63 -8.90
N SER A 468 65.82 -2.23 -10.02
CA SER A 468 64.59 -3.00 -10.06
C SER A 468 64.70 -4.30 -9.26
N GLN A 469 65.92 -4.75 -8.96
CA GLN A 469 66.11 -6.00 -8.22
C GLN A 469 66.14 -5.77 -6.71
N PHE A 470 66.92 -4.80 -6.24
CA PHE A 470 67.15 -4.64 -4.81
C PHE A 470 66.81 -3.26 -4.25
N ASN A 471 66.80 -2.21 -5.08
CA ASN A 471 66.65 -0.85 -4.54
C ASN A 471 65.18 -0.42 -4.49
N TYR A 472 64.52 -0.36 -5.63
CA TYR A 472 63.14 0.10 -5.68
C TYR A 472 62.48 -0.38 -6.97
N LYS A 473 61.24 -0.85 -6.85
CA LYS A 473 60.47 -1.33 -7.99
C LYS A 473 59.16 -0.57 -8.07
N GLN A 474 58.74 -0.23 -9.29
CA GLN A 474 57.43 0.37 -9.49
C GLN A 474 56.33 -0.63 -9.13
N SER A 475 55.20 -0.09 -8.68
CA SER A 475 54.05 -0.90 -8.31
C SER A 475 53.28 -1.28 -9.56
N PHE A 476 53.06 -2.59 -9.75
CA PHE A 476 52.33 -3.06 -10.93
C PHE A 476 50.84 -2.77 -10.82
N SER A 477 50.27 -2.90 -9.63
CA SER A 477 48.84 -2.71 -9.42
C SER A 477 48.48 -1.30 -8.98
N ASN A 478 49.46 -0.41 -8.85
CA ASN A 478 49.18 0.97 -8.47
C ASN A 478 49.81 1.93 -9.48
N PRO A 479 49.17 3.06 -9.74
CA PRO A 479 49.76 4.06 -10.65
C PRO A 479 51.03 4.66 -10.07
N THR A 480 52.01 4.91 -10.95
CA THR A 480 53.33 5.33 -10.52
C THR A 480 53.81 6.52 -11.35
N CYS A 481 54.72 7.29 -10.76
CA CYS A 481 55.43 8.36 -11.46
C CYS A 481 56.82 8.50 -10.87
N LEU A 482 57.84 8.41 -11.71
CA LEU A 482 59.22 8.68 -11.32
C LEU A 482 59.70 9.93 -12.06
N ILE A 483 60.09 10.93 -11.29
CA ILE A 483 60.54 12.22 -11.81
C ILE A 483 61.98 12.44 -11.35
N LEU A 484 62.85 12.76 -12.30
CA LEU A 484 64.25 13.08 -12.03
C LEU A 484 64.45 14.58 -12.22
N ALA A 485 64.93 15.24 -11.18
CA ALA A 485 65.02 16.69 -11.16
C ALA A 485 66.39 17.13 -10.67
N THR A 486 66.76 18.36 -11.04
CA THR A 486 68.01 18.98 -10.63
C THR A 486 67.70 20.05 -9.59
N VAL A 487 68.51 20.10 -8.54
CA VAL A 487 68.33 21.11 -7.49
C VAL A 487 68.57 22.50 -8.08
N PRO A 488 67.66 23.45 -7.88
CA PRO A 488 67.90 24.81 -8.37
C PRO A 488 69.06 25.47 -7.64
N HIS A 489 69.71 26.41 -8.34
CA HIS A 489 70.86 27.11 -7.76
C HIS A 489 70.42 28.03 -6.63
N ASN A 490 69.27 28.66 -6.76
CA ASN A 490 68.69 29.46 -5.68
C ASN A 490 67.77 28.62 -4.80
N LEU A 491 68.30 27.48 -4.33
CA LEU A 491 67.56 26.59 -3.44
C LEU A 491 68.57 25.91 -2.53
N THR A 492 68.76 26.48 -1.35
CA THR A 492 69.68 25.94 -0.36
C THR A 492 68.95 25.30 0.82
N THR A 493 67.64 25.14 0.72
CA THR A 493 66.89 24.49 1.79
C THR A 493 67.25 23.01 1.91
N ILE A 494 67.52 22.36 0.79
CA ILE A 494 67.96 20.97 0.79
C ILE A 494 69.48 20.95 0.67
N THR A 495 70.09 19.85 1.09
CA THR A 495 71.52 19.67 1.05
C THR A 495 71.87 18.49 0.14
N LYS A 496 73.18 18.29 -0.08
CA LYS A 496 73.66 17.31 -1.04
C LYS A 496 74.44 16.22 -0.32
N PRO A 497 74.18 14.95 -0.61
CA PRO A 497 75.05 13.88 -0.10
C PRO A 497 76.40 13.89 -0.79
N LEU A 498 77.32 13.10 -0.23
CA LEU A 498 78.70 13.08 -0.73
C LEU A 498 78.79 12.51 -2.14
N LYS A 499 78.08 11.42 -2.42
CA LYS A 499 78.13 10.79 -3.73
C LYS A 499 76.87 9.96 -3.94
N TYR A 500 76.61 9.63 -5.20
CA TYR A 500 75.51 8.72 -5.52
C TYR A 500 75.94 7.28 -5.29
N SER A 501 74.97 6.43 -5.02
CA SER A 501 75.23 5.04 -4.68
C SER A 501 74.03 4.20 -5.08
N TYR A 502 74.22 2.89 -5.07
CA TYR A 502 73.14 1.91 -5.08
C TYR A 502 73.70 0.56 -4.65
N ILE A 503 72.81 -0.42 -4.55
CA ILE A 503 73.18 -1.79 -4.21
C ILE A 503 73.13 -2.61 -5.48
N ASN A 504 74.25 -3.26 -5.84
CA ASN A 504 74.27 -4.05 -7.06
C ASN A 504 74.16 -5.55 -6.81
N LYS A 505 74.36 -6.00 -5.59
CA LYS A 505 74.22 -7.41 -5.24
C LYS A 505 73.59 -7.53 -3.87
N CYS A 506 72.52 -8.33 -3.78
CA CYS A 506 71.85 -8.59 -2.50
C CYS A 506 71.32 -10.01 -2.57
N SER A 507 71.99 -10.94 -1.89
CA SER A 507 71.62 -12.34 -1.91
C SER A 507 71.95 -12.96 -0.56
N ARG A 508 71.27 -14.06 -0.24
CA ARG A 508 71.41 -14.73 1.04
C ARG A 508 72.20 -16.02 0.86
N LEU A 509 73.23 -16.20 1.68
CA LEU A 509 73.97 -17.45 1.69
C LEU A 509 73.45 -18.34 2.81
N LEU A 510 73.24 -19.61 2.50
CA LEU A 510 72.71 -20.56 3.46
C LEU A 510 73.84 -21.14 4.31
N SER A 511 73.49 -22.09 5.17
CA SER A 511 74.45 -22.69 6.09
C SER A 511 75.23 -23.85 5.46
N ASP A 512 74.87 -24.28 4.26
CA ASP A 512 75.55 -25.39 3.60
C ASP A 512 76.72 -24.95 2.75
N ASP A 513 76.93 -23.64 2.60
CA ASP A 513 78.02 -23.03 1.83
C ASP A 513 77.93 -23.37 0.33
N ARG A 514 76.77 -23.86 -0.12
CA ARG A 514 76.57 -24.26 -1.51
C ARG A 514 75.32 -23.66 -2.15
N THR A 515 74.45 -23.02 -1.38
CA THR A 515 73.14 -22.58 -1.88
C THR A 515 72.97 -21.08 -1.63
N GLU A 516 72.37 -20.39 -2.59
CA GLU A 516 72.12 -18.96 -2.51
C GLU A 516 70.65 -18.68 -2.78
N VAL A 517 70.08 -17.75 -2.04
CA VAL A 517 68.67 -17.40 -2.09
C VAL A 517 68.55 -15.97 -2.59
N PRO A 518 67.75 -15.71 -3.64
CA PRO A 518 67.58 -14.33 -4.10
C PRO A 518 66.67 -13.52 -3.18
N GLN A 519 66.86 -12.20 -3.22
CA GLN A 519 66.02 -11.25 -2.51
C GLN A 519 65.64 -10.14 -3.46
N LEU A 520 64.34 -9.96 -3.68
CA LEU A 520 63.83 -8.99 -4.63
C LEU A 520 62.92 -7.99 -3.93
N VAL A 521 63.13 -6.71 -4.19
CA VAL A 521 62.29 -5.68 -3.61
C VAL A 521 60.92 -5.68 -4.29
N ASN A 522 59.87 -5.54 -3.48
CA ASN A 522 58.50 -5.62 -3.97
C ASN A 522 57.92 -4.21 -4.08
N ALA A 523 56.62 -4.14 -4.39
CA ALA A 523 55.93 -2.86 -4.56
C ALA A 523 55.67 -2.25 -3.19
N ASN A 524 56.17 -1.02 -2.99
CA ASN A 524 56.07 -0.28 -1.73
C ASN A 524 56.65 -1.08 -0.56
N GLN A 525 57.74 -1.79 -0.83
CA GLN A 525 58.37 -2.66 0.16
C GLN A 525 59.88 -2.39 0.15
N TYR A 526 60.60 -3.15 0.97
CA TYR A 526 62.04 -2.98 1.12
C TYR A 526 62.73 -4.34 1.06
N SER A 527 63.91 -4.36 0.45
CA SER A 527 64.76 -5.53 0.50
C SER A 527 65.33 -5.69 1.91
N PRO A 528 65.63 -6.93 2.34
CA PRO A 528 66.31 -7.11 3.63
C PRO A 528 67.69 -6.46 3.68
N CYS A 529 68.39 -6.38 2.55
CA CYS A 529 69.71 -5.77 2.52
C CYS A 529 69.68 -4.27 2.80
N VAL A 530 68.51 -3.65 2.72
CA VAL A 530 68.34 -2.26 3.15
C VAL A 530 68.67 -2.12 4.64
N SER A 531 68.35 -3.15 5.43
CA SER A 531 68.64 -3.12 6.86
C SER A 531 70.14 -3.16 7.16
N ILE A 532 70.96 -3.62 6.23
CA ILE A 532 72.40 -3.75 6.47
C ILE A 532 73.25 -2.80 5.63
N VAL A 533 72.71 -2.26 4.54
CA VAL A 533 73.47 -1.36 3.68
C VAL A 533 73.26 0.07 4.18
N PRO A 534 74.32 0.79 4.54
CA PRO A 534 74.16 2.18 4.97
C PRO A 534 73.76 3.08 3.83
N SER A 535 73.16 4.23 4.18
CA SER A 535 72.77 5.21 3.18
C SER A 535 73.97 5.79 2.46
N THR A 536 75.06 6.05 3.18
CA THR A 536 76.29 6.58 2.60
C THR A 536 77.24 5.43 2.35
N VAL A 537 77.49 5.12 1.09
CA VAL A 537 78.46 4.11 0.69
C VAL A 537 79.79 4.80 0.44
N TRP A 538 80.85 4.29 1.07
CA TRP A 538 82.13 5.00 1.08
C TRP A 538 82.79 4.98 -0.30
N GLU A 539 82.82 3.83 -0.95
CA GLU A 539 83.49 3.70 -2.25
C GLU A 539 82.77 2.63 -3.07
N ASP A 540 83.27 2.43 -4.29
CA ASP A 540 82.65 1.48 -5.21
C ASP A 540 82.87 0.05 -4.74
N GLY A 541 81.81 -0.74 -4.77
CA GLY A 541 81.89 -2.15 -4.40
C GLY A 541 82.18 -2.42 -2.95
N ASP A 542 81.53 -1.70 -2.04
CA ASP A 542 81.70 -2.00 -0.62
C ASP A 542 80.96 -3.29 -0.26
N TYR A 543 81.56 -4.05 0.64
CA TYR A 543 81.13 -5.40 0.98
C TYR A 543 80.52 -5.40 2.37
N TYR A 544 79.33 -5.98 2.51
CA TYR A 544 78.62 -6.05 3.78
C TYR A 544 78.24 -7.50 4.07
N ARG A 545 78.52 -7.96 5.28
CA ARG A 545 78.17 -9.30 5.70
C ARG A 545 77.52 -9.26 7.08
N LYS A 546 76.62 -10.20 7.32
CA LYS A 546 75.97 -10.32 8.63
C LYS A 546 75.52 -11.76 8.83
N GLN A 547 75.27 -12.10 10.09
CA GLN A 547 74.87 -13.45 10.47
C GLN A 547 73.36 -13.55 10.57
N LEU A 548 72.79 -14.58 9.94
CA LEU A 548 71.35 -14.82 9.95
C LEU A 548 71.04 -15.96 10.90
N SER A 549 70.03 -15.77 11.76
CA SER A 549 69.60 -16.82 12.65
C SER A 549 68.90 -17.93 11.87
N PRO A 550 68.97 -19.18 12.35
CA PRO A 550 68.30 -20.28 11.63
C PRO A 550 66.80 -20.13 11.52
N LEU A 551 66.15 -19.44 12.46
CA LEU A 551 64.73 -19.15 12.32
C LEU A 551 64.48 -18.12 11.23
N GLU A 552 65.47 -17.28 10.94
CA GLU A 552 65.39 -16.29 9.87
C GLU A 552 65.89 -16.83 8.54
N GLY A 553 66.02 -18.15 8.40
CA GLY A 553 66.53 -18.77 7.21
C GLY A 553 67.98 -19.23 7.31
N GLY A 554 68.74 -18.71 8.27
CA GLY A 554 70.07 -19.21 8.54
C GLY A 554 71.13 -18.68 7.59
N GLY A 555 72.36 -19.10 7.85
CA GLY A 555 73.49 -18.76 7.01
C GLY A 555 73.92 -17.31 7.18
N TRP A 556 74.53 -16.77 6.12
CA TRP A 556 75.07 -15.42 6.12
C TRP A 556 74.34 -14.58 5.07
N LEU A 557 74.11 -13.31 5.41
CA LEU A 557 73.50 -12.34 4.50
C LEU A 557 74.60 -11.41 4.00
N VAL A 558 74.75 -11.33 2.69
CA VAL A 558 75.80 -10.53 2.06
C VAL A 558 75.17 -9.50 1.14
N ALA A 559 75.88 -8.40 0.95
CA ALA A 559 75.42 -7.31 0.09
C ALA A 559 76.62 -6.56 -0.46
N SER A 560 76.44 -5.98 -1.65
CA SER A 560 77.50 -5.24 -2.32
C SER A 560 76.96 -3.91 -2.82
N GLY A 561 77.70 -2.85 -2.56
CA GLY A 561 77.30 -1.49 -2.94
C GLY A 561 78.25 -0.91 -3.97
N SER A 562 77.70 -0.08 -4.85
CA SER A 562 78.46 0.62 -5.87
C SER A 562 78.16 2.11 -5.78
N THR A 563 79.11 2.93 -6.24
CA THR A 563 78.99 4.38 -6.17
C THR A 563 79.11 5.00 -7.55
N VAL A 564 78.28 6.02 -7.79
CA VAL A 564 78.37 6.87 -8.97
C VAL A 564 78.76 8.26 -8.48
N ALA A 565 79.73 8.87 -9.16
CA ALA A 565 80.34 10.11 -8.71
C ALA A 565 79.36 11.28 -8.73
N MET A 566 79.62 12.25 -7.88
CA MET A 566 78.79 13.43 -7.77
C MET A 566 78.90 14.30 -9.02
N THR A 567 77.76 14.78 -9.50
CA THR A 567 77.71 15.62 -10.68
C THR A 567 77.93 17.09 -10.28
N GLU A 568 77.68 18.00 -11.23
CA GLU A 568 77.79 19.43 -10.93
C GLU A 568 76.73 19.86 -9.92
N GLN A 569 75.52 19.31 -10.02
CA GLN A 569 74.45 19.62 -9.10
C GLN A 569 73.74 18.33 -8.72
N LEU A 570 73.14 18.33 -7.53
CA LEU A 570 72.46 17.14 -7.04
C LEU A 570 71.23 16.81 -7.87
N GLN A 571 71.05 15.54 -8.18
CA GLN A 571 69.93 15.05 -8.96
C GLN A 571 69.09 14.11 -8.09
N MET A 572 67.79 14.35 -8.06
CA MET A 572 66.87 13.67 -7.15
C MET A 572 65.82 12.90 -7.94
N GLY A 573 65.36 11.80 -7.35
CA GLY A 573 64.30 11.00 -7.92
C GLY A 573 63.11 10.88 -6.99
N PHE A 574 61.94 11.30 -7.46
CA PHE A 574 60.71 11.28 -6.70
C PHE A 574 59.75 10.27 -7.29
N GLY A 575 59.07 9.53 -6.42
CA GLY A 575 58.08 8.56 -6.83
C GLY A 575 56.71 8.83 -6.23
N ILE A 576 55.77 9.17 -7.10
CA ILE A 576 54.39 9.44 -6.72
C ILE A 576 53.58 8.18 -7.00
N THR A 577 52.89 7.67 -5.99
CA THR A 577 52.04 6.50 -6.11
C THR A 577 50.72 6.82 -5.42
N VAL A 578 49.62 6.32 -6.00
CA VAL A 578 48.30 6.59 -5.45
C VAL A 578 47.59 5.27 -5.20
N GLN A 579 46.83 5.23 -4.12
CA GLN A 579 46.06 4.05 -3.75
C GLN A 579 44.62 4.48 -3.50
N TYR A 580 43.70 3.82 -4.20
CA TYR A 580 42.26 4.07 -4.06
C TYR A 580 41.60 3.11 -3.08
N GLY A 581 42.15 1.92 -2.89
CA GLY A 581 41.58 0.96 -1.96
C GLY A 581 41.91 1.20 -0.51
N THR A 582 42.72 2.21 -0.21
CA THR A 582 43.11 2.49 1.16
C THR A 582 42.15 3.45 1.86
N ASP A 583 41.54 4.38 1.12
CA ASP A 583 40.60 5.34 1.71
C ASP A 583 39.68 5.85 0.60
N THR A 584 38.97 6.93 0.89
CA THR A 584 38.06 7.58 -0.05
C THR A 584 38.76 8.78 -0.67
N ASN A 585 38.34 9.15 -1.88
CA ASN A 585 38.99 10.21 -2.65
C ASN A 585 38.89 11.56 -1.96
N SER A 586 40.01 12.05 -1.41
CA SER A 586 39.93 13.20 -0.52
C SER A 586 40.90 14.32 -0.88
N VAL A 587 42.09 13.97 -1.35
CA VAL A 587 43.11 14.97 -1.67
C VAL A 587 42.86 15.54 -3.07
N CYS A 588 42.65 16.85 -3.14
CA CYS A 588 42.26 17.51 -4.39
C CYS A 588 43.09 18.76 -4.62
N PRO A 589 43.34 19.12 -5.88
CA PRO A 589 44.19 20.29 -6.16
C PRO A 589 43.45 21.60 -5.95
N LYS A 590 44.14 22.71 -6.20
CA LYS A 590 43.54 24.02 -5.91
C LYS A 590 42.68 24.62 -7.01
N LEU A 591 41.56 25.18 -6.62
CA LEU A 591 40.63 25.81 -7.55
C LEU A 591 39.59 26.25 -6.58
N GLU A 592 39.00 27.42 -6.75
CA GLU A 592 37.91 27.77 -5.87
C GLU A 592 36.87 26.75 -6.19
N PHE A 593 36.57 25.91 -5.22
CA PHE A 593 35.60 24.87 -5.43
C PHE A 593 34.31 25.56 -5.77
N ALA A 594 34.03 26.68 -5.11
CA ALA A 594 32.86 27.46 -5.48
C ALA A 594 33.27 28.65 -6.34
N ASN A 595 33.94 28.45 -7.50
CA ASN A 595 34.35 29.49 -8.49
C ASN A 595 35.52 28.99 -9.33
N ASP A 596 36.66 29.67 -9.24
CA ASP A 596 37.84 29.28 -10.03
C ASP A 596 39.18 29.52 -9.32
N THR A 597 39.22 30.45 -8.37
CA THR A 597 40.50 30.80 -7.72
C THR A 597 40.89 30.11 -6.40
N LYS A 598 40.37 30.59 -5.28
CA LYS A 598 40.81 30.06 -3.96
C LYS A 598 40.08 28.86 -3.37
N ILE A 599 39.12 29.10 -2.48
CA ILE A 599 38.40 28.00 -1.81
C ILE A 599 36.88 28.03 -2.05
N ALA A 600 36.20 29.07 -1.55
CA ALA A 600 34.75 29.12 -1.67
C ALA A 600 34.16 30.51 -1.89
N SER A 601 33.27 30.65 -2.87
CA SER A 601 32.61 31.93 -3.13
C SER A 601 31.26 31.64 -3.79
N GLN A 602 31.12 31.94 -5.08
CA GLN A 602 29.88 31.69 -5.83
C GLN A 602 28.59 31.83 -5.05
N LEU A 603 28.25 33.03 -4.60
CA LEU A 603 26.97 33.28 -3.97
C LEU A 603 25.99 33.81 -5.00
N GLY A 604 24.70 33.56 -4.74
CA GLY A 604 23.64 34.05 -5.60
C GLY A 604 23.57 33.44 -6.99
N ASN A 605 23.81 32.14 -7.11
CA ASN A 605 23.69 31.44 -8.37
C ASN A 605 23.46 29.95 -8.13
N CYS A 606 22.84 29.29 -9.11
CA CYS A 606 22.58 27.86 -8.99
C CYS A 606 23.85 27.08 -9.28
N VAL A 607 24.17 26.13 -8.40
CA VAL A 607 25.38 25.33 -8.51
C VAL A 607 25.04 23.88 -8.21
N GLU A 608 25.66 22.96 -8.95
CA GLU A 608 25.53 21.52 -8.71
C GLU A 608 26.72 21.11 -7.83
N TYR A 609 26.54 21.32 -6.53
CA TYR A 609 27.62 21.10 -5.58
C TYR A 609 27.80 19.62 -5.28
N SER A 610 29.06 19.20 -5.13
CA SER A 610 29.41 17.89 -4.58
C SER A 610 30.50 18.12 -3.54
N LEU A 611 30.09 18.48 -2.32
CA LEU A 611 31.02 18.72 -1.21
C LEU A 611 31.48 17.39 -0.67
N TYR A 612 32.54 16.85 -1.29
CA TYR A 612 33.25 15.65 -0.84
C TYR A 612 32.31 14.44 -0.67
N GLY A 613 31.27 14.38 -1.49
CA GLY A 613 30.27 13.34 -1.35
C GLY A 613 28.86 13.89 -1.18
N VAL A 614 28.71 15.00 -0.47
CA VAL A 614 27.39 15.58 -0.24
C VAL A 614 27.02 16.36 -1.50
N SER A 615 26.17 15.78 -2.34
CA SER A 615 25.87 16.35 -3.64
C SER A 615 24.44 16.90 -3.68
N GLY A 616 24.20 17.75 -4.66
CA GLY A 616 22.90 18.35 -4.84
C GLY A 616 23.02 19.62 -5.66
N ARG A 617 21.93 20.38 -5.71
CA ARG A 617 21.92 21.67 -6.36
C ARG A 617 21.39 22.72 -5.40
N GLY A 618 21.97 23.92 -5.46
CA GLY A 618 21.60 24.95 -4.50
C GLY A 618 22.07 26.32 -4.94
N VAL A 619 21.74 27.32 -4.12
CA VAL A 619 22.15 28.69 -4.35
C VAL A 619 22.75 29.25 -3.06
N PHE A 620 24.01 29.64 -3.12
CA PHE A 620 24.68 30.20 -1.96
C PHE A 620 24.35 31.69 -1.80
N GLN A 621 24.44 32.16 -0.55
CA GLN A 621 24.29 33.57 -0.24
C GLN A 621 24.95 33.85 1.10
N ASN A 622 25.56 35.04 1.22
CA ASN A 622 26.27 35.40 2.43
C ASN A 622 25.30 35.53 3.61
N CYS A 623 25.72 35.01 4.75
CA CYS A 623 24.84 34.88 5.91
C CYS A 623 25.61 35.10 7.19
N THR A 624 24.88 35.30 8.28
CA THR A 624 25.45 35.45 9.61
C THR A 624 25.67 34.08 10.25
N ALA A 625 26.72 33.97 11.07
CA ALA A 625 27.12 32.70 11.64
C ALA A 625 26.11 32.23 12.68
N VAL A 626 25.55 31.04 12.46
CA VAL A 626 24.53 30.46 13.34
C VAL A 626 24.89 29.00 13.58
N GLY A 627 24.98 28.62 14.85
CA GLY A 627 25.22 27.24 15.21
C GLY A 627 26.66 27.02 15.65
N VAL A 628 27.30 25.98 15.11
CA VAL A 628 28.64 25.56 15.51
C VAL A 628 29.55 25.60 14.30
N ARG A 629 30.68 26.29 14.44
CA ARG A 629 31.66 26.38 13.36
C ARG A 629 32.28 25.02 13.04
N GLN A 630 32.59 24.23 14.07
CA GLN A 630 33.30 22.97 13.88
C GLN A 630 32.44 21.94 13.16
N GLN A 631 31.14 21.89 13.48
CA GLN A 631 30.25 20.89 12.89
C GLN A 631 30.12 21.08 11.37
N ARG A 632 29.99 22.32 10.93
CA ARG A 632 30.07 22.79 9.54
C ARG A 632 28.94 22.28 8.64
N PHE A 633 28.01 21.48 9.14
CA PHE A 633 26.92 20.96 8.32
C PHE A 633 25.61 21.13 9.08
N VAL A 634 24.84 22.15 8.69
CA VAL A 634 23.52 22.38 9.26
C VAL A 634 22.48 21.97 8.22
N TYR A 635 21.71 20.95 8.55
CA TYR A 635 20.61 20.53 7.70
C TYR A 635 19.33 21.18 8.21
N ASP A 636 18.24 20.98 7.47
CA ASP A 636 16.95 21.52 7.86
C ASP A 636 16.30 20.57 8.87
N ALA A 637 15.01 20.79 9.14
CA ALA A 637 14.25 19.91 10.01
C ALA A 637 14.08 18.50 9.44
N TYR A 638 14.37 18.30 8.14
CA TYR A 638 14.22 16.99 7.53
C TYR A 638 15.44 16.63 6.69
N GLN A 639 16.63 16.95 7.19
CA GLN A 639 17.93 16.49 6.67
C GLN A 639 18.17 16.96 5.23
N ASN A 640 18.23 18.28 5.06
CA ASN A 640 18.71 18.87 3.82
C ASN A 640 19.41 20.15 4.25
N LEU A 641 20.62 20.37 3.74
CA LEU A 641 21.46 21.47 4.18
C LEU A 641 20.83 22.84 3.92
N VAL A 642 20.92 23.70 4.93
CA VAL A 642 20.49 25.08 4.80
C VAL A 642 21.67 26.05 4.76
N GLY A 643 22.81 25.68 5.36
CA GLY A 643 23.96 26.56 5.36
C GLY A 643 25.25 25.80 5.49
N TYR A 644 26.35 26.54 5.38
CA TYR A 644 27.69 25.95 5.39
C TYR A 644 28.71 26.99 5.80
N TYR A 645 29.70 26.56 6.58
CA TYR A 645 30.79 27.40 7.03
C TYR A 645 32.00 27.19 6.12
N SER A 646 32.47 28.25 5.49
CA SER A 646 33.62 28.15 4.61
C SER A 646 34.91 28.11 5.42
N ASP A 647 36.03 27.90 4.71
CA ASP A 647 37.33 27.73 5.35
C ASP A 647 37.84 29.01 5.99
N ASP A 648 37.35 30.17 5.56
CA ASP A 648 37.70 31.42 6.21
C ASP A 648 36.85 31.70 7.44
N GLY A 649 35.91 30.82 7.76
CA GLY A 649 34.96 31.05 8.81
C GLY A 649 33.70 31.77 8.38
N ASN A 650 33.64 32.22 7.12
CA ASN A 650 32.44 32.86 6.61
C ASN A 650 31.34 31.82 6.39
N TYR A 651 30.11 32.22 6.68
CA TYR A 651 28.97 31.31 6.65
C TYR A 651 28.03 31.74 5.53
N TYR A 652 27.64 30.80 4.69
CA TYR A 652 26.77 31.05 3.56
C TYR A 652 25.59 30.08 3.62
N CYS A 653 24.39 30.61 3.44
CA CYS A 653 23.18 29.80 3.33
C CYS A 653 23.07 29.29 1.91
N LEU A 654 22.95 27.97 1.77
CA LEU A 654 22.54 27.31 0.54
C LEU A 654 21.15 26.73 0.81
N ARG A 655 20.14 27.31 0.17
CA ARG A 655 18.77 26.85 0.37
C ARG A 655 18.35 25.82 -0.68
N ALA A 656 18.29 26.22 -1.94
CA ALA A 656 17.95 25.32 -3.04
C ALA A 656 18.28 25.98 -4.36
N CYS A 657 18.27 25.18 -5.42
CA CYS A 657 18.30 25.67 -6.80
C CYS A 657 16.92 25.42 -7.38
N VAL A 658 16.29 26.48 -7.87
CA VAL A 658 14.89 26.46 -8.28
C VAL A 658 14.76 27.25 -9.58
N SER A 659 13.94 26.75 -10.50
CA SER A 659 13.57 27.47 -11.70
C SER A 659 12.08 27.80 -11.67
N VAL A 660 11.61 28.43 -12.73
CA VAL A 660 10.29 29.06 -12.74
C VAL A 660 9.22 28.05 -13.10
N PRO A 661 8.12 27.96 -12.35
CA PRO A 661 6.97 27.16 -12.78
C PRO A 661 6.38 27.70 -14.07
N VAL A 662 6.02 26.78 -14.96
CA VAL A 662 5.55 27.12 -16.30
C VAL A 662 4.17 26.49 -16.50
N SER A 663 3.24 27.26 -17.06
CA SER A 663 1.91 26.77 -17.40
C SER A 663 1.57 27.20 -18.81
N VAL A 664 0.55 26.57 -19.39
CA VAL A 664 0.18 26.81 -20.78
C VAL A 664 -1.31 27.10 -20.85
N ILE A 665 -1.72 27.89 -21.84
CA ILE A 665 -3.11 28.16 -22.14
C ILE A 665 -3.33 27.89 -23.63
N TYR A 666 -4.54 27.44 -23.97
CA TYR A 666 -4.84 27.11 -25.35
C TYR A 666 -6.34 27.27 -25.61
N ASP A 667 -6.66 27.75 -26.81
CA ASP A 667 -8.03 27.85 -27.29
C ASP A 667 -8.26 26.83 -28.40
N LYS A 668 -9.34 26.06 -28.28
CA LYS A 668 -9.66 25.06 -29.28
C LYS A 668 -10.18 25.72 -30.56
N GLU A 669 -10.06 24.98 -31.67
CA GLU A 669 -10.51 25.22 -33.05
C GLU A 669 -9.94 26.49 -33.67
N THR A 670 -9.10 27.21 -32.92
CA THR A 670 -8.27 28.29 -33.42
C THR A 670 -6.93 28.08 -32.73
N LYS A 671 -5.92 27.63 -33.49
CA LYS A 671 -4.68 27.11 -32.91
C LYS A 671 -3.92 28.27 -32.29
N THR A 672 -4.32 28.62 -31.08
CA THR A 672 -3.79 29.77 -30.34
C THR A 672 -3.44 29.32 -28.94
N HIS A 673 -2.15 29.32 -28.63
CA HIS A 673 -1.63 28.85 -27.36
C HIS A 673 -0.56 29.82 -26.86
N ALA A 674 -0.48 29.96 -25.54
CA ALA A 674 0.44 30.90 -24.92
C ALA A 674 0.94 30.29 -23.62
N THR A 675 1.93 30.94 -23.00
CA THR A 675 2.56 30.36 -21.82
C THR A 675 2.72 31.41 -20.73
N LEU A 676 2.75 30.91 -19.49
CA LEU A 676 2.81 31.74 -18.30
C LEU A 676 3.90 31.20 -17.37
N PHE A 677 4.47 32.10 -16.58
CA PHE A 677 5.64 31.83 -15.77
C PHE A 677 5.39 32.46 -14.40
N GLY A 678 5.49 31.66 -13.35
CA GLY A 678 5.00 32.06 -12.03
C GLY A 678 6.07 32.52 -11.05
N SER A 679 5.63 33.33 -10.09
CA SER A 679 6.38 33.75 -8.90
C SER A 679 7.60 34.62 -9.22
N VAL A 680 7.76 35.05 -10.46
CA VAL A 680 8.94 35.82 -10.86
C VAL A 680 8.48 36.95 -11.77
N ALA A 681 9.27 38.02 -11.82
CA ALA A 681 9.05 39.05 -12.82
C ALA A 681 9.53 38.58 -14.18
N CYS A 682 9.35 39.42 -15.19
CA CYS A 682 9.79 39.12 -16.55
C CYS A 682 11.31 39.23 -16.61
N GLU A 683 11.98 38.21 -16.09
CA GLU A 683 13.43 38.15 -15.97
C GLU A 683 14.06 37.18 -16.96
N HIS A 684 13.59 35.94 -16.99
CA HIS A 684 14.23 34.87 -17.73
C HIS A 684 13.48 34.58 -19.02
N ILE A 685 14.25 34.40 -20.10
CA ILE A 685 13.75 34.06 -21.42
C ILE A 685 14.52 32.78 -21.78
N SER A 686 14.40 32.29 -23.01
CA SER A 686 14.76 30.96 -23.48
C SER A 686 16.27 30.63 -23.39
N SER A 687 17.13 31.44 -22.76
CA SER A 687 18.57 31.20 -22.73
C SER A 687 18.97 29.89 -22.07
N THR A 688 18.73 29.76 -20.76
CA THR A 688 19.17 28.58 -20.01
C THR A 688 17.95 27.75 -19.65
N MET A 689 17.64 26.77 -20.50
CA MET A 689 16.47 25.91 -20.40
C MET A 689 16.89 24.50 -19.98
N SER A 690 15.93 23.58 -20.02
CA SER A 690 16.16 22.16 -19.75
C SER A 690 15.21 21.37 -20.64
N GLN A 691 14.96 20.11 -20.24
CA GLN A 691 14.16 19.10 -20.93
C GLN A 691 14.34 19.08 -22.44
N TYR A 692 13.25 18.88 -23.19
CA TYR A 692 13.36 18.48 -24.59
C TYR A 692 13.42 19.68 -25.54
N SER A 693 12.34 20.47 -25.57
CA SER A 693 12.19 21.62 -26.45
C SER A 693 10.97 22.41 -26.00
N ARG A 694 11.01 23.71 -26.23
CA ARG A 694 9.90 24.59 -25.89
C ARG A 694 9.07 24.91 -27.12
N SER A 695 7.95 25.59 -26.88
CA SER A 695 7.00 25.94 -27.94
C SER A 695 7.21 27.41 -28.31
N THR A 696 7.88 27.63 -29.43
CA THR A 696 8.19 28.97 -29.90
C THR A 696 7.23 29.38 -31.02
N ARG A 697 6.71 30.60 -30.91
CA ARG A 697 5.71 31.12 -31.83
C ARG A 697 6.39 31.86 -32.97
N SER A 698 5.59 32.51 -33.82
CA SER A 698 6.09 33.31 -34.93
C SER A 698 5.73 34.77 -34.65
N MET A 699 6.67 35.51 -34.08
CA MET A 699 6.44 36.91 -33.75
C MET A 699 6.69 37.81 -34.95
N TYR A 707 7.82 40.86 -29.43
CA TYR A 707 8.08 42.03 -28.61
C TYR A 707 8.35 41.62 -27.16
N GLY A 708 8.13 42.56 -26.24
CA GLY A 708 8.41 42.35 -24.84
C GLY A 708 7.44 41.39 -24.18
N PRO A 709 7.98 40.44 -23.41
CA PRO A 709 7.12 39.59 -22.57
C PRO A 709 6.38 40.43 -21.54
N LEU A 710 5.13 40.06 -21.26
CA LEU A 710 4.25 40.95 -20.52
C LEU A 710 4.23 40.57 -19.04
N GLN A 711 4.27 41.58 -18.18
CA GLN A 711 4.35 41.39 -16.74
C GLN A 711 2.95 41.43 -16.14
N THR A 712 2.52 40.31 -15.61
CA THR A 712 1.27 40.12 -14.90
C THR A 712 1.54 39.97 -13.41
N PRO A 713 0.52 40.23 -12.57
CA PRO A 713 0.71 40.01 -11.12
C PRO A 713 1.02 38.56 -10.76
N VAL A 714 0.63 37.58 -11.58
CA VAL A 714 1.04 36.20 -11.35
C VAL A 714 2.41 35.89 -11.93
N GLY A 715 2.99 36.79 -12.73
CA GLY A 715 4.32 36.54 -13.24
C GLY A 715 4.61 37.14 -14.60
N CYS A 716 5.07 36.31 -15.53
CA CYS A 716 5.42 36.77 -16.87
C CYS A 716 4.72 35.90 -17.90
N VAL A 717 4.15 36.51 -18.93
CA VAL A 717 3.38 35.80 -19.93
C VAL A 717 3.97 36.07 -21.31
N LEU A 718 4.08 35.01 -22.11
CA LEU A 718 4.44 35.08 -23.51
C LEU A 718 3.27 34.61 -24.36
N GLY A 719 2.98 35.37 -25.42
CA GLY A 719 1.93 35.03 -26.36
C GLY A 719 0.74 35.96 -26.37
N LEU A 720 0.75 37.02 -25.57
CA LEU A 720 -0.36 37.95 -25.45
C LEU A 720 0.03 39.36 -25.90
N VAL A 721 -0.96 40.24 -25.87
CA VAL A 721 -0.79 41.65 -26.15
C VAL A 721 -1.64 42.43 -25.15
N ASN A 722 -1.11 43.55 -24.66
CA ASN A 722 -1.78 44.30 -23.61
C ASN A 722 -3.03 45.00 -24.14
N SER A 723 -4.11 44.84 -23.41
CA SER A 723 -5.37 45.51 -23.72
C SER A 723 -6.16 45.67 -22.42
N SER A 724 -6.77 46.84 -22.25
CA SER A 724 -7.53 47.13 -21.03
C SER A 724 -9.00 46.78 -21.21
N LEU A 725 -9.23 45.55 -21.67
CA LEU A 725 -10.57 45.03 -21.82
C LEU A 725 -11.08 44.49 -20.49
N PHE A 726 -12.39 44.27 -20.42
CA PHE A 726 -13.04 43.80 -19.21
C PHE A 726 -14.00 42.68 -19.57
N VAL A 727 -13.79 41.50 -18.97
CA VAL A 727 -14.57 40.31 -19.28
C VAL A 727 -15.09 39.72 -17.99
N GLU A 728 -16.40 39.47 -17.93
CA GLU A 728 -17.04 38.81 -16.79
C GLU A 728 -17.28 37.33 -17.01
N ASP A 729 -17.05 36.82 -18.22
CA ASP A 729 -17.48 35.47 -18.60
C ASP A 729 -16.36 34.72 -19.32
N CYS A 730 -15.16 34.75 -18.75
CA CYS A 730 -14.01 34.15 -19.40
C CYS A 730 -14.00 32.64 -19.20
N LYS A 731 -13.91 31.91 -20.30
CA LYS A 731 -13.78 30.47 -20.28
C LYS A 731 -12.33 30.00 -20.29
N LEU A 732 -11.38 30.93 -20.29
CA LEU A 732 -9.95 30.64 -20.25
C LEU A 732 -9.36 31.42 -19.08
N PRO A 733 -9.53 30.92 -17.85
CA PRO A 733 -9.14 31.69 -16.67
C PRO A 733 -7.64 31.62 -16.42
N LEU A 734 -6.96 32.75 -16.63
CA LEU A 734 -5.51 32.82 -16.54
C LEU A 734 -5.00 33.11 -15.14
N GLY A 735 -5.86 32.99 -14.12
CA GLY A 735 -5.46 33.34 -12.77
C GLY A 735 -5.53 34.83 -12.52
N GLN A 736 -5.27 35.19 -11.26
CA GLN A 736 -5.28 36.56 -10.75
C GLN A 736 -6.62 37.22 -11.05
N SER A 737 -6.69 38.06 -12.07
CA SER A 737 -7.96 38.42 -12.70
C SER A 737 -7.80 38.49 -14.21
N LEU A 738 -7.10 37.53 -14.78
CA LEU A 738 -6.59 37.65 -16.14
C LEU A 738 -7.39 36.78 -17.09
N CYS A 739 -7.72 37.34 -18.26
CA CYS A 739 -8.44 36.61 -19.28
C CYS A 739 -7.80 36.86 -20.63
N ALA A 740 -7.89 35.86 -21.51
CA ALA A 740 -7.35 35.92 -22.85
C ALA A 740 -8.50 35.86 -23.85
N LEU A 741 -8.48 36.76 -24.82
CA LEU A 741 -9.63 36.99 -25.69
C LEU A 741 -9.34 36.56 -27.12
N PRO A 742 -10.24 35.79 -27.71
CA PRO A 742 -10.18 35.49 -29.15
C PRO A 742 -10.93 36.52 -29.97
N ASP A 743 -10.65 36.51 -31.28
CA ASP A 743 -11.28 37.44 -32.20
C ASP A 743 -12.17 36.71 -33.23
N THR A 744 -11.65 35.72 -33.93
CA THR A 744 -12.41 35.01 -34.96
C THR A 744 -11.77 33.64 -35.24
N PRO A 757 -7.26 35.07 -36.51
CA PRO A 757 -6.00 34.90 -37.22
C PRO A 757 -4.79 35.36 -36.40
N GLY A 758 -5.03 36.28 -35.46
CA GLY A 758 -3.97 36.80 -34.63
C GLY A 758 -3.75 35.97 -33.38
N GLU A 759 -3.80 36.61 -32.22
CA GLU A 759 -3.60 35.94 -30.95
C GLU A 759 -4.66 36.44 -29.97
N MET A 760 -4.55 36.01 -28.72
CA MET A 760 -5.50 36.40 -27.70
C MET A 760 -5.21 37.82 -27.24
N ARG A 761 -6.06 38.33 -26.35
CA ARG A 761 -5.82 39.64 -25.72
C ARG A 761 -5.95 39.54 -24.21
N LEU A 762 -5.17 40.36 -23.51
CA LEU A 762 -5.35 40.52 -22.07
C LEU A 762 -6.64 41.23 -21.74
N ALA A 763 -7.26 40.83 -20.63
CA ALA A 763 -8.36 41.57 -20.04
C ALA A 763 -8.37 41.30 -18.55
N SER A 764 -8.75 42.33 -17.79
CA SER A 764 -8.99 42.15 -16.37
C SER A 764 -10.35 41.49 -16.16
N ILE A 765 -10.38 40.51 -15.26
CA ILE A 765 -11.68 39.98 -14.83
C ILE A 765 -12.27 41.07 -13.96
N ALA A 766 -13.13 41.89 -14.55
CA ALA A 766 -13.66 43.03 -13.83
C ALA A 766 -14.76 42.58 -12.87
N PHE A 767 -15.17 43.49 -12.01
CA PHE A 767 -16.33 43.27 -11.17
C PHE A 767 -17.56 43.73 -11.92
N ASN A 768 -18.52 42.81 -12.10
CA ASN A 768 -19.77 43.17 -12.74
C ASN A 768 -20.53 44.08 -11.78
N HIS A 769 -20.47 45.37 -12.04
CA HIS A 769 -21.17 46.32 -11.20
C HIS A 769 -22.67 46.17 -11.45
N PRO A 770 -23.46 45.88 -10.43
CA PRO A 770 -24.90 45.72 -10.65
C PRO A 770 -25.57 47.07 -10.80
N ILE A 771 -26.90 47.06 -10.92
CA ILE A 771 -27.64 48.31 -10.99
C ILE A 771 -27.58 49.01 -9.63
N GLN A 772 -27.16 50.27 -9.65
CA GLN A 772 -26.97 51.02 -8.42
C GLN A 772 -28.28 51.60 -7.91
N VAL A 773 -28.45 51.56 -6.60
CA VAL A 773 -29.53 52.27 -5.92
C VAL A 773 -28.88 53.30 -4.99
N ASP A 774 -29.44 54.50 -4.96
CA ASP A 774 -28.86 55.58 -4.18
C ASP A 774 -29.39 55.54 -2.75
N GLN A 775 -29.04 56.55 -1.97
CA GLN A 775 -29.28 56.55 -0.53
C GLN A 775 -30.03 57.81 -0.13
N LEU A 776 -31.19 57.64 0.51
CA LEU A 776 -31.97 58.75 1.01
C LEU A 776 -32.10 58.64 2.52
N ASN A 777 -31.69 59.69 3.22
CA ASN A 777 -31.69 59.71 4.67
C ASN A 777 -32.93 60.36 5.26
N SER A 778 -33.88 60.78 4.42
CA SER A 778 -35.11 61.38 4.90
C SER A 778 -36.17 60.30 5.12
N SER A 779 -37.41 60.70 5.36
CA SER A 779 -38.50 59.75 5.47
C SER A 779 -38.92 59.15 4.13
N TYR A 780 -38.50 59.76 3.02
CA TYR A 780 -38.76 59.21 1.70
C TYR A 780 -37.65 58.25 1.28
N PHE A 781 -37.97 57.40 0.31
CA PHE A 781 -37.06 56.35 -0.11
C PHE A 781 -37.10 56.23 -1.63
N LYS A 782 -35.99 55.76 -2.21
CA LYS A 782 -35.91 55.50 -3.63
C LYS A 782 -35.88 54.00 -3.86
N LEU A 783 -36.75 53.53 -4.76
CA LEU A 783 -37.03 52.11 -4.95
C LEU A 783 -36.54 51.64 -6.30
N SER A 784 -35.85 50.51 -6.32
CA SER A 784 -35.47 49.85 -7.55
C SER A 784 -36.58 48.90 -7.97
N ILE A 785 -36.99 48.97 -9.24
CA ILE A 785 -38.06 48.09 -9.71
C ILE A 785 -37.90 47.81 -11.20
N PRO A 786 -38.06 46.56 -11.63
CA PRO A 786 -37.95 46.25 -13.06
C PRO A 786 -39.26 46.47 -13.78
N THR A 787 -39.16 46.93 -15.04
CA THR A 787 -40.33 47.23 -15.85
C THR A 787 -40.55 46.24 -16.98
N ASN A 788 -39.70 45.23 -17.13
CA ASN A 788 -39.89 44.19 -18.13
C ASN A 788 -39.49 42.86 -17.50
N PHE A 789 -39.82 41.76 -18.17
CA PHE A 789 -39.55 40.46 -17.60
C PHE A 789 -39.53 39.42 -18.70
N SER A 790 -39.04 38.24 -18.34
CA SER A 790 -39.01 37.09 -19.22
C SER A 790 -39.05 35.85 -18.35
N PHE A 791 -38.93 34.69 -18.99
CA PHE A 791 -38.96 33.39 -18.30
C PHE A 791 -37.71 32.63 -18.69
N GLY A 792 -36.73 32.59 -17.79
CA GLY A 792 -35.47 31.92 -18.04
C GLY A 792 -35.47 30.55 -17.38
N VAL A 793 -34.93 29.57 -18.10
CA VAL A 793 -34.90 28.20 -17.63
C VAL A 793 -33.51 27.88 -17.11
N THR A 794 -33.46 27.23 -15.95
CA THR A 794 -32.23 26.71 -15.37
C THR A 794 -32.23 25.20 -15.50
N GLN A 795 -31.13 24.66 -15.99
CA GLN A 795 -31.04 23.25 -16.34
C GLN A 795 -30.05 22.57 -15.40
N GLU A 796 -30.47 21.46 -14.80
CA GLU A 796 -29.59 20.73 -13.88
C GLU A 796 -29.94 19.25 -13.93
N TYR A 797 -29.13 18.46 -13.23
CA TYR A 797 -29.22 17.02 -13.28
C TYR A 797 -28.64 16.46 -11.99
N ILE A 798 -29.13 15.28 -11.57
CA ILE A 798 -28.62 14.63 -10.38
C ILE A 798 -28.38 13.16 -10.69
N GLN A 799 -27.17 12.68 -10.40
CA GLN A 799 -26.80 11.27 -10.62
C GLN A 799 -27.41 10.44 -9.50
N THR A 800 -28.58 9.85 -9.75
CA THR A 800 -29.30 9.18 -8.68
C THR A 800 -28.80 7.76 -8.46
N THR A 801 -28.94 6.88 -9.45
CA THR A 801 -28.67 5.46 -9.27
C THR A 801 -27.51 5.01 -10.16
N ILE A 802 -26.39 4.65 -9.53
CA ILE A 802 -25.18 4.22 -10.22
C ILE A 802 -25.39 2.85 -10.83
N GLN A 803 -24.42 2.38 -11.62
CA GLN A 803 -24.52 1.07 -12.24
C GLN A 803 -24.44 -0.04 -11.19
N LYS A 804 -25.51 -0.82 -11.10
CA LYS A 804 -25.65 -1.93 -10.17
C LYS A 804 -25.16 -3.18 -10.88
N VAL A 805 -23.96 -3.64 -10.49
CA VAL A 805 -23.18 -4.59 -11.27
C VAL A 805 -22.87 -5.82 -10.41
N THR A 806 -22.27 -6.82 -11.04
CA THR A 806 -21.71 -7.96 -10.33
C THR A 806 -20.52 -8.51 -11.11
N VAL A 807 -19.63 -9.18 -10.39
CA VAL A 807 -18.45 -9.84 -10.95
C VAL A 807 -18.32 -11.22 -10.31
N ASP A 808 -18.20 -12.25 -11.13
CA ASP A 808 -17.95 -13.60 -10.63
C ASP A 808 -16.53 -13.73 -10.09
N CYS A 809 -16.35 -14.56 -9.06
CA CYS A 809 -15.00 -14.91 -8.63
C CYS A 809 -14.21 -15.63 -9.71
N LYS A 810 -14.61 -16.86 -10.03
CA LYS A 810 -13.72 -17.76 -10.77
C LYS A 810 -13.58 -17.39 -12.23
N GLN A 811 -14.67 -16.99 -12.90
CA GLN A 811 -14.57 -16.66 -14.31
C GLN A 811 -13.76 -15.38 -14.52
N TYR A 812 -13.77 -14.47 -13.55
CA TYR A 812 -12.99 -13.25 -13.70
C TYR A 812 -11.55 -13.45 -13.25
N VAL A 813 -11.35 -13.88 -12.00
CA VAL A 813 -9.99 -14.00 -11.47
C VAL A 813 -9.25 -15.19 -12.06
N CYS A 814 -9.95 -16.16 -12.62
CA CYS A 814 -9.34 -17.46 -12.81
C CYS A 814 -9.56 -17.91 -14.24
N ASN A 815 -10.69 -17.48 -14.83
CA ASN A 815 -10.93 -17.52 -16.27
C ASN A 815 -10.93 -18.92 -16.86
N GLY A 816 -11.33 -19.91 -16.06
CA GLY A 816 -11.43 -21.27 -16.55
C GLY A 816 -10.09 -21.93 -16.80
N PHE A 817 -9.31 -22.12 -15.75
CA PHE A 817 -8.00 -22.75 -15.87
C PHE A 817 -7.79 -23.61 -14.64
N GLN A 818 -7.39 -24.88 -14.85
CA GLN A 818 -7.41 -25.92 -13.83
C GLN A 818 -6.54 -25.59 -12.62
N LYS A 819 -5.22 -25.46 -12.86
CA LYS A 819 -4.25 -25.14 -11.81
C LYS A 819 -4.59 -23.84 -11.11
N CYS A 820 -5.25 -22.92 -11.83
CA CYS A 820 -5.79 -21.72 -11.21
C CYS A 820 -6.83 -22.04 -10.13
N GLU A 821 -7.76 -22.98 -10.36
CA GLU A 821 -8.70 -23.24 -9.27
C GLU A 821 -8.05 -24.02 -8.14
N GLN A 822 -7.05 -24.87 -8.41
CA GLN A 822 -6.40 -25.51 -7.27
C GLN A 822 -5.56 -24.52 -6.46
N LEU A 823 -4.94 -23.54 -7.11
CA LEU A 823 -4.25 -22.50 -6.36
C LEU A 823 -5.22 -21.50 -5.72
N LEU A 824 -6.43 -21.53 -6.24
CA LEU A 824 -7.41 -20.59 -5.79
C LEU A 824 -7.71 -21.09 -4.51
N ARG A 825 -7.57 -22.38 -4.42
CA ARG A 825 -7.97 -22.94 -3.19
C ARG A 825 -7.08 -22.35 -2.13
N GLU A 826 -5.85 -22.01 -2.49
CA GLU A 826 -4.99 -21.40 -1.51
C GLU A 826 -5.60 -20.17 -0.93
N TYR A 827 -6.23 -19.37 -1.74
CA TYR A 827 -6.74 -18.18 -1.17
C TYR A 827 -8.19 -18.29 -1.23
N GLY A 828 -8.87 -17.28 -1.77
CA GLY A 828 -10.31 -17.37 -1.97
C GLY A 828 -11.12 -16.66 -0.92
N GLN A 829 -10.51 -16.42 0.23
CA GLN A 829 -11.20 -15.74 1.31
C GLN A 829 -11.65 -14.35 0.85
N PHE A 830 -10.77 -13.63 0.16
CA PHE A 830 -11.09 -12.31 -0.32
C PHE A 830 -12.27 -12.36 -1.28
N CYS A 831 -12.15 -13.15 -2.35
CA CYS A 831 -13.21 -13.22 -3.36
C CYS A 831 -14.59 -13.42 -2.76
N SER A 832 -14.75 -14.42 -1.89
CA SER A 832 -16.06 -14.71 -1.33
C SER A 832 -16.60 -13.49 -0.61
N LYS A 833 -15.86 -12.99 0.37
CA LYS A 833 -16.33 -11.86 1.15
C LYS A 833 -16.73 -10.63 0.36
N ILE A 834 -15.91 -10.22 -0.61
CA ILE A 834 -16.17 -8.98 -1.33
C ILE A 834 -17.36 -9.15 -2.26
N ASN A 835 -17.70 -10.40 -2.61
CA ASN A 835 -18.89 -10.64 -3.41
C ASN A 835 -20.16 -10.36 -2.62
N GLN A 836 -20.27 -10.86 -1.36
CA GLN A 836 -21.48 -10.43 -0.65
C GLN A 836 -21.37 -8.99 -0.17
N ALA A 837 -20.16 -8.41 -0.11
CA ALA A 837 -20.06 -6.98 0.16
C ALA A 837 -20.67 -6.16 -0.96
N LEU A 838 -20.34 -6.49 -2.21
CA LEU A 838 -20.93 -5.79 -3.33
C LEU A 838 -22.40 -6.13 -3.49
N HIS A 839 -22.81 -7.35 -3.12
CA HIS A 839 -24.22 -7.70 -3.08
C HIS A 839 -24.97 -6.85 -2.08
N GLY A 840 -24.38 -6.64 -0.89
CA GLY A 840 -25.00 -5.79 0.10
C GLY A 840 -25.09 -4.34 -0.33
N ALA A 841 -24.03 -3.84 -0.97
CA ALA A 841 -24.07 -2.48 -1.50
C ALA A 841 -25.14 -2.33 -2.58
N ASN A 842 -25.24 -3.33 -3.46
CA ASN A 842 -26.24 -3.29 -4.52
C ASN A 842 -27.66 -3.35 -3.97
N LEU A 843 -27.91 -4.21 -2.97
CA LEU A 843 -29.24 -4.25 -2.38
C LEU A 843 -29.54 -3.00 -1.58
N ARG A 844 -28.52 -2.37 -0.99
CA ARG A 844 -28.72 -1.09 -0.32
C ARG A 844 -29.13 -0.02 -1.33
N GLN A 845 -28.47 0.00 -2.50
CA GLN A 845 -28.87 0.93 -3.55
C GLN A 845 -30.28 0.64 -4.03
N ASP A 846 -30.63 -0.64 -4.17
CA ASP A 846 -31.96 -1.01 -4.60
C ASP A 846 -33.02 -0.59 -3.58
N ASP A 847 -32.71 -0.72 -2.30
CA ASP A 847 -33.61 -0.26 -1.25
C ASP A 847 -33.77 1.25 -1.29
N SER A 848 -32.68 1.98 -1.54
CA SER A 848 -32.78 3.43 -1.70
C SER A 848 -33.67 3.78 -2.90
N VAL A 849 -33.50 3.05 -4.00
CA VAL A 849 -34.28 3.29 -5.21
C VAL A 849 -35.76 3.05 -4.96
N ARG A 850 -36.10 1.91 -4.34
CA ARG A 850 -37.51 1.63 -4.09
C ARG A 850 -38.09 2.60 -3.07
N ASN A 851 -37.28 3.04 -2.09
CA ASN A 851 -37.74 4.04 -1.14
C ASN A 851 -38.04 5.37 -1.81
N LEU A 852 -37.18 5.78 -2.74
CA LEU A 852 -37.39 7.09 -3.37
C LEU A 852 -38.56 7.05 -4.34
N PHE A 853 -38.72 5.96 -5.10
CA PHE A 853 -39.92 5.87 -5.93
C PHE A 853 -41.18 5.65 -5.11
N ALA A 854 -41.08 5.08 -3.91
CA ALA A 854 -42.24 5.05 -3.03
C ALA A 854 -42.60 6.45 -2.55
N SER A 855 -41.58 7.25 -2.23
CA SER A 855 -41.83 8.61 -1.75
C SER A 855 -42.44 9.49 -2.84
N VAL A 856 -41.89 9.45 -4.05
CA VAL A 856 -42.34 10.36 -5.10
C VAL A 856 -43.64 9.92 -5.74
N LYS A 857 -44.11 8.72 -5.43
CA LYS A 857 -45.36 8.21 -6.00
C LYS A 857 -46.51 9.01 -5.43
N SER A 858 -47.09 9.88 -6.25
CA SER A 858 -48.33 10.54 -5.89
C SER A 858 -49.45 9.50 -5.82
N SER A 859 -50.19 9.51 -4.71
CA SER A 859 -51.21 8.50 -4.48
C SER A 859 -52.34 8.56 -5.48
N GLN A 860 -52.57 9.71 -6.09
CA GLN A 860 -53.60 9.86 -7.10
C GLN A 860 -53.20 10.97 -8.06
N SER A 861 -53.42 10.74 -9.35
CA SER A 861 -52.85 11.59 -10.40
C SER A 861 -53.90 11.84 -11.48
N SER A 862 -53.46 12.49 -12.56
CA SER A 862 -54.26 12.96 -13.69
C SER A 862 -53.92 12.18 -14.96
N PRO A 863 -54.91 11.92 -15.81
CA PRO A 863 -54.62 11.22 -17.08
C PRO A 863 -53.88 12.13 -18.05
N ILE A 864 -53.11 11.51 -18.93
CA ILE A 864 -52.32 12.21 -19.93
C ILE A 864 -53.00 12.08 -21.28
N ILE A 865 -53.31 13.23 -21.88
CA ILE A 865 -53.91 13.28 -23.21
C ILE A 865 -53.09 14.24 -24.06
N PRO A 866 -53.06 14.06 -25.38
CA PRO A 866 -52.48 15.10 -26.25
C PRO A 866 -53.30 16.38 -26.18
N GLY A 867 -52.62 17.51 -26.26
CA GLY A 867 -53.27 18.80 -26.23
C GLY A 867 -53.57 19.34 -24.85
N PHE A 868 -53.15 18.65 -23.78
CA PHE A 868 -53.35 19.17 -22.45
C PHE A 868 -52.41 20.35 -22.18
N GLY A 869 -52.82 21.21 -21.26
CA GLY A 869 -52.03 22.37 -20.89
C GLY A 869 -52.33 23.63 -21.66
N GLY A 870 -53.46 23.69 -22.35
CA GLY A 870 -53.84 24.89 -23.08
C GLY A 870 -53.02 25.12 -24.33
N ASP A 871 -52.67 26.39 -24.58
CA ASP A 871 -51.93 26.75 -25.77
C ASP A 871 -50.46 26.32 -25.72
N PHE A 872 -49.99 25.85 -24.57
CA PHE A 872 -48.58 25.53 -24.40
C PHE A 872 -48.20 24.30 -25.22
N ASN A 873 -47.08 24.39 -25.93
CA ASN A 873 -46.59 23.26 -26.71
C ASN A 873 -45.80 22.31 -25.82
N LEU A 874 -46.49 21.69 -24.86
CA LEU A 874 -45.87 20.74 -23.95
C LEU A 874 -45.97 19.33 -24.52
N THR A 875 -46.20 19.23 -25.83
CA THR A 875 -46.17 17.93 -26.50
C THR A 875 -44.79 17.28 -26.42
N LEU A 876 -43.74 18.08 -26.26
CA LEU A 876 -42.40 17.55 -26.11
C LEU A 876 -42.25 16.78 -24.80
N LEU A 877 -42.87 17.26 -23.73
CA LEU A 877 -42.88 16.50 -22.48
C LEU A 877 -44.05 15.53 -22.39
N GLU A 878 -44.99 15.60 -23.34
CA GLU A 878 -46.11 14.67 -23.32
C GLU A 878 -45.67 13.30 -23.83
N PRO A 879 -45.95 12.22 -23.11
CA PRO A 879 -45.57 10.88 -23.57
C PRO A 879 -46.42 10.41 -24.74
N VAL A 880 -45.78 9.68 -25.65
CA VAL A 880 -46.46 9.14 -26.81
C VAL A 880 -47.12 7.81 -26.45
N ALA A 889 -45.08 4.01 -22.74
CA ALA A 889 -45.06 5.41 -23.13
C ALA A 889 -43.63 5.93 -23.24
N ARG A 890 -43.44 6.94 -24.08
CA ARG A 890 -42.12 7.52 -24.31
C ARG A 890 -42.29 9.02 -24.51
N SER A 891 -41.84 9.81 -23.54
CA SER A 891 -41.94 11.25 -23.66
C SER A 891 -40.92 11.76 -24.66
N ALA A 892 -41.38 12.67 -25.55
CA ALA A 892 -40.56 13.12 -26.66
C ALA A 892 -39.30 13.84 -26.18
N ILE A 893 -39.38 14.55 -25.05
CA ILE A 893 -38.21 15.22 -24.51
C ILE A 893 -37.14 14.20 -24.14
N GLU A 894 -37.50 13.16 -23.37
CA GLU A 894 -36.51 12.17 -22.99
C GLU A 894 -36.16 11.26 -24.16
N ASP A 895 -37.04 11.14 -25.15
CA ASP A 895 -36.68 10.46 -26.39
C ASP A 895 -35.50 11.17 -27.07
N LEU A 896 -35.60 12.48 -27.25
CA LEU A 896 -34.49 13.15 -27.93
C LEU A 896 -33.27 13.32 -27.03
N LEU A 897 -33.46 13.41 -25.71
CA LEU A 897 -32.30 13.29 -24.81
C LEU A 897 -31.61 11.95 -24.93
N PHE A 898 -32.37 10.86 -25.03
CA PHE A 898 -31.75 9.56 -25.23
C PHE A 898 -31.09 9.47 -26.60
N ASP A 899 -31.59 10.24 -27.57
CA ASP A 899 -30.92 10.34 -28.86
C ASP A 899 -29.56 11.02 -28.73
N LYS A 900 -29.52 12.19 -28.09
CA LYS A 900 -28.26 12.94 -28.03
C LYS A 900 -27.29 12.33 -27.05
N VAL A 901 -27.77 11.80 -25.93
CA VAL A 901 -26.90 11.11 -25.00
C VAL A 901 -26.46 9.79 -25.62
N THR A 902 -25.15 9.58 -25.67
CA THR A 902 -24.61 8.35 -26.25
C THR A 902 -24.92 7.19 -25.32
N ILE A 903 -26.05 6.53 -25.54
CA ILE A 903 -26.49 5.44 -24.68
C ILE A 903 -26.07 4.13 -25.32
N ALA A 904 -25.23 3.39 -24.61
CA ALA A 904 -24.84 2.04 -25.00
C ALA A 904 -25.53 1.10 -24.03
N ASP A 905 -26.77 0.72 -24.37
CA ASP A 905 -27.54 -0.16 -23.52
C ASP A 905 -26.88 -1.54 -23.48
N PRO A 906 -26.63 -2.10 -22.30
CA PRO A 906 -25.78 -3.29 -22.22
C PRO A 906 -26.47 -4.59 -22.60
N GLY A 907 -27.23 -4.58 -23.70
CA GLY A 907 -27.84 -5.78 -24.24
C GLY A 907 -28.80 -6.48 -23.31
N TYR A 908 -29.72 -5.74 -22.70
CA TYR A 908 -30.58 -6.34 -21.70
C TYR A 908 -31.62 -7.28 -22.28
N MET A 909 -31.77 -7.33 -23.61
CA MET A 909 -32.64 -8.30 -24.24
C MET A 909 -31.93 -9.09 -25.33
N GLN A 910 -31.00 -8.48 -26.06
CA GLN A 910 -30.19 -9.23 -27.01
C GLN A 910 -28.86 -9.70 -26.42
N GLY A 911 -27.98 -8.74 -26.08
CA GLY A 911 -26.77 -9.03 -25.31
C GLY A 911 -25.82 -10.07 -25.83
N TYR A 912 -25.87 -11.23 -25.16
CA TYR A 912 -25.14 -12.41 -25.58
C TYR A 912 -25.50 -12.82 -27.01
N ASP A 913 -26.80 -12.84 -27.32
CA ASP A 913 -27.24 -13.13 -28.68
C ASP A 913 -26.81 -12.03 -29.64
N ASP A 914 -26.78 -10.78 -29.15
CA ASP A 914 -26.24 -9.69 -29.95
C ASP A 914 -24.77 -9.89 -30.25
N CYS A 915 -24.05 -10.56 -29.36
CA CYS A 915 -22.65 -10.87 -29.63
C CYS A 915 -22.47 -12.04 -30.59
N MET A 916 -23.33 -13.05 -30.57
CA MET A 916 -23.18 -14.09 -31.60
C MET A 916 -23.58 -13.57 -32.97
N GLN A 917 -24.61 -12.73 -33.06
CA GLN A 917 -24.93 -12.19 -34.38
C GLN A 917 -23.88 -11.18 -34.84
N GLN A 918 -23.31 -10.42 -33.90
CA GLN A 918 -22.18 -9.53 -34.15
C GLN A 918 -21.55 -9.14 -32.81
N LEU A 926 -18.36 -3.58 -27.69
CA LEU A 926 -18.26 -2.96 -26.38
C LEU A 926 -19.39 -3.46 -25.47
N ILE A 927 -20.58 -3.63 -26.04
CA ILE A 927 -21.69 -4.19 -25.30
C ILE A 927 -21.45 -5.68 -25.05
N CYS A 928 -20.96 -6.40 -26.06
CA CYS A 928 -20.55 -7.79 -25.85
C CYS A 928 -19.35 -7.88 -24.92
N ALA A 929 -18.51 -6.84 -24.89
CA ALA A 929 -17.32 -6.78 -24.02
C ALA A 929 -17.66 -6.76 -22.52
N GLN A 930 -18.94 -6.75 -22.12
CA GLN A 930 -19.30 -6.93 -20.72
C GLN A 930 -18.93 -8.31 -20.20
N TYR A 931 -18.74 -9.30 -21.09
CA TYR A 931 -18.26 -10.63 -20.72
C TYR A 931 -17.08 -10.96 -21.65
N VAL A 932 -15.89 -10.54 -21.23
CA VAL A 932 -14.65 -11.00 -21.84
C VAL A 932 -13.81 -11.76 -20.82
N ALA A 933 -13.44 -11.11 -19.73
CA ALA A 933 -13.06 -11.82 -18.51
C ALA A 933 -14.31 -12.18 -17.71
N GLY A 934 -15.23 -11.23 -17.57
CA GLY A 934 -16.55 -11.51 -17.06
C GLY A 934 -17.05 -10.57 -15.99
N TYR A 935 -18.20 -9.94 -16.26
CA TYR A 935 -18.97 -9.21 -15.26
C TYR A 935 -20.40 -9.09 -15.80
N LYS A 936 -21.25 -8.41 -15.04
CA LYS A 936 -22.65 -8.28 -15.43
C LYS A 936 -23.22 -7.06 -14.72
N VAL A 937 -23.58 -6.03 -15.47
CA VAL A 937 -24.34 -4.92 -14.93
C VAL A 937 -25.82 -5.31 -14.94
N LEU A 938 -26.28 -5.47 -13.72
CA LEU A 938 -27.58 -5.99 -13.58
C LEU A 938 -28.58 -5.17 -14.16
N PRO A 939 -29.64 -5.84 -14.53
CA PRO A 939 -30.74 -5.07 -15.03
C PRO A 939 -31.29 -4.10 -14.07
N PRO A 940 -32.07 -3.16 -14.60
CA PRO A 940 -32.73 -2.27 -13.68
C PRO A 940 -33.72 -3.08 -12.99
N LEU A 941 -34.26 -2.46 -12.00
CA LEU A 941 -35.19 -3.18 -11.23
C LEU A 941 -36.44 -2.61 -11.69
N MET A 942 -36.33 -1.87 -12.76
CA MET A 942 -37.49 -1.18 -13.19
C MET A 942 -37.63 -1.32 -14.66
N ASP A 943 -38.77 -0.89 -15.18
CA ASP A 943 -38.96 -0.91 -16.60
C ASP A 943 -39.19 0.45 -17.04
N VAL A 944 -38.93 0.65 -18.30
CA VAL A 944 -39.16 1.90 -18.87
C VAL A 944 -40.52 2.34 -18.53
N ASN A 945 -41.46 1.58 -19.03
CA ASN A 945 -42.83 2.04 -18.81
C ASN A 945 -43.11 2.36 -17.35
N MET A 946 -42.31 1.80 -16.43
CA MET A 946 -42.55 2.08 -15.03
C MET A 946 -42.12 3.51 -14.68
N GLU A 947 -40.94 3.97 -15.15
CA GLU A 947 -40.66 5.39 -14.91
C GLU A 947 -41.49 6.28 -15.82
N ALA A 948 -42.00 5.74 -16.95
CA ALA A 948 -43.00 6.50 -17.69
C ALA A 948 -44.23 6.76 -16.82
N ALA A 949 -44.62 5.76 -16.04
CA ALA A 949 -45.72 5.92 -15.09
C ALA A 949 -45.37 6.91 -13.99
N TYR A 950 -44.13 6.88 -13.49
CA TYR A 950 -43.75 7.85 -12.46
C TYR A 950 -43.70 9.27 -13.02
N THR A 951 -43.26 9.44 -14.27
CA THR A 951 -43.30 10.74 -14.91
C THR A 951 -44.73 11.22 -15.08
N SER A 952 -45.64 10.30 -15.42
CA SER A 952 -47.06 10.63 -15.47
C SER A 952 -47.59 11.07 -14.11
N SER A 953 -47.16 10.36 -13.05
CA SER A 953 -47.60 10.68 -11.70
C SER A 953 -47.12 12.06 -11.27
N LEU A 954 -45.84 12.35 -11.49
CA LEU A 954 -45.33 13.67 -11.14
C LEU A 954 -45.92 14.76 -12.02
N LEU A 955 -46.23 14.42 -13.28
CA LEU A 955 -46.89 15.38 -14.17
C LEU A 955 -48.26 15.75 -13.64
N GLY A 956 -49.02 14.77 -13.15
CA GLY A 956 -50.26 15.06 -12.47
C GLY A 956 -50.06 15.84 -11.19
N SER A 957 -48.99 15.54 -10.46
CA SER A 957 -48.72 16.24 -9.20
C SER A 957 -48.32 17.68 -9.42
N ILE A 958 -47.78 18.04 -10.59
CA ILE A 958 -47.51 19.43 -10.92
C ILE A 958 -48.78 20.26 -10.82
N ALA A 959 -49.85 19.79 -11.47
CA ALA A 959 -51.13 20.47 -11.38
C ALA A 959 -51.80 20.27 -10.02
N GLY A 960 -51.55 19.13 -9.37
CA GLY A 960 -52.30 18.80 -8.17
C GLY A 960 -51.76 19.30 -6.84
N VAL A 961 -50.48 19.66 -6.78
CA VAL A 961 -49.86 19.97 -5.49
C VAL A 961 -49.74 21.46 -5.26
N GLY A 962 -49.27 22.22 -6.26
CA GLY A 962 -48.96 23.62 -6.05
C GLY A 962 -50.15 24.54 -5.89
N TRP A 963 -51.03 24.24 -4.94
CA TRP A 963 -52.13 25.11 -4.57
C TRP A 963 -52.06 25.51 -3.10
N THR A 964 -51.86 24.52 -2.23
CA THR A 964 -51.84 24.75 -0.80
C THR A 964 -51.05 23.61 -0.16
N ALA A 965 -50.22 23.96 0.83
CA ALA A 965 -49.50 22.96 1.61
C ALA A 965 -50.48 22.04 2.31
N GLY A 966 -50.16 20.75 2.33
CA GLY A 966 -51.10 19.72 2.75
C GLY A 966 -51.49 18.88 1.57
N LEU A 967 -50.90 17.69 1.47
CA LEU A 967 -50.96 16.88 0.26
C LEU A 967 -52.09 15.87 0.26
N SER A 968 -52.97 15.88 1.26
CA SER A 968 -54.04 14.89 1.31
C SER A 968 -55.09 15.16 0.24
N SER A 969 -55.25 16.40 -0.18
CA SER A 969 -56.18 16.76 -1.26
C SER A 969 -55.43 16.92 -2.56
N PHE A 970 -55.97 16.33 -3.63
CA PHE A 970 -55.39 16.42 -4.96
C PHE A 970 -56.24 17.35 -5.80
N ALA A 971 -55.60 18.36 -6.39
CA ALA A 971 -56.28 19.51 -6.97
C ALA A 971 -55.70 19.82 -8.35
N ALA A 972 -55.69 18.82 -9.24
CA ALA A 972 -55.05 18.95 -10.55
C ALA A 972 -55.85 19.91 -11.42
N ILE A 973 -55.60 21.20 -11.24
CA ILE A 973 -56.24 22.30 -11.95
C ILE A 973 -55.92 22.16 -13.44
N PRO A 974 -56.84 22.56 -14.34
CA PRO A 974 -56.45 22.88 -15.72
C PRO A 974 -55.20 23.74 -15.75
N PHE A 975 -54.22 23.31 -16.55
CA PHE A 975 -52.83 23.71 -16.34
C PHE A 975 -52.63 25.21 -16.53
N ALA A 976 -53.42 25.83 -17.42
CA ALA A 976 -53.33 27.28 -17.59
C ALA A 976 -53.77 28.02 -16.33
N GLN A 977 -54.88 27.60 -15.72
CA GLN A 977 -55.30 28.23 -14.47
C GLN A 977 -54.37 27.87 -13.33
N SER A 978 -53.73 26.70 -13.39
CA SER A 978 -52.70 26.37 -12.42
C SER A 978 -51.52 27.33 -12.52
N ILE A 979 -51.11 27.66 -13.76
CA ILE A 979 -50.08 28.65 -13.98
C ILE A 979 -50.54 30.02 -13.47
N PHE A 980 -51.81 30.34 -13.69
CA PHE A 980 -52.36 31.62 -13.21
C PHE A 980 -52.28 31.72 -11.70
N TYR A 981 -52.69 30.67 -11.00
CA TYR A 981 -52.63 30.65 -9.54
C TYR A 981 -51.20 30.68 -9.03
N ARG A 982 -50.29 29.98 -9.71
CA ARG A 982 -48.90 29.97 -9.28
C ARG A 982 -48.26 31.35 -9.46
N LEU A 983 -48.56 32.02 -10.58
CA LEU A 983 -48.04 33.37 -10.79
C LEU A 983 -48.65 34.37 -9.82
N ASN A 984 -49.93 34.19 -9.46
CA ASN A 984 -50.52 35.05 -8.44
C ASN A 984 -49.86 34.81 -7.09
N GLY A 985 -49.50 33.56 -6.78
CA GLY A 985 -48.87 33.27 -5.51
C GLY A 985 -47.49 33.85 -5.37
N VAL A 986 -46.71 33.87 -6.45
CA VAL A 986 -45.30 34.25 -6.36
C VAL A 986 -45.12 35.75 -6.56
N GLY A 987 -46.21 36.51 -6.54
CA GLY A 987 -46.11 37.95 -6.50
C GLY A 987 -46.25 38.68 -7.82
N ILE A 988 -47.28 38.34 -8.58
CA ILE A 988 -47.66 39.09 -9.78
C ILE A 988 -49.13 39.46 -9.65
N THR A 989 -49.44 40.72 -9.94
CA THR A 989 -50.79 41.25 -9.70
C THR A 989 -51.81 40.59 -10.62
N GLN A 990 -53.03 40.48 -10.11
CA GLN A 990 -54.11 39.80 -10.84
C GLN A 990 -54.51 40.55 -12.10
N GLN A 991 -54.23 41.86 -12.15
CA GLN A 991 -54.57 42.68 -13.31
C GLN A 991 -53.85 42.22 -14.57
N VAL A 992 -52.50 42.29 -14.55
CA VAL A 992 -51.71 41.88 -15.69
C VAL A 992 -51.86 40.39 -15.94
N LEU A 993 -52.19 39.61 -14.91
CA LEU A 993 -52.59 38.23 -15.08
C LEU A 993 -54.00 38.08 -15.66
N SER A 994 -54.76 39.18 -15.76
CA SER A 994 -56.12 39.11 -16.26
C SER A 994 -56.27 39.61 -17.69
N GLU A 995 -55.53 40.63 -18.11
CA GLU A 995 -55.58 41.01 -19.53
C GLU A 995 -54.30 40.73 -20.32
N ASN A 996 -53.24 40.23 -19.69
CA ASN A 996 -52.01 40.02 -20.45
C ASN A 996 -51.50 38.58 -20.32
N GLN A 997 -52.40 37.61 -20.48
CA GLN A 997 -51.99 36.21 -20.51
C GLN A 997 -51.38 35.82 -21.85
N LYS A 998 -51.78 36.51 -22.93
CA LYS A 998 -51.41 36.10 -24.28
C LYS A 998 -49.91 36.22 -24.51
N LEU A 999 -49.35 37.39 -24.21
CA LEU A 999 -47.93 37.64 -24.48
C LEU A 999 -47.04 36.80 -23.58
N ILE A 1000 -47.40 36.66 -22.30
CA ILE A 1000 -46.59 35.86 -21.39
C ILE A 1000 -46.67 34.39 -21.76
N ALA A 1001 -47.84 33.93 -22.24
CA ALA A 1001 -47.94 32.55 -22.72
C ALA A 1001 -47.07 32.32 -23.94
N ASN A 1002 -47.07 33.27 -24.88
CA ASN A 1002 -46.26 33.12 -26.09
C ASN A 1002 -44.77 33.13 -25.77
N LYS A 1003 -44.32 34.04 -24.91
CA LYS A 1003 -42.89 34.06 -24.62
C LYS A 1003 -42.46 32.92 -23.72
N PHE A 1004 -43.35 32.41 -22.87
CA PHE A 1004 -43.07 31.15 -22.18
C PHE A 1004 -42.96 30.00 -23.18
N ASN A 1005 -43.73 30.06 -24.27
CA ASN A 1005 -43.65 29.03 -25.30
C ASN A 1005 -42.32 29.07 -26.02
N GLN A 1006 -41.84 30.25 -26.43
CA GLN A 1006 -40.51 30.20 -27.05
C GLN A 1006 -39.41 30.03 -26.03
N ALA A 1007 -39.66 30.33 -24.76
CA ALA A 1007 -38.69 30.00 -23.71
C ALA A 1007 -38.51 28.49 -23.60
N LEU A 1008 -39.61 27.75 -23.57
CA LEU A 1008 -39.49 26.29 -23.55
C LEU A 1008 -39.06 25.73 -24.90
N GLY A 1009 -39.23 26.48 -25.98
CA GLY A 1009 -38.72 26.02 -27.27
C GLY A 1009 -37.21 26.20 -27.41
N ALA A 1010 -36.66 27.24 -26.77
CA ALA A 1010 -35.24 27.53 -26.92
C ALA A 1010 -34.37 26.48 -26.25
N MET A 1011 -34.86 25.86 -25.17
CA MET A 1011 -34.10 24.81 -24.51
C MET A 1011 -34.09 23.53 -25.34
N GLN A 1012 -35.08 23.34 -26.21
CA GLN A 1012 -35.06 22.20 -27.13
C GLN A 1012 -33.93 22.31 -28.14
N THR A 1013 -33.77 23.48 -28.76
CA THR A 1013 -32.68 23.67 -29.70
C THR A 1013 -31.36 23.96 -29.01
N GLY A 1014 -31.38 24.26 -27.71
CA GLY A 1014 -30.16 24.49 -26.97
C GLY A 1014 -29.43 23.26 -26.51
N PHE A 1015 -29.96 22.07 -26.83
CA PHE A 1015 -29.36 20.81 -26.39
C PHE A 1015 -28.06 20.53 -27.13
N THR A 1016 -26.95 20.93 -26.50
CA THR A 1016 -25.61 20.77 -27.04
C THR A 1016 -24.64 20.81 -25.87
N THR A 1017 -23.34 20.95 -26.17
CA THR A 1017 -22.30 20.94 -25.15
C THR A 1017 -22.46 22.08 -24.15
N THR A 1018 -23.09 23.19 -24.57
CA THR A 1018 -23.23 24.37 -23.72
C THR A 1018 -24.12 24.13 -22.50
N ASN A 1019 -24.91 23.06 -22.49
CA ASN A 1019 -25.76 22.74 -21.35
C ASN A 1019 -24.93 21.99 -20.31
N GLU A 1020 -24.79 22.59 -19.13
CA GLU A 1020 -24.00 21.99 -18.06
C GLU A 1020 -24.61 20.68 -17.58
N ALA A 1021 -25.95 20.57 -17.62
CA ALA A 1021 -26.59 19.32 -17.25
C ALA A 1021 -26.24 18.21 -18.23
N PHE A 1022 -26.17 18.53 -19.53
CA PHE A 1022 -25.63 17.58 -20.51
C PHE A 1022 -24.22 17.19 -20.15
N GLN A 1023 -23.40 18.16 -19.72
CA GLN A 1023 -22.01 17.88 -19.38
C GLN A 1023 -21.91 16.91 -18.21
N LYS A 1024 -22.75 17.07 -17.19
CA LYS A 1024 -22.67 16.14 -16.06
C LYS A 1024 -23.30 14.80 -16.39
N VAL A 1025 -24.31 14.75 -17.27
CA VAL A 1025 -24.81 13.47 -17.76
C VAL A 1025 -23.72 12.70 -18.50
N GLN A 1026 -23.03 13.36 -19.44
CA GLN A 1026 -22.02 12.64 -20.21
C GLN A 1026 -20.80 12.32 -19.34
N ASP A 1027 -20.48 13.16 -18.36
CA ASP A 1027 -19.41 12.82 -17.44
C ASP A 1027 -19.79 11.64 -16.56
N ALA A 1028 -21.07 11.50 -16.22
CA ALA A 1028 -21.54 10.30 -15.54
C ALA A 1028 -21.42 9.07 -16.43
N VAL A 1029 -21.70 9.24 -17.73
CA VAL A 1029 -21.50 8.15 -18.69
C VAL A 1029 -20.03 7.75 -18.73
N ASN A 1030 -19.14 8.74 -18.76
CA ASN A 1030 -17.70 8.45 -18.71
C ASN A 1030 -17.31 7.81 -17.39
N ASN A 1031 -17.99 8.16 -16.30
CA ASN A 1031 -17.74 7.53 -15.01
C ASN A 1031 -18.09 6.04 -15.07
N ASN A 1032 -19.22 5.71 -15.67
CA ASN A 1032 -19.57 4.31 -15.88
C ASN A 1032 -18.58 3.62 -16.79
N ALA A 1033 -18.12 4.32 -17.83
CA ALA A 1033 -17.17 3.77 -18.77
C ALA A 1033 -15.83 3.47 -18.11
N GLN A 1034 -15.33 4.39 -17.28
CA GLN A 1034 -14.07 4.11 -16.60
C GLN A 1034 -14.26 3.05 -15.52
N ALA A 1035 -15.45 2.97 -14.92
CA ALA A 1035 -15.73 1.92 -13.95
C ALA A 1035 -15.66 0.54 -14.59
N LEU A 1036 -16.25 0.39 -15.78
CA LEU A 1036 -16.14 -0.89 -16.47
C LEU A 1036 -14.76 -1.11 -17.06
N SER A 1037 -14.02 -0.03 -17.35
CA SER A 1037 -12.64 -0.20 -17.79
C SER A 1037 -11.75 -0.71 -16.66
N LYS A 1038 -12.11 -0.38 -15.40
CA LYS A 1038 -11.41 -0.95 -14.26
C LYS A 1038 -11.55 -2.47 -14.19
N LEU A 1039 -12.53 -3.04 -14.88
CA LEU A 1039 -12.55 -4.48 -15.08
C LEU A 1039 -11.84 -4.86 -16.38
N ALA A 1040 -12.15 -4.18 -17.47
CA ALA A 1040 -11.75 -4.61 -18.81
C ALA A 1040 -10.26 -4.43 -19.09
N SER A 1041 -9.57 -3.52 -18.41
CA SER A 1041 -8.22 -3.14 -18.81
C SER A 1041 -7.12 -3.76 -17.96
N GLU A 1042 -7.44 -4.35 -16.81
CA GLU A 1042 -6.41 -4.75 -15.87
C GLU A 1042 -5.87 -6.15 -16.13
N LEU A 1043 -6.63 -7.03 -16.79
CA LEU A 1043 -6.08 -8.33 -17.13
C LEU A 1043 -5.01 -8.25 -18.21
N SER A 1044 -4.98 -7.15 -18.97
CA SER A 1044 -3.87 -6.92 -19.89
C SER A 1044 -2.58 -6.67 -19.13
N ASN A 1045 -2.66 -6.15 -17.91
CA ASN A 1045 -1.48 -5.96 -17.09
C ASN A 1045 -0.99 -7.31 -16.56
N THR A 1046 0.32 -7.51 -16.58
CA THR A 1046 0.92 -8.69 -15.99
C THR A 1046 1.05 -8.57 -14.47
N PHE A 1047 0.97 -7.35 -13.94
CA PHE A 1047 1.24 -7.05 -12.52
C PHE A 1047 2.62 -7.55 -12.10
N GLY A 1048 3.61 -7.31 -12.95
CA GLY A 1048 4.96 -7.74 -12.69
C GLY A 1048 5.30 -9.14 -13.14
N ALA A 1049 4.32 -9.89 -13.65
CA ALA A 1049 4.60 -11.22 -14.16
C ALA A 1049 5.28 -11.14 -15.52
N ILE A 1050 5.78 -12.29 -15.98
CA ILE A 1050 6.39 -12.35 -17.31
C ILE A 1050 5.35 -12.32 -18.43
N SER A 1051 4.07 -12.54 -18.10
CA SER A 1051 3.01 -12.44 -19.08
C SER A 1051 1.70 -12.23 -18.33
N ALA A 1052 0.67 -11.82 -19.07
CA ALA A 1052 -0.65 -11.56 -18.51
C ALA A 1052 -1.69 -12.59 -18.93
N SER A 1053 -1.33 -13.57 -19.76
CA SER A 1053 -2.24 -14.62 -20.16
C SER A 1053 -2.03 -15.84 -19.28
N ILE A 1054 -3.13 -16.44 -18.84
CA ILE A 1054 -3.04 -17.52 -17.86
C ILE A 1054 -2.58 -18.81 -18.53
N GLY A 1055 -3.16 -19.13 -19.68
CA GLY A 1055 -2.77 -20.35 -20.39
C GLY A 1055 -1.31 -20.35 -20.82
N ASP A 1056 -0.84 -19.18 -21.29
CA ASP A 1056 0.59 -18.90 -21.48
C ASP A 1056 1.41 -19.38 -20.29
N ILE A 1057 1.03 -18.95 -19.09
CA ILE A 1057 1.76 -19.31 -17.88
C ILE A 1057 1.68 -20.81 -17.63
N ILE A 1058 0.47 -21.38 -17.75
CA ILE A 1058 0.29 -22.75 -17.24
C ILE A 1058 0.87 -23.79 -18.18
N GLN A 1059 0.98 -23.51 -19.48
CA GLN A 1059 1.55 -24.51 -20.37
C GLN A 1059 2.86 -24.08 -21.01
N ARG A 1060 3.42 -22.94 -20.60
CA ARG A 1060 4.80 -22.64 -20.97
C ARG A 1060 5.71 -22.33 -19.79
N LEU A 1061 5.33 -22.68 -18.56
CA LEU A 1061 6.19 -22.55 -17.39
C LEU A 1061 6.18 -23.82 -16.57
N ASP A 1062 7.25 -24.02 -15.79
CA ASP A 1062 7.32 -25.12 -14.85
C ASP A 1062 6.31 -24.91 -13.72
N PRO A 1063 5.84 -25.98 -13.07
CA PRO A 1063 4.80 -25.86 -12.02
C PRO A 1063 5.17 -24.93 -10.87
N PRO A 1064 6.43 -24.96 -10.31
CA PRO A 1064 6.71 -24.01 -9.20
C PRO A 1064 6.71 -22.55 -9.64
N GLU A 1065 7.40 -22.26 -10.75
CA GLU A 1065 7.46 -20.87 -11.21
C GLU A 1065 6.10 -20.41 -11.70
N GLN A 1066 5.30 -21.29 -12.31
CA GLN A 1066 3.98 -20.87 -12.74
C GLN A 1066 3.06 -20.65 -11.53
N ASP A 1067 3.25 -21.42 -10.45
CA ASP A 1067 2.50 -21.14 -9.23
C ASP A 1067 2.88 -19.79 -8.65
N ALA A 1068 4.17 -19.44 -8.71
CA ALA A 1068 4.61 -18.13 -8.25
C ALA A 1068 4.00 -17.01 -9.11
N GLN A 1069 3.97 -17.20 -10.43
CA GLN A 1069 3.42 -16.17 -11.30
C GLN A 1069 1.90 -16.03 -11.12
N ILE A 1070 1.20 -17.14 -10.91
CA ILE A 1070 -0.23 -17.07 -10.60
C ILE A 1070 -0.45 -16.40 -9.25
N ASP A 1071 0.44 -16.65 -8.29
CA ASP A 1071 0.37 -15.95 -7.01
C ASP A 1071 0.45 -14.44 -7.21
N ARG A 1072 1.41 -13.99 -8.01
CA ARG A 1072 1.56 -12.56 -8.31
C ARG A 1072 0.32 -12.01 -9.02
N LEU A 1073 -0.20 -12.75 -9.99
CA LEU A 1073 -1.34 -12.29 -10.78
C LEU A 1073 -2.60 -12.18 -9.93
N ILE A 1074 -2.87 -13.20 -9.12
CA ILE A 1074 -4.05 -13.17 -8.26
C ILE A 1074 -3.92 -12.10 -7.19
N ASN A 1075 -2.70 -11.87 -6.68
CA ASN A 1075 -2.50 -10.77 -5.73
C ASN A 1075 -2.85 -9.43 -6.36
N GLY A 1076 -2.29 -9.15 -7.54
CA GLY A 1076 -2.60 -7.89 -8.20
C GLY A 1076 -4.07 -7.76 -8.53
N ARG A 1077 -4.70 -8.85 -8.94
CA ARG A 1077 -6.10 -8.79 -9.33
C ARG A 1077 -7.00 -8.59 -8.12
N LEU A 1078 -6.68 -9.20 -6.98
CA LEU A 1078 -7.50 -8.98 -5.79
C LEU A 1078 -7.34 -7.56 -5.26
N THR A 1079 -6.13 -6.99 -5.35
CA THR A 1079 -6.02 -5.58 -4.99
C THR A 1079 -6.80 -4.67 -5.94
N THR A 1080 -6.85 -5.01 -7.23
CA THR A 1080 -7.72 -4.24 -8.12
C THR A 1080 -9.18 -4.39 -7.72
N LEU A 1081 -9.56 -5.58 -7.25
CA LEU A 1081 -10.91 -5.77 -6.72
C LEU A 1081 -11.17 -4.92 -5.48
N ASN A 1082 -10.17 -4.82 -4.60
CA ASN A 1082 -10.34 -3.95 -3.43
C ASN A 1082 -10.49 -2.50 -3.82
N ALA A 1083 -9.73 -2.07 -4.83
CA ALA A 1083 -9.89 -0.71 -5.36
C ALA A 1083 -11.30 -0.53 -5.95
N PHE A 1084 -11.79 -1.54 -6.65
CA PHE A 1084 -13.15 -1.50 -7.18
C PHE A 1084 -14.18 -1.39 -6.06
N VAL A 1085 -14.00 -2.15 -4.99
CA VAL A 1085 -14.93 -2.12 -3.85
C VAL A 1085 -14.92 -0.74 -3.21
N ALA A 1086 -13.73 -0.16 -3.03
CA ALA A 1086 -13.64 1.17 -2.42
C ALA A 1086 -14.33 2.23 -3.28
N GLN A 1087 -14.08 2.19 -4.60
CA GLN A 1087 -14.67 3.22 -5.44
C GLN A 1087 -16.17 3.03 -5.58
N GLN A 1088 -16.67 1.78 -5.57
CA GLN A 1088 -18.11 1.61 -5.64
C GLN A 1088 -18.76 1.96 -4.31
N LEU A 1089 -18.05 1.82 -3.18
CA LEU A 1089 -18.55 2.33 -1.92
C LEU A 1089 -18.69 3.85 -1.96
N VAL A 1090 -17.68 4.51 -2.52
CA VAL A 1090 -17.75 5.97 -2.69
C VAL A 1090 -18.90 6.35 -3.60
N ARG A 1091 -19.05 5.63 -4.71
CA ARG A 1091 -20.14 5.93 -5.65
C ARG A 1091 -21.50 5.62 -5.03
N SER A 1092 -21.57 4.61 -4.15
CA SER A 1092 -22.82 4.26 -3.50
C SER A 1092 -23.26 5.32 -2.51
N GLU A 1093 -22.33 5.78 -1.67
CA GLU A 1093 -22.70 6.84 -0.73
C GLU A 1093 -22.99 8.15 -1.44
N SER A 1094 -22.26 8.44 -2.53
CA SER A 1094 -22.56 9.63 -3.32
C SER A 1094 -23.93 9.52 -3.97
N ALA A 1095 -24.27 8.33 -4.47
CA ALA A 1095 -25.59 8.10 -5.03
C ALA A 1095 -26.68 8.21 -3.98
N ALA A 1096 -26.40 7.79 -2.75
CA ALA A 1096 -27.38 7.91 -1.67
C ALA A 1096 -27.66 9.36 -1.33
N LEU A 1097 -26.60 10.16 -1.16
CA LEU A 1097 -26.82 11.58 -0.86
C LEU A 1097 -27.43 12.31 -2.05
N SER A 1098 -27.06 11.94 -3.27
CA SER A 1098 -27.67 12.56 -4.45
C SER A 1098 -29.14 12.18 -4.57
N ALA A 1099 -29.48 10.95 -4.21
CA ALA A 1099 -30.88 10.53 -4.21
C ALA A 1099 -31.68 11.27 -3.16
N GLN A 1100 -31.09 11.49 -1.99
CA GLN A 1100 -31.74 12.30 -0.96
C GLN A 1100 -31.96 13.73 -1.45
N LEU A 1101 -30.95 14.30 -2.10
CA LEU A 1101 -31.09 15.65 -2.66
C LEU A 1101 -32.16 15.69 -3.74
N ALA A 1102 -32.19 14.69 -4.62
CA ALA A 1102 -33.15 14.67 -5.70
C ALA A 1102 -34.58 14.53 -5.18
N LYS A 1103 -34.79 13.65 -4.19
CA LYS A 1103 -36.12 13.50 -3.64
C LYS A 1103 -36.57 14.74 -2.89
N ASP A 1104 -35.65 15.45 -2.21
CA ASP A 1104 -36.03 16.69 -1.56
C ASP A 1104 -36.35 17.78 -2.57
N LYS A 1105 -35.56 17.87 -3.65
CA LYS A 1105 -35.83 18.84 -4.70
C LYS A 1105 -37.16 18.58 -5.37
N VAL A 1106 -37.50 17.30 -5.59
CA VAL A 1106 -38.73 17.00 -6.31
C VAL A 1106 -39.94 17.12 -5.38
N ASN A 1107 -39.77 16.93 -4.07
CA ASN A 1107 -40.94 17.04 -3.21
C ASN A 1107 -41.19 18.47 -2.77
N GLU A 1108 -40.16 19.31 -2.73
CA GLU A 1108 -40.39 20.67 -2.23
C GLU A 1108 -40.64 21.67 -3.36
N CYS A 1109 -39.66 21.87 -4.24
CA CYS A 1109 -39.73 22.97 -5.20
C CYS A 1109 -40.11 22.53 -6.60
N VAL A 1110 -40.51 21.28 -6.79
CA VAL A 1110 -41.02 20.80 -8.07
C VAL A 1110 -42.54 20.70 -8.08
N LYS A 1111 -43.09 19.89 -7.17
CA LYS A 1111 -44.55 19.78 -7.11
C LYS A 1111 -45.17 21.02 -6.48
N ALA A 1112 -44.44 21.70 -5.61
CA ALA A 1112 -44.89 22.91 -4.95
C ALA A 1112 -43.91 24.04 -5.22
N GLN A 1113 -44.20 25.20 -4.65
CA GLN A 1113 -43.36 26.39 -4.80
C GLN A 1113 -42.64 26.63 -3.49
N SER A 1114 -41.38 26.20 -3.41
CA SER A 1114 -40.58 26.45 -2.22
C SER A 1114 -40.22 27.92 -2.13
N LYS A 1115 -40.12 28.41 -0.89
CA LYS A 1115 -39.76 29.80 -0.66
C LYS A 1115 -38.26 30.01 -0.47
N ARG A 1116 -37.45 28.96 -0.61
CA ARG A 1116 -36.01 29.13 -0.51
C ARG A 1116 -35.50 29.85 -1.76
N SER A 1117 -34.74 30.91 -1.53
CA SER A 1117 -34.36 31.84 -2.60
C SER A 1117 -33.33 31.19 -3.53
N GLY A 1118 -33.75 30.86 -4.75
CA GLY A 1118 -32.85 30.34 -5.76
C GLY A 1118 -32.24 29.00 -5.41
N PHE A 1119 -32.94 28.17 -4.64
CA PHE A 1119 -32.39 26.88 -4.23
C PHE A 1119 -32.25 25.92 -5.41
N CYS A 1120 -33.28 25.86 -6.26
CA CYS A 1120 -33.28 24.95 -7.38
C CYS A 1120 -33.51 25.65 -8.71
N GLY A 1121 -33.81 26.95 -8.68
CA GLY A 1121 -33.95 27.73 -9.90
C GLY A 1121 -33.52 29.18 -9.68
N GLN A 1122 -32.59 29.66 -10.50
CA GLN A 1122 -32.12 31.03 -10.37
C GLN A 1122 -33.20 32.02 -10.78
N GLY A 1123 -33.19 33.18 -10.13
CA GLY A 1123 -34.28 34.12 -10.29
C GLY A 1123 -35.48 33.66 -9.47
N THR A 1124 -36.59 34.36 -9.67
CA THR A 1124 -37.85 33.97 -9.04
C THR A 1124 -38.38 32.75 -9.79
N HIS A 1125 -38.05 31.56 -9.28
CA HIS A 1125 -38.46 30.33 -9.94
C HIS A 1125 -39.97 30.16 -9.87
N ILE A 1126 -40.55 29.68 -10.97
CA ILE A 1126 -41.99 29.45 -11.01
C ILE A 1126 -42.28 27.97 -11.10
N VAL A 1127 -41.91 27.34 -12.21
CA VAL A 1127 -42.34 25.97 -12.48
C VAL A 1127 -41.12 25.09 -12.69
N SER A 1128 -41.34 23.79 -12.56
CA SER A 1128 -40.28 22.80 -12.65
C SER A 1128 -40.79 21.59 -13.42
N PHE A 1129 -39.86 20.91 -14.08
CA PHE A 1129 -40.19 19.68 -14.78
C PHE A 1129 -39.04 18.69 -14.62
N VAL A 1130 -39.40 17.41 -14.60
CA VAL A 1130 -38.55 16.32 -14.12
C VAL A 1130 -38.68 15.15 -15.08
N VAL A 1131 -37.55 14.66 -15.60
CA VAL A 1131 -37.55 13.49 -16.47
C VAL A 1131 -36.41 12.55 -16.10
N ASN A 1132 -36.63 11.26 -16.28
CA ASN A 1132 -35.63 10.25 -15.90
C ASN A 1132 -34.44 10.28 -16.87
N ALA A 1133 -33.32 9.72 -16.41
CA ALA A 1133 -32.11 9.52 -17.19
C ALA A 1133 -31.51 8.20 -16.72
N PRO A 1134 -30.83 7.45 -17.60
CA PRO A 1134 -30.43 6.08 -17.26
C PRO A 1134 -29.50 5.96 -16.06
N ASN A 1135 -28.79 7.03 -15.70
CA ASN A 1135 -28.09 7.09 -14.43
C ASN A 1135 -28.87 7.88 -13.39
N GLY A 1136 -29.53 8.97 -13.79
CA GLY A 1136 -30.10 9.85 -12.80
C GLY A 1136 -31.41 10.51 -13.14
N LEU A 1137 -31.54 11.79 -12.82
CA LEU A 1137 -32.82 12.46 -12.95
C LEU A 1137 -32.57 13.91 -13.30
N TYR A 1138 -33.34 14.42 -14.27
CA TYR A 1138 -32.98 15.58 -15.06
C TYR A 1138 -34.04 16.64 -14.85
N PHE A 1139 -33.60 17.85 -14.47
CA PHE A 1139 -34.45 18.87 -13.87
C PHE A 1139 -34.33 20.13 -14.72
N MET A 1140 -35.45 20.75 -15.05
CA MET A 1140 -35.41 22.11 -15.54
C MET A 1140 -36.44 22.99 -14.83
N HIS A 1141 -36.04 24.23 -14.59
CA HIS A 1141 -36.78 25.16 -13.73
C HIS A 1141 -36.99 26.45 -14.51
N VAL A 1142 -38.22 26.71 -14.92
CA VAL A 1142 -38.54 27.96 -15.59
C VAL A 1142 -38.93 28.99 -14.53
N GLY A 1143 -38.25 30.14 -14.54
CA GLY A 1143 -38.44 31.13 -13.52
C GLY A 1143 -38.51 32.54 -14.08
N TYR A 1144 -39.07 33.43 -13.26
CA TYR A 1144 -39.19 34.84 -13.61
C TYR A 1144 -37.82 35.49 -13.66
N TYR A 1145 -37.55 36.18 -14.77
CA TYR A 1145 -36.27 36.85 -14.98
C TYR A 1145 -36.52 38.32 -15.23
N PRO A 1146 -36.25 39.20 -14.28
CA PRO A 1146 -36.56 40.62 -14.46
C PRO A 1146 -35.59 41.30 -15.43
N SER A 1147 -36.04 42.44 -15.95
CA SER A 1147 -35.25 43.24 -16.88
C SER A 1147 -35.80 44.65 -16.89
N ASN A 1148 -35.03 45.57 -17.45
CA ASN A 1148 -35.35 46.99 -17.56
C ASN A 1148 -35.70 47.58 -16.19
N HIS A 1149 -34.68 47.57 -15.34
CA HIS A 1149 -34.68 48.23 -14.05
C HIS A 1149 -34.95 49.73 -14.19
N ILE A 1150 -35.50 50.32 -13.12
CA ILE A 1150 -35.70 51.77 -13.06
C ILE A 1150 -35.76 52.15 -11.59
N GLU A 1151 -35.52 53.43 -11.31
CA GLU A 1151 -35.60 53.98 -9.97
C GLU A 1151 -36.86 54.83 -9.86
N VAL A 1152 -37.64 54.58 -8.81
CA VAL A 1152 -38.89 55.28 -8.56
C VAL A 1152 -38.85 55.74 -7.10
N VAL A 1153 -39.95 56.32 -6.61
CA VAL A 1153 -40.01 56.82 -5.24
C VAL A 1153 -41.00 55.96 -4.46
N SER A 1154 -40.64 55.63 -3.22
CA SER A 1154 -41.44 54.75 -2.38
C SER A 1154 -41.18 55.09 -0.92
N ALA A 1155 -42.05 54.59 -0.05
CA ALA A 1155 -41.92 54.81 1.37
C ALA A 1155 -42.50 53.60 2.10
N TYR A 1156 -42.71 53.73 3.41
CA TYR A 1156 -43.25 52.66 4.23
C TYR A 1156 -44.77 52.67 4.30
N GLY A 1157 -45.40 53.80 4.04
CA GLY A 1157 -46.84 53.91 4.16
C GLY A 1157 -47.22 55.32 4.53
N LEU A 1158 -48.50 55.47 4.87
CA LEU A 1158 -49.07 56.78 5.15
C LEU A 1158 -49.68 56.82 6.54
N CYS A 1159 -49.47 57.94 7.23
CA CYS A 1159 -50.23 58.30 8.42
C CYS A 1159 -51.04 59.54 8.08
N ASP A 1160 -52.36 59.43 8.25
CA ASP A 1160 -53.26 60.50 7.85
C ASP A 1160 -53.09 61.73 8.74
N ALA A 1161 -53.23 62.90 8.13
CA ALA A 1161 -53.22 64.14 8.89
C ALA A 1161 -54.39 64.20 9.86
N ALA A 1162 -55.57 63.79 9.41
CA ALA A 1162 -56.72 63.73 10.30
C ALA A 1162 -56.67 62.52 11.21
N ASN A 1163 -56.08 61.41 10.76
CA ASN A 1163 -56.05 60.16 11.53
C ASN A 1163 -54.62 59.64 11.59
N PRO A 1164 -53.77 60.20 12.46
CA PRO A 1164 -52.41 59.65 12.63
C PRO A 1164 -52.38 58.33 13.37
N THR A 1165 -53.51 57.85 13.89
CA THR A 1165 -53.55 56.52 14.47
C THR A 1165 -53.76 55.45 13.40
N ASN A 1166 -54.70 55.69 12.49
CA ASN A 1166 -54.92 54.77 11.38
C ASN A 1166 -53.80 54.93 10.37
N CYS A 1167 -52.86 53.99 10.36
CA CYS A 1167 -51.75 54.02 9.44
C CYS A 1167 -51.56 52.64 8.82
N ILE A 1168 -50.99 52.62 7.63
CA ILE A 1168 -51.08 51.49 6.71
C ILE A 1168 -49.69 51.06 6.28
N ALA A 1169 -49.60 49.82 5.80
CA ALA A 1169 -48.32 49.31 5.29
C ALA A 1169 -48.57 48.31 4.16
N PRO A 1170 -47.96 48.51 3.00
CA PRO A 1170 -48.26 47.65 1.85
C PRO A 1170 -47.74 46.22 2.05
N VAL A 1171 -48.54 45.25 1.61
CA VAL A 1171 -48.18 43.85 1.63
C VAL A 1171 -48.31 43.29 0.22
N ASN A 1172 -47.42 42.36 -0.12
CA ASN A 1172 -47.28 41.81 -1.47
C ASN A 1172 -47.07 42.90 -2.51
N GLY A 1173 -46.32 43.93 -2.15
CA GLY A 1173 -46.15 45.07 -3.04
C GLY A 1173 -45.71 46.29 -2.26
N TYR A 1174 -45.58 47.38 -3.01
CA TYR A 1174 -45.07 48.64 -2.46
C TYR A 1174 -45.95 49.81 -2.89
N PHE A 1175 -45.75 50.93 -2.20
CA PHE A 1175 -46.42 52.18 -2.50
C PHE A 1175 -45.56 53.06 -3.39
N ILE A 1176 -46.16 53.62 -4.43
CA ILE A 1176 -45.44 54.44 -5.41
C ILE A 1176 -46.15 55.78 -5.52
N LYS A 1177 -45.43 56.85 -5.25
CA LYS A 1177 -45.91 58.18 -5.63
C LYS A 1177 -45.61 58.40 -7.10
N THR A 1178 -46.63 58.75 -7.86
CA THR A 1178 -46.49 58.83 -9.31
C THR A 1178 -47.50 59.81 -9.87
N ASN A 1179 -47.27 60.19 -11.12
CA ASN A 1179 -48.14 61.08 -11.88
C ASN A 1179 -49.18 60.25 -12.64
N ASN A 1180 -50.31 60.87 -12.95
CA ASN A 1180 -51.37 60.18 -13.67
C ASN A 1180 -51.14 60.26 -15.18
N GLU A 1186 -49.53 60.89 -6.59
CA GLU A 1186 -50.55 59.87 -6.38
C GLU A 1186 -49.92 58.56 -5.95
N TRP A 1187 -50.24 58.10 -4.75
CA TRP A 1187 -49.71 56.84 -4.25
C TRP A 1187 -50.55 55.67 -4.79
N SER A 1188 -49.85 54.63 -5.23
CA SER A 1188 -50.49 53.48 -5.86
C SER A 1188 -49.75 52.23 -5.41
N TYR A 1189 -50.30 51.08 -5.80
CA TYR A 1189 -49.86 49.77 -5.32
C TYR A 1189 -49.16 49.03 -6.48
N THR A 1190 -47.85 48.87 -6.39
CA THR A 1190 -47.11 48.06 -7.34
C THR A 1190 -46.71 46.74 -6.70
N GLY A 1191 -46.25 45.82 -7.54
CA GLY A 1191 -45.87 44.50 -7.06
C GLY A 1191 -44.58 44.51 -6.27
N SER A 1192 -44.34 43.40 -5.58
CA SER A 1192 -43.14 43.24 -4.76
C SER A 1192 -41.89 43.02 -5.59
N SER A 1193 -42.02 42.64 -6.86
CA SER A 1193 -40.85 42.42 -7.69
C SER A 1193 -40.98 43.00 -9.09
N PHE A 1194 -42.11 43.60 -9.46
CA PHE A 1194 -42.29 44.13 -10.80
C PHE A 1194 -43.03 45.45 -10.75
N TYR A 1195 -42.77 46.29 -11.75
CA TYR A 1195 -43.49 47.54 -11.92
C TYR A 1195 -44.88 47.26 -12.45
N ALA A 1196 -45.81 47.00 -11.53
CA ALA A 1196 -47.22 46.76 -11.87
C ALA A 1196 -48.09 47.63 -10.98
N PRO A 1197 -48.09 48.94 -11.20
CA PRO A 1197 -48.85 49.83 -10.32
C PRO A 1197 -50.35 49.71 -10.57
N GLU A 1198 -51.12 49.88 -9.51
CA GLU A 1198 -52.57 49.92 -9.60
C GLU A 1198 -53.07 50.82 -8.48
N PRO A 1199 -54.18 51.53 -8.68
CA PRO A 1199 -54.65 52.48 -7.65
C PRO A 1199 -55.05 51.75 -6.37
N ILE A 1200 -54.62 52.31 -5.23
CA ILE A 1200 -54.57 51.55 -3.99
C ILE A 1200 -55.97 51.15 -3.53
N THR A 1201 -56.12 49.89 -3.16
CA THR A 1201 -57.40 49.29 -2.81
C THR A 1201 -57.36 48.84 -1.34
N SER A 1202 -58.42 48.13 -0.95
CA SER A 1202 -58.56 47.67 0.44
C SER A 1202 -58.18 46.22 0.64
N LEU A 1203 -57.67 45.53 -0.38
CA LEU A 1203 -57.32 44.12 -0.28
C LEU A 1203 -55.84 43.88 -0.57
N ASN A 1204 -54.99 44.87 -0.32
CA ASN A 1204 -53.58 44.77 -0.67
C ASN A 1204 -52.65 45.45 0.33
N THR A 1205 -53.09 45.73 1.56
CA THR A 1205 -52.33 46.54 2.49
C THR A 1205 -52.79 46.23 3.91
N LYS A 1206 -51.85 46.06 4.84
CA LYS A 1206 -52.24 45.82 6.23
C LYS A 1206 -52.50 47.15 6.93
N TYR A 1207 -53.36 47.08 7.96
CA TYR A 1207 -54.08 48.21 8.52
C TYR A 1207 -53.63 48.53 9.94
N VAL A 1208 -52.36 48.28 10.26
CA VAL A 1208 -52.03 47.94 11.64
C VAL A 1208 -51.75 49.13 12.58
N ALA A 1209 -50.77 49.98 12.30
CA ALA A 1209 -50.28 50.84 13.38
C ALA A 1209 -49.46 52.01 12.85
N PRO A 1210 -49.32 53.10 13.62
CA PRO A 1210 -48.40 54.16 13.23
C PRO A 1210 -46.98 53.94 13.73
N GLN A 1211 -46.03 54.29 12.87
CA GLN A 1211 -44.67 54.56 13.30
C GLN A 1211 -44.46 56.08 13.29
N VAL A 1212 -43.23 56.50 13.57
CA VAL A 1212 -42.95 57.93 13.66
C VAL A 1212 -42.43 58.41 12.31
N THR A 1213 -42.18 57.47 11.38
CA THR A 1213 -41.64 57.82 10.08
C THR A 1213 -42.55 57.49 8.90
N TYR A 1214 -43.83 57.23 9.11
CA TYR A 1214 -44.76 57.13 7.99
C TYR A 1214 -44.98 58.51 7.38
N GLN A 1215 -45.41 58.54 6.13
CA GLN A 1215 -45.63 59.80 5.46
C GLN A 1215 -47.03 60.34 5.77
N ASN A 1216 -47.26 61.59 5.37
CA ASN A 1216 -48.55 62.25 5.53
C ASN A 1216 -49.14 62.60 4.16
N ILE A 1217 -50.46 62.76 4.13
CA ILE A 1217 -51.14 63.36 2.99
C ILE A 1217 -52.46 63.94 3.49
N SER A 1218 -52.89 65.03 2.86
CA SER A 1218 -54.13 65.70 3.26
C SER A 1218 -54.93 66.18 2.07
N THR A 1219 -55.03 65.36 1.02
CA THR A 1219 -55.79 65.78 -0.16
C THR A 1219 -56.85 64.75 -0.56
N ASN A 1220 -56.57 63.47 -0.34
CA ASN A 1220 -57.51 62.39 -0.67
C ASN A 1220 -57.30 61.25 0.31
N LEU A 1221 -58.36 60.81 0.96
CA LEU A 1221 -58.22 59.68 1.87
C LEU A 1221 -58.28 58.37 1.08
N PRO A 1222 -57.36 57.44 1.36
CA PRO A 1222 -57.46 56.11 0.75
C PRO A 1222 -58.69 55.38 1.28
N PRO A 1223 -59.24 54.46 0.51
CA PRO A 1223 -60.41 53.68 0.97
C PRO A 1223 -60.10 52.83 2.20
N PRO A 1224 -58.86 52.32 2.40
CA PRO A 1224 -58.53 51.84 3.76
C PRO A 1224 -58.65 52.90 4.83
N LEU A 1225 -58.27 54.14 4.53
CA LEU A 1225 -58.43 55.21 5.51
C LEU A 1225 -59.86 55.66 5.61
N LEU A 1226 -60.62 55.53 4.52
CA LEU A 1226 -62.03 55.89 4.52
C LEU A 1226 -62.84 54.85 5.29
N VAL B 22 56.42 -0.33 19.95
CA VAL B 22 57.57 0.16 20.70
C VAL B 22 57.25 1.51 21.35
N ASP B 23 57.97 1.84 22.41
CA ASP B 23 57.74 3.08 23.14
C ASP B 23 59.10 3.55 23.69
N VAL B 24 59.10 4.73 24.30
CA VAL B 24 60.32 5.29 24.90
C VAL B 24 60.07 5.52 26.38
N GLY B 25 59.23 4.68 26.99
CA GLY B 25 58.89 4.80 28.38
C GLY B 25 59.81 3.99 29.28
N PRO B 26 60.62 4.68 30.08
CA PRO B 26 61.55 3.98 30.97
C PRO B 26 60.86 3.52 32.24
N ASP B 27 61.38 2.44 32.82
CA ASP B 27 60.85 1.91 34.07
C ASP B 27 61.21 2.84 35.22
N SER B 28 60.68 2.54 36.40
CA SER B 28 60.74 3.47 37.52
C SER B 28 61.60 2.95 38.66
N VAL B 29 61.53 3.62 39.81
CA VAL B 29 62.47 3.51 40.92
C VAL B 29 62.63 2.10 41.45
N LYS B 30 61.56 1.51 41.97
CA LYS B 30 61.68 0.25 42.70
C LYS B 30 60.46 -0.62 42.50
N SER B 31 60.67 -1.93 42.59
CA SER B 31 59.57 -2.89 42.74
C SER B 31 59.41 -3.22 44.23
N ALA B 32 59.24 -2.16 45.01
CA ALA B 32 59.00 -2.28 46.45
C ALA B 32 57.86 -1.32 46.78
N CYS B 33 56.62 -1.80 46.64
CA CYS B 33 55.46 -0.94 46.75
C CYS B 33 55.20 -0.57 48.21
N ILE B 34 54.59 0.60 48.40
CA ILE B 34 54.28 1.10 49.73
C ILE B 34 53.06 0.37 50.26
N GLU B 35 52.84 0.46 51.58
CA GLU B 35 51.77 -0.28 52.23
C GLU B 35 50.41 0.27 51.84
N VAL B 36 49.48 -0.63 51.50
CA VAL B 36 48.14 -0.28 51.05
C VAL B 36 47.13 -0.93 51.99
N ASP B 37 46.18 -0.14 52.47
CA ASP B 37 45.12 -0.63 53.34
C ASP B 37 43.80 -0.70 52.57
N ILE B 38 42.76 -1.14 53.25
CA ILE B 38 41.38 -1.13 52.74
C ILE B 38 40.52 -0.51 53.83
N GLN B 39 40.08 0.72 53.62
CA GLN B 39 39.36 1.49 54.64
C GLN B 39 38.13 2.14 54.03
N GLN B 40 37.31 1.33 53.35
CA GLN B 40 36.04 1.79 52.81
C GLN B 40 35.01 2.11 53.91
N THR B 41 35.29 1.72 55.16
CA THR B 41 34.38 2.02 56.25
C THR B 41 34.25 3.52 56.49
N PHE B 42 35.35 4.25 56.33
CA PHE B 42 35.29 5.71 56.46
C PHE B 42 34.54 6.35 55.30
N PHE B 43 34.51 5.69 54.14
CA PHE B 43 33.94 6.25 52.92
C PHE B 43 32.42 6.35 52.95
N ASP B 44 31.74 5.82 53.97
CA ASP B 44 30.29 5.73 53.94
C ASP B 44 29.63 7.08 54.15
N LYS B 45 29.54 7.86 53.08
CA LYS B 45 28.68 9.05 53.04
C LYS B 45 28.21 9.20 51.60
N THR B 46 27.05 8.65 51.30
CA THR B 46 26.57 8.56 49.93
C THR B 46 26.07 9.91 49.43
N TRP B 47 26.48 10.29 48.22
CA TRP B 47 26.02 11.52 47.59
C TRP B 47 25.59 11.25 46.16
N PRO B 48 24.40 10.66 45.96
CA PRO B 48 23.92 10.47 44.59
C PRO B 48 23.22 11.71 44.06
N ARG B 49 23.74 12.25 42.96
CA ARG B 49 23.19 13.45 42.32
C ARG B 49 22.76 13.07 40.92
N PRO B 50 21.48 12.76 40.72
CA PRO B 50 21.01 12.34 39.40
C PRO B 50 21.08 13.47 38.38
N ILE B 51 21.19 13.07 37.12
CA ILE B 51 21.15 14.01 36.00
C ILE B 51 19.68 14.33 35.71
N ASP B 52 19.42 15.58 35.35
CA ASP B 52 18.11 15.97 34.85
C ASP B 52 18.35 16.45 33.41
N VAL B 53 17.91 15.62 32.45
CA VAL B 53 18.20 15.86 31.04
C VAL B 53 17.50 17.12 30.56
N SER B 54 16.38 17.49 31.19
CA SER B 54 15.70 18.73 30.85
C SER B 54 16.54 19.96 31.17
N LYS B 55 17.47 19.84 32.11
CA LYS B 55 18.46 20.87 32.38
C LYS B 55 19.69 20.76 31.50
N ALA B 56 19.65 19.86 30.50
CA ALA B 56 20.78 19.58 29.60
C ALA B 56 22.02 19.14 30.38
N ASP B 57 21.88 18.03 31.08
CA ASP B 57 22.95 17.46 31.91
C ASP B 57 23.41 16.15 31.29
N GLY B 58 24.62 16.15 30.73
CA GLY B 58 25.23 14.92 30.26
C GLY B 58 24.60 14.31 29.02
N ILE B 59 24.76 14.96 27.87
CA ILE B 59 24.22 14.49 26.60
C ILE B 59 25.36 14.37 25.60
N ILE B 60 25.41 13.24 24.90
CA ILE B 60 26.41 13.06 23.86
C ILE B 60 26.12 13.99 22.68
N TYR B 61 27.19 14.62 22.14
CA TYR B 61 26.98 15.46 20.96
C TYR B 61 26.93 14.61 19.69
N PRO B 62 26.17 15.04 18.69
CA PRO B 62 26.18 14.36 17.40
C PRO B 62 27.54 14.47 16.72
N GLN B 63 27.82 13.50 15.85
CA GLN B 63 29.16 13.31 15.32
C GLN B 63 29.57 14.45 14.38
N GLY B 64 28.71 14.78 13.42
CA GLY B 64 29.08 15.78 12.44
C GLY B 64 27.94 16.67 11.96
N ARG B 65 26.80 16.63 12.64
CA ARG B 65 25.60 17.30 12.17
C ARG B 65 24.85 17.92 13.35
N THR B 66 24.78 19.24 13.37
CA THR B 66 23.95 19.97 14.33
C THR B 66 23.07 20.95 13.57
N TYR B 67 21.94 21.30 14.18
CA TYR B 67 20.95 22.14 13.52
C TYR B 67 20.51 23.26 14.45
N SER B 68 19.46 23.99 14.08
CA SER B 68 19.04 25.14 14.87
C SER B 68 17.53 25.23 14.92
N ASN B 69 17.02 25.67 16.08
CA ASN B 69 15.63 26.09 16.29
C ASN B 69 14.62 24.97 16.03
N ILE B 70 15.01 23.72 16.25
CA ILE B 70 14.16 22.57 15.92
C ILE B 70 14.16 21.61 17.11
N THR B 71 12.97 21.14 17.49
CA THR B 71 12.83 20.05 18.43
C THR B 71 12.58 18.77 17.65
N ILE B 72 13.45 17.78 17.86
CA ILE B 72 13.39 16.52 17.11
C ILE B 72 14.07 15.44 17.92
N THR B 73 13.60 14.19 17.76
CA THR B 73 14.08 13.06 18.54
C THR B 73 15.22 12.37 17.79
N TYR B 74 16.21 11.88 18.54
CA TYR B 74 17.39 11.22 18.01
C TYR B 74 17.52 9.84 18.62
N GLN B 75 17.89 8.87 17.80
CA GLN B 75 18.16 7.51 18.25
C GLN B 75 19.64 7.37 18.56
N GLY B 76 19.96 6.86 19.75
CA GLY B 76 21.35 6.72 20.10
C GLY B 76 21.53 5.93 21.39
N LEU B 77 22.72 6.06 21.96
CA LEU B 77 23.04 5.50 23.26
C LEU B 77 22.94 6.62 24.30
N PHE B 78 22.05 6.44 25.26
CA PHE B 78 21.57 7.45 26.21
C PHE B 78 21.50 6.85 27.60
N PRO B 79 21.61 7.66 28.64
CA PRO B 79 21.36 7.17 30.00
C PRO B 79 19.90 7.33 30.39
N TYR B 80 19.54 6.72 31.52
CA TYR B 80 18.20 6.85 32.06
C TYR B 80 18.06 8.18 32.80
N GLN B 81 16.90 8.39 33.42
CA GLN B 81 16.60 9.60 34.17
C GLN B 81 16.48 9.28 35.65
N GLY B 82 16.96 10.19 36.49
CA GLY B 82 16.94 9.96 37.93
C GLY B 82 17.87 8.86 38.39
N ASP B 83 19.05 8.77 37.80
CA ASP B 83 19.99 7.69 38.12
C ASP B 83 20.85 8.08 39.31
N HIS B 84 20.92 7.21 40.31
CA HIS B 84 21.83 7.44 41.44
C HIS B 84 23.27 7.44 40.97
N GLY B 85 23.62 6.55 40.06
CA GLY B 85 24.94 6.55 39.47
C GLY B 85 25.93 5.68 40.20
N ASP B 86 27.20 5.92 39.92
CA ASP B 86 28.34 5.23 40.51
C ASP B 86 29.33 6.25 41.04
N MET B 87 28.81 7.19 41.84
CA MET B 87 29.65 8.21 42.48
C MET B 87 30.66 7.57 43.42
N TYR B 88 31.90 8.02 43.31
CA TYR B 88 32.94 7.67 44.27
C TYR B 88 33.75 8.93 44.54
N VAL B 89 34.55 8.89 45.61
CA VAL B 89 35.34 10.04 46.03
C VAL B 89 36.74 9.56 46.39
N TYR B 90 37.71 10.46 46.23
CA TYR B 90 39.11 10.16 46.51
C TYR B 90 39.62 11.05 47.64
N SER B 91 40.48 10.47 48.48
CA SER B 91 41.00 11.16 49.64
C SER B 91 42.50 10.88 49.77
N ALA B 92 43.16 11.68 50.60
CA ALA B 92 44.57 11.50 50.87
C ALA B 92 44.79 10.31 51.79
N GLY B 93 46.03 9.84 51.83
CA GLY B 93 46.39 8.76 52.72
C GLY B 93 46.48 9.22 54.17
N HIS B 94 46.64 8.25 55.05
CA HIS B 94 46.87 8.56 56.46
C HIS B 94 48.22 9.25 56.63
N ALA B 95 48.23 10.33 57.41
CA ALA B 95 49.43 11.14 57.58
C ALA B 95 49.41 11.76 58.96
N THR B 96 50.58 11.84 59.59
CA THR B 96 50.74 12.45 60.91
C THR B 96 51.44 13.78 60.72
N GLY B 97 50.71 14.88 60.92
CA GLY B 97 51.26 16.20 60.77
C GLY B 97 51.65 16.51 59.33
N THR B 98 52.95 16.58 59.07
CA THR B 98 53.48 16.82 57.75
C THR B 98 54.17 15.60 57.17
N THR B 99 53.94 14.43 57.74
CA THR B 99 54.61 13.20 57.30
C THR B 99 53.62 12.31 56.56
N PRO B 100 53.75 12.14 55.24
CA PRO B 100 52.84 11.24 54.52
C PRO B 100 53.12 9.77 54.85
N GLN B 101 52.25 9.19 55.64
CA GLN B 101 52.39 7.81 56.12
C GLN B 101 51.65 6.87 55.17
N LYS B 102 51.39 5.65 55.64
CA LYS B 102 50.61 4.64 54.92
C LYS B 102 49.31 5.22 54.37
N LEU B 103 48.88 4.69 53.22
CA LEU B 103 47.81 5.29 52.44
C LEU B 103 46.45 5.05 53.09
N PHE B 104 45.41 5.53 52.41
CA PHE B 104 44.03 5.41 52.90
C PHE B 104 43.14 5.35 51.66
N VAL B 105 42.70 4.15 51.30
CA VAL B 105 41.82 3.94 50.15
C VAL B 105 40.70 3.00 50.57
N ALA B 106 39.74 2.83 49.65
CA ALA B 106 38.55 2.04 49.89
C ALA B 106 38.68 0.68 49.22
N ASN B 107 37.56 -0.06 49.17
CA ASN B 107 37.55 -1.38 48.55
C ASN B 107 37.31 -1.29 47.05
N TYR B 108 37.37 -0.07 46.50
CA TYR B 108 36.92 0.22 45.14
C TYR B 108 37.80 -0.46 44.10
N SER B 109 39.03 -0.81 44.48
CA SER B 109 39.90 -1.61 43.64
C SER B 109 39.40 -3.04 43.46
N GLN B 110 38.55 -3.53 44.35
CA GLN B 110 38.06 -4.89 44.30
C GLN B 110 36.71 -5.00 43.61
N ASP B 111 36.28 -3.96 42.90
CA ASP B 111 34.97 -3.93 42.25
C ASP B 111 35.15 -3.70 40.77
N VAL B 112 34.40 -4.43 39.96
CA VAL B 112 34.47 -4.33 38.50
C VAL B 112 33.06 -4.17 37.95
N LYS B 113 32.94 -3.43 36.85
CA LYS B 113 31.67 -3.15 36.23
C LYS B 113 31.75 -3.46 34.74
N GLN B 114 30.58 -3.73 34.14
CA GLN B 114 30.51 -4.00 32.71
C GLN B 114 30.54 -2.69 31.94
N PHE B 115 31.35 -2.66 30.87
CA PHE B 115 31.51 -1.44 30.08
C PHE B 115 30.22 -1.10 29.34
N ALA B 116 29.53 -2.12 28.82
CA ALA B 116 28.27 -2.01 28.05
C ALA B 116 28.55 -1.14 26.81
N ASN B 117 27.79 -0.06 26.59
CA ASN B 117 27.96 0.80 25.43
C ASN B 117 28.77 2.04 25.74
N GLY B 118 29.47 2.06 26.87
CA GLY B 118 30.15 3.24 27.35
C GLY B 118 29.57 3.74 28.65
N PHE B 119 30.16 4.82 29.14
CA PHE B 119 29.67 5.45 30.37
C PHE B 119 30.11 6.91 30.39
N VAL B 120 29.44 7.69 31.23
CA VAL B 120 29.69 9.12 31.33
C VAL B 120 30.04 9.48 32.77
N VAL B 121 30.98 10.40 32.92
CA VAL B 121 31.50 10.82 34.22
C VAL B 121 31.39 12.33 34.34
N ARG B 122 30.68 12.78 35.37
CA ARG B 122 30.66 14.18 35.75
C ARG B 122 31.86 14.49 36.64
N ILE B 123 32.54 15.60 36.36
CA ILE B 123 33.79 15.96 37.00
C ILE B 123 33.59 17.26 37.76
N GLY B 124 34.01 17.28 39.02
CA GLY B 124 33.96 18.49 39.82
C GLY B 124 32.57 18.93 40.22
N ALA B 125 31.64 17.98 40.38
CA ALA B 125 30.25 18.30 40.68
C ALA B 125 30.06 18.91 42.06
N ALA B 126 31.04 18.78 42.95
CA ALA B 126 30.96 19.38 44.28
C ALA B 126 31.82 20.63 44.44
N ALA B 127 32.29 21.21 43.34
CA ALA B 127 33.18 22.35 43.40
C ALA B 127 32.42 23.62 43.81
N ASN B 128 33.19 24.69 44.05
CA ASN B 128 32.69 25.98 44.53
C ASN B 128 31.89 25.82 45.82
N SER B 129 32.42 25.00 46.72
CA SER B 129 31.74 24.69 47.98
C SER B 129 32.78 24.34 49.02
N THR B 130 32.31 24.16 50.26
CA THR B 130 33.17 23.80 51.39
C THR B 130 32.58 22.57 52.07
N GLY B 131 33.44 21.59 52.34
CA GLY B 131 32.98 20.35 52.96
C GLY B 131 34.03 19.78 53.89
N THR B 132 33.59 18.84 54.72
CA THR B 132 34.47 18.23 55.68
C THR B 132 35.37 17.20 55.01
N VAL B 133 36.44 16.84 55.72
CA VAL B 133 37.39 15.84 55.24
C VAL B 133 36.93 14.47 55.74
N ILE B 134 37.07 13.45 54.90
CA ILE B 134 36.50 12.15 55.25
C ILE B 134 37.43 11.36 56.15
N ILE B 135 38.75 11.59 56.05
CA ILE B 135 39.68 10.89 56.94
C ILE B 135 39.78 11.64 58.28
N SER B 136 39.53 12.94 58.26
CA SER B 136 39.49 13.78 59.48
C SER B 136 38.12 14.44 59.51
N PRO B 137 37.13 13.81 60.16
CA PRO B 137 35.74 14.30 60.07
C PRO B 137 35.51 15.70 60.60
N SER B 138 36.25 16.13 61.62
CA SER B 138 36.09 17.48 62.13
C SER B 138 36.72 18.51 61.20
N THR B 139 37.78 18.13 60.49
CA THR B 139 38.46 19.06 59.59
C THR B 139 37.62 19.30 58.35
N SER B 140 37.47 20.58 57.98
CA SER B 140 36.73 20.97 56.80
C SER B 140 37.56 21.95 55.98
N ALA B 141 37.39 21.89 54.66
CA ALA B 141 38.13 22.74 53.75
C ALA B 141 37.34 22.87 52.45
N THR B 142 37.89 23.62 51.50
CA THR B 142 37.23 23.79 50.21
C THR B 142 37.28 22.49 49.41
N ILE B 143 36.26 22.32 48.57
CA ILE B 143 36.10 21.10 47.79
C ILE B 143 36.75 21.33 46.42
N ARG B 144 37.65 20.41 46.04
CA ARG B 144 38.58 20.63 44.94
C ARG B 144 38.37 19.60 43.85
N LYS B 145 38.33 20.05 42.59
CA LYS B 145 38.17 19.15 41.46
C LYS B 145 39.50 18.49 41.13
N ILE B 146 39.47 17.16 40.97
CA ILE B 146 40.64 16.39 40.53
C ILE B 146 40.18 15.43 39.44
N TYR B 147 40.91 15.40 38.31
CA TYR B 147 40.57 14.52 37.21
C TYR B 147 40.94 13.07 37.52
N PRO B 148 40.06 12.12 37.22
CA PRO B 148 40.27 10.74 37.65
C PRO B 148 40.93 9.85 36.61
N ALA B 149 41.42 8.71 37.09
CA ALA B 149 42.08 7.71 36.26
C ALA B 149 41.07 6.69 35.74
N PHE B 150 41.53 5.85 34.81
CA PHE B 150 40.68 4.84 34.18
C PHE B 150 41.52 3.63 33.80
N MET B 151 40.96 2.43 33.99
CA MET B 151 41.55 1.23 33.41
C MET B 151 40.43 0.37 32.85
N LEU B 152 40.70 -0.26 31.70
CA LEU B 152 39.66 -0.95 30.95
C LEU B 152 40.24 -2.20 30.28
N GLY B 153 39.47 -3.28 30.28
CA GLY B 153 39.85 -4.51 29.62
C GLY B 153 38.71 -5.51 29.66
N SER B 154 38.87 -6.57 28.86
CA SER B 154 37.81 -7.55 28.67
C SER B 154 37.97 -8.79 29.55
N SER B 155 39.18 -9.18 29.90
CA SER B 155 39.44 -10.42 30.62
C SER B 155 39.75 -10.10 32.09
N VAL B 156 39.15 -10.87 32.98
CA VAL B 156 39.31 -10.69 34.43
C VAL B 156 40.06 -11.89 34.98
N GLY B 157 41.12 -11.62 35.76
CA GLY B 157 41.91 -12.67 36.37
C GLY B 157 42.20 -12.38 37.82
N ASN B 158 42.73 -13.39 38.50
CA ASN B 158 43.02 -13.28 39.92
C ASN B 158 44.35 -12.55 40.17
N PHE B 159 44.49 -12.02 41.38
CA PHE B 159 45.72 -11.40 41.83
C PHE B 159 46.69 -12.46 42.34
N SER B 160 47.77 -12.02 42.98
CA SER B 160 48.70 -12.97 43.62
C SER B 160 48.06 -13.66 44.81
N ASP B 161 47.19 -12.96 45.54
CA ASP B 161 46.52 -13.53 46.71
C ASP B 161 45.14 -14.08 46.37
N GLY B 162 44.77 -14.14 45.10
CA GLY B 162 43.50 -14.70 44.69
C GLY B 162 42.37 -13.72 44.51
N LYS B 163 42.58 -12.44 44.83
CA LYS B 163 41.53 -11.44 44.61
C LYS B 163 41.36 -11.17 43.12
N MET B 164 40.12 -10.91 42.71
CA MET B 164 39.84 -10.63 41.31
C MET B 164 40.35 -9.23 40.94
N GLY B 165 40.46 -8.99 39.64
CA GLY B 165 40.81 -7.66 39.17
C GLY B 165 41.94 -7.60 38.18
N ARG B 166 42.73 -8.67 38.06
CA ARG B 166 43.85 -8.68 37.14
C ARG B 166 43.33 -8.78 35.72
N PHE B 167 43.80 -7.89 34.84
CA PHE B 167 43.31 -7.80 33.48
C PHE B 167 44.41 -8.27 32.54
N PHE B 168 44.07 -9.20 31.66
CA PHE B 168 45.05 -9.88 30.82
C PHE B 168 45.20 -9.19 29.47
N ASN B 169 46.34 -9.45 28.84
CA ASN B 169 46.75 -8.92 27.53
C ASN B 169 46.72 -7.40 27.59
N HIS B 170 46.41 -6.76 26.45
CA HIS B 170 46.44 -5.31 26.37
C HIS B 170 45.33 -4.70 27.22
N THR B 171 45.67 -3.62 27.92
CA THR B 171 44.76 -2.94 28.83
C THR B 171 44.82 -1.45 28.53
N LEU B 172 43.65 -0.81 28.50
CA LEU B 172 43.51 0.58 28.14
C LEU B 172 43.46 1.41 29.41
N VAL B 173 44.50 2.19 29.66
CA VAL B 173 44.68 2.90 30.92
C VAL B 173 44.88 4.38 30.61
N LEU B 174 44.14 5.22 31.36
CA LEU B 174 44.17 6.68 31.21
C LEU B 174 44.54 7.33 32.54
N LEU B 175 45.58 8.15 32.52
CA LEU B 175 45.98 8.98 33.64
C LEU B 175 46.03 10.46 33.28
N PRO B 176 45.29 11.31 33.98
CA PRO B 176 45.63 12.72 34.03
C PRO B 176 46.85 12.95 34.91
N ASP B 177 47.59 14.00 34.60
CA ASP B 177 48.86 14.27 35.26
C ASP B 177 49.14 15.76 35.21
N GLY B 178 50.05 16.20 36.07
CA GLY B 178 50.34 17.62 36.21
C GLY B 178 49.12 18.39 36.67
N CYS B 179 48.53 17.95 37.78
CA CYS B 179 47.26 18.43 38.33
C CYS B 179 46.11 18.28 37.33
N GLY B 180 46.14 17.24 36.50
CA GLY B 180 45.04 16.92 35.62
C GLY B 180 45.15 17.44 34.21
N THR B 181 46.24 18.13 33.86
CA THR B 181 46.37 18.67 32.50
C THR B 181 46.61 17.56 31.49
N LEU B 182 47.62 16.75 31.71
CA LEU B 182 47.99 15.66 30.81
C LEU B 182 46.97 14.53 30.91
N LEU B 183 46.73 13.86 29.80
CA LEU B 183 45.75 12.77 29.70
C LEU B 183 46.37 11.57 29.02
N ARG B 184 47.50 11.11 29.55
CA ARG B 184 48.26 10.04 28.92
C ARG B 184 47.48 8.74 28.94
N ALA B 185 47.44 8.08 27.79
CA ALA B 185 46.63 6.88 27.61
C ALA B 185 47.44 5.83 26.85
N PHE B 186 47.18 4.56 27.19
CA PHE B 186 47.88 3.48 26.51
C PHE B 186 47.08 2.19 26.59
N TYR B 187 47.07 1.43 25.50
CA TYR B 187 46.47 0.10 25.44
C TYR B 187 47.62 -0.88 25.30
N CYS B 188 48.20 -1.26 26.45
CA CYS B 188 49.47 -1.96 26.46
C CYS B 188 49.42 -3.10 27.47
N ILE B 189 50.40 -4.02 27.38
CA ILE B 189 50.45 -5.17 28.27
C ILE B 189 50.81 -4.68 29.67
N LEU B 190 50.02 -5.07 30.67
CA LEU B 190 50.38 -4.81 32.05
C LEU B 190 51.14 -6.00 32.62
N GLU B 191 52.16 -5.71 33.41
CA GLU B 191 52.95 -6.75 34.08
C GLU B 191 52.97 -6.42 35.57
N PRO B 192 52.45 -7.30 36.43
CA PRO B 192 52.41 -6.97 37.85
C PRO B 192 53.78 -7.15 38.51
N ARG B 193 54.17 -6.15 39.29
CA ARG B 193 55.42 -6.19 40.03
C ARG B 193 55.28 -7.10 41.24
N SER B 194 56.40 -7.70 41.64
CA SER B 194 56.38 -8.83 42.56
C SER B 194 57.04 -8.55 43.91
N GLY B 195 57.16 -7.29 44.32
CA GLY B 195 57.78 -6.97 45.57
C GLY B 195 56.80 -6.87 46.73
N ASN B 196 57.22 -6.15 47.77
CA ASN B 196 56.40 -5.97 48.96
C ASN B 196 55.20 -5.08 48.64
N HIS B 197 54.00 -5.55 49.03
CA HIS B 197 52.72 -4.86 48.79
C HIS B 197 52.48 -4.56 47.31
N CYS B 198 53.05 -5.39 46.43
CA CYS B 198 53.02 -5.24 44.99
C CYS B 198 52.08 -6.27 44.37
N PRO B 199 51.51 -6.00 43.19
CA PRO B 199 50.41 -6.85 42.68
C PRO B 199 50.76 -8.32 42.46
N ALA B 200 52.00 -8.64 42.08
CA ALA B 200 52.44 -10.03 41.99
C ALA B 200 53.27 -10.47 43.18
N GLY B 201 53.27 -9.68 44.26
CA GLY B 201 54.14 -9.96 45.39
C GLY B 201 53.45 -10.38 46.67
N ASN B 202 54.05 -10.03 47.80
CA ASN B 202 53.59 -10.45 49.11
C ASN B 202 53.14 -9.26 49.94
N SER B 203 52.45 -9.56 51.04
CA SER B 203 51.84 -8.57 51.94
C SER B 203 50.94 -7.61 51.17
N TYR B 204 50.12 -8.18 50.28
CA TYR B 204 49.35 -7.41 49.31
C TYR B 204 47.89 -7.34 49.72
N THR B 205 47.33 -6.14 49.69
CA THR B 205 45.90 -5.90 49.83
C THR B 205 45.28 -5.37 48.55
N SER B 206 45.84 -4.29 48.02
CA SER B 206 45.40 -3.70 46.77
C SER B 206 46.56 -2.89 46.20
N PHE B 207 46.47 -2.55 44.93
CA PHE B 207 47.47 -1.69 44.30
C PHE B 207 46.89 -0.29 44.13
N ALA B 208 47.61 0.70 44.64
CA ALA B 208 47.17 2.08 44.61
C ALA B 208 48.38 2.97 44.45
N THR B 209 48.18 4.12 43.81
CA THR B 209 49.28 4.95 43.36
C THR B 209 49.29 6.30 44.08
N TYR B 210 50.49 6.82 44.30
CA TYR B 210 50.71 8.00 45.11
C TYR B 210 50.83 9.25 44.25
N HIS B 211 50.87 10.40 44.92
CA HIS B 211 50.99 11.70 44.27
C HIS B 211 51.50 12.70 45.29
N THR B 212 52.52 13.47 44.91
CA THR B 212 53.13 14.44 45.81
C THR B 212 52.61 15.83 45.47
N PRO B 213 51.71 16.40 46.27
CA PRO B 213 51.09 17.68 45.90
C PRO B 213 51.98 18.88 46.13
N ALA B 214 52.96 18.75 47.04
CA ALA B 214 53.84 19.88 47.34
C ALA B 214 54.82 20.16 46.20
N THR B 215 55.05 19.19 45.32
CA THR B 215 55.99 19.35 44.21
C THR B 215 55.32 19.31 42.85
N ASP B 216 54.23 18.55 42.70
CA ASP B 216 53.61 18.40 41.38
C ASP B 216 52.74 19.61 41.05
N CYS B 217 51.86 20.01 41.97
CA CYS B 217 50.96 21.13 41.74
C CYS B 217 51.57 22.47 42.09
N SER B 218 52.89 22.57 42.15
CA SER B 218 53.55 23.87 42.20
C SER B 218 53.61 24.46 40.78
N ASP B 219 54.22 25.64 40.68
CA ASP B 219 54.37 26.29 39.39
C ASP B 219 55.42 25.56 38.56
N GLY B 220 55.05 25.16 37.34
CA GLY B 220 55.97 24.42 36.49
C GLY B 220 56.18 23.00 37.00
N ASN B 221 57.43 22.54 36.88
CA ASN B 221 57.90 21.26 37.42
C ASN B 221 57.14 20.07 36.83
N TYR B 222 56.08 19.65 37.52
CA TYR B 222 55.19 18.51 37.24
C TYR B 222 55.86 17.15 37.46
N ASN B 223 57.14 17.13 37.84
CA ASN B 223 57.85 15.93 38.31
C ASN B 223 57.87 14.81 37.28
N ARG B 224 58.21 15.16 36.04
CA ARG B 224 58.29 14.28 34.85
C ARG B 224 57.16 13.25 34.81
N ASN B 225 55.93 13.76 34.85
CA ASN B 225 54.67 13.02 34.97
C ASN B 225 54.73 11.93 36.03
N ALA B 226 54.87 12.35 37.29
CA ALA B 226 55.22 11.44 38.39
C ALA B 226 54.16 10.38 38.64
N SER B 227 52.92 10.61 38.21
CA SER B 227 51.90 9.58 38.35
C SER B 227 52.18 8.38 37.45
N LEU B 228 52.76 8.61 36.27
CA LEU B 228 53.16 7.50 35.40
C LEU B 228 54.24 6.66 36.05
N ASN B 229 55.23 7.30 36.67
CA ASN B 229 56.27 6.57 37.39
C ASN B 229 55.74 5.90 38.64
N SER B 230 54.73 6.48 39.28
CA SER B 230 54.09 5.85 40.43
C SER B 230 53.35 4.59 40.03
N PHE B 231 52.67 4.63 38.88
CA PHE B 231 52.05 3.42 38.34
C PHE B 231 53.11 2.40 37.91
N LYS B 232 54.20 2.87 37.31
CA LYS B 232 55.29 1.97 36.97
C LYS B 232 56.09 1.54 38.19
N GLU B 233 55.88 2.17 39.35
CA GLU B 233 56.39 1.65 40.61
C GLU B 233 55.52 0.50 41.11
N TYR B 234 54.29 0.38 40.57
CA TYR B 234 53.41 -0.73 40.88
C TYR B 234 53.22 -1.70 39.71
N PHE B 235 53.23 -1.21 38.47
CA PHE B 235 53.01 -2.01 37.27
C PHE B 235 54.24 -1.93 36.37
N ASN B 236 54.16 -2.63 35.24
CA ASN B 236 55.13 -2.51 34.16
C ASN B 236 54.38 -2.50 32.84
N LEU B 237 54.90 -1.73 31.88
CA LEU B 237 54.30 -1.62 30.56
C LEU B 237 55.13 -2.45 29.57
N ARG B 238 54.47 -3.37 28.88
CA ARG B 238 55.12 -4.25 27.92
C ARG B 238 54.39 -4.19 26.59
N ASN B 239 55.16 -4.39 25.51
CA ASN B 239 54.66 -4.53 24.13
C ASN B 239 53.75 -3.35 23.75
N CYS B 240 54.16 -2.16 24.17
CA CYS B 240 53.22 -1.05 24.28
C CYS B 240 52.93 -0.44 22.92
N THR B 241 51.72 0.10 22.78
CA THR B 241 51.17 0.46 21.47
C THR B 241 51.29 1.95 21.14
N PHE B 242 50.75 2.81 21.98
CA PHE B 242 50.67 4.24 21.68
C PHE B 242 50.76 5.04 22.97
N MET B 243 50.91 6.36 22.82
CA MET B 243 50.81 7.27 23.96
C MET B 243 50.26 8.60 23.47
N TYR B 244 49.08 8.97 23.94
CA TYR B 244 48.44 10.25 23.63
C TYR B 244 48.53 11.17 24.83
N THR B 245 49.35 12.21 24.72
CA THR B 245 49.43 13.26 25.72
C THR B 245 48.53 14.41 25.31
N TYR B 246 47.67 14.85 26.23
CA TYR B 246 46.72 15.91 25.99
C TYR B 246 46.99 17.04 26.97
N ASN B 247 46.15 18.08 26.92
CA ASN B 247 46.31 19.23 27.80
C ASN B 247 44.95 19.87 28.08
N ILE B 248 44.60 19.96 29.36
CA ILE B 248 43.39 20.63 29.82
C ILE B 248 43.76 21.59 30.94
N THR B 249 43.33 22.85 30.81
CA THR B 249 43.59 23.86 31.82
C THR B 249 42.66 23.67 33.02
N GLU B 250 42.77 24.53 34.02
CA GLU B 250 42.02 24.37 35.26
C GLU B 250 41.16 25.61 35.51
N ASP B 251 39.97 25.37 36.06
CA ASP B 251 39.06 26.41 36.48
C ASP B 251 38.24 25.92 37.66
N GLU B 252 37.11 26.58 37.94
CA GLU B 252 36.21 26.08 38.98
C GLU B 252 34.82 25.75 38.45
N ILE B 253 34.69 25.44 37.17
CA ILE B 253 33.42 25.00 36.60
C ILE B 253 33.45 23.48 36.49
N LEU B 254 32.36 22.83 36.91
CA LEU B 254 32.25 21.39 36.72
C LEU B 254 32.11 21.08 35.23
N GLU B 255 32.52 19.88 34.83
CA GLU B 255 32.52 19.54 33.42
C GLU B 255 32.13 18.07 33.28
N TRP B 256 32.17 17.57 32.05
CA TRP B 256 31.58 16.27 31.72
C TRP B 256 32.48 15.51 30.76
N PHE B 257 32.41 14.18 30.85
CA PHE B 257 33.20 13.30 30.01
C PHE B 257 32.35 12.09 29.65
N GLY B 258 32.57 11.54 28.46
CA GLY B 258 31.88 10.33 28.05
C GLY B 258 32.80 9.43 27.25
N ILE B 259 32.49 8.14 27.28
CA ILE B 259 33.28 7.15 26.55
C ILE B 259 32.35 6.09 25.99
N THR B 260 32.67 5.63 24.77
CA THR B 260 31.85 4.63 24.09
C THR B 260 32.72 3.81 23.15
N GLN B 261 32.11 2.79 22.55
CA GLN B 261 32.78 1.83 21.68
C GLN B 261 32.00 1.64 20.38
N THR B 262 32.73 1.64 19.27
CA THR B 262 32.18 1.29 17.97
C THR B 262 33.27 0.48 17.29
N ALA B 263 32.94 -0.19 16.17
CA ALA B 263 33.89 -1.06 15.48
C ALA B 263 35.13 -0.33 15.00
N GLN B 264 35.07 0.99 14.82
CA GLN B 264 36.27 1.77 14.57
C GLN B 264 37.17 1.76 15.79
N GLY B 265 36.62 2.06 16.96
CA GLY B 265 37.41 2.03 18.18
C GLY B 265 36.68 2.65 19.35
N VAL B 266 37.48 3.08 20.33
CA VAL B 266 36.97 3.76 21.51
C VAL B 266 36.85 5.25 21.19
N HIS B 267 35.81 5.90 21.71
CA HIS B 267 35.62 7.33 21.54
C HIS B 267 35.46 7.98 22.90
N LEU B 268 36.21 9.05 23.12
CA LEU B 268 36.18 9.85 24.35
C LEU B 268 35.74 11.25 23.96
N PHE B 269 34.65 11.71 24.56
CA PHE B 269 34.13 13.05 24.33
C PHE B 269 34.21 13.83 25.63
N SER B 270 34.39 15.15 25.53
CA SER B 270 34.43 15.99 26.73
C SER B 270 34.01 17.42 26.39
N SER B 271 33.25 18.01 27.30
CA SER B 271 32.72 19.37 27.14
C SER B 271 33.76 20.45 27.33
N ARG B 272 34.90 20.13 27.94
CA ARG B 272 35.89 21.14 28.32
C ARG B 272 36.46 21.88 27.12
N TYR B 273 36.66 21.20 26.01
CA TYR B 273 37.40 21.75 24.88
C TYR B 273 36.68 22.89 24.18
N VAL B 274 35.36 22.98 24.27
CA VAL B 274 34.63 24.13 23.75
C VAL B 274 33.79 24.77 24.84
N ASP B 275 32.85 24.00 25.41
CA ASP B 275 31.81 24.56 26.27
C ASP B 275 32.29 24.63 27.72
N LEU B 276 32.77 25.82 28.08
CA LEU B 276 33.19 26.06 29.46
C LEU B 276 31.98 26.35 30.35
N TYR B 277 31.20 27.37 29.98
CA TYR B 277 30.06 27.79 30.80
C TYR B 277 28.93 26.76 30.79
N GLY B 278 28.67 26.13 29.66
CA GLY B 278 27.62 25.13 29.60
C GLY B 278 28.19 23.73 29.75
N GLY B 279 27.59 22.76 29.07
CA GLY B 279 28.13 21.42 29.11
C GLY B 279 27.45 20.43 28.19
N ASN B 280 28.27 19.75 27.38
CA ASN B 280 27.86 18.68 26.48
C ASN B 280 29.11 18.00 25.93
N MET B 281 29.15 16.67 25.96
CA MET B 281 30.37 15.94 25.66
C MET B 281 30.79 16.09 24.20
N PHE B 282 31.95 16.70 23.97
CA PHE B 282 32.45 17.01 22.64
C PHE B 282 33.67 16.15 22.33
N GLN B 283 33.73 15.67 21.08
CA GLN B 283 34.80 14.77 20.62
C GLN B 283 36.19 15.34 20.84
N PHE B 284 37.02 14.58 21.54
CA PHE B 284 38.43 14.96 21.64
C PHE B 284 39.37 13.79 21.42
N ALA B 285 38.93 12.55 21.70
CA ALA B 285 39.83 11.41 21.55
C ALA B 285 39.14 10.29 20.79
N THR B 286 39.86 9.72 19.82
CA THR B 286 39.34 8.61 19.01
C THR B 286 40.41 7.52 19.02
N LEU B 287 40.35 6.65 20.01
CA LEU B 287 41.36 5.61 20.18
C LEU B 287 41.12 4.48 19.18
N PRO B 288 42.08 4.14 18.33
CA PRO B 288 41.91 3.02 17.39
C PRO B 288 42.23 1.67 18.02
N VAL B 289 41.32 1.22 18.89
CA VAL B 289 41.51 -0.07 19.55
C VAL B 289 41.20 -1.18 18.57
N TYR B 290 41.82 -2.35 18.78
CA TYR B 290 41.62 -3.49 17.90
C TYR B 290 40.67 -4.53 18.46
N ASP B 291 40.38 -4.50 19.76
CA ASP B 291 39.48 -5.46 20.39
C ASP B 291 38.48 -4.72 21.27
N THR B 292 37.30 -5.33 21.42
CA THR B 292 36.26 -4.73 22.25
C THR B 292 36.61 -4.83 23.73
N ILE B 293 36.03 -3.94 24.52
CA ILE B 293 36.28 -3.87 25.96
C ILE B 293 34.94 -4.01 26.68
N LYS B 294 34.90 -4.89 27.69
CA LYS B 294 33.66 -5.15 28.40
C LYS B 294 33.79 -5.07 29.92
N TYR B 295 34.93 -4.62 30.45
CA TYR B 295 35.08 -4.37 31.88
C TYR B 295 35.98 -3.16 32.08
N TYR B 296 35.85 -2.55 33.26
CA TYR B 296 36.63 -1.36 33.58
C TYR B 296 36.64 -1.19 35.09
N SER B 297 37.54 -0.32 35.56
CA SER B 297 37.55 0.11 36.95
C SER B 297 38.30 1.43 37.04
N ILE B 298 38.20 2.05 38.21
CA ILE B 298 38.87 3.31 38.52
C ILE B 298 39.93 3.00 39.57
N ILE B 299 41.19 3.30 39.25
CA ILE B 299 42.29 2.92 40.13
C ILE B 299 42.31 3.84 41.34
N PRO B 300 42.48 3.31 42.55
CA PRO B 300 42.65 4.19 43.72
C PRO B 300 43.96 4.97 43.63
N HIS B 301 43.84 6.29 43.70
CA HIS B 301 44.99 7.19 43.72
C HIS B 301 44.92 8.03 44.98
N SER B 302 46.09 8.24 45.59
CA SER B 302 46.18 8.91 46.87
C SER B 302 46.97 10.21 46.74
N ILE B 303 46.82 11.06 47.75
CA ILE B 303 47.52 12.34 47.84
C ILE B 303 48.45 12.26 49.04
N ARG B 304 49.73 12.53 48.81
CA ARG B 304 50.72 12.49 49.89
C ARG B 304 50.91 13.89 50.48
N SER B 305 49.83 14.44 51.01
CA SER B 305 49.80 15.78 51.56
C SER B 305 50.04 15.73 53.06
N ILE B 306 49.86 16.88 53.73
CA ILE B 306 50.06 17.00 55.17
C ILE B 306 48.72 16.89 55.87
N GLN B 307 48.74 16.47 57.13
CA GLN B 307 47.51 16.30 57.89
C GLN B 307 46.91 17.65 58.30
N SER B 308 47.76 18.63 58.60
CA SER B 308 47.29 19.93 59.06
C SER B 308 46.58 20.72 57.97
N ASP B 309 46.76 20.35 56.70
CA ASP B 309 46.09 21.00 55.58
C ASP B 309 45.42 19.95 54.70
N ARG B 310 44.68 19.03 55.32
CA ARG B 310 43.85 18.09 54.59
C ARG B 310 42.73 18.86 53.91
N LYS B 311 42.75 18.91 52.58
CA LYS B 311 41.79 19.68 51.80
C LYS B 311 40.77 18.75 51.16
N ALA B 312 39.51 19.18 51.15
CA ALA B 312 38.45 18.37 50.59
C ALA B 312 38.56 18.32 49.07
N TRP B 313 37.98 17.29 48.48
CA TRP B 313 38.06 17.07 47.05
C TRP B 313 36.69 16.72 46.49
N ALA B 314 36.50 17.04 45.21
CA ALA B 314 35.20 16.89 44.57
C ALA B 314 34.89 15.42 44.30
N ALA B 315 33.65 15.18 43.89
CA ALA B 315 33.14 13.84 43.64
C ALA B 315 32.74 13.71 42.17
N PHE B 316 33.20 12.64 41.53
CA PHE B 316 32.84 12.36 40.16
C PHE B 316 31.62 11.44 40.12
N TYR B 317 30.96 11.39 38.97
CA TYR B 317 29.73 10.63 38.82
C TYR B 317 29.79 9.78 37.57
N VAL B 318 29.41 8.50 37.69
CA VAL B 318 29.45 7.57 36.58
C VAL B 318 28.05 7.05 36.31
N TYR B 319 27.59 7.20 35.06
CA TYR B 319 26.29 6.71 34.62
C TYR B 319 26.47 5.83 33.39
N LYS B 320 25.65 4.79 33.32
CA LYS B 320 25.74 3.77 32.29
C LYS B 320 24.88 4.15 31.09
N LEU B 321 25.26 3.61 29.93
CA LEU B 321 24.85 4.15 28.64
C LEU B 321 24.24 3.02 27.82
N GLN B 322 23.02 3.22 27.32
CA GLN B 322 22.29 2.12 26.66
C GLN B 322 21.33 2.67 25.62
N PRO B 323 20.97 1.87 24.60
CA PRO B 323 20.13 2.38 23.49
C PRO B 323 18.79 2.99 23.87
N LEU B 324 18.62 4.30 23.66
CA LEU B 324 17.34 4.97 23.83
C LEU B 324 17.15 5.98 22.70
N THR B 325 16.11 6.80 22.83
CA THR B 325 15.82 7.90 21.93
C THR B 325 15.50 9.13 22.77
N PHE B 326 16.14 10.25 22.44
CA PHE B 326 16.01 11.48 23.22
C PHE B 326 15.54 12.61 22.33
N LEU B 327 14.54 13.37 22.79
CA LEU B 327 14.07 14.55 22.07
C LEU B 327 14.92 15.74 22.44
N LEU B 328 15.30 16.53 21.42
CA LEU B 328 16.27 17.60 21.56
C LEU B 328 15.65 18.91 21.07
N ASP B 329 16.12 20.02 21.63
CA ASP B 329 15.73 21.37 21.23
C ASP B 329 17.00 22.13 20.83
N PHE B 330 17.23 22.25 19.52
CA PHE B 330 18.28 23.11 19.02
C PHE B 330 17.77 24.55 18.94
N SER B 331 18.45 25.47 19.62
CA SER B 331 18.13 26.88 19.49
C SER B 331 19.00 27.47 18.39
N VAL B 332 18.99 28.81 18.28
CA VAL B 332 19.79 29.48 17.27
C VAL B 332 21.28 29.41 17.57
N ASP B 333 21.66 29.12 18.82
CA ASP B 333 23.08 29.02 19.15
C ASP B 333 23.71 27.73 18.65
N GLY B 334 22.90 26.71 18.34
CA GLY B 334 23.42 25.41 17.96
C GLY B 334 23.92 24.58 19.12
N TYR B 335 23.70 24.99 20.36
CA TYR B 335 24.06 24.19 21.52
C TYR B 335 22.89 23.37 22.02
N ILE B 336 23.20 22.18 22.53
CA ILE B 336 22.20 21.35 23.19
C ILE B 336 21.89 22.00 24.53
N ARG B 337 20.66 22.50 24.68
CA ARG B 337 20.24 23.17 25.90
C ARG B 337 18.97 22.61 26.50
N ARG B 338 18.22 21.79 25.78
CA ARG B 338 17.04 21.12 26.32
C ARG B 338 16.87 19.78 25.64
N ALA B 339 16.67 18.73 26.44
CA ALA B 339 16.45 17.40 25.93
C ALA B 339 15.64 16.61 26.94
N ILE B 340 14.93 15.60 26.45
CA ILE B 340 14.16 14.70 27.30
C ILE B 340 14.29 13.27 26.79
N ASP B 341 13.86 12.33 27.64
CA ASP B 341 13.83 10.91 27.37
C ASP B 341 12.64 10.57 26.46
N CYS B 342 12.51 9.28 26.15
CA CYS B 342 11.30 8.74 25.53
C CYS B 342 10.62 7.67 26.36
N GLY B 343 11.37 6.73 26.93
CA GLY B 343 10.77 5.60 27.61
C GLY B 343 11.00 5.58 29.11
N PHE B 344 11.51 6.66 29.68
CA PHE B 344 11.69 6.71 31.12
C PHE B 344 10.36 6.74 31.85
N ASN B 345 9.38 7.46 31.31
CA ASN B 345 8.08 7.60 31.94
C ASN B 345 7.05 7.93 30.88
N ASP B 346 5.83 8.25 31.32
CA ASP B 346 4.74 8.54 30.40
C ASP B 346 4.99 9.83 29.63
N LEU B 347 5.34 10.90 30.36
CA LEU B 347 5.43 12.23 29.76
C LEU B 347 6.53 12.30 28.71
N SER B 348 7.57 11.47 28.86
CA SER B 348 8.64 11.40 27.89
C SER B 348 8.12 10.99 26.52
N GLN B 349 7.37 9.88 26.46
CA GLN B 349 6.83 9.45 25.17
C GLN B 349 5.66 10.33 24.73
N LEU B 350 4.95 10.95 25.69
CA LEU B 350 3.89 11.90 25.32
C LEU B 350 4.45 13.08 24.55
N HIS B 351 5.51 13.70 25.07
CA HIS B 351 6.16 14.77 24.34
C HIS B 351 6.87 14.25 23.10
N CYS B 352 7.37 13.02 23.16
CA CYS B 352 7.94 12.40 21.96
C CYS B 352 6.88 12.05 20.93
N SER B 353 5.63 11.81 21.37
CA SER B 353 4.55 11.58 20.43
C SER B 353 4.18 12.82 19.64
N TYR B 354 4.46 14.01 20.17
CA TYR B 354 4.18 15.26 19.48
C TYR B 354 5.45 16.01 19.09
N GLU B 355 6.62 15.49 19.48
CA GLU B 355 7.93 16.05 19.14
C GLU B 355 8.09 17.49 19.63
N SER B 356 7.45 17.82 20.76
CA SER B 356 7.48 19.16 21.31
C SER B 356 7.67 19.08 22.82
N PHE B 357 8.48 20.01 23.35
CA PHE B 357 8.72 20.07 24.79
C PHE B 357 7.53 20.61 25.56
N ASP B 358 6.53 21.16 24.88
CA ASP B 358 5.26 21.54 25.49
C ASP B 358 4.14 21.09 24.58
N VAL B 359 3.17 20.39 25.14
CA VAL B 359 2.11 19.77 24.35
C VAL B 359 0.75 20.24 24.84
N GLU B 360 -0.31 19.74 24.21
CA GLU B 360 -1.66 20.05 24.64
C GLU B 360 -2.04 19.19 25.84
N SER B 361 -2.87 19.76 26.70
CA SER B 361 -3.38 19.04 27.85
C SER B 361 -4.47 18.04 27.43
N GLY B 362 -4.73 17.07 28.30
CA GLY B 362 -5.82 16.15 28.06
C GLY B 362 -5.60 14.72 28.53
N VAL B 363 -6.51 13.84 28.10
CA VAL B 363 -6.38 12.40 28.31
C VAL B 363 -5.63 11.82 27.13
N TYR B 364 -4.61 11.02 27.41
CA TYR B 364 -3.79 10.43 26.35
C TYR B 364 -3.51 8.97 26.66
N SER B 365 -3.57 8.15 25.63
CA SER B 365 -3.30 6.74 25.77
C SER B 365 -1.80 6.49 25.88
N VAL B 366 -1.38 5.84 26.95
CA VAL B 366 -0.01 5.42 27.14
C VAL B 366 0.02 3.91 26.97
N SER B 367 1.19 3.39 26.58
CA SER B 367 1.36 1.95 26.43
C SER B 367 1.19 1.27 27.77
N SER B 368 0.22 0.37 27.85
CA SER B 368 -0.09 -0.32 29.10
C SER B 368 0.96 -1.41 29.34
N PHE B 369 0.79 -2.16 30.42
CA PHE B 369 1.77 -3.19 30.74
C PHE B 369 1.10 -4.55 30.86
N GLU B 370 1.88 -5.55 31.28
CA GLU B 370 1.39 -6.90 31.50
C GLU B 370 1.81 -7.33 32.90
N ALA B 371 1.02 -8.22 33.50
CA ALA B 371 1.39 -8.79 34.79
C ALA B 371 2.66 -9.62 34.66
N LYS B 372 3.38 -9.75 35.78
CA LYS B 372 4.63 -10.49 35.78
C LYS B 372 4.39 -11.97 35.52
N PRO B 373 5.35 -12.64 34.86
CA PRO B 373 5.25 -14.10 34.70
C PRO B 373 5.25 -14.81 36.04
N SER B 374 4.46 -15.89 36.12
CA SER B 374 4.29 -16.61 37.37
C SER B 374 4.69 -18.08 37.29
N GLY B 375 5.16 -18.56 36.14
CA GLY B 375 5.64 -19.93 36.06
C GLY B 375 5.44 -20.48 34.66
N SER B 376 5.52 -21.82 34.58
CA SER B 376 5.37 -22.52 33.33
C SER B 376 4.96 -23.97 33.60
N VAL B 377 4.08 -24.50 32.76
CA VAL B 377 3.66 -25.89 32.84
C VAL B 377 4.10 -26.59 31.55
N VAL B 378 4.88 -27.66 31.71
CA VAL B 378 5.50 -28.35 30.58
C VAL B 378 5.07 -29.81 30.67
N GLU B 379 4.01 -30.18 29.96
CA GLU B 379 3.47 -31.52 30.04
C GLU B 379 2.60 -31.84 28.84
N GLN B 380 3.00 -32.84 28.04
CA GLN B 380 2.04 -33.58 27.25
C GLN B 380 2.05 -35.07 27.56
N ALA B 381 3.21 -35.70 27.38
CA ALA B 381 3.36 -37.14 27.58
C ALA B 381 4.83 -37.52 27.49
N GLU B 382 5.27 -38.40 28.37
CA GLU B 382 6.62 -38.92 28.33
C GLU B 382 6.57 -40.41 27.96
N GLY B 383 7.74 -41.04 27.92
CA GLY B 383 7.83 -42.44 27.60
C GLY B 383 8.14 -43.30 28.80
N VAL B 384 9.21 -44.08 28.70
CA VAL B 384 9.65 -44.99 29.75
C VAL B 384 11.12 -44.68 30.02
N GLU B 385 11.49 -44.75 31.31
CA GLU B 385 12.86 -44.56 31.77
C GLU B 385 13.86 -45.47 31.05
N CYS B 386 15.10 -45.01 30.92
CA CYS B 386 16.15 -45.86 30.34
C CYS B 386 16.42 -47.05 31.25
N ASP B 387 16.67 -48.20 30.63
CA ASP B 387 16.80 -49.45 31.36
C ASP B 387 18.23 -49.62 31.85
N PHE B 388 18.42 -49.56 33.17
CA PHE B 388 19.71 -49.80 33.79
C PHE B 388 19.84 -51.22 34.33
N SER B 389 18.84 -52.07 34.13
CA SER B 389 18.87 -53.42 34.68
C SER B 389 19.99 -54.31 34.13
N PRO B 390 20.30 -54.37 32.82
CA PRO B 390 21.41 -55.26 32.39
C PRO B 390 22.77 -54.86 32.93
N LEU B 391 22.98 -53.59 33.29
CA LEU B 391 24.25 -53.19 33.87
C LEU B 391 24.38 -53.67 35.31
N LEU B 392 23.30 -53.55 36.09
CA LEU B 392 23.35 -53.88 37.51
C LEU B 392 23.16 -55.37 37.79
N SER B 393 22.72 -56.15 36.81
CA SER B 393 22.42 -57.56 37.00
C SER B 393 23.34 -58.43 36.14
N GLY B 394 23.75 -59.56 36.69
CA GLY B 394 24.58 -60.50 35.98
C GLY B 394 26.07 -60.23 36.16
N THR B 395 26.86 -61.18 35.69
CA THR B 395 28.31 -61.05 35.75
C THR B 395 28.78 -60.07 34.69
N PRO B 396 29.49 -58.99 35.06
CA PRO B 396 29.99 -58.05 34.05
C PRO B 396 31.05 -58.68 33.20
N PRO B 397 31.10 -58.36 31.92
CA PRO B 397 32.11 -58.91 31.01
C PRO B 397 33.45 -58.21 31.21
N GLN B 398 34.44 -58.62 30.43
CA GLN B 398 35.78 -58.06 30.55
C GLN B 398 35.92 -56.82 29.68
N VAL B 399 37.09 -56.18 29.81
CA VAL B 399 37.33 -54.88 29.18
C VAL B 399 37.37 -54.99 27.65
N TYR B 400 37.84 -56.11 27.10
CA TYR B 400 37.76 -56.33 25.66
C TYR B 400 36.36 -56.71 25.21
N ASN B 401 35.51 -57.16 26.13
CA ASN B 401 34.14 -57.58 25.83
C ASN B 401 33.14 -56.55 26.35
N PHE B 402 33.48 -55.26 26.18
CA PHE B 402 32.70 -54.17 26.74
C PHE B 402 31.27 -54.18 26.21
N LYS B 403 30.30 -54.31 27.11
CA LYS B 403 28.91 -54.49 26.73
C LYS B 403 28.25 -53.14 26.54
N ARG B 404 27.59 -52.96 25.40
CA ARG B 404 27.03 -51.69 25.01
C ARG B 404 25.56 -51.60 25.42
N LEU B 405 25.22 -50.51 26.10
CA LEU B 405 23.83 -50.10 26.32
C LEU B 405 23.62 -48.78 25.61
N VAL B 406 22.72 -48.75 24.65
CA VAL B 406 22.39 -47.52 23.91
C VAL B 406 21.08 -46.97 24.46
N PHE B 407 21.05 -45.67 24.70
CA PHE B 407 19.87 -45.01 25.25
C PHE B 407 19.45 -43.90 24.30
N THR B 408 18.21 -44.02 23.80
CA THR B 408 17.54 -42.99 23.02
C THR B 408 16.05 -43.12 23.30
N ASN B 409 15.35 -41.98 23.30
CA ASN B 409 13.91 -41.89 23.56
C ASN B 409 13.55 -42.47 24.93
N CYS B 410 14.38 -42.18 25.93
CA CYS B 410 14.11 -42.64 27.29
C CYS B 410 14.69 -41.62 28.27
N ASN B 411 14.44 -41.86 29.55
CA ASN B 411 14.89 -41.00 30.64
C ASN B 411 15.94 -41.75 31.45
N TYR B 412 17.12 -41.15 31.58
CA TYR B 412 18.21 -41.73 32.36
C TYR B 412 18.50 -40.83 33.55
N ASN B 413 18.79 -41.43 34.70
CA ASN B 413 18.98 -40.69 35.93
C ASN B 413 20.20 -41.24 36.66
N LEU B 414 21.24 -40.41 36.79
CA LEU B 414 22.39 -40.78 37.60
C LEU B 414 22.16 -40.55 39.09
N THR B 415 21.13 -39.79 39.46
CA THR B 415 20.81 -39.61 40.88
C THR B 415 20.37 -40.93 41.51
N LYS B 416 19.71 -41.80 40.74
CA LYS B 416 19.42 -43.16 41.18
C LYS B 416 20.51 -44.15 40.79
N LEU B 417 21.52 -43.72 40.03
CA LEU B 417 22.55 -44.62 39.53
C LEU B 417 23.92 -44.31 40.10
N LEU B 418 24.40 -43.07 39.97
CA LEU B 418 25.72 -42.72 40.49
C LEU B 418 25.74 -42.67 42.01
N SER B 419 24.61 -42.39 42.66
CA SER B 419 24.55 -42.40 44.11
C SER B 419 24.75 -43.80 44.68
N LEU B 420 24.17 -44.81 44.02
CA LEU B 420 24.33 -46.19 44.46
C LEU B 420 25.68 -46.78 44.09
N PHE B 421 26.39 -46.20 43.14
CA PHE B 421 27.71 -46.68 42.75
C PHE B 421 28.76 -46.31 43.78
N SER B 422 29.71 -47.23 44.01
CA SER B 422 30.86 -46.96 44.85
C SER B 422 32.04 -46.53 43.98
N VAL B 423 31.92 -45.31 43.44
CA VAL B 423 32.87 -44.81 42.47
C VAL B 423 34.20 -44.49 43.15
N ASN B 424 35.28 -45.03 42.59
CA ASN B 424 36.63 -44.70 43.05
C ASN B 424 37.44 -43.90 42.04
N ASP B 425 37.07 -43.95 40.75
CA ASP B 425 37.73 -43.15 39.73
C ASP B 425 36.68 -42.55 38.81
N PHE B 426 36.82 -41.27 38.48
CA PHE B 426 35.87 -40.54 37.65
C PHE B 426 36.66 -39.57 36.77
N THR B 427 36.96 -39.98 35.55
CA THR B 427 37.67 -39.14 34.60
C THR B 427 36.75 -38.81 33.43
N CYS B 428 36.93 -37.63 32.85
CA CYS B 428 36.08 -37.21 31.74
C CYS B 428 36.90 -36.37 30.77
N SER B 429 36.68 -36.60 29.48
CA SER B 429 37.33 -35.87 28.40
C SER B 429 36.27 -35.24 27.50
N GLN B 430 36.53 -33.99 27.11
CA GLN B 430 35.70 -33.18 26.22
C GLN B 430 34.32 -32.86 26.80
N ILE B 431 34.14 -33.04 28.11
CA ILE B 431 32.87 -32.73 28.77
C ILE B 431 33.14 -32.58 30.26
N SER B 432 32.23 -31.90 30.95
CA SER B 432 32.31 -31.78 32.38
C SER B 432 31.97 -33.12 33.04
N PRO B 433 32.54 -33.41 34.22
CA PRO B 433 32.20 -34.66 34.91
C PRO B 433 30.72 -34.80 35.26
N ALA B 434 30.03 -33.70 35.59
CA ALA B 434 28.61 -33.75 35.89
C ALA B 434 27.73 -33.50 34.68
N ALA B 435 28.31 -33.17 33.52
CA ALA B 435 27.52 -32.89 32.33
C ALA B 435 26.95 -34.13 31.68
N ILE B 436 27.55 -35.29 31.91
CA ILE B 436 26.97 -36.54 31.42
C ILE B 436 25.69 -36.86 32.18
N ALA B 437 25.60 -36.43 33.44
CA ALA B 437 24.40 -36.59 34.24
C ALA B 437 23.43 -35.43 34.12
N SER B 438 23.75 -34.42 33.30
CA SER B 438 22.91 -33.23 33.18
C SER B 438 22.39 -33.01 31.77
N ASN B 439 23.27 -33.00 30.77
CA ASN B 439 22.89 -32.57 29.43
C ASN B 439 22.10 -33.65 28.70
N CYS B 440 21.41 -33.22 27.64
CA CYS B 440 20.68 -34.12 26.76
C CYS B 440 21.51 -34.42 25.52
N TYR B 441 21.35 -35.65 25.01
CA TYR B 441 22.18 -36.15 23.93
C TYR B 441 21.31 -36.83 22.88
N SER B 442 21.81 -36.83 21.64
CA SER B 442 21.13 -37.58 20.59
C SER B 442 21.13 -39.07 20.89
N SER B 443 22.24 -39.59 21.38
CA SER B 443 22.24 -40.94 21.95
C SER B 443 23.25 -41.00 23.07
N LEU B 444 22.99 -41.91 24.02
CA LEU B 444 23.86 -42.12 25.17
C LEU B 444 24.31 -43.57 25.12
N ILE B 445 25.53 -43.83 24.63
CA ILE B 445 26.03 -45.19 24.54
C ILE B 445 27.02 -45.41 25.67
N LEU B 446 26.92 -46.56 26.32
CA LEU B 446 27.67 -46.82 27.54
C LEU B 446 28.16 -48.27 27.49
N ASP B 447 29.48 -48.45 27.46
CA ASP B 447 30.05 -49.79 27.49
C ASP B 447 30.55 -50.08 28.89
N TYR B 448 29.97 -51.08 29.52
CA TYR B 448 30.38 -51.49 30.86
C TYR B 448 31.15 -52.80 30.80
N PHE B 449 32.07 -52.97 31.74
CA PHE B 449 33.01 -54.08 31.73
C PHE B 449 33.56 -54.26 33.14
N SER B 450 34.33 -55.33 33.33
CA SER B 450 35.05 -55.55 34.57
C SER B 450 36.44 -54.97 34.43
N TYR B 451 36.72 -53.89 35.17
CA TYR B 451 38.02 -53.24 35.10
C TYR B 451 38.63 -53.12 36.48
N PRO B 452 39.69 -53.90 36.74
CA PRO B 452 40.36 -53.80 38.03
C PRO B 452 41.00 -52.44 38.24
N LEU B 453 41.01 -51.96 39.48
CA LEU B 453 41.61 -50.67 39.78
C LEU B 453 43.13 -50.74 39.80
N SER B 454 43.70 -51.93 39.65
CA SER B 454 45.14 -52.06 39.57
C SER B 454 45.56 -51.79 38.13
N MET B 455 44.64 -52.04 37.19
CA MET B 455 44.94 -51.80 35.79
C MET B 455 44.53 -50.39 35.38
N LYS B 456 44.04 -49.61 36.34
CA LYS B 456 43.60 -48.24 36.08
C LYS B 456 44.54 -47.41 35.21
N SER B 457 45.83 -47.70 35.23
CA SER B 457 46.76 -46.84 34.51
C SER B 457 46.68 -46.99 32.99
N ASP B 458 46.00 -48.03 32.50
CA ASP B 458 45.77 -48.22 31.07
C ASP B 458 44.51 -47.52 30.58
N LEU B 459 43.90 -46.65 31.38
CA LEU B 459 42.66 -45.97 31.01
C LEU B 459 42.86 -44.73 30.16
N SER B 460 44.09 -44.45 29.73
CA SER B 460 44.34 -43.25 28.94
C SER B 460 43.65 -43.36 27.57
N VAL B 461 43.18 -42.21 27.07
CA VAL B 461 42.46 -42.18 25.81
C VAL B 461 43.38 -42.50 24.65
N SER B 462 44.58 -41.94 24.63
CA SER B 462 45.59 -42.22 23.63
C SER B 462 46.66 -43.18 24.15
N SER B 463 46.25 -44.18 24.93
CA SER B 463 47.20 -45.08 25.57
C SER B 463 47.88 -45.99 24.56
N ALA B 464 49.09 -46.43 24.90
CA ALA B 464 49.86 -47.38 24.12
C ALA B 464 49.90 -48.75 24.77
N GLY B 465 49.12 -48.97 25.83
CA GLY B 465 49.08 -50.24 26.50
C GLY B 465 48.21 -51.24 25.78
N PRO B 466 48.05 -52.42 26.39
CA PRO B 466 47.25 -53.48 25.75
C PRO B 466 45.79 -53.12 25.55
N ILE B 467 45.21 -52.30 26.45
CA ILE B 467 43.79 -52.01 26.40
C ILE B 467 43.44 -51.18 25.18
N SER B 468 44.20 -50.12 24.93
CA SER B 468 43.95 -49.27 23.77
C SER B 468 44.53 -49.85 22.48
N GLN B 469 45.28 -50.94 22.57
CA GLN B 469 45.85 -51.57 21.38
C GLN B 469 44.96 -52.69 20.86
N PHE B 470 44.55 -53.62 21.72
CA PHE B 470 43.82 -54.80 21.27
C PHE B 470 42.53 -55.06 22.04
N ASN B 471 42.18 -54.20 23.01
CA ASN B 471 40.99 -54.43 23.81
C ASN B 471 39.92 -53.35 23.60
N TYR B 472 40.25 -52.08 23.81
CA TYR B 472 39.26 -51.01 23.76
C TYR B 472 39.96 -49.68 23.56
N LYS B 473 39.71 -49.03 22.43
CA LYS B 473 40.16 -47.67 22.18
C LYS B 473 38.98 -46.72 22.27
N GLN B 474 39.22 -45.56 22.86
CA GLN B 474 38.18 -44.56 23.09
C GLN B 474 38.12 -43.60 21.92
N SER B 475 36.90 -43.20 21.57
CA SER B 475 36.68 -42.32 20.42
C SER B 475 37.19 -40.91 20.71
N PHE B 476 37.35 -40.13 19.65
CA PHE B 476 37.84 -38.76 19.76
C PHE B 476 36.89 -37.74 19.17
N SER B 477 35.88 -38.16 18.42
CA SER B 477 34.91 -37.24 17.83
C SER B 477 33.76 -36.92 18.77
N ASN B 478 33.67 -37.59 19.91
CA ASN B 478 32.60 -37.39 20.88
C ASN B 478 33.18 -37.35 22.28
N PRO B 479 32.57 -36.58 23.19
CA PRO B 479 33.05 -36.55 24.58
C PRO B 479 32.85 -37.89 25.27
N THR B 480 33.80 -38.22 26.14
CA THR B 480 33.82 -39.53 26.80
C THR B 480 34.02 -39.36 28.30
N CYS B 481 33.61 -40.38 29.05
CA CYS B 481 33.87 -40.43 30.48
C CYS B 481 34.14 -41.88 30.89
N LEU B 482 35.07 -42.04 31.82
CA LEU B 482 35.48 -43.34 32.35
C LEU B 482 35.26 -43.35 33.85
N ILE B 483 34.47 -44.31 34.33
CA ILE B 483 34.11 -44.41 35.73
C ILE B 483 34.51 -45.79 36.23
N LEU B 484 35.43 -45.83 37.19
CA LEU B 484 35.78 -47.07 37.87
C LEU B 484 35.09 -47.09 39.23
N ALA B 485 34.22 -48.09 39.42
CA ALA B 485 33.48 -48.26 40.66
C ALA B 485 33.73 -49.65 41.22
N THR B 486 33.20 -49.88 42.42
CA THR B 486 33.26 -51.17 43.09
C THR B 486 31.88 -51.54 43.59
N VAL B 487 31.73 -52.78 44.01
CA VAL B 487 30.46 -53.22 44.61
C VAL B 487 30.35 -52.63 46.01
N PRO B 488 29.26 -51.93 46.33
CA PRO B 488 29.06 -51.46 47.71
C PRO B 488 28.88 -52.63 48.67
N HIS B 489 29.20 -52.37 49.93
CA HIS B 489 29.18 -53.43 50.95
C HIS B 489 27.77 -53.94 51.19
N ASN B 490 26.76 -53.06 51.16
CA ASN B 490 25.37 -53.49 51.27
C ASN B 490 24.73 -53.57 49.88
N LEU B 491 25.27 -54.46 49.06
CA LEU B 491 24.75 -54.67 47.71
C LEU B 491 25.19 -56.06 47.25
N THR B 492 24.22 -56.96 47.05
CA THR B 492 24.49 -58.33 46.63
C THR B 492 23.78 -58.69 45.32
N THR B 493 23.28 -57.71 44.58
CA THR B 493 22.53 -58.00 43.37
C THR B 493 23.44 -58.44 42.23
N ILE B 494 24.62 -57.86 42.12
CA ILE B 494 25.54 -58.14 41.02
C ILE B 494 26.51 -59.23 41.44
N THR B 495 26.99 -59.99 40.47
CA THR B 495 27.92 -61.09 40.69
C THR B 495 29.29 -60.74 40.12
N LYS B 496 30.27 -61.59 40.42
CA LYS B 496 31.64 -61.34 40.03
C LYS B 496 32.17 -62.46 39.13
N PRO B 497 33.02 -62.15 38.15
CA PRO B 497 33.57 -63.20 37.26
C PRO B 497 34.63 -64.07 37.90
N LEU B 498 35.18 -65.02 37.15
CA LEU B 498 36.22 -65.91 37.67
C LEU B 498 37.54 -65.15 37.84
N LYS B 499 37.96 -64.42 36.82
CA LYS B 499 39.16 -63.58 36.91
C LYS B 499 39.02 -62.46 35.89
N TYR B 500 39.58 -61.30 36.23
CA TYR B 500 39.70 -60.24 35.25
C TYR B 500 40.66 -60.67 34.16
N SER B 501 40.42 -60.18 32.94
CA SER B 501 41.26 -60.60 31.83
C SER B 501 41.23 -59.55 30.74
N TYR B 502 42.33 -59.47 29.99
CA TYR B 502 42.41 -58.62 28.83
C TYR B 502 43.33 -59.27 27.80
N ILE B 503 43.53 -58.57 26.68
CA ILE B 503 44.32 -59.09 25.57
C ILE B 503 45.57 -58.22 25.45
N ASN B 504 46.74 -58.87 25.42
CA ASN B 504 47.98 -58.12 25.32
C ASN B 504 48.68 -58.26 23.97
N LYS B 505 48.34 -59.27 23.18
CA LYS B 505 48.89 -59.45 21.84
C LYS B 505 47.81 -59.95 20.92
N CYS B 506 47.63 -59.27 19.79
CA CYS B 506 46.62 -59.66 18.81
C CYS B 506 47.13 -59.27 17.43
N SER B 507 47.29 -60.26 16.55
CA SER B 507 47.81 -60.03 15.21
C SER B 507 47.34 -61.17 14.31
N ARG B 508 47.47 -60.94 13.01
CA ARG B 508 47.08 -61.89 11.98
C ARG B 508 48.32 -62.33 11.20
N LEU B 509 48.52 -63.64 11.09
CA LEU B 509 49.61 -64.19 10.30
C LEU B 509 49.16 -64.34 8.86
N LEU B 510 50.06 -64.06 7.92
CA LEU B 510 49.76 -64.24 6.51
C LEU B 510 50.00 -65.69 6.10
N SER B 511 49.71 -65.98 4.83
CA SER B 511 49.83 -67.35 4.32
C SER B 511 51.27 -67.73 3.97
N ASP B 512 52.18 -66.76 3.88
CA ASP B 512 53.56 -67.04 3.53
C ASP B 512 54.44 -67.38 4.73
N ASP B 513 53.87 -67.34 5.94
CA ASP B 513 54.55 -67.67 7.19
C ASP B 513 55.80 -66.80 7.42
N ARG B 514 55.72 -65.53 7.01
CA ARG B 514 56.83 -64.60 7.19
C ARG B 514 56.43 -63.23 7.73
N THR B 515 55.18 -62.81 7.59
CA THR B 515 54.75 -61.48 7.98
C THR B 515 53.54 -61.58 8.90
N GLU B 516 53.59 -60.87 10.03
CA GLU B 516 52.49 -60.79 10.97
C GLU B 516 52.03 -59.34 11.05
N VAL B 517 50.75 -59.12 10.79
CA VAL B 517 50.17 -57.77 10.76
C VAL B 517 49.43 -57.54 12.07
N PRO B 518 49.79 -56.52 12.85
CA PRO B 518 49.08 -56.25 14.10
C PRO B 518 47.69 -55.67 13.83
N GLN B 519 46.89 -55.61 14.90
CA GLN B 519 45.52 -55.13 14.81
C GLN B 519 45.35 -53.87 15.65
N LEU B 520 44.44 -53.00 15.21
CA LEU B 520 44.13 -51.76 15.89
C LEU B 520 42.64 -51.71 16.18
N VAL B 521 42.29 -51.58 17.46
CA VAL B 521 40.90 -51.46 17.85
C VAL B 521 40.42 -50.04 17.55
N ASN B 522 39.23 -49.93 16.97
CA ASN B 522 38.74 -48.68 16.43
C ASN B 522 37.82 -47.99 17.43
N ALA B 523 37.19 -46.90 16.99
CA ALA B 523 36.36 -46.05 17.86
C ALA B 523 34.94 -46.60 17.85
N ASN B 524 34.49 -47.10 19.02
CA ASN B 524 33.17 -47.70 19.21
C ASN B 524 32.94 -48.88 18.27
N GLN B 525 33.99 -49.68 18.06
CA GLN B 525 33.89 -50.95 17.36
C GLN B 525 34.69 -51.97 18.15
N TYR B 526 34.90 -53.15 17.56
CA TYR B 526 35.51 -54.28 18.24
C TYR B 526 36.74 -54.76 17.50
N SER B 527 37.74 -55.21 18.26
CA SER B 527 38.89 -55.88 17.69
C SER B 527 38.46 -57.26 17.18
N PRO B 528 39.12 -57.77 16.13
CA PRO B 528 38.83 -59.15 15.68
C PRO B 528 39.12 -60.21 16.73
N CYS B 529 40.18 -60.04 17.51
CA CYS B 529 40.57 -61.02 18.53
C CYS B 529 39.57 -61.09 19.68
N VAL B 530 38.63 -60.15 19.76
CA VAL B 530 37.50 -60.28 20.68
C VAL B 530 36.68 -61.52 20.36
N SER B 531 36.50 -61.80 19.06
CA SER B 531 35.64 -62.90 18.65
C SER B 531 36.26 -64.28 18.92
N ILE B 532 37.57 -64.35 19.17
CA ILE B 532 38.22 -65.62 19.43
C ILE B 532 38.67 -65.78 20.88
N VAL B 533 38.76 -64.69 21.64
CA VAL B 533 39.11 -64.76 23.06
C VAL B 533 37.82 -64.88 23.86
N PRO B 534 37.70 -65.86 24.76
CA PRO B 534 36.43 -66.07 25.47
C PRO B 534 36.12 -64.95 26.45
N SER B 535 34.94 -65.04 27.06
CA SER B 535 34.46 -64.02 27.98
C SER B 535 35.35 -63.93 29.22
N THR B 536 35.74 -65.07 29.76
CA THR B 536 36.66 -65.13 30.90
C THR B 536 37.82 -66.04 30.51
N VAL B 537 39.01 -65.47 30.38
CA VAL B 537 40.19 -66.25 30.02
C VAL B 537 40.59 -67.13 31.19
N TRP B 538 40.89 -68.40 30.89
CA TRP B 538 41.15 -69.39 31.94
C TRP B 538 42.41 -69.07 32.73
N GLU B 539 43.47 -68.63 32.06
CA GLU B 539 44.73 -68.36 32.72
C GLU B 539 45.50 -67.31 31.95
N ASP B 540 46.47 -66.69 32.64
CA ASP B 540 47.26 -65.64 32.05
C ASP B 540 48.13 -66.16 30.91
N GLY B 541 48.23 -65.38 29.84
CA GLY B 541 49.07 -65.75 28.72
C GLY B 541 48.52 -66.86 27.84
N ASP B 542 47.20 -67.01 27.78
CA ASP B 542 46.60 -68.00 26.91
C ASP B 542 46.79 -67.61 25.44
N TYR B 543 47.29 -68.54 24.64
CA TYR B 543 47.57 -68.31 23.23
C TYR B 543 46.52 -69.04 22.40
N TYR B 544 45.68 -68.28 21.71
CA TYR B 544 44.64 -68.83 20.85
C TYR B 544 45.03 -68.64 19.39
N ARG B 545 44.87 -69.68 18.59
CA ARG B 545 45.18 -69.64 17.17
C ARG B 545 44.00 -70.21 16.38
N LYS B 546 43.78 -69.62 15.20
CA LYS B 546 42.70 -70.06 14.33
C LYS B 546 43.12 -69.87 12.88
N GLN B 547 42.55 -70.69 11.99
CA GLN B 547 42.83 -70.60 10.57
C GLN B 547 41.92 -69.54 9.94
N LEU B 548 42.51 -68.70 9.10
CA LEU B 548 41.78 -67.63 8.42
C LEU B 548 41.54 -68.00 6.96
N SER B 549 40.36 -67.64 6.46
CA SER B 549 40.04 -67.86 5.06
C SER B 549 40.84 -66.89 4.18
N PRO B 550 41.12 -67.27 2.93
CA PRO B 550 41.81 -66.34 2.01
C PRO B 550 41.00 -65.11 1.64
N LEU B 551 39.69 -65.08 1.90
CA LEU B 551 38.87 -63.93 1.56
C LEU B 551 39.25 -62.71 2.39
N GLU B 552 39.69 -62.92 3.63
CA GLU B 552 40.13 -61.83 4.50
C GLU B 552 41.63 -61.58 4.40
N GLY B 553 42.35 -62.34 3.59
CA GLY B 553 43.79 -62.17 3.44
C GLY B 553 44.56 -63.47 3.50
N GLY B 554 44.03 -64.44 4.23
CA GLY B 554 44.66 -65.74 4.36
C GLY B 554 45.62 -65.83 5.53
N GLY B 555 45.99 -67.06 5.85
CA GLY B 555 46.91 -67.32 6.94
C GLY B 555 46.22 -67.72 8.24
N TRP B 556 46.71 -67.20 9.36
CA TRP B 556 46.19 -67.53 10.67
C TRP B 556 45.98 -66.26 11.49
N LEU B 557 45.09 -66.36 12.47
CA LEU B 557 44.83 -65.30 13.43
C LEU B 557 45.15 -65.80 14.83
N VAL B 558 45.98 -65.07 15.55
CA VAL B 558 46.37 -65.44 16.90
C VAL B 558 46.03 -64.31 17.87
N ALA B 559 45.91 -64.69 19.13
CA ALA B 559 45.65 -63.74 20.20
C ALA B 559 46.26 -64.26 21.49
N SER B 560 46.60 -63.34 22.38
CA SER B 560 47.22 -63.68 23.66
C SER B 560 46.48 -62.93 24.77
N GLY B 561 45.99 -63.69 25.75
CA GLY B 561 45.21 -63.14 26.85
C GLY B 561 45.94 -63.25 28.17
N SER B 562 45.78 -62.23 29.01
CA SER B 562 46.35 -62.19 30.35
C SER B 562 45.24 -62.00 31.37
N THR B 563 45.46 -62.53 32.57
CA THR B 563 44.45 -62.51 33.62
C THR B 563 44.99 -61.83 34.88
N VAL B 564 44.23 -60.86 35.38
CA VAL B 564 44.44 -60.27 36.69
C VAL B 564 43.39 -60.85 37.63
N ALA B 565 43.83 -61.43 38.74
CA ALA B 565 42.92 -62.18 39.58
C ALA B 565 41.98 -61.28 40.37
N MET B 566 40.96 -61.91 40.97
CA MET B 566 40.05 -61.22 41.87
C MET B 566 40.74 -60.53 43.04
N THR B 567 40.30 -59.32 43.31
CA THR B 567 40.51 -58.67 44.60
C THR B 567 39.45 -59.20 45.56
N GLU B 568 39.33 -58.57 46.73
CA GLU B 568 38.31 -59.00 47.68
C GLU B 568 36.90 -58.70 47.19
N GLN B 569 36.72 -57.59 46.48
CA GLN B 569 35.43 -57.22 45.93
C GLN B 569 35.60 -56.88 44.45
N LEU B 570 34.53 -57.04 43.68
CA LEU B 570 34.57 -56.79 42.25
C LEU B 570 34.74 -55.30 41.96
N GLN B 571 35.69 -54.99 41.09
CA GLN B 571 35.94 -53.64 40.61
C GLN B 571 35.60 -53.61 39.12
N MET B 572 34.70 -52.72 38.73
CA MET B 572 34.23 -52.67 37.34
C MET B 572 34.37 -51.25 36.80
N GLY B 573 34.23 -51.14 35.49
CA GLY B 573 34.39 -49.87 34.82
C GLY B 573 33.28 -49.63 33.81
N PHE B 574 33.04 -48.34 33.56
CA PHE B 574 32.01 -47.87 32.64
C PHE B 574 32.61 -46.81 31.74
N GLY B 575 32.23 -46.83 30.47
CA GLY B 575 32.57 -45.78 29.54
C GLY B 575 31.32 -45.16 28.95
N ILE B 576 31.15 -43.87 29.14
CA ILE B 576 30.01 -43.13 28.61
C ILE B 576 30.48 -42.31 27.43
N THR B 577 29.92 -42.59 26.26
CA THR B 577 30.11 -41.79 25.06
C THR B 577 28.77 -41.17 24.69
N VAL B 578 28.81 -39.90 24.31
CA VAL B 578 27.61 -39.11 24.06
C VAL B 578 27.62 -38.65 22.60
N GLN B 579 26.53 -38.92 21.89
CA GLN B 579 26.38 -38.47 20.51
C GLN B 579 25.34 -37.37 20.48
N TYR B 580 25.65 -36.32 19.70
CA TYR B 580 24.82 -35.13 19.59
C TYR B 580 24.16 -34.96 18.23
N GLY B 581 24.67 -35.59 17.19
CA GLY B 581 24.11 -35.41 15.86
C GLY B 581 23.87 -36.71 15.11
N THR B 582 23.51 -37.77 15.85
CA THR B 582 23.22 -39.06 15.25
C THR B 582 21.78 -39.52 15.43
N ASP B 583 21.03 -38.92 16.34
CA ASP B 583 19.67 -39.35 16.65
C ASP B 583 18.93 -38.16 17.26
N THR B 584 17.80 -38.43 17.91
CA THR B 584 17.02 -37.37 18.54
C THR B 584 17.50 -37.10 19.97
N ASN B 585 17.54 -35.83 20.33
CA ASN B 585 17.96 -35.41 21.67
C ASN B 585 16.81 -35.67 22.63
N SER B 586 16.82 -36.85 23.24
CA SER B 586 15.72 -37.27 24.09
C SER B 586 16.14 -37.87 25.42
N VAL B 587 17.40 -38.27 25.59
CA VAL B 587 17.87 -38.78 26.88
C VAL B 587 18.20 -37.59 27.78
N CYS B 588 17.27 -37.30 28.69
CA CYS B 588 17.39 -36.20 29.63
C CYS B 588 17.05 -36.71 31.03
N PRO B 589 17.64 -36.12 32.07
CA PRO B 589 17.32 -36.55 33.44
C PRO B 589 15.97 -36.05 33.90
N LYS B 590 15.64 -36.29 35.17
CA LYS B 590 14.42 -35.74 35.74
C LYS B 590 14.56 -34.23 35.92
N LEU B 591 13.41 -33.57 36.03
CA LEU B 591 13.36 -32.13 36.20
C LEU B 591 12.40 -31.84 37.36
N GLU B 592 11.99 -30.58 37.49
CA GLU B 592 11.07 -30.20 38.55
C GLU B 592 9.68 -30.75 38.21
N PHE B 593 9.42 -31.97 38.69
CA PHE B 593 8.17 -32.68 38.42
C PHE B 593 7.19 -32.59 39.58
N ALA B 594 7.47 -31.76 40.58
CA ALA B 594 6.75 -31.87 41.84
C ALA B 594 5.34 -31.29 41.79
N ASN B 595 5.20 -29.98 41.66
CA ASN B 595 3.85 -29.41 41.56
C ASN B 595 3.75 -28.24 40.60
N ASP B 596 4.88 -27.67 40.18
CA ASP B 596 4.84 -26.38 39.50
C ASP B 596 4.63 -26.56 38.00
N THR B 597 5.32 -27.52 37.39
CA THR B 597 5.02 -27.88 36.01
C THR B 597 3.66 -28.57 35.91
N LYS B 598 3.16 -29.09 37.03
CA LYS B 598 1.79 -29.57 37.08
C LYS B 598 0.82 -28.38 37.08
N ILE B 599 -0.45 -28.68 36.84
CA ILE B 599 -1.44 -27.69 36.46
C ILE B 599 -2.10 -27.06 37.68
N ALA B 600 -2.54 -27.89 38.63
CA ALA B 600 -3.37 -27.46 39.75
C ALA B 600 -2.72 -26.44 40.66
N SER B 601 -1.40 -26.44 40.79
CA SER B 601 -0.74 -25.36 41.52
C SER B 601 -0.81 -24.05 40.77
N GLN B 602 -0.70 -24.09 39.44
CA GLN B 602 -0.75 -22.90 38.59
C GLN B 602 -2.16 -22.63 38.07
N LEU B 603 -3.11 -22.42 38.97
CA LEU B 603 -4.46 -22.09 38.57
C LEU B 603 -4.70 -20.58 38.66
N GLY B 604 -5.18 -20.01 37.56
CA GLY B 604 -5.51 -18.60 37.51
C GLY B 604 -4.32 -17.67 37.66
N ASN B 605 -3.21 -18.00 36.99
CA ASN B 605 -2.00 -17.17 37.05
C ASN B 605 -1.30 -17.22 35.70
N CYS B 606 -0.52 -16.18 35.43
CA CYS B 606 0.13 -16.00 34.13
C CYS B 606 1.29 -16.98 34.02
N VAL B 607 1.05 -18.11 33.35
CA VAL B 607 2.07 -19.14 33.19
C VAL B 607 2.21 -19.47 31.71
N GLU B 608 3.42 -19.90 31.34
CA GLU B 608 3.69 -20.48 30.03
C GLU B 608 3.09 -21.87 29.97
N TYR B 609 1.96 -22.01 29.28
CA TYR B 609 1.56 -23.34 28.86
C TYR B 609 2.55 -23.83 27.83
N SER B 610 3.01 -25.07 28.00
CA SER B 610 4.01 -25.67 27.12
C SER B 610 3.63 -27.12 26.91
N LEU B 611 2.85 -27.36 25.85
CA LEU B 611 2.48 -28.70 25.43
C LEU B 611 3.46 -29.13 24.33
N TYR B 612 4.73 -29.26 24.77
CA TYR B 612 5.86 -29.82 24.01
C TYR B 612 5.95 -29.26 22.60
N GLY B 613 5.78 -27.95 22.50
CA GLY B 613 5.69 -27.29 21.22
C GLY B 613 4.56 -26.28 21.20
N VAL B 614 3.48 -26.57 21.93
CA VAL B 614 2.36 -25.63 22.02
C VAL B 614 2.62 -24.75 23.23
N SER B 615 3.33 -23.64 23.01
CA SER B 615 3.77 -22.79 24.09
C SER B 615 3.14 -21.42 24.00
N GLY B 616 3.03 -20.77 25.15
CA GLY B 616 2.46 -19.44 25.23
C GLY B 616 2.12 -19.09 26.66
N ARG B 617 1.39 -17.98 26.81
CA ARG B 617 1.03 -17.47 28.13
C ARG B 617 -0.48 -17.55 28.33
N GLY B 618 -0.88 -17.91 29.55
CA GLY B 618 -2.29 -17.96 29.89
C GLY B 618 -2.48 -18.30 31.35
N VAL B 619 -3.75 -18.31 31.75
CA VAL B 619 -4.15 -18.71 33.10
C VAL B 619 -4.96 -20.00 32.98
N PHE B 620 -5.18 -20.65 34.12
CA PHE B 620 -5.92 -21.90 34.13
C PHE B 620 -7.00 -21.87 35.19
N GLN B 621 -8.17 -22.41 34.83
CA GLN B 621 -9.31 -22.47 35.73
C GLN B 621 -10.08 -23.77 35.46
N ASN B 622 -11.19 -23.93 36.17
CA ASN B 622 -11.97 -25.17 36.18
C ASN B 622 -13.19 -25.03 35.28
N CYS B 623 -12.97 -25.13 33.97
CA CYS B 623 -14.10 -25.23 33.05
C CYS B 623 -14.56 -26.67 32.92
N THR B 624 -15.77 -26.84 32.39
CA THR B 624 -16.32 -28.17 32.18
C THR B 624 -15.62 -28.89 31.04
N ALA B 625 -15.54 -30.21 31.16
CA ALA B 625 -14.88 -31.03 30.15
C ALA B 625 -15.75 -31.08 28.89
N VAL B 626 -15.26 -30.49 27.81
CA VAL B 626 -15.96 -30.46 26.54
C VAL B 626 -15.00 -30.87 25.44
N GLY B 627 -15.56 -31.26 24.30
CA GLY B 627 -14.77 -31.72 23.19
C GLY B 627 -14.37 -33.18 23.33
N VAL B 628 -13.62 -33.65 22.34
CA VAL B 628 -13.16 -35.03 22.31
C VAL B 628 -11.97 -35.18 23.24
N ARG B 629 -12.06 -36.11 24.18
CA ARG B 629 -11.03 -36.28 25.19
C ARG B 629 -9.74 -36.86 24.63
N GLN B 630 -9.80 -37.58 23.50
CA GLN B 630 -8.61 -38.21 22.96
C GLN B 630 -7.65 -37.19 22.35
N GLN B 631 -8.18 -36.12 21.74
CA GLN B 631 -7.31 -35.16 21.08
C GLN B 631 -6.58 -34.27 22.09
N ARG B 632 -7.27 -33.85 23.15
CA ARG B 632 -6.80 -33.01 24.25
C ARG B 632 -6.44 -31.59 23.82
N PHE B 633 -6.56 -31.24 22.54
CA PHE B 633 -6.22 -29.92 22.03
C PHE B 633 -7.48 -29.30 21.42
N VAL B 634 -7.99 -28.25 22.05
CA VAL B 634 -9.17 -27.56 21.55
C VAL B 634 -8.79 -26.13 21.16
N TYR B 635 -9.19 -25.74 19.96
CA TYR B 635 -8.89 -24.42 19.42
C TYR B 635 -10.18 -23.79 18.93
N ASP B 636 -10.14 -22.48 18.73
CA ASP B 636 -11.27 -21.76 18.17
C ASP B 636 -11.09 -21.67 16.66
N ALA B 637 -11.98 -20.92 16.01
CA ALA B 637 -11.87 -20.69 14.57
C ALA B 637 -10.63 -19.89 14.20
N TYR B 638 -9.97 -19.26 15.17
CA TYR B 638 -8.76 -18.49 14.93
C TYR B 638 -7.53 -19.17 15.52
N GLN B 639 -7.61 -20.46 15.78
CA GLN B 639 -6.50 -21.31 16.24
C GLN B 639 -5.88 -20.76 17.53
N ASN B 640 -6.71 -20.68 18.57
CA ASN B 640 -6.28 -20.25 19.89
C ASN B 640 -6.75 -21.28 20.91
N LEU B 641 -5.83 -21.68 21.79
CA LEU B 641 -6.10 -22.78 22.73
C LEU B 641 -7.16 -22.40 23.74
N VAL B 642 -8.12 -23.31 23.96
CA VAL B 642 -9.21 -23.09 24.89
C VAL B 642 -9.04 -23.89 26.18
N GLY B 643 -8.49 -25.09 26.11
CA GLY B 643 -8.32 -25.90 27.30
C GLY B 643 -7.56 -27.17 26.97
N TYR B 644 -7.37 -27.98 27.99
CA TYR B 644 -6.53 -29.16 27.81
C TYR B 644 -6.92 -30.24 28.81
N TYR B 645 -6.86 -31.50 28.36
CA TYR B 645 -7.08 -32.67 29.20
C TYR B 645 -5.72 -33.17 29.69
N SER B 646 -5.45 -33.03 30.97
CA SER B 646 -4.19 -33.54 31.51
C SER B 646 -4.28 -35.04 31.75
N ASP B 647 -3.16 -35.62 32.20
CA ASP B 647 -3.08 -37.05 32.45
C ASP B 647 -3.91 -37.49 33.66
N ASP B 648 -4.33 -36.55 34.51
CA ASP B 648 -5.16 -36.88 35.65
C ASP B 648 -6.62 -37.13 35.28
N GLY B 649 -6.99 -36.90 34.02
CA GLY B 649 -8.37 -36.98 33.61
C GLY B 649 -9.18 -35.73 33.88
N ASN B 650 -8.55 -34.70 34.42
CA ASN B 650 -9.24 -33.46 34.76
C ASN B 650 -8.97 -32.42 33.69
N TYR B 651 -10.04 -31.98 33.02
CA TYR B 651 -9.95 -30.94 32.02
C TYR B 651 -9.75 -29.58 32.67
N TYR B 652 -8.96 -28.73 32.03
CA TYR B 652 -8.68 -27.41 32.57
C TYR B 652 -8.76 -26.38 31.46
N CYS B 653 -8.94 -25.12 31.87
CA CYS B 653 -9.46 -24.07 31.01
C CYS B 653 -8.48 -22.92 30.92
N LEU B 654 -8.22 -22.44 29.70
CA LEU B 654 -7.28 -21.35 29.47
C LEU B 654 -7.87 -20.36 28.49
N ARG B 655 -7.83 -19.08 28.84
CA ARG B 655 -8.26 -18.03 27.93
C ARG B 655 -7.10 -17.15 27.49
N ALA B 656 -6.45 -16.45 28.43
CA ALA B 656 -5.34 -15.54 28.16
C ALA B 656 -4.78 -14.96 29.44
N CYS B 657 -3.67 -14.23 29.32
CA CYS B 657 -3.15 -13.42 30.42
C CYS B 657 -3.50 -11.95 30.17
N VAL B 658 -4.77 -11.63 30.40
CA VAL B 658 -5.27 -10.28 30.11
C VAL B 658 -4.80 -9.33 31.22
N SER B 659 -4.47 -8.10 30.82
CA SER B 659 -3.88 -7.11 31.71
C SER B 659 -4.77 -5.86 31.79
N VAL B 660 -4.25 -4.84 32.46
CA VAL B 660 -4.97 -3.61 32.76
C VAL B 660 -4.70 -2.59 31.65
N PRO B 661 -5.65 -1.72 31.32
CA PRO B 661 -5.33 -0.55 30.50
C PRO B 661 -4.69 0.54 31.34
N VAL B 662 -3.73 1.23 30.74
CA VAL B 662 -3.09 2.37 31.39
C VAL B 662 -3.22 3.57 30.46
N SER B 663 -3.66 4.70 31.01
CA SER B 663 -3.71 5.96 30.28
C SER B 663 -3.37 7.08 31.26
N VAL B 664 -3.27 8.30 30.72
CA VAL B 664 -2.79 9.42 31.53
C VAL B 664 -3.71 10.63 31.34
N ILE B 665 -3.87 11.38 32.42
CA ILE B 665 -4.43 12.73 32.39
C ILE B 665 -3.30 13.71 32.68
N TYR B 666 -3.18 14.75 31.85
CA TYR B 666 -2.14 15.74 32.04
C TYR B 666 -2.71 17.13 31.79
N ASP B 667 -2.21 18.12 32.52
CA ASP B 667 -2.57 19.51 32.29
C ASP B 667 -1.33 20.32 31.96
N LYS B 668 -1.39 21.05 30.84
CA LYS B 668 -0.36 22.03 30.52
C LYS B 668 -0.56 23.28 31.38
N GLU B 669 0.52 24.05 31.51
CA GLU B 669 0.72 25.35 32.19
C GLU B 669 0.43 25.29 33.69
N THR B 670 0.01 24.13 34.18
CA THR B 670 -0.01 23.78 35.60
C THR B 670 0.45 22.33 35.66
N LYS B 671 1.68 22.11 36.09
CA LYS B 671 2.31 20.81 35.90
C LYS B 671 1.66 19.77 36.80
N THR B 672 0.64 19.09 36.26
CA THR B 672 -0.10 18.06 36.97
C THR B 672 -0.35 16.91 36.02
N HIS B 673 -0.09 15.68 36.49
CA HIS B 673 -0.36 14.48 35.73
C HIS B 673 -0.80 13.38 36.68
N ALA B 674 -1.61 12.46 36.17
CA ALA B 674 -2.07 11.33 36.97
C ALA B 674 -2.39 10.17 36.05
N THR B 675 -2.39 8.97 36.63
CA THR B 675 -2.54 7.74 35.86
C THR B 675 -3.91 7.14 36.09
N LEU B 676 -4.53 6.67 35.01
CA LEU B 676 -5.87 6.11 35.08
C LEU B 676 -5.87 4.72 34.45
N PHE B 677 -6.77 3.88 34.93
CA PHE B 677 -6.90 2.49 34.52
C PHE B 677 -8.38 2.24 34.30
N GLY B 678 -8.78 2.08 33.03
CA GLY B 678 -10.17 2.18 32.65
C GLY B 678 -10.96 0.90 32.89
N SER B 679 -12.10 1.04 33.58
CA SER B 679 -13.10 -0.01 33.76
C SER B 679 -12.51 -1.22 34.47
N VAL B 680 -11.78 -0.97 35.56
CA VAL B 680 -11.11 -2.01 36.31
C VAL B 680 -11.43 -1.82 37.80
N ALA B 681 -11.08 -2.83 38.58
CA ALA B 681 -11.13 -2.71 40.04
C ALA B 681 -9.75 -2.33 40.56
N CYS B 682 -9.73 -1.59 41.67
CA CYS B 682 -8.48 -1.24 42.33
C CYS B 682 -7.96 -2.47 43.05
N GLU B 683 -7.40 -3.38 42.26
CA GLU B 683 -6.89 -4.65 42.76
C GLU B 683 -5.39 -4.80 42.58
N HIS B 684 -4.81 -4.12 41.61
CA HIS B 684 -3.38 -4.19 41.35
C HIS B 684 -2.71 -2.87 41.67
N ILE B 685 -1.55 -2.96 42.31
CA ILE B 685 -0.73 -1.83 42.74
C ILE B 685 0.62 -2.06 42.07
N SER B 686 1.62 -1.26 42.42
CA SER B 686 2.97 -1.23 41.84
C SER B 686 3.79 -2.54 42.08
N SER B 687 3.22 -3.65 42.54
CA SER B 687 3.96 -4.90 42.70
C SER B 687 4.53 -5.48 41.41
N THR B 688 3.67 -5.94 40.50
CA THR B 688 4.10 -6.72 39.34
C THR B 688 3.81 -5.93 38.06
N MET B 689 4.84 -5.68 37.26
CA MET B 689 4.71 -4.83 36.07
C MET B 689 5.25 -5.54 34.84
N SER B 690 5.26 -4.78 33.75
CA SER B 690 6.04 -5.02 32.55
C SER B 690 6.45 -3.65 32.03
N GLN B 691 6.82 -3.57 30.75
CA GLN B 691 7.45 -2.40 30.10
C GLN B 691 8.52 -1.75 30.97
N TYR B 692 8.59 -0.42 30.97
CA TYR B 692 9.79 0.26 31.43
C TYR B 692 9.67 0.83 32.84
N SER B 693 8.78 1.79 33.07
CA SER B 693 8.73 2.49 34.36
C SER B 693 7.45 3.30 34.46
N ARG B 694 7.40 4.13 35.52
CA ARG B 694 6.24 4.93 35.87
C ARG B 694 6.74 6.20 36.55
N SER B 695 5.91 7.26 36.54
CA SER B 695 6.35 8.60 36.92
C SER B 695 5.73 9.11 38.21
N THR B 696 4.42 8.92 38.39
CA THR B 696 3.65 9.70 39.37
C THR B 696 4.08 9.37 40.80
N ARG B 697 4.38 10.42 41.57
CA ARG B 697 4.85 10.27 42.94
C ARG B 697 3.71 9.89 43.88
N SER B 698 4.09 9.41 45.06
CA SER B 698 3.13 9.04 46.10
C SER B 698 2.86 10.24 46.99
N MET B 699 2.13 10.00 48.09
CA MET B 699 1.75 11.01 49.09
C MET B 699 1.04 12.22 48.49
N TYR B 707 0.45 7.45 48.42
CA TYR B 707 -0.93 7.60 48.86
C TYR B 707 -1.81 6.62 48.10
N GLY B 708 -2.84 6.10 48.77
CA GLY B 708 -3.70 5.08 48.22
C GLY B 708 -4.47 5.51 46.98
N PRO B 709 -4.56 4.61 46.00
CA PRO B 709 -5.34 4.90 44.79
C PRO B 709 -6.82 5.00 45.10
N LEU B 710 -7.55 5.58 44.14
CA LEU B 710 -8.99 5.77 44.28
C LEU B 710 -9.72 4.89 43.27
N GLN B 711 -10.87 4.37 43.69
CA GLN B 711 -11.69 3.52 42.85
C GLN B 711 -12.92 4.27 42.38
N THR B 712 -13.06 4.41 41.08
CA THR B 712 -14.23 4.99 40.43
C THR B 712 -14.97 3.89 39.70
N PRO B 713 -16.27 4.05 39.45
CA PRO B 713 -17.00 3.02 38.69
C PRO B 713 -16.47 2.76 37.29
N VAL B 714 -15.64 3.63 36.74
CA VAL B 714 -15.00 3.39 35.46
C VAL B 714 -13.51 3.06 35.61
N GLY B 715 -13.09 2.61 36.80
CA GLY B 715 -11.73 2.13 36.94
C GLY B 715 -10.98 2.46 38.22
N CYS B 716 -9.66 2.41 38.12
CA CYS B 716 -8.76 2.74 39.22
C CYS B 716 -7.92 3.93 38.82
N VAL B 717 -7.50 4.75 39.79
CA VAL B 717 -6.76 5.95 39.47
C VAL B 717 -5.70 6.23 40.53
N LEU B 718 -4.52 6.61 40.08
CA LEU B 718 -3.44 7.09 40.94
C LEU B 718 -3.23 8.57 40.68
N GLY B 719 -3.37 9.38 41.72
CA GLY B 719 -3.10 10.81 41.64
C GLY B 719 -4.28 11.71 41.98
N LEU B 720 -5.46 11.19 42.23
CA LEU B 720 -6.66 12.00 42.44
C LEU B 720 -7.11 11.96 43.89
N VAL B 721 -7.97 12.93 44.23
CA VAL B 721 -8.56 13.06 45.56
C VAL B 721 -10.06 13.25 45.39
N ASN B 722 -10.84 12.63 46.28
CA ASN B 722 -12.29 12.62 46.12
C ASN B 722 -12.90 14.01 46.33
N SER B 723 -13.73 14.44 45.39
CA SER B 723 -14.42 15.72 45.48
C SER B 723 -15.64 15.64 44.57
N SER B 724 -16.84 15.71 45.16
CA SER B 724 -18.08 15.59 44.39
C SER B 724 -18.59 16.97 44.01
N LEU B 725 -17.81 17.64 43.16
CA LEU B 725 -18.17 18.94 42.61
C LEU B 725 -18.58 18.77 41.16
N PHE B 726 -19.08 19.86 40.57
CA PHE B 726 -19.82 19.76 39.32
C PHE B 726 -19.36 20.83 38.33
N VAL B 727 -19.01 20.40 37.12
CA VAL B 727 -18.57 21.30 36.06
C VAL B 727 -19.24 20.87 34.76
N GLU B 728 -19.90 21.82 34.09
CA GLU B 728 -20.56 21.53 32.82
C GLU B 728 -19.59 21.43 31.66
N ASP B 729 -18.54 22.24 31.65
CA ASP B 729 -17.69 22.42 30.47
C ASP B 729 -16.25 21.99 30.69
N CYS B 730 -16.08 20.79 31.25
CA CYS B 730 -14.76 20.24 31.54
C CYS B 730 -13.92 20.07 30.28
N LYS B 731 -12.87 20.90 30.15
CA LYS B 731 -12.09 20.94 28.92
C LYS B 731 -11.22 19.69 28.73
N LEU B 732 -10.99 18.93 29.80
CA LEU B 732 -10.24 17.67 29.73
C LEU B 732 -11.14 16.58 30.30
N PRO B 733 -12.14 16.13 29.53
CA PRO B 733 -13.11 15.17 30.07
C PRO B 733 -12.48 13.83 30.37
N LEU B 734 -12.84 13.26 31.52
CA LEU B 734 -12.17 12.08 32.03
C LEU B 734 -13.09 10.86 31.99
N GLY B 735 -14.06 10.85 31.09
CA GLY B 735 -14.91 9.69 30.88
C GLY B 735 -16.26 9.78 31.56
N GLN B 736 -17.33 9.58 30.78
CA GLN B 736 -18.72 9.55 31.25
C GLN B 736 -19.09 10.84 31.96
N SER B 737 -18.98 10.85 33.29
CA SER B 737 -19.21 12.07 34.06
C SER B 737 -17.98 12.50 34.84
N LEU B 738 -16.85 11.84 34.63
CA LEU B 738 -15.66 12.08 35.45
C LEU B 738 -14.84 13.22 34.86
N CYS B 739 -14.27 14.05 35.73
CA CYS B 739 -13.42 15.15 35.30
C CYS B 739 -12.49 15.52 36.45
N ALA B 740 -11.56 16.44 36.17
CA ALA B 740 -10.58 16.85 37.17
C ALA B 740 -10.13 18.28 36.91
N LEU B 741 -10.32 19.16 37.89
CA LEU B 741 -9.72 20.49 37.91
C LEU B 741 -8.96 20.68 39.23
N PRO B 742 -7.71 21.14 39.19
CA PRO B 742 -6.95 21.32 40.44
C PRO B 742 -7.42 22.43 41.37
N ASP B 743 -7.35 23.68 40.93
CA ASP B 743 -7.50 24.84 41.80
C ASP B 743 -7.54 26.09 40.92
N THR B 744 -7.48 27.26 41.57
CA THR B 744 -7.36 28.53 40.88
C THR B 744 -6.09 28.61 40.05
N PRO B 757 1.54 23.47 42.69
CA PRO B 757 2.24 22.30 43.24
C PRO B 757 1.31 21.41 44.05
N GLY B 758 0.01 21.56 43.83
CA GLY B 758 -0.97 20.79 44.58
C GLY B 758 -1.39 19.50 43.92
N GLU B 759 -2.69 19.36 43.66
CA GLU B 759 -3.25 18.14 43.10
C GLU B 759 -4.47 18.51 42.26
N MET B 760 -4.71 17.75 41.20
CA MET B 760 -5.94 17.91 40.45
C MET B 760 -7.09 17.19 41.17
N ARG B 761 -8.28 17.79 41.09
CA ARG B 761 -9.40 17.39 41.92
C ARG B 761 -10.49 16.74 41.08
N LEU B 762 -11.10 15.69 41.63
CA LEU B 762 -12.21 15.02 40.97
C LEU B 762 -13.41 15.95 40.86
N ALA B 763 -14.22 15.74 39.83
CA ALA B 763 -15.41 16.53 39.59
C ALA B 763 -16.38 15.74 38.73
N SER B 764 -17.66 16.07 38.86
CA SER B 764 -18.71 15.41 38.10
C SER B 764 -19.09 16.27 36.89
N ILE B 765 -19.15 15.67 35.72
CA ILE B 765 -19.66 16.37 34.55
C ILE B 765 -21.17 16.46 34.72
N ALA B 766 -21.64 17.59 35.22
CA ALA B 766 -23.03 17.71 35.62
C ALA B 766 -23.92 17.95 34.40
N PHE B 767 -25.22 17.81 34.63
CA PHE B 767 -26.24 18.09 33.63
C PHE B 767 -26.76 19.50 33.86
N ASN B 768 -26.57 20.37 32.87
CA ASN B 768 -27.15 21.71 32.94
C ASN B 768 -28.67 21.60 32.97
N HIS B 769 -29.29 22.34 33.90
CA HIS B 769 -30.70 22.16 34.16
C HIS B 769 -31.50 23.28 33.53
N PRO B 770 -32.30 23.00 32.51
CA PRO B 770 -33.28 24.00 32.04
C PRO B 770 -34.36 24.19 33.08
N ILE B 771 -35.05 25.32 32.97
CA ILE B 771 -35.99 25.79 33.99
C ILE B 771 -37.15 24.78 34.10
N GLN B 772 -37.41 24.33 35.32
CA GLN B 772 -38.26 23.18 35.56
C GLN B 772 -39.65 23.60 36.04
N VAL B 773 -40.64 23.39 35.17
CA VAL B 773 -42.05 23.52 35.54
C VAL B 773 -42.89 22.74 34.52
N ASP B 774 -43.93 22.05 34.99
CA ASP B 774 -44.71 21.22 34.09
C ASP B 774 -45.93 21.93 33.53
N GLN B 775 -46.92 22.16 34.40
CA GLN B 775 -48.24 22.71 34.05
C GLN B 775 -49.05 22.83 35.34
N LEU B 776 -50.28 23.32 35.28
CA LEU B 776 -51.09 23.54 36.47
C LEU B 776 -52.04 22.36 36.68
N ASN B 777 -52.01 21.84 37.92
CA ASN B 777 -52.45 20.48 38.28
C ASN B 777 -53.72 19.98 37.59
N SER B 778 -54.73 20.83 37.46
CA SER B 778 -55.94 20.49 36.72
C SER B 778 -56.32 21.58 35.73
N SER B 779 -55.36 22.40 35.30
CA SER B 779 -55.67 23.54 34.45
C SER B 779 -54.50 23.88 33.54
N TYR B 780 -54.49 25.12 33.06
CA TYR B 780 -53.79 25.53 31.84
C TYR B 780 -52.29 25.59 32.10
N PHE B 781 -51.47 25.95 31.10
CA PHE B 781 -50.02 26.04 31.34
C PHE B 781 -49.70 27.41 31.90
N LYS B 782 -49.22 27.43 33.14
CA LYS B 782 -48.64 28.62 33.76
C LYS B 782 -47.34 28.98 33.05
N LEU B 783 -47.29 30.13 32.41
CA LEU B 783 -46.23 30.44 31.47
C LEU B 783 -44.94 30.79 32.20
N SER B 784 -43.82 30.67 31.49
CA SER B 784 -42.56 31.24 31.94
C SER B 784 -41.86 31.87 30.76
N ILE B 785 -41.51 33.15 30.90
CA ILE B 785 -40.92 33.90 29.79
C ILE B 785 -39.66 34.60 30.28
N PRO B 786 -38.65 34.78 29.44
CA PRO B 786 -37.50 35.58 29.85
C PRO B 786 -37.86 37.05 29.98
N THR B 787 -37.20 37.72 30.92
CA THR B 787 -37.45 39.13 31.17
C THR B 787 -36.25 40.01 30.85
N ASN B 788 -35.13 39.44 30.43
CA ASN B 788 -34.02 40.21 29.90
C ASN B 788 -33.37 39.40 28.79
N PHE B 789 -32.28 39.91 28.23
CA PHE B 789 -31.65 39.28 27.08
C PHE B 789 -30.28 39.89 26.86
N SER B 790 -29.62 39.42 25.81
CA SER B 790 -28.40 39.97 25.28
C SER B 790 -28.35 39.62 23.79
N PHE B 791 -27.23 39.93 23.15
CA PHE B 791 -26.98 39.54 21.78
C PHE B 791 -25.88 38.50 21.77
N GLY B 792 -26.20 37.30 21.29
CA GLY B 792 -25.23 36.24 21.16
C GLY B 792 -24.70 36.19 19.75
N VAL B 793 -23.39 36.29 19.61
CA VAL B 793 -22.73 36.14 18.32
C VAL B 793 -22.10 34.75 18.27
N THR B 794 -22.34 34.05 17.17
CA THR B 794 -21.76 32.74 16.93
C THR B 794 -20.95 32.78 15.65
N GLN B 795 -19.79 32.14 15.68
CA GLN B 795 -18.80 32.29 14.62
C GLN B 795 -18.63 30.95 13.93
N GLU B 796 -18.95 30.93 12.63
CA GLU B 796 -19.00 29.71 11.85
C GLU B 796 -17.94 29.77 10.75
N TYR B 797 -17.35 28.62 10.44
CA TYR B 797 -16.42 28.52 9.32
C TYR B 797 -16.73 27.29 8.49
N ILE B 798 -16.74 27.45 7.17
CA ILE B 798 -16.78 26.33 6.25
C ILE B 798 -15.70 26.49 5.19
N GLN B 799 -14.90 25.45 5.02
CA GLN B 799 -13.88 25.36 3.98
C GLN B 799 -14.51 25.36 2.59
N THR B 800 -14.30 26.43 1.82
CA THR B 800 -14.88 26.51 0.49
C THR B 800 -14.02 25.75 -0.53
N THR B 801 -12.79 26.20 -0.74
CA THR B 801 -11.92 25.65 -1.76
C THR B 801 -10.67 25.06 -1.15
N ILE B 802 -10.35 23.83 -1.55
CA ILE B 802 -9.05 23.26 -1.20
C ILE B 802 -7.98 24.00 -2.00
N GLN B 803 -6.83 24.23 -1.38
CA GLN B 803 -5.69 24.84 -2.05
C GLN B 803 -5.27 23.99 -3.24
N LYS B 804 -5.44 24.57 -4.43
CA LYS B 804 -5.40 23.81 -5.68
C LYS B 804 -3.97 23.43 -6.01
N VAL B 805 -3.58 22.19 -5.70
CA VAL B 805 -2.23 21.72 -5.99
C VAL B 805 -2.10 20.82 -7.23
N THR B 806 -1.18 21.14 -8.14
CA THR B 806 -0.94 20.32 -9.33
C THR B 806 0.49 19.79 -9.29
N VAL B 807 0.64 18.48 -9.09
CA VAL B 807 1.98 17.89 -8.96
C VAL B 807 2.63 17.54 -10.28
N ASP B 808 3.92 17.23 -10.25
CA ASP B 808 4.61 16.79 -11.46
C ASP B 808 4.95 15.31 -11.29
N CYS B 809 5.77 14.77 -12.19
CA CYS B 809 6.20 13.37 -12.08
C CYS B 809 7.66 13.31 -12.48
N LYS B 810 8.10 14.32 -13.21
CA LYS B 810 9.51 14.37 -13.61
C LYS B 810 10.23 15.29 -12.68
N GLN B 811 9.48 16.14 -12.00
CA GLN B 811 10.07 17.06 -11.04
C GLN B 811 9.78 16.52 -9.65
N TYR B 812 8.86 15.58 -9.58
CA TYR B 812 8.52 14.99 -8.30
C TYR B 812 9.34 13.72 -8.07
N VAL B 813 9.34 12.81 -9.03
CA VAL B 813 10.04 11.54 -8.81
C VAL B 813 11.42 11.40 -9.47
N CYS B 814 11.60 11.97 -10.65
CA CYS B 814 12.87 11.80 -11.36
C CYS B 814 13.87 12.82 -10.94
N ASN B 815 13.46 14.08 -10.81
CA ASN B 815 14.27 15.14 -10.29
C ASN B 815 15.33 15.44 -11.31
N GLY B 816 15.18 14.91 -12.51
CA GLY B 816 16.04 15.20 -13.63
C GLY B 816 17.30 14.38 -13.79
N PHE B 817 17.20 13.06 -13.64
CA PHE B 817 18.29 12.15 -13.92
C PHE B 817 17.93 11.31 -15.13
N GLN B 818 18.88 11.15 -16.05
CA GLN B 818 18.57 10.61 -17.39
C GLN B 818 18.05 9.17 -17.32
N LYS B 819 18.82 8.29 -16.67
CA LYS B 819 18.42 6.89 -16.51
C LYS B 819 17.11 6.77 -15.76
N CYS B 820 16.84 7.73 -14.86
CA CYS B 820 15.53 7.82 -14.22
C CYS B 820 14.40 8.08 -15.21
N GLU B 821 14.59 8.93 -16.24
CA GLU B 821 13.48 9.03 -17.18
C GLU B 821 13.37 7.82 -18.09
N GLN B 822 14.50 7.21 -18.49
CA GLN B 822 14.37 6.04 -19.36
C GLN B 822 13.73 4.86 -18.61
N LEU B 823 14.05 4.67 -17.33
CA LEU B 823 13.36 3.65 -16.55
C LEU B 823 11.92 4.07 -16.24
N LEU B 824 11.67 5.38 -16.11
CA LEU B 824 10.31 5.86 -15.87
C LEU B 824 9.43 5.65 -17.08
N ARG B 825 10.01 5.67 -18.28
CA ARG B 825 9.23 5.59 -19.51
C ARG B 825 8.54 4.25 -19.69
N GLU B 826 9.03 3.20 -19.01
CA GLU B 826 8.30 1.94 -18.98
C GLU B 826 6.96 2.09 -18.27
N TYR B 827 6.96 2.79 -17.14
CA TYR B 827 5.71 3.04 -16.43
C TYR B 827 4.86 4.07 -17.17
N GLY B 828 5.46 5.22 -17.52
CA GLY B 828 4.88 6.13 -18.49
C GLY B 828 3.51 6.69 -18.18
N GLN B 829 2.51 6.15 -18.88
CA GLN B 829 1.12 6.62 -18.91
C GLN B 829 0.42 6.67 -17.55
N PHE B 830 1.04 6.16 -16.49
CA PHE B 830 0.44 6.25 -15.16
C PHE B 830 0.29 7.71 -14.73
N CYS B 831 1.33 8.50 -14.94
CA CYS B 831 1.22 9.93 -14.69
C CYS B 831 0.31 10.64 -15.68
N SER B 832 0.17 10.10 -16.89
CA SER B 832 -0.86 10.64 -17.77
C SER B 832 -2.24 10.46 -17.15
N LYS B 833 -2.50 9.27 -16.60
CA LYS B 833 -3.78 8.99 -15.93
C LYS B 833 -3.97 9.92 -14.73
N ILE B 834 -2.97 10.04 -13.87
CA ILE B 834 -3.20 10.79 -12.64
C ILE B 834 -3.17 12.29 -12.90
N ASN B 835 -2.43 12.75 -13.91
CA ASN B 835 -2.42 14.17 -14.23
C ASN B 835 -3.73 14.57 -14.87
N GLN B 836 -4.28 13.71 -15.72
CA GLN B 836 -5.65 13.92 -16.20
C GLN B 836 -6.63 13.95 -15.05
N ALA B 837 -6.45 13.05 -14.08
CA ALA B 837 -7.36 12.98 -12.93
C ALA B 837 -7.26 14.23 -12.06
N LEU B 838 -6.03 14.65 -11.73
CA LEU B 838 -5.85 15.80 -10.85
C LEU B 838 -6.25 17.09 -11.55
N HIS B 839 -5.96 17.21 -12.84
CA HIS B 839 -6.38 18.41 -13.55
C HIS B 839 -7.89 18.42 -13.74
N GLY B 840 -8.52 17.25 -13.91
CA GLY B 840 -9.96 17.21 -13.96
C GLY B 840 -10.61 17.58 -12.65
N ALA B 841 -10.04 17.12 -11.54
CA ALA B 841 -10.54 17.51 -10.22
C ALA B 841 -10.34 19.01 -9.99
N ASN B 842 -9.20 19.54 -10.42
CA ASN B 842 -8.94 20.97 -10.31
C ASN B 842 -9.92 21.77 -11.16
N LEU B 843 -10.21 21.31 -12.38
CA LEU B 843 -11.18 21.99 -13.24
C LEU B 843 -12.57 21.90 -12.66
N ARG B 844 -12.70 20.92 -11.82
CA ARG B 844 -13.96 20.76 -11.24
C ARG B 844 -13.91 21.79 -10.25
N GLN B 845 -12.83 21.78 -9.52
CA GLN B 845 -12.78 22.65 -8.42
C GLN B 845 -13.00 23.97 -8.90
N ASP B 846 -12.39 24.21 -10.00
CA ASP B 846 -12.43 25.50 -10.47
C ASP B 846 -13.72 26.15 -10.51
N ASP B 847 -14.65 25.50 -11.11
CA ASP B 847 -15.85 26.25 -11.32
C ASP B 847 -16.91 26.10 -10.38
N SER B 848 -16.53 25.73 -9.16
CA SER B 848 -17.49 25.61 -8.09
C SER B 848 -17.18 26.86 -7.32
N VAL B 849 -16.03 27.44 -7.59
CA VAL B 849 -15.66 28.71 -6.96
C VAL B 849 -16.10 29.78 -7.94
N ARG B 850 -16.16 29.44 -9.22
CA ARG B 850 -16.67 30.38 -10.20
C ARG B 850 -18.17 30.43 -9.97
N ASN B 851 -18.77 29.25 -9.77
CA ASN B 851 -20.21 29.20 -9.49
C ASN B 851 -20.51 29.64 -8.08
N LEU B 852 -19.52 29.65 -7.20
CA LEU B 852 -19.72 30.17 -5.85
C LEU B 852 -20.09 31.61 -6.06
N PHE B 853 -19.26 32.31 -6.81
CA PHE B 853 -19.49 33.72 -7.03
C PHE B 853 -20.62 34.02 -8.01
N ALA B 854 -21.03 33.03 -8.79
CA ALA B 854 -22.16 33.22 -9.70
C ALA B 854 -23.44 33.30 -8.89
N SER B 855 -23.42 32.73 -7.69
CA SER B 855 -24.60 32.80 -6.82
C SER B 855 -24.59 34.10 -6.05
N VAL B 856 -23.41 34.62 -5.75
CA VAL B 856 -23.34 35.92 -5.08
C VAL B 856 -23.58 37.00 -6.13
N LYS B 857 -23.49 36.64 -7.40
CA LYS B 857 -23.79 37.59 -8.46
C LYS B 857 -25.27 37.90 -8.50
N SER B 858 -25.67 38.97 -7.83
CA SER B 858 -27.05 39.40 -7.79
C SER B 858 -26.87 40.77 -8.32
N SER B 859 -27.91 41.55 -8.39
CA SER B 859 -27.70 42.81 -9.02
C SER B 859 -28.42 44.06 -8.64
N GLN B 860 -28.22 44.48 -7.40
CA GLN B 860 -28.81 45.72 -6.95
C GLN B 860 -27.97 46.12 -5.75
N SER B 861 -27.36 47.30 -5.79
CA SER B 861 -26.43 47.61 -4.69
C SER B 861 -26.38 49.00 -4.14
N SER B 862 -26.36 49.09 -2.82
CA SER B 862 -26.17 50.38 -2.19
C SER B 862 -24.67 50.36 -1.98
N PRO B 863 -23.96 51.36 -2.51
CA PRO B 863 -22.49 51.35 -2.40
C PRO B 863 -21.99 51.51 -0.97
N ILE B 864 -20.68 51.49 -0.80
CA ILE B 864 -20.16 51.72 0.55
C ILE B 864 -19.92 53.20 0.84
N ILE B 865 -20.61 53.71 1.85
CA ILE B 865 -20.47 55.11 2.23
C ILE B 865 -19.94 55.12 3.66
N PRO B 866 -19.00 56.01 4.01
CA PRO B 866 -18.65 56.16 5.43
C PRO B 866 -19.84 56.59 6.26
N GLY B 867 -19.92 56.07 7.49
CA GLY B 867 -21.14 56.17 8.26
C GLY B 867 -22.22 55.23 7.79
N PHE B 868 -21.86 54.02 7.36
CA PHE B 868 -22.78 53.11 6.72
C PHE B 868 -23.73 52.50 7.74
N GLY B 869 -25.00 52.38 7.37
CA GLY B 869 -26.00 51.76 8.22
C GLY B 869 -26.59 52.66 9.28
N GLY B 870 -26.08 53.87 9.45
CA GLY B 870 -26.60 54.79 10.45
C GLY B 870 -25.57 55.05 11.54
N ASP B 871 -26.02 54.99 12.80
CA ASP B 871 -25.16 55.31 13.94
C ASP B 871 -24.16 54.20 14.24
N PHE B 872 -24.31 53.03 13.61
CA PHE B 872 -23.50 51.88 13.99
C PHE B 872 -22.05 52.04 13.55
N ASN B 873 -21.14 51.79 14.50
CA ASN B 873 -19.70 51.89 14.25
C ASN B 873 -19.24 50.60 13.57
N LEU B 874 -19.36 50.60 12.23
CA LEU B 874 -19.03 49.41 11.45
C LEU B 874 -17.55 49.09 11.51
N THR B 875 -16.72 50.01 10.98
CA THR B 875 -15.25 49.92 10.90
C THR B 875 -14.74 48.58 10.37
N LEU B 876 -14.99 47.50 11.12
CA LEU B 876 -14.64 46.13 10.75
C LEU B 876 -15.00 45.80 9.30
N LEU B 877 -16.29 45.83 8.99
CA LEU B 877 -16.77 45.42 7.69
C LEU B 877 -16.64 46.50 6.63
N GLU B 878 -16.34 47.74 7.04
CA GLU B 878 -16.17 48.80 6.07
C GLU B 878 -14.85 48.61 5.34
N PRO B 879 -14.86 48.57 4.00
CA PRO B 879 -13.60 48.42 3.27
C PRO B 879 -12.87 49.73 3.07
N VAL B 880 -11.56 49.73 3.30
CA VAL B 880 -10.75 50.93 3.13
C VAL B 880 -9.31 50.54 2.79
N ALA B 889 -11.95 49.59 0.04
CA ALA B 889 -10.91 48.82 -0.62
C ALA B 889 -10.70 47.46 0.05
N ARG B 890 -10.60 47.46 1.38
CA ARG B 890 -10.26 46.25 2.10
C ARG B 890 -10.75 46.39 3.54
N SER B 891 -11.43 45.35 4.04
CA SER B 891 -12.08 45.40 5.34
C SER B 891 -11.07 45.27 6.47
N ALA B 892 -11.32 46.00 7.56
CA ALA B 892 -10.39 46.03 8.68
C ALA B 892 -10.35 44.70 9.43
N ILE B 893 -11.51 44.12 9.73
CA ILE B 893 -11.56 42.83 10.41
C ILE B 893 -10.97 41.74 9.54
N GLU B 894 -11.11 41.87 8.22
CA GLU B 894 -10.59 40.89 7.28
C GLU B 894 -9.07 40.84 7.31
N ASP B 895 -8.42 42.00 7.26
CA ASP B 895 -6.97 42.09 7.43
C ASP B 895 -6.54 41.67 8.82
N LEU B 896 -7.33 42.02 9.85
CA LEU B 896 -6.95 41.66 11.22
C LEU B 896 -6.98 40.16 11.42
N LEU B 897 -8.00 39.48 10.87
CA LEU B 897 -8.04 38.03 11.01
C LEU B 897 -6.99 37.37 10.13
N PHE B 898 -6.57 38.01 9.05
CA PHE B 898 -5.37 37.50 8.37
C PHE B 898 -4.12 37.65 9.22
N ASP B 899 -3.99 38.78 9.92
CA ASP B 899 -2.79 39.00 10.73
C ASP B 899 -2.75 38.06 11.93
N LYS B 900 -3.92 37.69 12.46
CA LYS B 900 -3.99 36.78 13.59
C LYS B 900 -3.91 35.31 13.20
N VAL B 901 -3.69 35.00 11.92
CA VAL B 901 -3.50 33.64 11.45
C VAL B 901 -2.14 33.56 10.76
N THR B 902 -1.39 32.51 11.05
CA THR B 902 -0.15 32.23 10.32
C THR B 902 -0.51 31.92 8.87
N ILE B 903 -0.30 32.89 8.00
CA ILE B 903 -0.72 32.82 6.60
C ILE B 903 0.52 33.02 5.73
N ALA B 904 0.73 32.12 4.79
CA ALA B 904 1.87 32.19 3.86
C ALA B 904 1.31 32.35 2.45
N ASP B 905 1.20 33.60 2.00
CA ASP B 905 0.81 33.87 0.62
C ASP B 905 1.94 33.42 -0.30
N PRO B 906 1.65 32.68 -1.37
CA PRO B 906 2.71 31.98 -2.10
C PRO B 906 3.48 32.83 -3.11
N GLY B 907 3.83 34.07 -2.75
CA GLY B 907 4.80 34.89 -3.48
C GLY B 907 4.56 35.03 -4.97
N TYR B 908 3.34 35.41 -5.35
CA TYR B 908 2.85 35.23 -6.72
C TYR B 908 3.58 36.09 -7.74
N MET B 909 4.31 37.12 -7.31
CA MET B 909 5.16 37.87 -8.22
C MET B 909 6.60 38.02 -7.73
N GLN B 910 6.89 37.71 -6.47
CA GLN B 910 8.22 37.92 -5.94
C GLN B 910 8.76 36.76 -5.11
N GLY B 911 8.01 35.66 -4.97
CA GLY B 911 8.41 34.59 -4.06
C GLY B 911 9.70 33.91 -4.47
N TYR B 912 9.93 33.80 -5.78
CA TYR B 912 11.15 33.20 -6.31
C TYR B 912 12.39 33.94 -5.82
N ASP B 913 12.41 35.26 -6.03
CA ASP B 913 13.50 36.07 -5.50
C ASP B 913 13.46 36.17 -3.98
N ASP B 914 12.26 36.02 -3.39
CA ASP B 914 12.13 36.08 -1.94
C ASP B 914 12.89 34.94 -1.27
N CYS B 915 12.85 33.74 -1.85
CA CYS B 915 13.62 32.64 -1.30
C CYS B 915 15.01 32.51 -1.92
N MET B 916 15.26 33.12 -3.07
CA MET B 916 16.61 33.14 -3.62
C MET B 916 17.44 34.31 -3.13
N GLN B 917 16.88 35.15 -2.26
CA GLN B 917 17.69 36.03 -1.44
C GLN B 917 17.56 35.75 0.04
N GLN B 918 16.46 35.12 0.47
CA GLN B 918 16.31 34.64 1.85
C GLN B 918 15.27 33.52 1.86
N LEU B 926 8.84 25.95 2.49
CA LEU B 926 7.40 25.99 2.56
C LEU B 926 6.79 26.52 1.28
N ILE B 927 6.83 27.85 1.11
CA ILE B 927 6.28 28.47 -0.08
C ILE B 927 7.11 28.11 -1.30
N CYS B 928 8.42 28.26 -1.21
CA CYS B 928 9.30 27.86 -2.30
C CYS B 928 9.59 26.37 -2.31
N ALA B 929 9.12 25.63 -1.30
CA ALA B 929 9.12 24.17 -1.36
C ALA B 929 8.16 23.63 -2.42
N GLN B 930 7.29 24.50 -2.96
CA GLN B 930 6.44 24.15 -4.09
C GLN B 930 7.24 23.54 -5.24
N TYR B 931 8.13 24.34 -5.82
CA TYR B 931 8.98 23.84 -6.90
C TYR B 931 10.07 22.91 -6.38
N VAL B 932 10.50 23.09 -5.13
CA VAL B 932 11.57 22.26 -4.57
C VAL B 932 11.10 20.82 -4.43
N ALA B 933 9.94 20.61 -3.80
CA ALA B 933 9.34 19.29 -3.79
C ALA B 933 8.73 18.92 -5.13
N GLY B 934 8.54 19.90 -6.01
CA GLY B 934 8.11 19.63 -7.37
C GLY B 934 6.61 19.53 -7.56
N TYR B 935 5.87 20.43 -6.90
CA TYR B 935 4.46 20.58 -7.14
C TYR B 935 4.18 22.04 -7.47
N LYS B 936 2.92 22.35 -7.74
CA LYS B 936 2.57 23.72 -8.09
C LYS B 936 1.16 23.97 -7.57
N VAL B 937 1.06 24.79 -6.53
CA VAL B 937 -0.25 25.21 -6.04
C VAL B 937 -0.77 26.29 -6.96
N LEU B 938 -1.96 26.06 -7.53
CA LEU B 938 -2.55 27.04 -8.41
C LEU B 938 -2.92 28.30 -7.63
N PRO B 939 -2.73 29.48 -8.20
CA PRO B 939 -3.12 30.71 -7.51
C PRO B 939 -4.63 30.85 -7.49
N PRO B 940 -5.17 31.71 -6.63
CA PRO B 940 -6.59 32.05 -6.75
C PRO B 940 -6.86 32.69 -8.10
N LEU B 941 -7.80 32.09 -8.82
CA LEU B 941 -8.18 32.54 -10.16
C LEU B 941 -8.85 33.91 -10.15
N MET B 942 -9.21 34.40 -8.97
CA MET B 942 -9.95 35.63 -8.77
C MET B 942 -9.23 36.44 -7.70
N ASP B 943 -9.34 37.77 -7.78
CA ASP B 943 -8.42 38.65 -7.08
C ASP B 943 -9.00 39.21 -5.79
N VAL B 944 -8.07 39.66 -4.92
CA VAL B 944 -8.40 40.04 -3.55
C VAL B 944 -9.42 41.17 -3.51
N ASN B 945 -9.19 42.21 -4.33
CA ASN B 945 -10.11 43.33 -4.37
C ASN B 945 -11.48 42.94 -4.91
N MET B 946 -11.60 41.84 -5.65
CA MET B 946 -12.93 41.51 -6.12
C MET B 946 -13.67 40.51 -5.22
N GLU B 947 -12.99 39.71 -4.37
CA GLU B 947 -13.79 39.18 -3.25
C GLU B 947 -14.19 40.30 -2.31
N ALA B 948 -13.35 41.33 -2.18
CA ALA B 948 -13.76 42.52 -1.44
C ALA B 948 -15.00 43.14 -2.09
N ALA B 949 -15.06 43.13 -3.42
CA ALA B 949 -16.24 43.61 -4.13
C ALA B 949 -17.47 42.75 -3.84
N TYR B 950 -17.31 41.41 -3.81
CA TYR B 950 -18.45 40.56 -3.43
C TYR B 950 -18.91 40.81 -1.99
N THR B 951 -17.97 40.98 -1.06
CA THR B 951 -18.36 41.23 0.32
C THR B 951 -19.07 42.57 0.46
N SER B 952 -18.58 43.59 -0.25
CA SER B 952 -19.26 44.88 -0.28
C SER B 952 -20.63 44.75 -0.93
N SER B 953 -20.75 43.94 -1.98
CA SER B 953 -22.02 43.75 -2.66
C SER B 953 -23.04 43.09 -1.75
N LEU B 954 -22.63 42.08 -1.00
CA LEU B 954 -23.56 41.43 -0.09
C LEU B 954 -23.90 42.31 1.11
N LEU B 955 -22.94 43.11 1.57
CA LEU B 955 -23.24 44.05 2.65
C LEU B 955 -24.24 45.12 2.21
N GLY B 956 -24.12 45.60 0.97
CA GLY B 956 -25.14 46.46 0.42
C GLY B 956 -26.46 45.72 0.18
N SER B 957 -26.37 44.44 -0.18
CA SER B 957 -27.55 43.66 -0.55
C SER B 957 -28.45 43.41 0.64
N ILE B 958 -27.86 43.06 1.79
CA ILE B 958 -28.65 42.69 2.97
C ILE B 958 -29.50 43.83 3.51
N ALA B 959 -29.24 45.07 3.09
CA ALA B 959 -30.20 46.14 3.31
C ALA B 959 -31.51 45.85 2.58
N GLY B 960 -31.42 45.41 1.34
CA GLY B 960 -32.60 45.26 0.51
C GLY B 960 -33.27 43.90 0.55
N VAL B 961 -32.47 42.84 0.41
CA VAL B 961 -33.01 41.49 0.31
C VAL B 961 -33.63 41.04 1.63
N GLY B 962 -33.14 41.56 2.76
CA GLY B 962 -33.67 41.19 4.06
C GLY B 962 -34.91 41.96 4.46
N TRP B 963 -35.74 42.33 3.48
CA TRP B 963 -37.00 43.02 3.73
C TRP B 963 -38.21 42.20 3.35
N THR B 964 -38.32 41.74 2.10
CA THR B 964 -39.41 40.89 1.68
C THR B 964 -38.87 39.96 0.60
N ALA B 965 -39.51 38.79 0.47
CA ALA B 965 -39.16 37.85 -0.59
C ALA B 965 -39.41 38.47 -1.95
N GLY B 966 -38.54 38.13 -2.91
CA GLY B 966 -38.54 38.77 -4.20
C GLY B 966 -37.30 39.61 -4.38
N LEU B 967 -36.34 39.07 -5.12
CA LEU B 967 -35.00 39.68 -5.22
C LEU B 967 -34.93 40.78 -6.26
N SER B 968 -35.98 40.99 -7.06
CA SER B 968 -35.90 41.95 -8.15
C SER B 968 -35.93 43.38 -7.65
N SER B 969 -36.81 43.68 -6.69
CA SER B 969 -36.82 45.00 -6.09
C SER B 969 -35.73 45.10 -5.03
N PHE B 970 -35.50 46.32 -4.55
CA PHE B 970 -34.47 46.55 -3.54
C PHE B 970 -34.97 47.52 -2.48
N ALA B 971 -34.42 47.39 -1.28
CA ALA B 971 -34.87 48.11 -0.09
C ALA B 971 -33.67 48.68 0.66
N ALA B 972 -32.82 49.44 -0.04
CA ALA B 972 -31.58 49.96 0.55
C ALA B 972 -31.84 51.03 1.60
N ILE B 973 -32.41 50.61 2.73
CA ILE B 973 -32.54 51.44 3.92
C ILE B 973 -31.21 51.33 4.66
N PRO B 974 -30.83 52.33 5.47
CA PRO B 974 -29.83 52.07 6.51
C PRO B 974 -30.30 50.96 7.44
N PHE B 975 -29.34 50.20 7.97
CA PHE B 975 -29.65 48.96 8.68
C PHE B 975 -30.49 49.15 9.94
N ALA B 976 -30.59 50.38 10.46
CA ALA B 976 -31.25 50.59 11.74
C ALA B 976 -32.73 50.20 11.69
N GLN B 977 -33.44 50.66 10.67
CA GLN B 977 -34.86 50.34 10.60
C GLN B 977 -35.08 48.91 10.12
N SER B 978 -34.10 48.35 9.40
CA SER B 978 -34.12 46.92 9.10
C SER B 978 -34.04 46.09 10.37
N ILE B 979 -33.15 46.45 11.29
CA ILE B 979 -33.08 45.79 12.59
C ILE B 979 -34.39 45.99 13.35
N PHE B 980 -34.96 47.20 13.27
CA PHE B 980 -36.24 47.49 13.93
C PHE B 980 -37.32 46.52 13.49
N TYR B 981 -37.51 46.39 12.17
CA TYR B 981 -38.59 45.56 11.66
C TYR B 981 -38.28 44.06 11.80
N ARG B 982 -37.02 43.66 11.72
CA ARG B 982 -36.73 42.24 11.89
C ARG B 982 -36.81 41.82 13.36
N LEU B 983 -36.59 42.74 14.30
CA LEU B 983 -36.86 42.41 15.70
C LEU B 983 -38.36 42.41 15.97
N ASN B 984 -39.09 43.39 15.42
CA ASN B 984 -40.52 43.45 15.67
C ASN B 984 -41.29 42.31 14.99
N GLY B 985 -40.73 41.74 13.91
CA GLY B 985 -41.42 40.67 13.22
C GLY B 985 -41.36 39.32 13.93
N VAL B 986 -40.39 39.12 14.80
CA VAL B 986 -40.19 37.81 15.42
C VAL B 986 -40.88 37.75 16.78
N GLY B 987 -41.74 38.71 17.05
CA GLY B 987 -42.50 38.70 18.29
C GLY B 987 -41.93 39.62 19.34
N ILE B 988 -41.62 40.84 18.94
CA ILE B 988 -41.23 41.92 19.85
C ILE B 988 -42.13 43.11 19.55
N THR B 989 -42.68 43.73 20.60
CA THR B 989 -43.58 44.85 20.41
C THR B 989 -42.83 46.08 19.90
N GLN B 990 -43.58 47.01 19.30
CA GLN B 990 -42.96 48.12 18.61
C GLN B 990 -42.41 49.17 19.59
N GLN B 991 -43.02 49.31 20.77
CA GLN B 991 -42.67 50.43 21.64
C GLN B 991 -41.31 50.26 22.29
N VAL B 992 -40.90 49.02 22.58
CA VAL B 992 -39.58 48.81 23.18
C VAL B 992 -38.50 49.03 22.13
N LEU B 993 -38.79 48.76 20.85
CA LEU B 993 -37.92 49.22 19.78
C LEU B 993 -37.95 50.74 19.69
N SER B 994 -39.09 51.35 20.01
CA SER B 994 -39.27 52.79 19.86
C SER B 994 -38.61 53.59 20.97
N GLU B 995 -38.28 52.97 22.10
CA GLU B 995 -37.63 53.69 23.19
C GLU B 995 -36.28 53.11 23.58
N ASN B 996 -35.76 52.13 22.85
CA ASN B 996 -34.44 51.57 23.14
C ASN B 996 -33.59 51.44 21.88
N GLN B 997 -33.82 52.31 20.89
CA GLN B 997 -33.01 52.26 19.68
C GLN B 997 -31.55 52.58 19.96
N LYS B 998 -31.31 53.59 20.81
CA LYS B 998 -29.95 53.86 21.26
C LYS B 998 -29.42 52.69 22.11
N LEU B 999 -30.29 52.09 22.92
CA LEU B 999 -29.87 50.98 23.76
C LEU B 999 -29.51 49.75 22.93
N ILE B 1000 -30.34 49.41 21.95
CA ILE B 1000 -30.02 48.26 21.11
C ILE B 1000 -28.82 48.56 20.23
N ALA B 1001 -28.65 49.82 19.82
CA ALA B 1001 -27.47 50.20 19.04
C ALA B 1001 -26.20 50.03 19.86
N ASN B 1002 -26.21 50.50 21.11
CA ASN B 1002 -25.05 50.38 21.97
C ASN B 1002 -24.73 48.93 22.30
N LYS B 1003 -25.75 48.13 22.63
CA LYS B 1003 -25.48 46.74 22.98
C LYS B 1003 -25.08 45.92 21.76
N PHE B 1004 -25.62 46.26 20.58
CA PHE B 1004 -25.18 45.61 19.35
C PHE B 1004 -23.73 45.96 19.03
N ASN B 1005 -23.36 47.22 19.22
CA ASN B 1005 -21.98 47.64 18.97
C ASN B 1005 -21.02 46.98 19.94
N GLN B 1006 -21.42 46.84 21.21
CA GLN B 1006 -20.56 46.15 22.17
C GLN B 1006 -20.47 44.66 21.85
N ALA B 1007 -21.59 44.06 21.42
CA ALA B 1007 -21.59 42.65 21.07
C ALA B 1007 -20.68 42.37 19.88
N LEU B 1008 -20.70 43.24 18.89
CA LEU B 1008 -19.78 43.05 17.76
C LEU B 1008 -18.35 43.40 18.15
N GLY B 1009 -18.17 44.38 19.03
CA GLY B 1009 -16.84 44.78 19.45
C GLY B 1009 -16.16 43.83 20.40
N ALA B 1010 -16.91 42.90 20.99
CA ALA B 1010 -16.28 41.91 21.87
C ALA B 1010 -15.44 40.91 21.09
N MET B 1011 -15.87 40.53 19.89
CA MET B 1011 -15.36 39.32 19.26
C MET B 1011 -14.02 39.48 18.56
N GLN B 1012 -13.55 40.71 18.31
CA GLN B 1012 -12.29 40.89 17.59
C GLN B 1012 -11.11 40.41 18.42
N THR B 1013 -11.01 40.85 19.68
CA THR B 1013 -9.89 40.48 20.52
C THR B 1013 -9.93 39.02 20.94
N GLY B 1014 -11.07 38.35 20.78
CA GLY B 1014 -11.21 36.95 21.12
C GLY B 1014 -10.72 35.98 20.08
N PHE B 1015 -9.99 36.43 19.06
CA PHE B 1015 -9.46 35.55 18.03
C PHE B 1015 -8.27 34.79 18.61
N THR B 1016 -8.59 33.78 19.41
CA THR B 1016 -7.61 33.05 20.20
C THR B 1016 -8.10 31.62 20.38
N THR B 1017 -7.58 30.93 21.39
CA THR B 1017 -7.94 29.55 21.67
C THR B 1017 -9.45 29.39 21.94
N THR B 1018 -10.12 30.45 22.40
CA THR B 1018 -11.52 30.35 22.81
C THR B 1018 -12.49 30.21 21.65
N ASN B 1019 -12.10 30.57 20.43
CA ASN B 1019 -13.02 30.55 19.29
C ASN B 1019 -12.80 29.29 18.47
N GLU B 1020 -13.83 28.43 18.41
CA GLU B 1020 -13.69 27.11 17.80
C GLU B 1020 -13.45 27.20 16.30
N ALA B 1021 -14.19 28.07 15.59
CA ALA B 1021 -14.03 28.17 14.15
C ALA B 1021 -12.66 28.71 13.77
N PHE B 1022 -12.02 29.48 14.65
CA PHE B 1022 -10.65 29.90 14.45
C PHE B 1022 -9.71 28.69 14.36
N GLN B 1023 -9.84 27.75 15.30
CA GLN B 1023 -9.02 26.55 15.21
C GLN B 1023 -9.46 25.65 14.08
N LYS B 1024 -10.72 25.74 13.63
CA LYS B 1024 -11.10 25.00 12.43
C LYS B 1024 -10.42 25.57 11.19
N VAL B 1025 -10.25 26.89 11.13
CA VAL B 1025 -9.46 27.50 10.08
C VAL B 1025 -8.03 27.02 10.13
N GLN B 1026 -7.44 26.96 11.33
CA GLN B 1026 -6.09 26.42 11.45
C GLN B 1026 -6.04 24.93 11.14
N ASP B 1027 -7.13 24.20 11.37
CA ASP B 1027 -7.20 22.80 10.94
C ASP B 1027 -7.13 22.69 9.44
N ALA B 1028 -7.84 23.55 8.72
CA ALA B 1028 -7.72 23.58 7.27
C ALA B 1028 -6.30 23.95 6.84
N VAL B 1029 -5.71 24.93 7.52
CA VAL B 1029 -4.38 25.43 7.15
C VAL B 1029 -3.33 24.35 7.34
N ASN B 1030 -3.31 23.71 8.51
CA ASN B 1030 -2.31 22.68 8.69
C ASN B 1030 -2.69 21.37 8.00
N ASN B 1031 -3.94 21.22 7.56
CA ASN B 1031 -4.26 20.16 6.61
C ASN B 1031 -3.55 20.39 5.29
N ASN B 1032 -3.56 21.63 4.80
CA ASN B 1032 -2.75 21.96 3.62
C ASN B 1032 -1.27 21.75 3.88
N ALA B 1033 -0.81 22.12 5.08
CA ALA B 1033 0.60 21.96 5.44
C ALA B 1033 1.01 20.50 5.46
N GLN B 1034 0.18 19.63 6.03
CA GLN B 1034 0.53 18.21 6.04
C GLN B 1034 0.39 17.60 4.65
N ALA B 1035 -0.52 18.12 3.82
CA ALA B 1035 -0.64 17.66 2.44
C ALA B 1035 0.63 17.95 1.65
N LEU B 1036 1.19 19.14 1.82
CA LEU B 1036 2.44 19.43 1.13
C LEU B 1036 3.64 18.75 1.81
N SER B 1037 3.60 18.55 3.12
CA SER B 1037 4.74 17.96 3.80
C SER B 1037 4.84 16.46 3.52
N LYS B 1038 3.70 15.79 3.27
CA LYS B 1038 3.78 14.39 2.88
C LYS B 1038 4.29 14.26 1.45
N LEU B 1039 4.09 15.30 0.64
CA LEU B 1039 4.77 15.35 -0.65
C LEU B 1039 6.27 15.48 -0.47
N ALA B 1040 6.69 16.40 0.41
CA ALA B 1040 8.11 16.67 0.59
C ALA B 1040 8.86 15.55 1.32
N SER B 1041 8.18 14.84 2.23
CA SER B 1041 8.83 13.99 3.22
C SER B 1041 9.21 12.61 2.69
N GLU B 1042 8.21 11.83 2.24
CA GLU B 1042 8.50 10.49 1.76
C GLU B 1042 9.22 10.45 0.40
N LEU B 1043 9.50 11.60 -0.20
CA LEU B 1043 10.54 11.65 -1.22
C LEU B 1043 11.88 11.26 -0.63
N SER B 1044 12.17 11.74 0.59
CA SER B 1044 13.40 11.35 1.27
C SER B 1044 13.35 9.90 1.74
N ASN B 1045 12.15 9.37 1.98
CA ASN B 1045 12.02 7.98 2.38
C ASN B 1045 12.41 7.06 1.21
N THR B 1046 12.93 5.88 1.55
CA THR B 1046 13.42 4.94 0.56
C THR B 1046 12.52 3.73 0.35
N PHE B 1047 11.76 3.33 1.38
CA PHE B 1047 10.84 2.18 1.32
C PHE B 1047 11.55 0.88 0.94
N GLY B 1048 12.79 0.71 1.39
CA GLY B 1048 13.59 -0.46 1.08
C GLY B 1048 14.89 -0.15 0.36
N ALA B 1049 15.03 1.04 -0.21
CA ALA B 1049 16.27 1.43 -0.84
C ALA B 1049 17.23 1.97 0.22
N ILE B 1050 18.38 2.47 -0.22
CA ILE B 1050 19.42 2.91 0.70
C ILE B 1050 19.64 4.42 0.69
N SER B 1051 19.24 5.12 -0.37
CA SER B 1051 19.40 6.57 -0.43
C SER B 1051 18.39 7.15 -1.39
N ALA B 1052 17.72 8.22 -0.97
CA ALA B 1052 16.72 8.87 -1.82
C ALA B 1052 17.34 9.57 -3.01
N SER B 1053 18.61 9.95 -2.93
CA SER B 1053 19.29 10.61 -4.04
C SER B 1053 19.49 9.61 -5.17
N ILE B 1054 18.70 9.73 -6.23
CA ILE B 1054 18.76 8.80 -7.35
C ILE B 1054 20.11 8.93 -8.07
N GLY B 1055 20.62 10.16 -8.17
CA GLY B 1055 21.94 10.35 -8.77
C GLY B 1055 23.04 9.66 -7.98
N ASP B 1056 22.94 9.69 -6.65
CA ASP B 1056 23.90 8.96 -5.83
C ASP B 1056 23.74 7.46 -5.99
N ILE B 1057 22.50 6.99 -6.19
CA ILE B 1057 22.26 5.59 -6.49
C ILE B 1057 22.95 5.19 -7.79
N ILE B 1058 22.87 6.05 -8.80
CA ILE B 1058 23.49 5.77 -10.09
C ILE B 1058 25.01 5.76 -9.98
N GLN B 1059 25.58 6.80 -9.36
CA GLN B 1059 27.03 6.91 -9.39
C GLN B 1059 27.71 6.01 -8.37
N ARG B 1060 26.99 5.55 -7.34
CA ARG B 1060 27.58 4.63 -6.37
C ARG B 1060 27.44 3.17 -6.77
N LEU B 1061 26.58 2.84 -7.73
CA LEU B 1061 26.27 1.44 -8.03
C LEU B 1061 26.46 1.18 -9.51
N ASP B 1062 26.53 -0.11 -9.83
CA ASP B 1062 26.46 -0.55 -11.21
C ASP B 1062 25.00 -0.52 -11.68
N PRO B 1063 24.78 -0.45 -13.00
CA PRO B 1063 23.39 -0.40 -13.53
C PRO B 1063 22.47 -1.52 -13.07
N PRO B 1064 22.82 -2.82 -13.19
CA PRO B 1064 21.76 -3.85 -13.14
C PRO B 1064 20.98 -3.95 -11.82
N GLU B 1065 21.61 -3.70 -10.67
CA GLU B 1065 20.90 -3.73 -9.40
C GLU B 1065 20.46 -2.35 -8.92
N GLN B 1066 21.13 -1.28 -9.36
CA GLN B 1066 20.60 0.04 -9.12
C GLN B 1066 19.30 0.26 -9.89
N ASP B 1067 19.09 -0.49 -10.99
CA ASP B 1067 17.79 -0.50 -11.65
C ASP B 1067 16.71 -1.02 -10.71
N ALA B 1068 16.99 -2.12 -10.01
CA ALA B 1068 16.02 -2.67 -9.08
C ALA B 1068 15.78 -1.73 -7.90
N GLN B 1069 16.85 -1.12 -7.39
CA GLN B 1069 16.70 -0.15 -6.30
C GLN B 1069 15.88 1.06 -6.74
N ILE B 1070 16.13 1.54 -7.96
CA ILE B 1070 15.36 2.65 -8.52
C ILE B 1070 13.90 2.25 -8.69
N ASP B 1071 13.66 1.01 -9.12
CA ASP B 1071 12.29 0.51 -9.25
C ASP B 1071 11.58 0.48 -7.91
N ARG B 1072 12.28 0.03 -6.86
CA ARG B 1072 11.68 0.03 -5.52
C ARG B 1072 11.33 1.43 -5.05
N LEU B 1073 12.25 2.39 -5.25
CA LEU B 1073 11.97 3.74 -4.76
C LEU B 1073 10.87 4.42 -5.58
N ILE B 1074 10.84 4.19 -6.90
CA ILE B 1074 9.79 4.83 -7.69
C ILE B 1074 8.46 4.10 -7.50
N ASN B 1075 8.47 2.84 -7.06
CA ASN B 1075 7.21 2.19 -6.75
C ASN B 1075 6.65 2.68 -5.42
N GLY B 1076 7.52 2.93 -4.45
CA GLY B 1076 7.08 3.63 -3.25
C GLY B 1076 6.55 5.01 -3.56
N ARG B 1077 7.24 5.72 -4.46
CA ARG B 1077 6.77 7.01 -4.94
C ARG B 1077 5.43 6.88 -5.65
N LEU B 1078 5.24 5.77 -6.37
CA LEU B 1078 3.98 5.49 -7.06
C LEU B 1078 2.85 5.32 -6.06
N THR B 1079 3.11 4.60 -4.98
CA THR B 1079 2.11 4.46 -3.92
C THR B 1079 1.78 5.82 -3.31
N THR B 1080 2.80 6.64 -3.05
CA THR B 1080 2.54 7.98 -2.49
C THR B 1080 1.70 8.82 -3.43
N LEU B 1081 2.03 8.81 -4.72
CA LEU B 1081 1.32 9.68 -5.66
C LEU B 1081 -0.12 9.21 -5.90
N ASN B 1082 -0.35 7.90 -6.06
CA ASN B 1082 -1.72 7.50 -6.38
C ASN B 1082 -2.61 7.55 -5.14
N ALA B 1083 -2.04 7.29 -3.95
CA ALA B 1083 -2.77 7.57 -2.73
C ALA B 1083 -3.13 9.05 -2.65
N PHE B 1084 -2.14 9.91 -2.93
CA PHE B 1084 -2.31 11.37 -2.83
C PHE B 1084 -3.44 11.82 -3.76
N VAL B 1085 -3.50 11.24 -4.96
CA VAL B 1085 -4.62 11.48 -5.87
C VAL B 1085 -5.93 11.04 -5.25
N ALA B 1086 -5.94 9.89 -4.56
CA ALA B 1086 -7.19 9.38 -3.99
C ALA B 1086 -7.76 10.29 -2.91
N GLN B 1087 -6.94 10.68 -1.91
CA GLN B 1087 -7.55 11.60 -0.95
C GLN B 1087 -7.63 13.05 -1.44
N GLN B 1088 -7.00 13.44 -2.56
CA GLN B 1088 -7.48 14.69 -3.13
C GLN B 1088 -8.78 14.56 -3.91
N LEU B 1089 -9.11 13.38 -4.42
CA LEU B 1089 -10.49 13.18 -4.86
C LEU B 1089 -11.45 13.31 -3.68
N VAL B 1090 -11.04 12.79 -2.53
CA VAL B 1090 -11.83 12.94 -1.30
C VAL B 1090 -11.96 14.43 -0.93
N ARG B 1091 -10.85 15.16 -0.99
CA ARG B 1091 -10.86 16.59 -0.70
C ARG B 1091 -11.73 17.36 -1.69
N SER B 1092 -11.70 16.96 -2.96
CA SER B 1092 -12.51 17.62 -3.98
C SER B 1092 -13.99 17.42 -3.71
N GLU B 1093 -14.39 16.18 -3.39
CA GLU B 1093 -15.79 15.92 -3.10
C GLU B 1093 -16.24 16.64 -1.83
N SER B 1094 -15.39 16.65 -0.79
CA SER B 1094 -15.72 17.34 0.45
C SER B 1094 -15.84 18.85 0.22
N ALA B 1095 -14.93 19.41 -0.57
CA ALA B 1095 -14.99 20.84 -0.87
C ALA B 1095 -16.22 21.18 -1.69
N ALA B 1096 -16.61 20.28 -2.59
CA ALA B 1096 -17.83 20.50 -3.38
C ALA B 1096 -19.06 20.55 -2.49
N LEU B 1097 -19.24 19.51 -1.65
CA LEU B 1097 -20.42 19.46 -0.80
C LEU B 1097 -20.42 20.59 0.22
N SER B 1098 -19.24 20.95 0.73
CA SER B 1098 -19.12 22.12 1.60
C SER B 1098 -19.49 23.39 0.86
N ALA B 1099 -19.16 23.47 -0.43
CA ALA B 1099 -19.52 24.64 -1.21
C ALA B 1099 -21.03 24.78 -1.36
N GLN B 1100 -21.73 23.68 -1.68
CA GLN B 1100 -23.19 23.80 -1.78
C GLN B 1100 -23.81 24.11 -0.42
N LEU B 1101 -23.33 23.46 0.64
CA LEU B 1101 -23.90 23.70 1.97
C LEU B 1101 -23.67 25.15 2.42
N ALA B 1102 -22.46 25.66 2.21
CA ALA B 1102 -22.16 27.05 2.56
C ALA B 1102 -22.96 28.01 1.69
N LYS B 1103 -23.22 27.65 0.43
CA LYS B 1103 -23.99 28.56 -0.41
C LYS B 1103 -25.45 28.60 0.00
N ASP B 1104 -26.01 27.45 0.38
CA ASP B 1104 -27.35 27.46 0.95
C ASP B 1104 -27.38 28.22 2.26
N LYS B 1105 -26.30 28.16 3.04
CA LYS B 1105 -26.27 28.90 4.31
C LYS B 1105 -26.13 30.40 4.11
N VAL B 1106 -25.39 30.85 3.09
CA VAL B 1106 -25.33 32.28 2.83
C VAL B 1106 -26.58 32.77 2.12
N ASN B 1107 -27.32 31.88 1.47
CA ASN B 1107 -28.60 32.28 0.91
C ASN B 1107 -29.70 32.23 1.97
N GLU B 1108 -29.45 31.53 3.07
CA GLU B 1108 -30.49 31.27 4.06
C GLU B 1108 -30.49 32.28 5.20
N CYS B 1109 -29.40 32.33 5.96
CA CYS B 1109 -29.33 33.15 7.16
C CYS B 1109 -28.69 34.51 6.94
N VAL B 1110 -28.17 34.78 5.75
CA VAL B 1110 -27.40 35.99 5.52
C VAL B 1110 -28.25 37.00 4.78
N LYS B 1111 -28.74 36.61 3.62
CA LYS B 1111 -29.62 37.48 2.84
C LYS B 1111 -31.08 37.33 3.23
N ALA B 1112 -31.37 36.54 4.26
CA ALA B 1112 -32.72 36.37 4.77
C ALA B 1112 -32.66 36.03 6.24
N GLN B 1113 -33.78 36.21 6.92
CA GLN B 1113 -33.92 35.88 8.34
C GLN B 1113 -34.67 34.56 8.45
N SER B 1114 -34.14 33.65 9.26
CA SER B 1114 -34.62 32.27 9.27
C SER B 1114 -35.97 32.16 9.97
N LYS B 1115 -36.66 31.06 9.67
CA LYS B 1115 -37.90 30.67 10.33
C LYS B 1115 -37.76 29.32 10.99
N ARG B 1116 -36.53 28.96 11.37
CA ARG B 1116 -36.15 27.63 11.81
C ARG B 1116 -35.55 27.68 13.21
N SER B 1117 -35.54 26.52 13.87
CA SER B 1117 -35.17 26.42 15.28
C SER B 1117 -33.64 26.41 15.42
N GLY B 1118 -33.04 27.58 15.19
CA GLY B 1118 -31.61 27.74 15.33
C GLY B 1118 -30.82 26.93 14.34
N PHE B 1119 -31.21 26.99 13.07
CA PHE B 1119 -30.60 26.15 12.04
C PHE B 1119 -29.13 26.49 11.86
N CYS B 1120 -28.82 27.77 11.63
CA CYS B 1120 -27.45 28.21 11.44
C CYS B 1120 -26.82 28.69 12.75
N GLY B 1121 -27.42 29.67 13.39
CA GLY B 1121 -27.00 30.10 14.72
C GLY B 1121 -28.09 29.77 15.72
N GLN B 1122 -27.68 29.18 16.85
CA GLN B 1122 -28.64 28.80 17.88
C GLN B 1122 -29.23 30.04 18.55
N GLY B 1123 -30.44 29.88 19.08
CA GLY B 1123 -31.17 31.00 19.62
C GLY B 1123 -32.01 31.70 18.58
N THR B 1124 -32.65 32.79 19.00
CA THR B 1124 -33.48 33.60 18.11
C THR B 1124 -32.54 34.43 17.24
N HIS B 1125 -32.12 33.85 16.12
CA HIS B 1125 -31.16 34.48 15.23
C HIS B 1125 -31.76 35.70 14.55
N ILE B 1126 -30.93 36.73 14.37
CA ILE B 1126 -31.39 37.99 13.80
C ILE B 1126 -30.74 38.23 12.45
N VAL B 1127 -29.41 38.36 12.42
CA VAL B 1127 -28.68 38.70 11.20
C VAL B 1127 -27.42 37.85 11.11
N SER B 1128 -26.73 37.98 9.97
CA SER B 1128 -25.47 37.29 9.74
C SER B 1128 -24.57 38.17 8.88
N PHE B 1129 -23.27 37.91 8.97
CA PHE B 1129 -22.27 38.65 8.23
C PHE B 1129 -21.21 37.68 7.72
N VAL B 1130 -20.72 37.94 6.51
CA VAL B 1130 -19.87 37.00 5.77
C VAL B 1130 -18.54 37.67 5.46
N VAL B 1131 -17.45 36.98 5.82
CA VAL B 1131 -16.10 37.45 5.51
C VAL B 1131 -15.29 36.31 4.91
N ASN B 1132 -14.40 36.66 3.99
CA ASN B 1132 -13.60 35.72 3.22
C ASN B 1132 -12.55 35.06 4.12
N ALA B 1133 -11.99 33.95 3.64
CA ALA B 1133 -10.79 33.35 4.20
C ALA B 1133 -10.09 32.71 3.01
N PRO B 1134 -8.75 32.78 2.93
CA PRO B 1134 -8.07 32.32 1.69
C PRO B 1134 -8.27 30.84 1.40
N ASN B 1135 -8.72 30.08 2.39
CA ASN B 1135 -9.16 28.70 2.21
C ASN B 1135 -10.67 28.53 2.20
N GLY B 1136 -11.42 29.35 2.95
CA GLY B 1136 -12.85 29.13 3.13
C GLY B 1136 -13.63 30.39 3.41
N LEU B 1137 -14.64 30.27 4.26
CA LEU B 1137 -15.54 31.40 4.44
C LEU B 1137 -16.08 31.39 5.86
N TYR B 1138 -16.21 32.60 6.43
CA TYR B 1138 -16.41 32.80 7.85
C TYR B 1138 -17.66 33.65 8.07
N PHE B 1139 -18.35 33.37 9.18
CA PHE B 1139 -19.70 33.84 9.39
C PHE B 1139 -19.89 34.31 10.83
N MET B 1140 -20.59 35.42 10.97
CA MET B 1140 -20.94 35.99 12.27
C MET B 1140 -22.47 36.03 12.34
N HIS B 1141 -23.04 35.19 13.19
CA HIS B 1141 -24.48 35.09 13.36
C HIS B 1141 -24.84 35.84 14.63
N VAL B 1142 -25.57 36.94 14.49
CA VAL B 1142 -26.02 37.72 15.62
C VAL B 1142 -27.47 37.36 15.92
N GLY B 1143 -27.75 36.99 17.17
CA GLY B 1143 -29.08 36.54 17.53
C GLY B 1143 -29.49 37.01 18.92
N TYR B 1144 -30.79 36.99 19.13
CA TYR B 1144 -31.37 37.34 20.43
C TYR B 1144 -31.14 36.19 21.42
N TYR B 1145 -30.47 36.48 22.52
CA TYR B 1145 -30.09 35.45 23.50
C TYR B 1145 -30.74 35.79 24.83
N PRO B 1146 -31.86 35.16 25.16
CA PRO B 1146 -32.68 35.59 26.29
C PRO B 1146 -32.08 35.17 27.63
N SER B 1147 -32.66 35.69 28.71
CA SER B 1147 -32.20 35.45 30.07
C SER B 1147 -33.26 35.97 31.04
N ASN B 1148 -33.06 35.66 32.32
CA ASN B 1148 -33.94 36.06 33.42
C ASN B 1148 -35.37 35.58 33.18
N HIS B 1149 -35.51 34.25 33.16
CA HIS B 1149 -36.78 33.60 32.87
C HIS B 1149 -37.65 33.54 34.12
N ILE B 1150 -38.76 34.26 34.08
CA ILE B 1150 -39.65 34.45 35.22
C ILE B 1150 -41.03 33.91 34.85
N GLU B 1151 -41.69 33.30 35.84
CA GLU B 1151 -43.04 32.77 35.72
C GLU B 1151 -44.07 33.88 35.59
N VAL B 1152 -45.03 33.67 34.68
CA VAL B 1152 -46.19 34.53 34.48
C VAL B 1152 -47.40 33.63 34.21
N VAL B 1153 -48.54 34.27 33.93
CA VAL B 1153 -49.80 33.57 33.68
C VAL B 1153 -50.25 33.85 32.24
N SER B 1154 -50.58 32.79 31.50
CA SER B 1154 -50.95 32.90 30.10
C SER B 1154 -52.31 32.27 29.85
N ALA B 1155 -53.01 32.81 28.85
CA ALA B 1155 -54.26 32.27 28.34
C ALA B 1155 -54.09 31.90 26.87
N TYR B 1156 -55.12 31.23 26.32
CA TYR B 1156 -55.05 30.76 24.94
C TYR B 1156 -56.06 31.43 24.03
N GLY B 1157 -57.17 31.91 24.56
CA GLY B 1157 -58.12 32.70 23.80
C GLY B 1157 -59.04 33.42 24.74
N LEU B 1158 -59.16 34.74 24.57
CA LEU B 1158 -60.04 35.55 25.38
C LEU B 1158 -61.35 35.75 24.64
N CYS B 1159 -62.45 35.30 25.25
CA CYS B 1159 -63.72 35.19 24.57
C CYS B 1159 -64.78 35.84 25.44
N ASP B 1160 -65.96 36.05 24.89
CA ASP B 1160 -67.05 36.65 25.65
C ASP B 1160 -67.85 35.55 26.34
N ALA B 1161 -68.30 35.85 27.56
CA ALA B 1161 -69.22 34.94 28.24
C ALA B 1161 -70.56 34.85 27.54
N ALA B 1162 -71.05 35.95 26.98
CA ALA B 1162 -72.29 35.95 26.23
C ALA B 1162 -72.13 35.25 24.88
N ASN B 1163 -71.24 35.77 24.04
CA ASN B 1163 -71.03 35.24 22.70
C ASN B 1163 -69.56 34.87 22.52
N PRO B 1164 -69.16 33.63 22.79
CA PRO B 1164 -67.72 33.30 22.75
C PRO B 1164 -67.21 32.99 21.35
N THR B 1165 -67.98 33.31 20.30
CA THR B 1165 -67.55 33.02 18.94
C THR B 1165 -66.30 33.83 18.57
N ASN B 1166 -66.13 34.99 19.17
CA ASN B 1166 -64.92 35.79 18.94
C ASN B 1166 -63.83 35.42 19.93
N CYS B 1167 -63.46 34.14 19.97
CA CYS B 1167 -62.21 33.76 20.61
C CYS B 1167 -61.06 34.25 19.75
N ILE B 1168 -59.98 34.70 20.40
CA ILE B 1168 -58.93 35.43 19.71
C ILE B 1168 -57.61 34.66 19.81
N ALA B 1169 -56.76 34.87 18.81
CA ALA B 1169 -55.44 34.26 18.76
C ALA B 1169 -54.42 35.36 18.46
N PRO B 1170 -53.35 35.48 19.27
CA PRO B 1170 -52.38 36.55 19.05
C PRO B 1170 -51.57 36.32 17.77
N VAL B 1171 -51.18 37.44 17.15
CA VAL B 1171 -50.30 37.43 15.99
C VAL B 1171 -48.89 37.64 16.51
N ASN B 1172 -48.13 36.54 16.60
CA ASN B 1172 -46.74 36.54 17.07
C ASN B 1172 -46.61 37.16 18.45
N GLY B 1173 -47.48 36.77 19.37
CA GLY B 1173 -47.46 37.34 20.69
C GLY B 1173 -48.02 36.37 21.72
N TYR B 1174 -48.01 36.84 22.97
CA TYR B 1174 -48.47 36.05 24.11
C TYR B 1174 -49.52 36.84 24.89
N PHE B 1175 -50.50 36.10 25.42
CA PHE B 1175 -51.43 36.67 26.39
C PHE B 1175 -50.76 36.77 27.74
N ILE B 1176 -51.08 37.83 28.48
CA ILE B 1176 -50.48 38.04 29.80
C ILE B 1176 -51.51 38.57 30.78
N LYS B 1177 -51.65 37.88 31.91
CA LYS B 1177 -52.48 38.36 33.01
C LYS B 1177 -51.66 39.26 33.92
N THR B 1178 -52.22 40.42 34.26
CA THR B 1178 -51.51 41.37 35.09
C THR B 1178 -52.04 41.34 36.53
N ASN B 1179 -51.17 41.74 37.45
CA ASN B 1179 -51.53 41.98 38.84
C ASN B 1179 -51.73 43.47 39.12
N ASN B 1180 -50.84 44.31 38.61
CA ASN B 1180 -50.94 45.77 38.65
C ASN B 1180 -51.07 46.33 40.06
N GLU B 1186 -56.21 41.82 34.46
CA GLU B 1186 -56.47 42.16 33.06
C GLU B 1186 -55.57 41.34 32.14
N TRP B 1187 -56.17 40.82 31.07
CA TRP B 1187 -55.41 40.12 30.05
C TRP B 1187 -54.97 41.09 28.97
N SER B 1188 -53.70 41.01 28.58
CA SER B 1188 -53.12 41.95 27.63
C SER B 1188 -52.22 41.19 26.66
N TYR B 1189 -51.68 41.94 25.71
CA TYR B 1189 -50.81 41.39 24.67
C TYR B 1189 -49.36 41.77 24.95
N THR B 1190 -48.45 40.82 24.68
CA THR B 1190 -47.03 41.10 24.65
C THR B 1190 -46.43 40.38 23.44
N GLY B 1191 -45.20 40.74 23.12
CA GLY B 1191 -44.50 40.04 22.05
C GLY B 1191 -44.16 38.62 22.45
N SER B 1192 -44.03 37.74 21.45
CA SER B 1192 -43.79 36.34 21.70
C SER B 1192 -42.32 36.01 21.96
N SER B 1193 -41.47 37.02 22.19
CA SER B 1193 -40.07 36.74 22.47
C SER B 1193 -39.50 37.62 23.59
N PHE B 1194 -40.31 38.43 24.25
CA PHE B 1194 -39.85 39.23 25.39
C PHE B 1194 -41.04 39.61 26.25
N TYR B 1195 -40.78 39.78 27.55
CA TYR B 1195 -41.78 40.27 28.49
C TYR B 1195 -41.89 41.77 28.31
N ALA B 1196 -42.70 42.18 27.33
CA ALA B 1196 -42.94 43.59 27.03
C ALA B 1196 -44.42 43.80 26.81
N PRO B 1197 -45.19 43.97 27.89
CA PRO B 1197 -46.65 44.10 27.74
C PRO B 1197 -47.06 45.40 27.07
N GLU B 1198 -48.23 45.36 26.45
CA GLU B 1198 -48.79 46.50 25.75
C GLU B 1198 -50.31 46.34 25.73
N PRO B 1199 -51.06 47.44 25.62
CA PRO B 1199 -52.53 47.35 25.70
C PRO B 1199 -53.14 46.51 24.57
N ILE B 1200 -54.20 45.77 24.92
CA ILE B 1200 -54.84 44.87 23.98
C ILE B 1200 -55.57 45.67 22.90
N THR B 1201 -55.39 45.27 21.65
CA THR B 1201 -56.07 45.88 20.52
C THR B 1201 -56.59 44.79 19.60
N SER B 1202 -57.30 45.19 18.56
CA SER B 1202 -57.64 44.29 17.46
C SER B 1202 -56.56 44.25 16.40
N LEU B 1203 -55.51 45.06 16.54
CA LEU B 1203 -54.47 45.22 15.54
C LEU B 1203 -53.29 44.29 15.76
N ASN B 1204 -53.35 43.41 16.77
CA ASN B 1204 -52.23 42.52 17.05
C ASN B 1204 -52.70 41.07 17.22
N THR B 1205 -53.92 40.76 16.80
CA THR B 1205 -54.50 39.44 17.00
C THR B 1205 -55.42 39.12 15.83
N LYS B 1206 -56.10 37.98 15.93
CA LYS B 1206 -56.96 37.51 14.85
C LYS B 1206 -58.11 36.71 15.45
N TYR B 1207 -59.15 36.55 14.64
CA TYR B 1207 -60.22 35.62 14.99
C TYR B 1207 -59.71 34.19 14.90
N VAL B 1208 -60.13 33.36 15.86
CA VAL B 1208 -59.78 31.94 15.85
C VAL B 1208 -61.04 31.18 16.26
N ALA B 1209 -61.10 29.91 15.87
CA ALA B 1209 -62.23 29.03 16.13
C ALA B 1209 -62.45 28.84 17.61
N PRO B 1210 -63.66 29.12 18.11
CA PRO B 1210 -63.92 29.02 19.55
C PRO B 1210 -64.02 27.58 20.02
N GLN B 1211 -63.41 27.31 21.17
CA GLN B 1211 -63.48 26.01 21.81
C GLN B 1211 -63.84 26.19 23.28
N VAL B 1212 -64.15 25.07 23.94
CA VAL B 1212 -64.64 25.12 25.33
C VAL B 1212 -63.52 25.55 26.27
N THR B 1213 -62.27 25.22 25.93
CA THR B 1213 -61.14 25.43 26.82
C THR B 1213 -60.76 26.90 26.98
N TYR B 1214 -61.03 27.72 25.96
CA TYR B 1214 -60.57 29.11 25.97
C TYR B 1214 -61.31 29.93 27.02
N GLN B 1215 -60.77 31.13 27.28
CA GLN B 1215 -61.05 31.86 28.51
C GLN B 1215 -62.12 32.91 28.26
N ASN B 1216 -63.34 32.65 28.71
CA ASN B 1216 -64.39 33.64 28.61
C ASN B 1216 -64.16 34.77 29.61
N ILE B 1217 -64.61 35.97 29.22
CA ILE B 1217 -64.55 37.14 30.09
C ILE B 1217 -65.71 38.05 29.73
N SER B 1218 -66.32 38.64 30.77
CA SER B 1218 -67.41 39.57 30.54
C SER B 1218 -67.36 40.80 31.46
N THR B 1219 -66.35 40.94 32.31
CA THR B 1219 -66.21 42.13 33.13
C THR B 1219 -65.82 43.30 32.25
N ASN B 1220 -64.67 43.19 31.59
CA ASN B 1220 -64.27 44.10 30.53
C ASN B 1220 -64.03 43.29 29.25
N LEU B 1221 -64.21 43.96 28.11
CA LEU B 1221 -64.08 43.23 26.87
C LEU B 1221 -62.97 43.83 26.02
N PRO B 1222 -62.15 43.00 25.38
CA PRO B 1222 -61.07 43.52 24.53
C PRO B 1222 -61.62 44.22 23.30
N PRO B 1223 -60.84 45.08 22.67
CA PRO B 1223 -61.25 45.72 21.41
C PRO B 1223 -61.57 44.73 20.29
N PRO B 1224 -60.94 43.54 20.22
CA PRO B 1224 -61.53 42.51 19.34
C PRO B 1224 -62.93 42.09 19.71
N LEU B 1225 -63.26 42.10 21.00
CA LEU B 1225 -64.56 41.63 21.47
C LEU B 1225 -65.62 42.72 21.49
N LEU B 1226 -65.28 43.93 21.05
CA LEU B 1226 -66.24 45.03 21.06
C LEU B 1226 -66.68 45.38 19.64
N VAL C 22 11.66 -58.90 7.44
CA VAL C 22 11.83 -60.33 7.62
C VAL C 22 11.17 -60.79 8.92
N ASP C 23 10.63 -62.00 8.89
CA ASP C 23 9.91 -62.57 10.03
C ASP C 23 9.91 -64.09 9.89
N VAL C 24 9.05 -64.76 10.66
CA VAL C 24 8.82 -66.18 10.53
C VAL C 24 7.34 -66.41 10.30
N GLY C 25 7.02 -67.56 9.72
CA GLY C 25 5.65 -67.92 9.41
C GLY C 25 5.52 -69.34 8.91
N PRO C 26 4.54 -70.07 9.44
CA PRO C 26 4.36 -71.47 9.07
C PRO C 26 3.64 -71.62 7.73
N ASP C 27 3.39 -72.87 7.35
CA ASP C 27 2.68 -73.21 6.13
C ASP C 27 1.40 -73.94 6.51
N SER C 28 0.30 -73.64 5.80
CA SER C 28 -1.00 -74.15 6.21
C SER C 28 -1.26 -75.57 5.71
N VAL C 29 -1.34 -75.73 4.39
CA VAL C 29 -1.82 -76.98 3.78
C VAL C 29 -0.92 -77.39 2.62
N LYS C 30 -1.31 -78.46 1.95
CA LYS C 30 -0.62 -78.94 0.75
C LYS C 30 -0.79 -77.96 -0.41
N SER C 31 0.00 -78.17 -1.45
CA SER C 31 -0.05 -77.33 -2.65
C SER C 31 -1.09 -77.86 -3.64
N ALA C 32 -2.36 -77.85 -3.20
CA ALA C 32 -3.48 -78.28 -4.03
C ALA C 32 -4.68 -77.43 -3.62
N CYS C 33 -4.90 -76.34 -4.34
CA CYS C 33 -5.96 -75.40 -4.04
C CYS C 33 -7.32 -75.92 -4.52
N ILE C 34 -8.39 -75.40 -3.91
CA ILE C 34 -9.74 -75.82 -4.24
C ILE C 34 -10.28 -74.95 -5.38
N GLU C 35 -11.29 -75.47 -6.06
CA GLU C 35 -11.79 -74.87 -7.29
C GLU C 35 -12.48 -73.54 -7.02
N VAL C 36 -12.29 -72.60 -7.94
CA VAL C 36 -12.88 -71.25 -7.87
C VAL C 36 -13.67 -71.00 -9.15
N ASP C 37 -14.91 -70.55 -8.99
CA ASP C 37 -15.80 -70.26 -10.11
C ASP C 37 -15.89 -68.75 -10.35
N ILE C 38 -16.63 -68.38 -11.39
CA ILE C 38 -16.92 -66.97 -11.72
C ILE C 38 -18.41 -66.88 -11.97
N GLN C 39 -19.16 -66.35 -11.00
CA GLN C 39 -20.61 -66.25 -11.10
C GLN C 39 -21.08 -64.87 -10.62
N GLN C 40 -20.48 -63.82 -11.20
CA GLN C 40 -20.82 -62.44 -10.87
C GLN C 40 -22.24 -62.04 -11.25
N THR C 41 -22.94 -62.86 -12.05
CA THR C 41 -24.25 -62.48 -12.58
C THR C 41 -25.28 -62.25 -11.47
N PHE C 42 -25.31 -63.13 -10.47
CA PHE C 42 -26.23 -62.94 -9.35
C PHE C 42 -25.83 -61.75 -8.47
N PHE C 43 -24.52 -61.48 -8.38
CA PHE C 43 -24.04 -60.39 -7.53
C PHE C 43 -24.41 -59.02 -8.08
N ASP C 44 -24.76 -58.93 -9.36
CA ASP C 44 -25.08 -57.63 -9.98
C ASP C 44 -26.46 -57.14 -9.55
N LYS C 45 -26.53 -56.50 -8.39
CA LYS C 45 -27.77 -55.89 -7.93
C LYS C 45 -27.42 -54.64 -7.14
N THR C 46 -28.37 -53.71 -7.09
CA THR C 46 -28.15 -52.40 -6.48
C THR C 46 -28.93 -52.28 -5.18
N TRP C 47 -28.23 -51.87 -4.12
CA TRP C 47 -28.86 -51.47 -2.86
C TRP C 47 -28.37 -50.06 -2.59
N PRO C 48 -29.08 -49.05 -3.12
CA PRO C 48 -28.51 -47.70 -3.19
C PRO C 48 -28.43 -47.02 -1.83
N ARG C 49 -27.22 -46.62 -1.46
CA ARG C 49 -26.99 -45.71 -0.34
C ARG C 49 -26.05 -44.60 -0.79
N PRO C 50 -26.58 -43.55 -1.41
CA PRO C 50 -25.77 -42.35 -1.63
C PRO C 50 -25.43 -41.70 -0.29
N ILE C 51 -24.23 -41.16 -0.20
CA ILE C 51 -23.75 -40.60 1.05
C ILE C 51 -24.34 -39.20 1.24
N ASP C 52 -24.71 -38.89 2.48
CA ASP C 52 -25.31 -37.61 2.83
C ASP C 52 -24.41 -36.91 3.83
N VAL C 53 -23.80 -35.79 3.42
CA VAL C 53 -22.95 -35.03 4.31
C VAL C 53 -23.77 -34.30 5.37
N SER C 54 -25.07 -34.10 5.13
CA SER C 54 -25.95 -33.56 6.16
C SER C 54 -26.06 -34.52 7.33
N LYS C 55 -26.14 -35.83 7.05
CA LYS C 55 -26.10 -36.84 8.09
C LYS C 55 -24.70 -37.19 8.53
N ALA C 56 -23.68 -36.59 7.91
CA ALA C 56 -22.27 -36.82 8.19
C ALA C 56 -21.91 -38.29 8.05
N ASP C 57 -22.18 -38.82 6.86
CA ASP C 57 -22.00 -40.25 6.57
C ASP C 57 -20.56 -40.48 6.12
N GLY C 58 -19.67 -40.67 7.10
CA GLY C 58 -18.30 -41.03 6.81
C GLY C 58 -17.44 -39.94 6.19
N ILE C 59 -17.12 -38.91 6.96
CA ILE C 59 -16.29 -37.80 6.51
C ILE C 59 -15.10 -37.67 7.46
N ILE C 60 -13.91 -37.50 6.86
CA ILE C 60 -12.63 -37.58 7.56
C ILE C 60 -12.55 -36.56 8.69
N TYR C 61 -12.32 -37.06 9.91
CA TYR C 61 -12.15 -36.30 11.15
C TYR C 61 -10.75 -35.66 11.20
N PRO C 62 -10.65 -34.46 11.78
CA PRO C 62 -9.35 -33.78 11.87
C PRO C 62 -8.33 -34.55 12.70
N GLN C 63 -7.05 -34.23 12.48
CA GLN C 63 -5.97 -35.04 13.03
C GLN C 63 -5.85 -34.88 14.54
N GLY C 64 -5.90 -33.65 15.06
CA GLY C 64 -5.65 -33.48 16.48
C GLY C 64 -6.40 -32.38 17.21
N ARG C 65 -7.27 -31.65 16.50
CA ARG C 65 -7.86 -30.43 17.04
C ARG C 65 -9.38 -30.54 17.04
N THR C 66 -9.94 -31.12 18.10
CA THR C 66 -11.38 -31.15 18.29
C THR C 66 -11.86 -29.78 18.76
N TYR C 67 -13.06 -29.41 18.32
CA TYR C 67 -13.60 -28.07 18.54
C TYR C 67 -14.91 -28.22 19.31
N SER C 68 -15.67 -27.14 19.43
CA SER C 68 -16.91 -27.22 20.20
C SER C 68 -17.94 -26.23 19.69
N ASN C 69 -19.12 -26.77 19.35
CA ASN C 69 -20.37 -26.00 19.15
C ASN C 69 -20.24 -24.94 18.06
N ILE C 70 -19.30 -25.12 17.12
CA ILE C 70 -19.05 -24.09 16.12
C ILE C 70 -18.88 -24.73 14.74
N THR C 71 -19.14 -23.93 13.71
CA THR C 71 -18.92 -24.30 12.33
C THR C 71 -17.57 -23.77 11.88
N ILE C 72 -16.68 -24.67 11.46
CA ILE C 72 -15.33 -24.30 11.05
C ILE C 72 -15.02 -25.02 9.75
N THR C 73 -14.45 -24.29 8.79
CA THR C 73 -14.13 -24.87 7.50
C THR C 73 -12.73 -25.48 7.52
N TYR C 74 -12.49 -26.35 6.54
CA TYR C 74 -11.21 -27.03 6.38
C TYR C 74 -11.08 -27.60 4.98
N GLN C 75 -9.94 -27.36 4.34
CA GLN C 75 -9.65 -27.96 3.05
C GLN C 75 -8.97 -29.30 3.30
N GLY C 76 -9.67 -30.38 2.98
CA GLY C 76 -9.14 -31.72 3.20
C GLY C 76 -9.46 -32.69 2.08
N LEU C 77 -9.77 -33.93 2.45
CA LEU C 77 -9.91 -35.03 1.50
C LEU C 77 -11.31 -35.61 1.66
N PHE C 78 -12.15 -35.42 0.64
CA PHE C 78 -13.58 -35.73 0.74
C PHE C 78 -14.07 -36.31 -0.58
N PRO C 79 -15.14 -37.11 -0.56
CA PRO C 79 -15.79 -37.51 -1.82
C PRO C 79 -16.95 -36.61 -2.19
N TYR C 80 -17.50 -36.78 -3.39
CA TYR C 80 -18.69 -36.03 -3.78
C TYR C 80 -19.90 -36.50 -2.99
N GLN C 81 -20.76 -35.55 -2.63
CA GLN C 81 -22.01 -35.87 -1.96
C GLN C 81 -22.94 -36.64 -2.89
N GLY C 82 -23.59 -37.67 -2.36
CA GLY C 82 -24.53 -38.42 -3.16
C GLY C 82 -23.90 -39.35 -4.16
N ASP C 83 -22.63 -39.71 -3.97
CA ASP C 83 -21.98 -40.68 -4.83
C ASP C 83 -22.63 -42.04 -4.66
N HIS C 84 -22.74 -42.79 -5.75
CA HIS C 84 -23.40 -44.09 -5.70
C HIS C 84 -22.58 -45.09 -4.91
N GLY C 85 -21.28 -45.18 -5.19
CA GLY C 85 -20.39 -46.05 -4.44
C GLY C 85 -19.94 -47.23 -5.27
N ASP C 86 -19.32 -48.18 -4.58
CA ASP C 86 -18.79 -49.42 -5.16
C ASP C 86 -19.32 -50.62 -4.39
N MET C 87 -20.65 -50.68 -4.23
CA MET C 87 -21.31 -51.66 -3.37
C MET C 87 -21.01 -53.11 -3.79
N TYR C 88 -20.37 -53.86 -2.89
CA TYR C 88 -20.05 -55.25 -3.12
C TYR C 88 -20.64 -56.08 -1.99
N VAL C 89 -21.21 -57.23 -2.33
CA VAL C 89 -21.91 -58.08 -1.37
C VAL C 89 -21.18 -59.41 -1.29
N TYR C 90 -21.27 -60.04 -0.12
CA TYR C 90 -20.65 -61.34 0.14
C TYR C 90 -21.71 -62.40 0.38
N SER C 91 -21.37 -63.63 -0.01
CA SER C 91 -22.23 -64.79 0.20
C SER C 91 -21.33 -66.02 0.36
N ALA C 92 -21.97 -67.15 0.64
CA ALA C 92 -21.24 -68.38 0.86
C ALA C 92 -20.92 -69.06 -0.47
N GLY C 93 -20.11 -70.11 -0.39
CA GLY C 93 -19.84 -70.96 -1.54
C GLY C 93 -20.95 -71.96 -1.75
N HIS C 94 -20.74 -72.84 -2.72
CA HIS C 94 -21.71 -73.90 -2.98
C HIS C 94 -21.75 -74.88 -1.81
N ALA C 95 -22.94 -75.42 -1.57
CA ALA C 95 -23.17 -76.40 -0.52
C ALA C 95 -24.48 -77.12 -0.78
N THR C 96 -24.44 -78.45 -0.84
CA THR C 96 -25.64 -79.27 -0.97
C THR C 96 -25.79 -80.08 0.31
N GLY C 97 -26.93 -79.91 1.00
CA GLY C 97 -27.12 -80.57 2.26
C GLY C 97 -26.23 -79.99 3.35
N THR C 98 -25.23 -80.77 3.76
CA THR C 98 -24.28 -80.34 4.78
C THR C 98 -22.83 -80.34 4.30
N THR C 99 -22.58 -80.66 3.04
CA THR C 99 -21.22 -80.75 2.53
C THR C 99 -20.76 -79.38 2.04
N PRO C 100 -19.68 -78.81 2.59
CA PRO C 100 -19.14 -77.56 2.05
C PRO C 100 -18.46 -77.77 0.71
N GLN C 101 -19.10 -77.33 -0.36
CA GLN C 101 -18.64 -77.58 -1.72
C GLN C 101 -17.77 -76.43 -2.21
N LYS C 102 -17.57 -76.38 -3.53
CA LYS C 102 -16.77 -75.36 -4.23
C LYS C 102 -17.27 -73.95 -3.90
N LEU C 103 -16.37 -72.98 -4.04
CA LEU C 103 -16.64 -71.60 -3.66
C LEU C 103 -17.63 -70.94 -4.63
N PHE C 104 -17.96 -69.68 -4.35
CA PHE C 104 -18.91 -68.93 -5.18
C PHE C 104 -18.52 -67.45 -5.11
N VAL C 105 -17.71 -67.01 -6.09
CA VAL C 105 -17.17 -65.66 -6.11
C VAL C 105 -17.36 -65.06 -7.50
N ALA C 106 -17.07 -63.77 -7.59
CA ALA C 106 -17.18 -62.98 -8.82
C ALA C 106 -15.81 -62.87 -9.50
N ASN C 107 -15.73 -61.96 -10.48
CA ASN C 107 -14.52 -61.72 -11.27
C ASN C 107 -13.64 -60.63 -10.69
N TYR C 108 -13.62 -60.49 -9.36
CA TYR C 108 -12.89 -59.40 -8.71
C TYR C 108 -11.38 -59.50 -8.89
N SER C 109 -10.84 -60.67 -9.24
CA SER C 109 -9.40 -60.86 -9.29
C SER C 109 -8.76 -60.05 -10.42
N GLN C 110 -9.38 -60.05 -11.61
CA GLN C 110 -8.85 -59.29 -12.73
C GLN C 110 -9.09 -57.79 -12.60
N ASP C 111 -9.93 -57.38 -11.66
CA ASP C 111 -10.27 -55.97 -11.49
C ASP C 111 -9.34 -55.34 -10.48
N VAL C 112 -8.72 -54.22 -10.84
CA VAL C 112 -7.79 -53.52 -9.98
C VAL C 112 -8.20 -52.06 -9.89
N LYS C 113 -7.97 -51.45 -8.74
CA LYS C 113 -8.43 -50.10 -8.45
C LYS C 113 -7.21 -49.24 -8.11
N GLN C 114 -7.14 -48.06 -8.73
CA GLN C 114 -6.08 -47.12 -8.41
C GLN C 114 -6.27 -46.57 -7.00
N PHE C 115 -5.16 -46.49 -6.25
CA PHE C 115 -5.23 -46.02 -4.87
C PHE C 115 -5.67 -44.57 -4.79
N ALA C 116 -5.11 -43.72 -5.66
CA ALA C 116 -5.31 -42.27 -5.66
C ALA C 116 -5.03 -41.67 -4.29
N ASN C 117 -6.08 -41.41 -3.53
CA ASN C 117 -5.97 -40.84 -2.19
C ASN C 117 -6.68 -41.68 -1.13
N GLY C 118 -6.64 -43.01 -1.28
CA GLY C 118 -7.31 -43.87 -0.34
C GLY C 118 -8.81 -43.89 -0.55
N PHE C 119 -9.51 -44.53 0.38
CA PHE C 119 -10.94 -44.77 0.24
C PHE C 119 -11.54 -45.09 1.61
N VAL C 120 -12.88 -45.05 1.66
CA VAL C 120 -13.64 -45.33 2.87
C VAL C 120 -14.68 -46.40 2.57
N VAL C 121 -15.07 -47.11 3.62
CA VAL C 121 -15.93 -48.30 3.52
C VAL C 121 -16.99 -48.24 4.62
N ARG C 122 -18.25 -48.38 4.23
CA ARG C 122 -19.36 -48.52 5.17
C ARG C 122 -19.56 -50.00 5.47
N ILE C 123 -19.52 -50.37 6.75
CA ILE C 123 -19.52 -51.76 7.17
C ILE C 123 -20.91 -52.14 7.65
N GLY C 124 -21.55 -53.06 6.92
CA GLY C 124 -22.73 -53.77 7.36
C GLY C 124 -24.07 -53.24 6.92
N ALA C 125 -24.10 -52.40 5.87
CA ALA C 125 -25.16 -51.41 5.66
C ALA C 125 -26.57 -52.00 5.63
N ALA C 126 -26.72 -53.28 5.31
CA ALA C 126 -28.04 -53.90 5.26
C ALA C 126 -28.32 -54.86 6.41
N ALA C 127 -27.48 -54.93 7.43
CA ALA C 127 -27.61 -55.94 8.46
C ALA C 127 -28.78 -55.61 9.39
N ASN C 128 -29.16 -56.61 10.22
CA ASN C 128 -30.35 -56.62 11.06
C ASN C 128 -31.59 -56.27 10.25
N SER C 129 -31.75 -56.98 9.14
CA SER C 129 -32.89 -56.89 8.25
C SER C 129 -32.99 -58.22 7.51
N THR C 130 -34.03 -58.36 6.69
CA THR C 130 -34.28 -59.60 5.95
C THR C 130 -33.81 -59.44 4.52
N GLY C 131 -32.99 -60.38 4.06
CA GLY C 131 -32.48 -60.33 2.70
C GLY C 131 -32.07 -61.71 2.23
N THR C 132 -31.89 -61.82 0.91
CA THR C 132 -31.63 -63.11 0.30
C THR C 132 -30.16 -63.49 0.40
N VAL C 133 -29.90 -64.78 0.24
CA VAL C 133 -28.56 -65.30 0.03
C VAL C 133 -28.36 -65.39 -1.48
N ILE C 134 -27.31 -64.74 -1.98
CA ILE C 134 -27.23 -64.44 -3.40
C ILE C 134 -26.97 -65.70 -4.23
N ILE C 135 -26.34 -66.71 -3.64
CA ILE C 135 -26.07 -67.95 -4.37
C ILE C 135 -27.37 -68.67 -4.71
N SER C 136 -28.33 -68.69 -3.79
CA SER C 136 -29.63 -69.32 -4.00
C SER C 136 -30.70 -68.27 -3.80
N PRO C 137 -31.21 -67.66 -4.88
CA PRO C 137 -32.21 -66.58 -4.74
C PRO C 137 -33.51 -67.03 -4.11
N SER C 138 -33.79 -68.33 -4.07
CA SER C 138 -34.94 -68.85 -3.33
C SER C 138 -34.72 -68.87 -1.82
N THR C 139 -33.53 -68.54 -1.35
CA THR C 139 -33.20 -68.58 0.07
C THR C 139 -33.01 -67.16 0.59
N SER C 140 -33.67 -66.87 1.73
CA SER C 140 -33.54 -65.58 2.39
C SER C 140 -33.50 -65.79 3.89
N ALA C 141 -32.81 -64.89 4.59
CA ALA C 141 -32.67 -64.97 6.03
C ALA C 141 -32.34 -63.57 6.57
N THR C 142 -32.06 -63.52 7.88
CA THR C 142 -31.63 -62.27 8.49
C THR C 142 -30.25 -61.88 7.99
N ILE C 143 -30.10 -60.63 7.56
CA ILE C 143 -28.82 -60.16 7.05
C ILE C 143 -27.87 -59.97 8.22
N ARG C 144 -26.77 -60.71 8.23
CA ARG C 144 -25.76 -60.61 9.25
C ARG C 144 -24.56 -59.86 8.71
N LYS C 145 -24.03 -58.93 9.50
CA LYS C 145 -22.95 -58.07 9.04
C LYS C 145 -21.66 -58.85 8.83
N ILE C 146 -20.87 -58.39 7.86
CA ILE C 146 -19.60 -59.01 7.52
C ILE C 146 -18.57 -57.90 7.31
N TYR C 147 -17.29 -58.28 7.38
CA TYR C 147 -16.17 -57.38 7.17
C TYR C 147 -15.34 -57.86 5.98
N PRO C 148 -14.86 -56.96 5.13
CA PRO C 148 -14.12 -57.38 3.94
C PRO C 148 -12.61 -57.44 4.18
N ALA C 149 -11.91 -57.97 3.18
CA ALA C 149 -10.46 -58.10 3.20
C ALA C 149 -9.86 -57.44 1.97
N PHE C 150 -8.77 -56.70 2.16
CA PHE C 150 -8.19 -55.84 1.13
C PHE C 150 -6.77 -56.30 0.84
N MET C 151 -6.29 -56.09 -0.40
CA MET C 151 -4.86 -56.01 -0.60
C MET C 151 -4.54 -54.73 -1.36
N LEU C 152 -3.31 -54.26 -1.17
CA LEU C 152 -2.84 -53.00 -1.75
C LEU C 152 -1.41 -53.21 -2.23
N GLY C 153 -1.14 -52.78 -3.46
CA GLY C 153 0.18 -52.90 -4.04
C GLY C 153 0.40 -51.87 -5.12
N SER C 154 1.66 -51.48 -5.30
CA SER C 154 2.01 -50.44 -6.26
C SER C 154 2.40 -50.99 -7.63
N SER C 155 3.03 -52.15 -7.69
CA SER C 155 3.47 -52.77 -8.93
C SER C 155 2.63 -53.99 -9.22
N VAL C 156 2.02 -54.03 -10.41
CA VAL C 156 1.03 -55.04 -10.76
C VAL C 156 1.46 -55.71 -12.07
N GLY C 157 1.16 -57.00 -12.18
CA GLY C 157 1.35 -57.71 -13.43
C GLY C 157 0.24 -58.72 -13.68
N ASN C 158 0.45 -59.63 -14.62
CA ASN C 158 -0.53 -60.66 -14.94
C ASN C 158 -0.19 -61.97 -14.23
N PHE C 159 -1.19 -62.83 -14.10
CA PHE C 159 -1.03 -64.10 -13.40
C PHE C 159 -0.41 -65.13 -14.34
N SER C 160 -0.40 -66.40 -13.91
CA SER C 160 0.18 -67.46 -14.72
C SER C 160 -0.64 -67.72 -15.98
N ASP C 161 -1.95 -67.56 -15.90
CA ASP C 161 -2.83 -67.72 -17.05
C ASP C 161 -3.05 -66.42 -17.81
N GLY C 162 -2.35 -65.36 -17.45
CA GLY C 162 -2.52 -64.06 -18.08
C GLY C 162 -3.59 -63.18 -17.49
N LYS C 163 -4.32 -63.66 -16.47
CA LYS C 163 -5.33 -62.85 -15.82
C LYS C 163 -4.69 -61.72 -15.02
N MET C 164 -5.37 -60.59 -14.98
CA MET C 164 -4.84 -59.42 -14.29
C MET C 164 -4.97 -59.58 -12.77
N GLY C 165 -4.18 -58.79 -12.05
CA GLY C 165 -4.23 -58.74 -10.60
C GLY C 165 -3.01 -59.25 -9.88
N ARG C 166 -1.93 -59.59 -10.58
CA ARG C 166 -0.74 -60.14 -9.94
C ARG C 166 0.13 -58.97 -9.45
N PHE C 167 0.09 -58.72 -8.15
CA PHE C 167 0.88 -57.65 -7.56
C PHE C 167 2.34 -58.06 -7.42
N PHE C 168 3.21 -57.05 -7.33
CA PHE C 168 4.64 -57.25 -7.22
C PHE C 168 5.16 -56.54 -5.96
N ASN C 169 6.38 -56.89 -5.59
CA ASN C 169 7.12 -56.34 -4.44
C ASN C 169 6.31 -56.61 -3.16
N HIS C 170 6.47 -55.77 -2.16
CA HIS C 170 5.67 -55.92 -0.94
C HIS C 170 4.21 -55.55 -1.20
N THR C 171 3.32 -56.25 -0.50
CA THR C 171 1.89 -56.07 -0.64
C THR C 171 1.28 -55.99 0.75
N LEU C 172 0.40 -55.02 0.96
CA LEU C 172 -0.27 -54.82 2.24
C LEU C 172 -1.66 -55.46 2.17
N VAL C 173 -1.84 -56.54 2.90
CA VAL C 173 -3.08 -57.30 2.91
C VAL C 173 -3.68 -57.25 4.30
N LEU C 174 -4.94 -56.85 4.39
CA LEU C 174 -5.70 -56.89 5.63
C LEU C 174 -6.88 -57.85 5.45
N LEU C 175 -7.26 -58.49 6.56
CA LEU C 175 -8.31 -59.49 6.53
C LEU C 175 -8.93 -59.62 7.90
N PRO C 176 -10.23 -59.82 7.99
CA PRO C 176 -10.87 -60.00 9.31
C PRO C 176 -10.59 -61.38 9.87
N ASP C 177 -10.86 -61.53 11.16
CA ASP C 177 -10.56 -62.76 11.85
C ASP C 177 -11.45 -62.84 13.09
N GLY C 178 -11.64 -64.07 13.57
CA GLY C 178 -12.43 -64.30 14.76
C GLY C 178 -13.88 -63.91 14.61
N CYS C 179 -14.43 -64.11 13.41
CA CYS C 179 -15.76 -63.63 13.02
C CYS C 179 -15.90 -62.13 13.24
N GLY C 180 -14.81 -61.39 13.05
CA GLY C 180 -14.82 -59.94 13.17
C GLY C 180 -14.02 -59.38 14.33
N THR C 181 -13.43 -60.18 15.22
CA THR C 181 -12.60 -59.62 16.28
C THR C 181 -11.34 -59.00 15.73
N LEU C 182 -10.48 -59.83 15.15
CA LEU C 182 -9.14 -59.43 14.80
C LEU C 182 -9.10 -58.80 13.41
N LEU C 183 -8.17 -57.86 13.24
CA LEU C 183 -8.08 -56.99 12.07
C LEU C 183 -6.74 -57.23 11.37
N ARG C 184 -6.45 -58.50 11.09
CA ARG C 184 -5.08 -58.93 10.78
C ARG C 184 -4.56 -58.29 9.50
N ALA C 185 -3.39 -57.66 9.59
CA ALA C 185 -2.86 -56.91 8.46
C ALA C 185 -1.34 -57.06 8.40
N PHE C 186 -0.81 -57.13 7.19
CA PHE C 186 0.60 -57.45 7.00
C PHE C 186 1.08 -56.93 5.65
N TYR C 187 2.30 -56.41 5.62
CA TYR C 187 2.93 -55.87 4.42
C TYR C 187 4.10 -56.79 4.09
N CYS C 188 3.80 -57.85 3.33
CA CYS C 188 4.75 -58.94 3.15
C CYS C 188 5.16 -59.11 1.70
N ILE C 189 5.88 -60.19 1.38
CA ILE C 189 6.25 -60.54 0.02
C ILE C 189 5.52 -61.83 -0.34
N LEU C 190 4.79 -61.81 -1.45
CA LEU C 190 3.97 -62.94 -1.84
C LEU C 190 4.75 -63.90 -2.73
N GLU C 191 4.49 -65.19 -2.54
CA GLU C 191 5.01 -66.23 -3.44
C GLU C 191 3.83 -67.11 -3.82
N PRO C 192 3.54 -67.29 -5.10
CA PRO C 192 2.36 -68.07 -5.50
C PRO C 192 2.59 -69.56 -5.32
N ARG C 193 1.52 -70.31 -5.55
CA ARG C 193 1.53 -71.77 -5.52
C ARG C 193 1.18 -72.28 -6.92
N SER C 194 1.77 -73.42 -7.29
CA SER C 194 1.67 -73.94 -8.64
C SER C 194 0.85 -75.22 -8.73
N GLY C 195 0.03 -75.51 -7.72
CA GLY C 195 -0.81 -76.68 -7.73
C GLY C 195 -2.09 -76.47 -8.52
N ASN C 196 -3.01 -77.41 -8.37
CA ASN C 196 -4.32 -77.30 -9.01
C ASN C 196 -5.11 -76.17 -8.36
N HIS C 197 -5.73 -75.33 -9.21
CA HIS C 197 -6.52 -74.16 -8.81
C HIS C 197 -5.71 -73.13 -8.04
N CYS C 198 -4.41 -73.18 -8.13
CA CYS C 198 -3.43 -72.36 -7.44
C CYS C 198 -2.89 -71.30 -8.39
N PRO C 199 -2.42 -70.16 -7.86
CA PRO C 199 -2.10 -69.00 -8.75
C PRO C 199 -1.07 -69.26 -9.84
N ALA C 200 -0.02 -70.03 -9.55
CA ALA C 200 0.97 -70.37 -10.57
C ALA C 200 0.66 -71.69 -11.25
N GLY C 201 -0.47 -72.33 -10.94
CA GLY C 201 -0.81 -73.61 -11.47
C GLY C 201 -2.04 -73.59 -12.36
N ASN C 202 -2.46 -74.78 -12.76
CA ASN C 202 -3.56 -74.94 -13.69
C ASN C 202 -4.90 -74.68 -12.99
N SER C 203 -5.93 -74.47 -13.83
CA SER C 203 -7.33 -74.33 -13.40
C SER C 203 -7.54 -73.17 -12.43
N TYR C 204 -6.84 -72.06 -12.70
CA TYR C 204 -7.00 -70.86 -11.90
C TYR C 204 -7.98 -69.90 -12.57
N THR C 205 -8.95 -69.43 -11.80
CA THR C 205 -9.88 -68.40 -12.26
C THR C 205 -9.82 -67.15 -11.41
N SER C 206 -9.86 -67.29 -10.09
CA SER C 206 -9.78 -66.15 -9.18
C SER C 206 -9.30 -66.64 -7.83
N PHE C 207 -9.03 -65.70 -6.93
CA PHE C 207 -8.67 -66.01 -5.55
C PHE C 207 -9.80 -65.64 -4.61
N ALA C 208 -9.83 -66.30 -3.47
CA ALA C 208 -10.86 -66.09 -2.47
C ALA C 208 -10.34 -66.56 -1.12
N THR C 209 -11.24 -66.67 -0.15
CA THR C 209 -10.94 -67.26 1.14
C THR C 209 -12.05 -68.23 1.50
N TYR C 210 -11.72 -69.18 2.37
CA TYR C 210 -12.69 -70.17 2.83
C TYR C 210 -12.76 -70.14 4.35
N HIS C 211 -13.97 -70.24 4.88
CA HIS C 211 -14.20 -70.25 6.32
C HIS C 211 -15.27 -71.29 6.63
N THR C 212 -15.00 -72.12 7.66
CA THR C 212 -15.93 -73.17 8.09
C THR C 212 -16.46 -72.80 9.46
N PRO C 213 -17.61 -72.11 9.55
CA PRO C 213 -18.07 -71.57 10.84
C PRO C 213 -18.53 -72.62 11.84
N ALA C 214 -18.60 -73.89 11.45
CA ALA C 214 -18.77 -74.96 12.43
C ALA C 214 -17.60 -75.01 13.39
N THR C 215 -16.41 -74.65 12.90
CA THR C 215 -15.23 -74.50 13.75
C THR C 215 -14.87 -73.05 14.03
N ASP C 216 -15.28 -72.12 13.18
CA ASP C 216 -14.84 -70.73 13.32
C ASP C 216 -15.74 -69.92 14.25
N CYS C 217 -17.03 -69.80 13.89
CA CYS C 217 -17.94 -68.88 14.57
C CYS C 217 -18.73 -69.55 15.69
N SER C 218 -18.17 -70.55 16.35
CA SER C 218 -18.79 -71.16 17.51
C SER C 218 -18.52 -70.29 18.74
N ASP C 219 -18.81 -70.82 19.92
CA ASP C 219 -18.61 -70.10 21.18
C ASP C 219 -17.11 -69.97 21.43
N GLY C 220 -16.57 -68.79 21.14
CA GLY C 220 -15.13 -68.60 21.30
C GLY C 220 -14.36 -69.23 20.15
N ASN C 221 -13.28 -69.93 20.52
CA ASN C 221 -12.42 -70.68 19.60
C ASN C 221 -11.82 -69.79 18.52
N TYR C 222 -12.49 -69.73 17.36
CA TYR C 222 -12.07 -69.03 16.14
C TYR C 222 -10.81 -69.60 15.51
N ASN C 223 -10.33 -70.74 16.02
CA ASN C 223 -9.29 -71.58 15.41
C ASN C 223 -7.94 -70.88 15.24
N ARG C 224 -7.71 -69.76 15.94
CA ARG C 224 -6.42 -69.09 15.99
C ARG C 224 -5.90 -68.70 14.61
N ASN C 225 -6.54 -67.70 14.01
CA ASN C 225 -6.31 -67.18 12.64
C ASN C 225 -6.36 -68.30 11.60
N ALA C 226 -7.54 -68.91 11.53
CA ALA C 226 -7.87 -69.76 10.39
C ALA C 226 -7.96 -68.95 9.10
N SER C 227 -8.28 -67.65 9.21
CA SER C 227 -8.26 -66.77 8.05
C SER C 227 -6.84 -66.60 7.52
N LEU C 228 -5.85 -66.55 8.41
CA LEU C 228 -4.46 -66.51 7.98
C LEU C 228 -4.07 -67.78 7.25
N ASN C 229 -4.58 -68.93 7.71
CA ASN C 229 -4.31 -70.19 7.01
C ASN C 229 -5.02 -70.21 5.66
N SER C 230 -6.21 -69.62 5.58
CA SER C 230 -6.94 -69.57 4.32
C SER C 230 -6.24 -68.67 3.31
N PHE C 231 -5.65 -67.56 3.77
CA PHE C 231 -4.75 -66.81 2.91
C PHE C 231 -3.53 -67.64 2.54
N LYS C 232 -2.96 -68.34 3.52
CA LYS C 232 -1.81 -69.21 3.30
C LYS C 232 -2.15 -70.39 2.41
N GLU C 233 -3.44 -70.73 2.29
CA GLU C 233 -3.88 -71.75 1.36
C GLU C 233 -3.66 -71.36 -0.11
N TYR C 234 -3.41 -70.09 -0.39
CA TYR C 234 -3.14 -69.65 -1.76
C TYR C 234 -1.77 -69.00 -1.96
N PHE C 235 -1.03 -68.71 -0.90
CA PHE C 235 0.18 -67.91 -1.06
C PHE C 235 1.19 -68.27 0.03
N ASN C 236 2.40 -67.73 -0.12
CA ASN C 236 3.50 -67.95 0.82
C ASN C 236 4.14 -66.62 1.17
N LEU C 237 4.50 -66.46 2.44
CA LEU C 237 5.01 -65.20 2.97
C LEU C 237 6.53 -65.17 2.96
N ARG C 238 7.08 -64.04 2.55
CA ARG C 238 8.53 -63.81 2.54
C ARG C 238 8.82 -62.39 3.01
N ASN C 239 9.99 -62.20 3.63
CA ASN C 239 10.65 -60.90 3.81
C ASN C 239 9.73 -59.81 4.36
N CYS C 240 8.90 -60.18 5.32
CA CYS C 240 7.80 -59.31 5.71
C CYS C 240 8.28 -58.22 6.65
N THR C 241 7.34 -57.43 7.18
CA THR C 241 7.67 -56.18 7.87
C THR C 241 7.24 -56.16 9.33
N PHE C 242 5.97 -56.42 9.64
CA PHE C 242 5.47 -56.20 10.99
C PHE C 242 4.47 -57.29 11.37
N MET C 243 3.79 -57.06 12.50
CA MET C 243 2.69 -57.91 12.94
C MET C 243 1.80 -57.07 13.85
N TYR C 244 0.69 -56.57 13.31
CA TYR C 244 -0.23 -55.69 14.02
C TYR C 244 -1.57 -56.38 14.21
N THR C 245 -2.08 -56.36 15.41
CA THR C 245 -3.27 -57.10 15.63
C THR C 245 -4.26 -56.13 16.04
N TYR C 246 -5.52 -56.49 15.96
CA TYR C 246 -6.59 -55.63 16.40
C TYR C 246 -7.93 -56.35 16.64
N ASN C 247 -8.17 -56.88 17.85
CA ASN C 247 -9.41 -57.58 18.18
C ASN C 247 -10.61 -56.72 18.33
N ILE C 248 -10.80 -55.83 17.40
CA ILE C 248 -11.93 -54.99 17.48
C ILE C 248 -12.98 -55.86 17.03
N THR C 249 -13.82 -56.35 17.95
CA THR C 249 -14.97 -57.20 17.60
C THR C 249 -16.17 -56.49 16.96
N GLU C 250 -17.20 -57.25 16.54
CA GLU C 250 -18.40 -56.67 15.90
C GLU C 250 -19.59 -56.39 16.84
N ASP C 251 -20.65 -55.76 16.32
CA ASP C 251 -21.80 -55.39 17.18
C ASP C 251 -23.20 -55.58 16.58
N GLU C 252 -24.22 -54.97 17.19
CA GLU C 252 -25.61 -55.05 16.70
C GLU C 252 -25.81 -54.24 15.45
N ILE C 253 -25.47 -52.97 15.52
CA ILE C 253 -25.59 -52.10 14.37
C ILE C 253 -24.60 -52.33 13.22
N LEU C 254 -23.68 -51.40 12.99
CA LEU C 254 -22.76 -51.49 11.85
C LEU C 254 -21.53 -50.62 12.06
N GLU C 255 -20.69 -50.42 11.04
CA GLU C 255 -19.60 -49.47 11.22
C GLU C 255 -19.05 -48.72 10.03
N TRP C 256 -18.24 -47.72 10.31
CA TRP C 256 -17.62 -46.97 9.23
C TRP C 256 -16.10 -47.14 9.31
N PHE C 257 -15.40 -46.98 8.19
CA PHE C 257 -13.95 -47.16 8.20
C PHE C 257 -13.33 -46.35 7.07
N GLY C 258 -12.10 -45.88 7.27
CA GLY C 258 -11.38 -45.19 6.20
C GLY C 258 -9.91 -45.53 6.24
N ILE C 259 -9.28 -45.47 5.07
CA ILE C 259 -7.87 -45.79 4.92
C ILE C 259 -7.26 -44.90 3.84
N THR C 260 -6.10 -44.30 4.13
CA THR C 260 -5.34 -43.59 3.11
C THR C 260 -3.89 -43.43 3.54
N GLN C 261 -3.03 -43.20 2.55
CA GLN C 261 -1.59 -43.12 2.73
C GLN C 261 -1.12 -41.68 2.85
N THR C 262 -0.08 -41.49 3.67
CA THR C 262 0.66 -40.25 3.76
C THR C 262 2.14 -40.60 3.86
N ALA C 263 2.98 -39.58 3.73
CA ALA C 263 4.43 -39.80 3.80
C ALA C 263 4.86 -40.32 5.17
N GLN C 264 4.10 -39.97 6.22
CA GLN C 264 4.36 -40.55 7.53
C GLN C 264 3.85 -41.97 7.65
N GLY C 265 2.78 -42.31 6.93
CA GLY C 265 2.27 -43.67 6.98
C GLY C 265 0.85 -43.77 6.49
N VAL C 266 0.40 -45.02 6.39
CA VAL C 266 -0.97 -45.32 6.02
C VAL C 266 -1.83 -45.24 7.27
N HIS C 267 -2.67 -44.22 7.35
CA HIS C 267 -3.51 -44.05 8.52
C HIS C 267 -4.96 -44.46 8.24
N LEU C 268 -5.58 -45.01 9.28
CA LEU C 268 -6.85 -45.71 9.22
C LEU C 268 -7.73 -45.20 10.34
N PHE C 269 -8.95 -44.80 9.97
CA PHE C 269 -9.93 -44.17 10.84
C PHE C 269 -11.15 -45.06 10.98
N SER C 270 -11.86 -44.90 12.10
CA SER C 270 -13.10 -45.65 12.30
C SER C 270 -14.00 -44.91 13.27
N SER C 271 -15.17 -45.49 13.52
CA SER C 271 -16.22 -44.82 14.29
C SER C 271 -16.41 -45.43 15.67
N ARG C 272 -16.48 -46.76 15.74
CA ARG C 272 -16.93 -47.44 16.96
C ARG C 272 -15.90 -47.43 18.07
N TYR C 273 -14.67 -46.99 17.80
CA TYR C 273 -13.61 -46.99 18.81
C TYR C 273 -13.94 -46.07 19.96
N VAL C 274 -14.53 -44.91 19.66
CA VAL C 274 -14.92 -43.93 20.65
C VAL C 274 -16.41 -43.61 20.59
N ASP C 275 -16.96 -43.49 19.38
CA ASP C 275 -18.30 -42.95 19.13
C ASP C 275 -19.24 -44.04 18.65
N LEU C 276 -19.44 -45.06 19.47
CA LEU C 276 -20.32 -46.21 19.26
C LEU C 276 -21.64 -45.89 18.57
N TYR C 277 -22.38 -44.91 19.09
CA TYR C 277 -23.72 -44.60 18.59
C TYR C 277 -23.82 -43.24 17.92
N GLY C 278 -22.71 -42.49 17.83
CA GLY C 278 -22.69 -41.27 17.06
C GLY C 278 -22.07 -41.51 15.70
N GLY C 279 -20.82 -41.09 15.52
CA GLY C 279 -20.07 -41.50 14.35
C GLY C 279 -19.22 -40.44 13.68
N ASN C 280 -17.93 -40.72 13.56
CA ASN C 280 -16.97 -39.88 12.84
C ASN C 280 -15.70 -40.70 12.64
N MET C 281 -14.72 -40.13 11.96
CA MET C 281 -13.55 -40.89 11.51
C MET C 281 -12.41 -40.79 12.52
N PHE C 282 -12.66 -41.36 13.70
CA PHE C 282 -11.68 -41.34 14.78
C PHE C 282 -10.52 -42.28 14.47
N GLN C 283 -9.30 -41.82 14.73
CA GLN C 283 -8.10 -42.55 14.36
C GLN C 283 -7.92 -43.80 15.21
N PHE C 284 -7.57 -44.90 14.56
CA PHE C 284 -7.20 -46.08 15.33
C PHE C 284 -5.88 -46.67 14.85
N ALA C 285 -5.55 -46.55 13.56
CA ALA C 285 -4.35 -47.24 13.08
C ALA C 285 -3.46 -46.30 12.29
N THR C 286 -2.15 -46.55 12.40
CA THR C 286 -1.14 -45.81 11.63
C THR C 286 -0.02 -46.78 11.28
N LEU C 287 0.31 -46.83 9.98
CA LEU C 287 1.22 -47.82 9.43
C LEU C 287 2.48 -47.12 8.92
N PRO C 288 3.65 -47.42 9.47
CA PRO C 288 4.87 -46.78 8.94
C PRO C 288 5.25 -47.33 7.56
N VAL C 289 4.53 -46.90 6.53
CA VAL C 289 4.76 -47.39 5.17
C VAL C 289 5.99 -46.69 4.60
N TYR C 290 6.66 -47.37 3.67
CA TYR C 290 7.86 -46.82 3.03
C TYR C 290 7.71 -46.73 1.51
N ASP C 291 6.49 -46.83 0.98
CA ASP C 291 6.26 -46.72 -0.44
C ASP C 291 4.85 -46.19 -0.68
N THR C 292 4.73 -45.28 -1.64
CA THR C 292 3.42 -44.75 -2.01
C THR C 292 2.59 -45.83 -2.71
N ILE C 293 1.30 -45.86 -2.39
CA ILE C 293 0.40 -46.88 -2.92
C ILE C 293 -0.21 -46.38 -4.22
N LYS C 294 -0.26 -47.26 -5.21
CA LYS C 294 -0.86 -46.94 -6.49
C LYS C 294 -2.03 -47.85 -6.87
N TYR C 295 -2.14 -49.03 -6.28
CA TYR C 295 -3.17 -49.98 -6.70
C TYR C 295 -3.72 -50.68 -5.46
N TYR C 296 -4.97 -51.12 -5.55
CA TYR C 296 -5.54 -51.99 -4.52
C TYR C 296 -6.64 -52.83 -5.15
N SER C 297 -7.03 -53.88 -4.44
CA SER C 297 -8.13 -54.74 -4.85
C SER C 297 -8.68 -55.46 -3.61
N ILE C 298 -9.65 -56.34 -3.85
CA ILE C 298 -10.49 -56.93 -2.82
C ILE C 298 -10.26 -58.44 -2.80
N ILE C 299 -10.38 -59.03 -1.62
CA ILE C 299 -10.50 -60.50 -1.52
C ILE C 299 -11.98 -60.85 -1.48
N PRO C 300 -12.49 -61.60 -2.46
CA PRO C 300 -13.84 -62.16 -2.33
C PRO C 300 -13.87 -63.22 -1.24
N HIS C 301 -14.99 -63.31 -0.55
CA HIS C 301 -15.11 -64.22 0.59
C HIS C 301 -16.07 -65.34 0.26
N SER C 302 -15.66 -66.57 0.53
CA SER C 302 -16.51 -67.74 0.44
C SER C 302 -16.57 -68.43 1.80
N ILE C 303 -17.72 -69.00 2.10
CA ILE C 303 -17.98 -69.61 3.40
C ILE C 303 -18.29 -71.09 3.19
N ARG C 304 -17.59 -71.93 3.94
CA ARG C 304 -17.76 -73.39 3.85
C ARG C 304 -18.86 -73.88 4.78
N SER C 305 -20.07 -73.34 4.60
CA SER C 305 -21.18 -73.64 5.48
C SER C 305 -22.05 -74.75 4.89
N ILE C 306 -23.19 -74.99 5.51
CA ILE C 306 -24.12 -76.02 5.07
C ILE C 306 -25.30 -75.35 4.37
N GLN C 307 -25.98 -76.13 3.52
CA GLN C 307 -27.09 -75.59 2.75
C GLN C 307 -28.29 -75.27 3.63
N SER C 308 -28.57 -76.11 4.62
CA SER C 308 -29.72 -75.90 5.50
C SER C 308 -29.54 -74.71 6.43
N ASP C 309 -28.32 -74.19 6.58
CA ASP C 309 -28.05 -73.00 7.38
C ASP C 309 -27.14 -72.05 6.61
N ARG C 310 -27.46 -71.82 5.33
CA ARG C 310 -26.80 -70.76 4.58
C ARG C 310 -27.21 -69.41 5.16
N LYS C 311 -26.22 -68.55 5.37
CA LYS C 311 -26.45 -67.26 6.01
C LYS C 311 -25.99 -66.13 5.09
N ALA C 312 -26.86 -65.15 4.89
CA ALA C 312 -26.53 -64.00 4.08
C ALA C 312 -25.55 -63.08 4.81
N TRP C 313 -24.82 -62.29 4.03
CA TRP C 313 -23.84 -61.36 4.56
C TRP C 313 -24.08 -59.99 3.96
N ALA C 314 -23.90 -58.95 4.77
CA ALA C 314 -24.22 -57.59 4.36
C ALA C 314 -23.22 -57.10 3.32
N ALA C 315 -23.65 -56.08 2.58
CA ALA C 315 -22.85 -55.50 1.52
C ALA C 315 -22.16 -54.23 2.01
N PHE C 316 -20.89 -54.10 1.71
CA PHE C 316 -20.12 -52.91 2.03
C PHE C 316 -20.05 -52.00 0.81
N TYR C 317 -19.45 -50.83 1.01
CA TYR C 317 -19.25 -49.86 -0.06
C TYR C 317 -17.78 -49.49 -0.12
N VAL C 318 -17.38 -48.89 -1.24
CA VAL C 318 -16.06 -48.28 -1.37
C VAL C 318 -16.26 -46.91 -2.01
N TYR C 319 -15.83 -45.87 -1.31
CA TYR C 319 -15.90 -44.50 -1.80
C TYR C 319 -14.50 -43.93 -1.85
N LYS C 320 -14.07 -43.49 -3.03
CA LYS C 320 -12.78 -42.83 -3.17
C LYS C 320 -12.92 -41.32 -2.94
N LEU C 321 -11.81 -40.69 -2.59
CA LEU C 321 -11.83 -39.33 -2.09
C LEU C 321 -10.84 -38.47 -2.88
N GLN C 322 -11.14 -37.17 -2.94
CA GLN C 322 -10.38 -36.18 -3.69
C GLN C 322 -10.23 -34.93 -2.85
N PRO C 323 -9.21 -34.12 -3.11
CA PRO C 323 -9.04 -32.88 -2.33
C PRO C 323 -10.16 -31.88 -2.60
N LEU C 324 -10.82 -31.45 -1.53
CA LEU C 324 -11.93 -30.52 -1.60
C LEU C 324 -12.09 -29.90 -0.22
N THR C 325 -12.92 -28.87 -0.12
CA THR C 325 -13.07 -28.12 1.13
C THR C 325 -14.45 -28.37 1.74
N PHE C 326 -14.48 -28.59 3.05
CA PHE C 326 -15.73 -28.79 3.78
C PHE C 326 -15.89 -27.73 4.85
N LEU C 327 -17.11 -27.66 5.36
CA LEU C 327 -17.41 -26.96 6.62
C LEU C 327 -17.97 -27.99 7.59
N LEU C 328 -17.44 -27.99 8.81
CA LEU C 328 -17.72 -29.01 9.80
C LEU C 328 -18.38 -28.36 11.01
N ASP C 329 -19.33 -29.06 11.62
CA ASP C 329 -20.04 -28.56 12.80
C ASP C 329 -19.63 -29.38 14.00
N PHE C 330 -18.73 -28.82 14.82
CA PHE C 330 -18.33 -29.47 16.05
C PHE C 330 -19.33 -29.16 17.15
N SER C 331 -19.77 -30.19 17.85
CA SER C 331 -20.69 -30.03 18.96
C SER C 331 -19.92 -29.95 20.28
N VAL C 332 -20.68 -29.89 21.38
CA VAL C 332 -20.10 -29.77 22.72
C VAL C 332 -19.26 -30.99 23.06
N ASP C 333 -19.68 -32.18 22.60
CA ASP C 333 -18.90 -33.40 22.80
C ASP C 333 -17.67 -33.47 21.90
N GLY C 334 -17.49 -32.51 20.99
CA GLY C 334 -16.44 -32.58 20.01
C GLY C 334 -16.77 -33.45 18.81
N TYR C 335 -17.96 -34.03 18.77
CA TYR C 335 -18.36 -34.89 17.67
C TYR C 335 -19.07 -34.07 16.60
N ILE C 336 -18.98 -34.53 15.37
CA ILE C 336 -19.54 -33.83 14.22
C ILE C 336 -20.66 -34.67 13.63
N ARG C 337 -21.85 -34.07 13.52
CA ARG C 337 -22.96 -34.70 12.83
C ARG C 337 -23.47 -33.89 11.65
N ARG C 338 -22.97 -32.67 11.46
CA ARG C 338 -23.35 -31.82 10.34
C ARG C 338 -22.10 -31.33 9.62
N ALA C 339 -22.11 -31.45 8.29
CA ALA C 339 -21.02 -30.95 7.47
C ALA C 339 -21.57 -30.62 6.09
N ILE C 340 -20.83 -29.82 5.33
CA ILE C 340 -21.31 -29.37 4.02
C ILE C 340 -20.11 -29.17 3.11
N ASP C 341 -20.37 -29.24 1.80
CA ASP C 341 -19.36 -29.28 0.75
C ASP C 341 -18.83 -27.88 0.46
N CYS C 342 -18.12 -27.73 -0.66
CA CYS C 342 -17.79 -26.41 -1.18
C CYS C 342 -18.09 -26.32 -2.67
N GLY C 343 -18.00 -27.43 -3.39
CA GLY C 343 -18.15 -27.38 -4.83
C GLY C 343 -18.90 -28.53 -5.47
N PHE C 344 -19.76 -29.20 -4.70
CA PHE C 344 -20.54 -30.29 -5.26
C PHE C 344 -21.69 -29.76 -6.12
N ASN C 345 -22.35 -28.70 -5.67
CA ASN C 345 -23.52 -28.16 -6.37
C ASN C 345 -23.62 -26.67 -6.09
N ASP C 346 -24.72 -26.07 -6.56
CA ASP C 346 -24.96 -24.64 -6.33
C ASP C 346 -25.09 -24.33 -4.85
N LEU C 347 -25.77 -25.20 -4.10
CA LEU C 347 -25.90 -24.98 -2.66
C LEU C 347 -24.57 -25.13 -1.95
N SER C 348 -23.67 -25.96 -2.49
CA SER C 348 -22.34 -26.10 -1.88
C SER C 348 -21.54 -24.81 -1.96
N GLN C 349 -21.43 -24.24 -3.16
CA GLN C 349 -20.74 -22.97 -3.32
C GLN C 349 -21.50 -21.81 -2.69
N LEU C 350 -22.82 -21.96 -2.54
CA LEU C 350 -23.64 -21.00 -1.82
C LEU C 350 -23.24 -20.97 -0.35
N HIS C 351 -23.40 -22.11 0.33
CA HIS C 351 -23.17 -22.16 1.78
C HIS C 351 -21.71 -22.00 2.16
N CYS C 352 -20.77 -22.41 1.30
CA CYS C 352 -19.37 -22.17 1.62
C CYS C 352 -19.05 -20.68 1.60
N SER C 353 -19.69 -19.95 0.69
CA SER C 353 -19.52 -18.50 0.64
C SER C 353 -20.08 -17.81 1.88
N TYR C 354 -21.08 -18.42 2.52
CA TYR C 354 -21.64 -17.89 3.76
C TYR C 354 -21.13 -18.62 5.00
N GLU C 355 -20.43 -19.75 4.82
CA GLU C 355 -19.76 -20.47 5.91
C GLU C 355 -20.74 -20.93 6.98
N SER C 356 -21.97 -21.24 6.60
CA SER C 356 -22.99 -21.63 7.57
C SER C 356 -24.04 -22.48 6.87
N PHE C 357 -24.79 -23.22 7.68
CA PHE C 357 -25.90 -24.02 7.18
C PHE C 357 -27.18 -23.21 7.00
N ASP C 358 -27.19 -21.96 7.46
CA ASP C 358 -28.33 -21.06 7.28
C ASP C 358 -27.87 -19.81 6.55
N VAL C 359 -28.60 -19.46 5.49
CA VAL C 359 -28.29 -18.27 4.69
C VAL C 359 -29.54 -17.41 4.57
N GLU C 360 -29.44 -16.33 3.82
CA GLU C 360 -30.59 -15.50 3.50
C GLU C 360 -31.07 -15.79 2.09
N SER C 361 -32.34 -15.48 1.83
CA SER C 361 -32.87 -15.56 0.49
C SER C 361 -32.23 -14.49 -0.39
N GLY C 362 -31.99 -14.82 -1.66
CA GLY C 362 -31.43 -13.79 -2.51
C GLY C 362 -30.97 -14.15 -3.90
N VAL C 363 -30.98 -13.15 -4.79
CA VAL C 363 -30.42 -13.29 -6.12
C VAL C 363 -28.90 -13.19 -6.01
N TYR C 364 -28.21 -14.25 -6.40
CA TYR C 364 -26.76 -14.32 -6.29
C TYR C 364 -26.16 -14.62 -7.65
N SER C 365 -25.10 -13.90 -8.00
CA SER C 365 -24.39 -14.18 -9.24
C SER C 365 -23.53 -15.42 -9.00
N VAL C 366 -24.15 -16.59 -9.19
CA VAL C 366 -23.44 -17.85 -9.07
C VAL C 366 -22.41 -17.97 -10.20
N SER C 367 -21.34 -18.70 -9.94
CA SER C 367 -20.25 -18.87 -10.90
C SER C 367 -20.75 -19.52 -12.18
N SER C 368 -20.79 -18.76 -13.27
CA SER C 368 -21.34 -19.25 -14.52
C SER C 368 -20.41 -20.28 -15.16
N PHE C 369 -20.89 -20.90 -16.22
CA PHE C 369 -20.16 -21.96 -16.92
C PHE C 369 -19.51 -21.40 -18.17
N GLU C 370 -18.80 -22.30 -18.87
CA GLU C 370 -18.28 -22.04 -20.20
C GLU C 370 -18.71 -23.18 -21.10
N ALA C 371 -19.29 -22.85 -22.25
CA ALA C 371 -19.70 -23.88 -23.19
C ALA C 371 -18.48 -24.57 -23.79
N LYS C 372 -18.67 -25.82 -24.16
CA LYS C 372 -17.60 -26.57 -24.81
C LYS C 372 -17.37 -26.00 -26.21
N PRO C 373 -16.15 -25.63 -26.55
CA PRO C 373 -15.87 -25.19 -27.92
C PRO C 373 -16.05 -26.33 -28.91
N SER C 374 -16.40 -25.97 -30.15
CA SER C 374 -16.65 -26.96 -31.18
C SER C 374 -15.39 -27.68 -31.62
N GLY C 375 -14.22 -27.15 -31.28
CA GLY C 375 -12.97 -27.80 -31.67
C GLY C 375 -11.80 -26.85 -31.57
N SER C 376 -10.80 -27.08 -32.41
CA SER C 376 -9.61 -26.25 -32.42
C SER C 376 -9.09 -26.14 -33.85
N VAL C 377 -8.52 -24.99 -34.18
CA VAL C 377 -8.00 -24.72 -35.51
C VAL C 377 -6.49 -24.45 -35.39
N VAL C 378 -5.71 -25.13 -36.22
CA VAL C 378 -4.26 -24.95 -36.27
C VAL C 378 -3.91 -24.72 -37.74
N GLU C 379 -3.93 -23.46 -38.17
CA GLU C 379 -3.64 -23.12 -39.57
C GLU C 379 -2.87 -21.82 -39.69
N GLN C 380 -1.79 -21.89 -40.46
CA GLN C 380 -0.93 -20.80 -40.93
C GLN C 380 0.07 -21.47 -41.86
N ALA C 381 0.76 -20.66 -42.67
CA ALA C 381 1.64 -21.20 -43.70
C ALA C 381 2.89 -21.84 -43.11
N GLU C 382 3.23 -23.01 -43.64
CA GLU C 382 4.48 -23.69 -43.34
C GLU C 382 5.16 -24.09 -44.65
N GLY C 383 6.47 -23.88 -44.72
CA GLY C 383 7.22 -24.26 -45.90
C GLY C 383 8.30 -25.28 -45.60
N VAL C 384 9.57 -24.84 -45.70
CA VAL C 384 10.69 -25.70 -45.37
C VAL C 384 10.73 -25.95 -43.86
N GLU C 385 11.32 -27.07 -43.47
CA GLU C 385 11.52 -27.36 -42.06
C GLU C 385 12.77 -26.66 -41.55
N CYS C 386 12.93 -26.66 -40.23
CA CYS C 386 14.10 -26.01 -39.63
C CYS C 386 15.34 -26.85 -39.83
N ASP C 387 16.41 -26.21 -40.28
CA ASP C 387 17.63 -26.88 -40.71
C ASP C 387 18.75 -26.57 -39.72
N PHE C 388 19.06 -27.54 -38.85
CA PHE C 388 20.09 -27.37 -37.82
C PHE C 388 21.44 -27.93 -38.26
N SER C 389 21.66 -28.04 -39.57
CA SER C 389 22.94 -28.57 -40.08
C SER C 389 24.17 -27.74 -39.70
N PRO C 390 24.20 -26.40 -39.82
CA PRO C 390 25.42 -25.68 -39.42
C PRO C 390 25.77 -25.78 -37.95
N LEU C 391 24.82 -26.15 -37.09
CA LEU C 391 25.14 -26.45 -35.70
C LEU C 391 26.08 -27.65 -35.60
N LEU C 392 25.87 -28.66 -36.44
CA LEU C 392 26.72 -29.83 -36.49
C LEU C 392 27.74 -29.79 -37.62
N SER C 393 27.85 -28.68 -38.33
CA SER C 393 28.78 -28.54 -39.45
C SER C 393 29.91 -27.60 -39.09
N GLY C 394 31.12 -27.95 -39.51
CA GLY C 394 32.27 -27.11 -39.31
C GLY C 394 32.90 -27.28 -37.94
N THR C 395 33.93 -26.49 -37.71
CA THR C 395 34.61 -26.49 -36.43
C THR C 395 33.70 -25.86 -35.37
N PRO C 396 33.47 -26.51 -34.23
CA PRO C 396 32.73 -25.89 -33.15
C PRO C 396 33.49 -24.70 -32.59
N PRO C 397 32.90 -23.50 -32.63
CA PRO C 397 33.66 -22.30 -32.27
C PRO C 397 33.77 -22.11 -30.77
N GLN C 398 34.33 -20.99 -30.34
CA GLN C 398 34.73 -20.80 -28.96
C GLN C 398 33.62 -20.08 -28.19
N VAL C 399 33.79 -20.00 -26.86
CA VAL C 399 32.74 -19.47 -25.99
C VAL C 399 32.54 -17.98 -26.21
N TYR C 400 33.57 -17.26 -26.67
CA TYR C 400 33.43 -15.88 -27.11
C TYR C 400 33.23 -15.77 -28.62
N ASN C 401 33.24 -16.89 -29.33
CA ASN C 401 32.98 -16.96 -30.76
C ASN C 401 31.66 -17.69 -31.02
N PHE C 402 30.69 -17.47 -30.14
CA PHE C 402 29.46 -18.25 -30.12
C PHE C 402 28.66 -18.02 -31.40
N LYS C 403 28.51 -19.07 -32.21
CA LYS C 403 28.06 -18.88 -33.57
C LYS C 403 26.53 -18.93 -33.58
N ARG C 404 25.95 -18.04 -34.39
CA ARG C 404 24.55 -17.64 -34.27
C ARG C 404 23.72 -18.27 -35.38
N LEU C 405 22.47 -18.60 -35.06
CA LEU C 405 21.54 -19.23 -35.99
C LEU C 405 20.16 -18.63 -35.77
N VAL C 406 19.53 -18.14 -36.83
CA VAL C 406 18.18 -17.57 -36.77
C VAL C 406 17.23 -18.52 -37.48
N PHE C 407 16.10 -18.82 -36.84
CA PHE C 407 15.12 -19.74 -37.38
C PHE C 407 13.75 -19.09 -37.37
N THR C 408 13.20 -18.85 -38.57
CA THR C 408 11.86 -18.30 -38.74
C THR C 408 11.22 -19.02 -39.92
N ASN C 409 9.90 -19.15 -39.89
CA ASN C 409 9.10 -19.73 -40.98
C ASN C 409 9.50 -21.17 -41.29
N CYS C 410 9.75 -21.96 -40.26
CA CYS C 410 10.15 -23.34 -40.46
C CYS C 410 9.46 -24.25 -39.46
N ASN C 411 9.69 -25.55 -39.61
CA ASN C 411 9.12 -26.58 -38.76
C ASN C 411 10.24 -27.33 -38.06
N TYR C 412 10.16 -27.43 -36.74
CA TYR C 412 11.22 -28.02 -35.93
C TYR C 412 10.71 -29.24 -35.18
N ASN C 413 11.61 -30.20 -34.97
CA ASN C 413 11.29 -31.40 -34.20
C ASN C 413 12.49 -31.76 -33.34
N LEU C 414 12.31 -31.70 -32.03
CA LEU C 414 13.38 -32.06 -31.11
C LEU C 414 13.58 -33.57 -31.01
N THR C 415 12.58 -34.36 -31.40
CA THR C 415 12.73 -35.81 -31.42
C THR C 415 13.71 -36.27 -32.51
N LYS C 416 13.91 -35.46 -33.54
CA LYS C 416 14.97 -35.70 -34.51
C LYS C 416 16.24 -34.92 -34.20
N LEU C 417 16.21 -34.06 -33.18
CA LEU C 417 17.36 -33.22 -32.85
C LEU C 417 17.95 -33.55 -31.49
N LEU C 418 17.16 -33.52 -30.43
CA LEU C 418 17.68 -33.75 -29.09
C LEU C 418 17.87 -35.23 -28.77
N SER C 419 17.19 -36.12 -29.49
CA SER C 419 17.31 -37.54 -29.23
C SER C 419 18.71 -38.05 -29.55
N LEU C 420 19.29 -37.59 -30.65
CA LEU C 420 20.66 -37.95 -30.99
C LEU C 420 21.68 -37.07 -30.29
N PHE C 421 21.25 -36.02 -29.61
CA PHE C 421 22.16 -35.20 -28.83
C PHE C 421 22.53 -35.91 -27.54
N SER C 422 23.82 -36.19 -27.35
CA SER C 422 24.31 -36.82 -26.12
C SER C 422 24.45 -35.74 -25.04
N VAL C 423 23.29 -35.33 -24.53
CA VAL C 423 23.19 -34.18 -23.62
C VAL C 423 23.75 -34.58 -22.26
N ASN C 424 24.89 -33.98 -21.90
CA ASN C 424 25.42 -34.18 -20.55
C ASN C 424 24.62 -33.38 -19.53
N ASP C 425 24.29 -32.14 -19.86
CA ASP C 425 23.60 -31.25 -18.94
C ASP C 425 22.53 -30.47 -19.69
N PHE C 426 21.36 -30.34 -19.05
CA PHE C 426 20.27 -29.53 -19.59
C PHE C 426 19.75 -28.62 -18.49
N THR C 427 19.66 -27.33 -18.79
CA THR C 427 19.09 -26.34 -17.88
C THR C 427 18.20 -25.41 -18.69
N CYS C 428 17.20 -24.83 -18.02
CA CYS C 428 16.24 -23.97 -18.71
C CYS C 428 15.90 -22.79 -17.79
N SER C 429 16.41 -21.61 -18.14
CA SER C 429 16.19 -20.41 -17.37
C SER C 429 14.85 -19.79 -17.72
N GLN C 430 14.03 -19.56 -16.67
CA GLN C 430 12.65 -19.06 -16.67
C GLN C 430 11.78 -19.62 -17.78
N ILE C 431 11.89 -20.92 -18.05
CA ILE C 431 11.04 -21.59 -19.02
C ILE C 431 10.99 -23.07 -18.67
N SER C 432 9.85 -23.70 -18.94
CA SER C 432 9.73 -25.14 -18.74
C SER C 432 10.50 -25.88 -19.82
N PRO C 433 11.35 -26.84 -19.46
CA PRO C 433 12.11 -27.58 -20.48
C PRO C 433 11.26 -28.40 -21.44
N ALA C 434 10.09 -28.87 -20.99
CA ALA C 434 9.30 -29.77 -21.83
C ALA C 434 8.61 -29.03 -22.97
N ALA C 435 8.17 -27.80 -22.72
CA ALA C 435 7.38 -27.06 -23.69
C ALA C 435 8.21 -26.35 -24.74
N ILE C 436 9.54 -26.48 -24.71
CA ILE C 436 10.38 -25.84 -25.72
C ILE C 436 10.18 -26.48 -27.08
N ALA C 437 9.68 -27.72 -27.12
CA ALA C 437 9.40 -28.43 -28.36
C ALA C 437 7.91 -28.54 -28.64
N SER C 438 7.08 -27.72 -28.01
CA SER C 438 5.63 -27.84 -28.11
C SER C 438 4.93 -26.63 -28.69
N ASN C 439 5.38 -25.42 -28.37
CA ASN C 439 4.66 -24.21 -28.69
C ASN C 439 5.24 -23.53 -29.93
N CYS C 440 4.46 -22.62 -30.49
CA CYS C 440 4.84 -21.87 -31.67
C CYS C 440 5.20 -20.43 -31.31
N TYR C 441 6.31 -19.97 -31.89
CA TYR C 441 6.96 -18.71 -31.53
C TYR C 441 7.11 -17.89 -32.80
N SER C 442 7.53 -16.63 -32.66
CA SER C 442 7.87 -15.88 -33.86
C SER C 442 9.16 -16.38 -34.47
N SER C 443 10.20 -16.58 -33.65
CA SER C 443 11.44 -17.12 -34.16
C SER C 443 12.24 -17.74 -33.02
N LEU C 444 13.30 -18.43 -33.40
CA LEU C 444 14.30 -18.92 -32.45
C LEU C 444 15.68 -18.37 -32.82
N ILE C 445 16.48 -18.09 -31.80
CA ILE C 445 17.86 -17.68 -32.00
C ILE C 445 18.73 -18.66 -31.22
N LEU C 446 19.84 -19.06 -31.81
CA LEU C 446 20.62 -20.18 -31.31
C LEU C 446 22.08 -19.76 -31.33
N ASP C 447 22.86 -20.18 -30.34
CA ASP C 447 24.31 -20.04 -30.44
C ASP C 447 24.96 -21.35 -30.00
N TYR C 448 25.86 -21.87 -30.82
CA TYR C 448 26.60 -23.05 -30.45
C TYR C 448 28.09 -22.72 -30.38
N PHE C 449 28.78 -23.43 -29.48
CA PHE C 449 30.16 -23.10 -29.13
C PHE C 449 30.78 -24.33 -28.47
N SER C 450 32.09 -24.26 -28.26
CA SER C 450 32.82 -25.33 -27.58
C SER C 450 32.87 -25.01 -26.09
N TYR C 451 31.89 -25.53 -25.34
CA TYR C 451 31.78 -25.28 -23.91
C TYR C 451 32.06 -26.57 -23.15
N PRO C 452 33.22 -26.71 -22.52
CA PRO C 452 33.49 -27.92 -21.74
C PRO C 452 32.82 -27.87 -20.37
N LEU C 453 33.03 -28.95 -19.61
CA LEU C 453 32.44 -29.12 -18.29
C LEU C 453 33.07 -28.23 -17.23
N SER C 454 34.21 -27.60 -17.53
CA SER C 454 34.98 -26.89 -16.52
C SER C 454 34.27 -25.64 -16.03
N MET C 455 34.00 -24.69 -16.94
CA MET C 455 33.28 -23.48 -16.59
C MET C 455 31.76 -23.64 -16.70
N LYS C 456 31.26 -24.88 -16.60
CA LYS C 456 29.82 -25.11 -16.44
C LYS C 456 29.30 -24.44 -15.16
N SER C 457 30.12 -24.39 -14.11
CA SER C 457 29.75 -23.66 -12.91
C SER C 457 29.60 -22.17 -13.16
N ASP C 458 30.32 -21.63 -14.15
CA ASP C 458 30.14 -20.26 -14.57
C ASP C 458 28.89 -20.06 -15.42
N LEU C 459 28.18 -21.13 -15.77
CA LEU C 459 26.95 -21.06 -16.54
C LEU C 459 25.79 -20.42 -15.80
N SER C 460 25.91 -20.23 -14.49
CA SER C 460 24.82 -19.66 -13.70
C SER C 460 24.57 -18.21 -14.10
N VAL C 461 23.30 -17.80 -14.06
CA VAL C 461 22.93 -16.43 -14.37
C VAL C 461 23.47 -15.47 -13.32
N SER C 462 23.60 -15.93 -12.07
CA SER C 462 24.21 -15.13 -11.02
C SER C 462 25.74 -15.15 -11.09
N SER C 463 26.33 -16.08 -11.82
CA SER C 463 27.78 -16.16 -11.94
C SER C 463 28.30 -15.04 -12.81
N ALA C 464 29.43 -14.45 -12.40
CA ALA C 464 30.03 -13.31 -13.08
C ALA C 464 31.52 -13.52 -13.26
N GLY C 465 31.90 -14.70 -13.75
CA GLY C 465 33.29 -15.01 -14.02
C GLY C 465 33.75 -14.40 -15.32
N PRO C 466 34.97 -14.74 -15.75
CA PRO C 466 35.47 -14.23 -17.04
C PRO C 466 34.62 -14.63 -18.23
N ILE C 467 34.00 -15.81 -18.18
CA ILE C 467 33.03 -16.22 -19.20
C ILE C 467 31.85 -15.26 -19.22
N SER C 468 31.37 -14.87 -18.05
CA SER C 468 30.19 -14.03 -17.93
C SER C 468 30.52 -12.53 -17.89
N GLN C 469 31.79 -12.16 -18.03
CA GLN C 469 32.15 -10.74 -18.01
C GLN C 469 32.89 -10.29 -19.27
N PHE C 470 33.80 -11.10 -19.80
CA PHE C 470 34.58 -10.70 -20.97
C PHE C 470 34.31 -11.55 -22.19
N ASN C 471 33.47 -12.58 -22.09
CA ASN C 471 33.24 -13.49 -23.20
C ASN C 471 31.78 -13.58 -23.62
N TYR C 472 30.86 -13.73 -22.68
CA TYR C 472 29.49 -14.06 -23.04
C TYR C 472 28.51 -13.68 -21.93
N LYS C 473 27.54 -12.85 -22.29
CA LYS C 473 26.44 -12.49 -21.40
C LYS C 473 25.12 -12.59 -22.18
N GLN C 474 24.09 -13.08 -21.51
CA GLN C 474 22.79 -13.32 -22.13
C GLN C 474 21.82 -12.18 -21.82
N SER C 475 20.63 -12.28 -22.41
CA SER C 475 19.52 -11.38 -22.12
C SER C 475 18.61 -12.06 -21.11
N PHE C 476 18.56 -11.52 -19.89
CA PHE C 476 17.70 -12.08 -18.85
C PHE C 476 16.23 -11.89 -19.18
N SER C 477 15.90 -10.87 -19.98
CA SER C 477 14.51 -10.59 -20.35
C SER C 477 13.90 -11.67 -21.25
N ASN C 478 14.70 -12.58 -21.79
CA ASN C 478 14.20 -13.63 -22.65
C ASN C 478 14.43 -14.99 -21.99
N PRO C 479 13.40 -15.83 -21.87
CA PRO C 479 13.61 -17.19 -21.39
C PRO C 479 14.48 -18.00 -22.33
N THR C 480 15.27 -18.90 -21.77
CA THR C 480 16.28 -19.58 -22.59
C THR C 480 16.58 -20.95 -22.01
N CYS C 481 17.37 -21.73 -22.75
CA CYS C 481 17.86 -23.00 -22.23
C CYS C 481 19.32 -23.18 -22.66
N LEU C 482 20.08 -23.90 -21.84
CA LEU C 482 21.48 -24.17 -22.07
C LEU C 482 21.74 -25.66 -21.95
N ILE C 483 22.47 -26.21 -22.93
CA ILE C 483 22.68 -27.66 -23.00
C ILE C 483 24.16 -27.93 -23.25
N LEU C 484 24.76 -28.78 -22.41
CA LEU C 484 26.11 -29.28 -22.61
C LEU C 484 26.03 -30.70 -23.14
N ALA C 485 26.70 -30.95 -24.27
CA ALA C 485 26.66 -32.25 -24.93
C ALA C 485 28.07 -32.72 -25.25
N THR C 486 28.16 -33.97 -25.69
CA THR C 486 29.41 -34.64 -26.02
C THR C 486 29.24 -35.39 -27.33
N VAL C 487 30.30 -35.46 -28.12
CA VAL C 487 30.32 -36.22 -29.37
C VAL C 487 30.14 -37.70 -29.07
N PRO C 488 29.13 -38.36 -29.65
CA PRO C 488 29.11 -39.83 -29.60
C PRO C 488 30.24 -40.41 -30.42
N HIS C 489 30.75 -41.56 -29.96
CA HIS C 489 31.84 -42.21 -30.68
C HIS C 489 31.38 -42.82 -31.99
N ASN C 490 30.08 -43.11 -32.14
CA ASN C 490 29.52 -43.47 -33.44
C ASN C 490 28.96 -42.25 -34.15
N LEU C 491 29.76 -41.18 -34.21
CA LEU C 491 29.34 -39.94 -34.84
C LEU C 491 30.60 -39.16 -35.23
N THR C 492 30.91 -39.16 -36.53
CA THR C 492 32.03 -38.41 -37.05
C THR C 492 31.62 -37.17 -37.85
N THR C 493 30.33 -36.83 -37.83
CA THR C 493 29.86 -35.68 -38.60
C THR C 493 30.37 -34.36 -38.02
N ILE C 494 30.48 -34.25 -36.70
CA ILE C 494 30.98 -33.05 -36.06
C ILE C 494 32.47 -33.23 -35.80
N THR C 495 33.17 -32.12 -35.66
CA THR C 495 34.61 -32.09 -35.50
C THR C 495 34.97 -31.49 -34.14
N LYS C 496 36.25 -31.26 -33.94
CA LYS C 496 36.74 -30.62 -32.72
C LYS C 496 37.62 -29.43 -33.08
N PRO C 497 37.62 -28.40 -32.23
CA PRO C 497 38.60 -27.31 -32.42
C PRO C 497 40.00 -27.70 -31.94
N LEU C 498 40.91 -26.72 -31.90
CA LEU C 498 42.22 -26.98 -31.31
C LEU C 498 42.12 -27.25 -29.82
N LYS C 499 41.52 -26.32 -29.08
CA LYS C 499 41.30 -26.44 -27.64
C LYS C 499 40.30 -25.38 -27.22
N TYR C 500 39.82 -25.48 -25.98
CA TYR C 500 38.97 -24.44 -25.45
C TYR C 500 39.81 -23.23 -25.06
N SER C 501 39.16 -22.07 -25.03
CA SER C 501 39.82 -20.83 -24.66
C SER C 501 38.76 -19.80 -24.27
N TYR C 502 39.22 -18.74 -23.62
CA TYR C 502 38.37 -17.58 -23.33
C TYR C 502 39.28 -16.40 -22.99
N ILE C 503 38.64 -15.25 -22.74
CA ILE C 503 39.32 -14.02 -22.39
C ILE C 503 39.10 -13.75 -20.92
N ASN C 504 40.17 -13.71 -20.14
CA ASN C 504 40.06 -13.53 -18.70
C ASN C 504 40.10 -12.06 -18.28
N LYS C 505 40.38 -11.15 -19.19
CA LYS C 505 40.45 -9.73 -18.88
C LYS C 505 40.36 -8.92 -20.16
N CYS C 506 39.44 -7.97 -20.21
CA CYS C 506 39.33 -7.01 -21.30
C CYS C 506 39.47 -5.60 -20.76
N SER C 507 40.22 -4.78 -21.49
CA SER C 507 40.45 -3.39 -21.10
C SER C 507 40.80 -2.60 -22.34
N ARG C 508 40.48 -1.30 -22.31
CA ARG C 508 40.70 -0.40 -23.44
C ARG C 508 41.57 0.76 -23.00
N LEU C 509 42.63 1.01 -23.76
CA LEU C 509 43.47 2.18 -23.56
C LEU C 509 42.89 3.37 -24.32
N LEU C 510 42.86 4.54 -23.67
CA LEU C 510 42.44 5.75 -24.35
C LEU C 510 43.63 6.41 -25.04
N SER C 511 43.41 7.60 -25.60
CA SER C 511 44.44 8.29 -26.38
C SER C 511 45.64 8.70 -25.54
N ASP C 512 45.49 8.76 -24.22
CA ASP C 512 46.59 9.05 -23.32
C ASP C 512 47.33 7.80 -22.86
N ASP C 513 47.01 6.63 -23.44
CA ASP C 513 47.70 5.35 -23.25
C ASP C 513 47.52 4.77 -21.84
N ARG C 514 46.90 5.52 -20.93
CA ARG C 514 46.93 5.13 -19.53
C ARG C 514 45.60 5.26 -18.81
N THR C 515 44.59 5.87 -19.40
CA THR C 515 43.23 5.84 -18.85
C THR C 515 42.56 4.57 -19.35
N GLU C 516 42.26 3.66 -18.43
CA GLU C 516 41.79 2.32 -18.76
C GLU C 516 40.29 2.23 -18.60
N VAL C 517 39.60 1.80 -19.65
CA VAL C 517 38.15 1.62 -19.65
C VAL C 517 37.89 0.12 -19.70
N PRO C 518 37.33 -0.49 -18.66
CA PRO C 518 36.99 -1.92 -18.73
C PRO C 518 35.88 -2.17 -19.75
N GLN C 519 35.97 -3.31 -20.42
CA GLN C 519 35.01 -3.71 -21.43
C GLN C 519 34.29 -4.97 -20.96
N LEU C 520 32.96 -4.90 -20.92
CA LEU C 520 32.13 -6.01 -20.47
C LEU C 520 31.15 -6.41 -21.56
N VAL C 521 30.94 -7.71 -21.72
CA VAL C 521 29.99 -8.22 -22.69
C VAL C 521 28.58 -7.95 -22.20
N ASN C 522 27.72 -7.49 -23.11
CA ASN C 522 26.35 -7.14 -22.78
C ASN C 522 25.40 -8.25 -23.25
N ALA C 523 24.10 -7.98 -23.15
CA ALA C 523 23.09 -8.96 -23.53
C ALA C 523 23.08 -9.15 -25.05
N ASN C 524 23.62 -10.27 -25.50
CA ASN C 524 23.75 -10.62 -26.92
C ASN C 524 24.50 -9.53 -27.69
N GLN C 525 25.56 -9.02 -27.10
CA GLN C 525 26.40 -8.00 -27.70
C GLN C 525 27.85 -8.47 -27.70
N TYR C 526 28.68 -7.80 -28.50
CA TYR C 526 30.07 -8.18 -28.67
C TYR C 526 30.97 -7.01 -28.29
N SER C 527 31.80 -7.23 -27.28
CA SER C 527 32.93 -6.34 -27.06
C SER C 527 33.96 -6.57 -28.17
N PRO C 528 34.72 -5.54 -28.55
CA PRO C 528 35.69 -5.71 -29.64
C PRO C 528 36.90 -6.58 -29.31
N CYS C 529 36.97 -7.17 -28.11
CA CYS C 529 38.06 -8.08 -27.75
C CYS C 529 38.13 -9.27 -28.70
N VAL C 530 36.98 -9.73 -29.20
CA VAL C 530 36.96 -10.82 -30.17
C VAL C 530 37.66 -10.42 -31.47
N SER C 531 37.56 -9.14 -31.84
CA SER C 531 38.17 -8.67 -33.07
C SER C 531 39.69 -8.72 -33.05
N ILE C 532 40.30 -8.73 -31.86
CA ILE C 532 41.76 -8.82 -31.77
C ILE C 532 42.23 -10.16 -31.21
N VAL C 533 41.38 -10.91 -30.53
CA VAL C 533 41.76 -12.23 -30.03
C VAL C 533 41.46 -13.27 -31.11
N PRO C 534 42.40 -14.13 -31.47
CA PRO C 534 42.15 -15.13 -32.51
C PRO C 534 41.11 -16.15 -32.09
N SER C 535 40.65 -16.93 -33.07
CA SER C 535 39.68 -17.98 -32.82
C SER C 535 40.22 -19.03 -31.87
N THR C 536 41.52 -19.33 -31.96
CA THR C 536 42.20 -20.18 -31.00
C THR C 536 43.31 -19.38 -30.34
N VAL C 537 43.19 -19.19 -29.03
CA VAL C 537 44.25 -18.54 -28.26
C VAL C 537 45.44 -19.49 -28.18
N TRP C 538 46.65 -18.95 -28.40
CA TRP C 538 47.84 -19.79 -28.50
C TRP C 538 48.23 -20.40 -27.16
N GLU C 539 48.12 -19.62 -26.08
CA GLU C 539 48.56 -20.10 -24.77
C GLU C 539 47.83 -19.34 -23.68
N ASP C 540 47.96 -19.84 -22.45
CA ASP C 540 47.42 -19.15 -21.28
C ASP C 540 48.14 -17.83 -21.06
N GLY C 541 47.37 -16.80 -20.73
CA GLY C 541 47.94 -15.48 -20.50
C GLY C 541 48.41 -14.77 -21.75
N ASP C 542 47.86 -15.10 -22.91
CA ASP C 542 48.24 -14.42 -24.15
C ASP C 542 47.74 -12.99 -24.14
N TYR C 543 48.62 -12.05 -24.46
CA TYR C 543 48.30 -10.63 -24.45
C TYR C 543 48.26 -10.12 -25.88
N TYR C 544 47.11 -9.58 -26.28
CA TYR C 544 46.92 -9.06 -27.63
C TYR C 544 46.59 -7.57 -27.55
N ARG C 545 47.22 -6.77 -28.41
CA ARG C 545 47.07 -5.33 -28.43
C ARG C 545 46.86 -4.86 -29.86
N LYS C 546 45.96 -3.89 -30.05
CA LYS C 546 45.73 -3.33 -31.37
C LYS C 546 45.44 -1.84 -31.27
N GLN C 547 45.84 -1.12 -32.31
CA GLN C 547 45.71 0.34 -32.36
C GLN C 547 44.25 0.73 -32.59
N LEU C 548 43.82 1.79 -31.89
CA LEU C 548 42.49 2.37 -32.06
C LEU C 548 42.63 3.83 -32.46
N SER C 549 41.70 4.30 -33.31
CA SER C 549 41.79 5.65 -33.87
C SER C 549 41.40 6.69 -32.83
N PRO C 550 42.09 7.84 -32.81
CA PRO C 550 41.77 8.92 -31.86
C PRO C 550 40.32 9.37 -31.84
N LEU C 551 39.65 9.42 -33.00
CA LEU C 551 38.25 9.83 -33.02
C LEU C 551 37.33 8.77 -32.39
N GLU C 552 37.80 7.53 -32.24
CA GLU C 552 37.09 6.50 -31.52
C GLU C 552 37.58 6.35 -30.09
N GLY C 553 38.33 7.32 -29.57
CA GLY C 553 38.90 7.26 -28.25
C GLY C 553 40.39 6.94 -28.22
N GLY C 554 40.93 6.44 -29.33
CA GLY C 554 42.37 6.22 -29.42
C GLY C 554 42.86 5.04 -28.60
N GLY C 555 44.18 4.99 -28.49
CA GLY C 555 44.82 4.00 -27.65
C GLY C 555 44.87 2.62 -28.29
N TRP C 556 45.05 1.63 -27.42
CA TRP C 556 45.26 0.25 -27.82
C TRP C 556 44.30 -0.66 -27.06
N LEU C 557 43.43 -1.33 -27.80
CA LEU C 557 42.60 -2.37 -27.21
C LEU C 557 43.49 -3.55 -26.84
N VAL C 558 43.43 -3.96 -25.58
CA VAL C 558 44.32 -4.98 -25.03
C VAL C 558 43.47 -6.05 -24.35
N ALA C 559 43.84 -7.30 -24.56
CA ALA C 559 43.11 -8.41 -23.98
C ALA C 559 44.09 -9.49 -23.54
N SER C 560 43.70 -10.22 -22.50
CA SER C 560 44.46 -11.35 -21.98
C SER C 560 43.61 -12.60 -22.03
N GLY C 561 44.14 -13.65 -22.64
CA GLY C 561 43.36 -14.85 -22.89
C GLY C 561 44.01 -16.09 -22.30
N SER C 562 43.15 -17.04 -21.92
CA SER C 562 43.56 -18.31 -21.35
C SER C 562 42.95 -19.45 -22.15
N THR C 563 43.54 -20.63 -21.99
CA THR C 563 43.12 -21.83 -22.71
C THR C 563 42.86 -22.97 -21.75
N VAL C 564 42.00 -23.88 -22.19
CA VAL C 564 41.64 -25.10 -21.47
C VAL C 564 41.81 -26.28 -22.43
N ALA C 565 42.54 -27.29 -21.98
CA ALA C 565 42.78 -28.48 -22.79
C ALA C 565 41.54 -29.36 -22.82
N MET C 566 41.57 -30.36 -23.69
CA MET C 566 40.44 -31.27 -23.90
C MET C 566 40.64 -32.59 -23.17
N THR C 567 39.54 -33.33 -23.09
CA THR C 567 39.54 -34.74 -22.70
C THR C 567 39.65 -35.58 -23.97
N GLU C 568 39.40 -36.89 -23.86
CA GLU C 568 39.44 -37.74 -25.05
C GLU C 568 38.31 -37.43 -26.03
N GLN C 569 37.22 -36.81 -25.57
CA GLN C 569 36.12 -36.45 -26.44
C GLN C 569 35.70 -35.01 -26.15
N LEU C 570 35.12 -34.37 -27.17
CA LEU C 570 34.76 -32.96 -27.07
C LEU C 570 33.46 -32.76 -26.29
N GLN C 571 33.44 -31.75 -25.44
CA GLN C 571 32.24 -31.27 -24.78
C GLN C 571 31.93 -29.89 -25.32
N MET C 572 30.74 -29.72 -25.88
CA MET C 572 30.34 -28.44 -26.45
C MET C 572 29.05 -27.97 -25.79
N GLY C 573 28.69 -26.73 -26.08
CA GLY C 573 27.52 -26.12 -25.49
C GLY C 573 26.65 -25.45 -26.53
N PHE C 574 25.35 -25.48 -26.27
CA PHE C 574 24.34 -24.82 -27.08
C PHE C 574 23.46 -23.96 -26.19
N GLY C 575 23.12 -22.78 -26.69
CA GLY C 575 22.13 -21.93 -26.05
C GLY C 575 20.99 -21.69 -27.00
N ILE C 576 19.76 -21.90 -26.52
CA ILE C 576 18.57 -21.71 -27.32
C ILE C 576 17.74 -20.61 -26.66
N THR C 577 17.25 -19.68 -27.47
CA THR C 577 16.49 -18.55 -26.93
C THR C 577 15.33 -18.25 -27.87
N VAL C 578 14.21 -17.85 -27.29
CA VAL C 578 12.94 -17.84 -28.01
C VAL C 578 12.56 -16.40 -28.35
N GLN C 579 11.66 -16.24 -29.32
CA GLN C 579 11.19 -14.94 -29.74
C GLN C 579 9.71 -15.01 -30.05
N TYR C 580 8.92 -14.17 -29.37
CA TYR C 580 7.47 -14.22 -29.36
C TYR C 580 6.82 -13.37 -30.44
N GLY C 581 7.24 -12.12 -30.59
CA GLY C 581 6.57 -11.21 -31.51
C GLY C 581 7.47 -10.40 -32.42
N THR C 582 8.63 -10.96 -32.79
CA THR C 582 9.55 -10.23 -33.66
C THR C 582 9.08 -10.23 -35.10
N ASP C 583 8.46 -11.31 -35.55
CA ASP C 583 8.08 -11.47 -36.95
C ASP C 583 6.88 -12.42 -36.96
N THR C 584 6.57 -12.99 -38.12
CA THR C 584 5.48 -13.96 -38.26
C THR C 584 5.67 -15.14 -37.31
N ASN C 585 4.62 -15.45 -36.56
CA ASN C 585 4.65 -16.57 -35.62
C ASN C 585 4.57 -17.87 -36.39
N SER C 586 5.72 -18.41 -36.79
CA SER C 586 5.75 -19.41 -37.84
C SER C 586 6.74 -20.54 -37.61
N VAL C 587 7.27 -20.70 -36.40
CA VAL C 587 8.08 -21.87 -36.06
C VAL C 587 7.26 -22.79 -35.15
N CYS C 588 6.83 -23.93 -35.70
CA CYS C 588 5.96 -24.87 -35.01
C CYS C 588 6.50 -26.29 -35.06
N PRO C 589 6.14 -27.11 -34.07
CA PRO C 589 6.53 -28.53 -34.11
C PRO C 589 5.77 -29.29 -35.19
N LYS C 590 6.32 -30.46 -35.52
CA LYS C 590 5.70 -31.33 -36.49
C LYS C 590 4.40 -31.92 -35.94
N LEU C 591 3.52 -32.29 -36.84
CA LEU C 591 2.23 -32.86 -36.45
C LEU C 591 1.70 -33.71 -37.60
N GLU C 592 1.02 -34.79 -37.26
CA GLU C 592 0.16 -35.46 -38.23
C GLU C 592 -1.01 -34.53 -38.47
N PHE C 593 -0.97 -33.82 -39.59
CA PHE C 593 -1.84 -32.67 -39.80
C PHE C 593 -3.27 -33.15 -40.04
N ALA C 594 -4.14 -32.91 -39.06
CA ALA C 594 -5.51 -33.37 -39.14
C ALA C 594 -6.31 -32.53 -40.14
N ASN C 595 -7.01 -33.21 -41.05
CA ASN C 595 -7.83 -32.51 -42.03
C ASN C 595 -9.03 -31.85 -41.38
N ASP C 596 -9.59 -32.47 -40.34
CA ASP C 596 -10.78 -31.95 -39.67
C ASP C 596 -10.41 -30.91 -38.61
N THR C 597 -9.64 -29.90 -39.00
CA THR C 597 -9.24 -28.82 -38.10
C THR C 597 -9.30 -27.46 -38.76
N LYS C 598 -9.87 -27.36 -39.97
CA LYS C 598 -9.79 -26.14 -40.73
C LYS C 598 -10.73 -25.07 -40.17
N ILE C 599 -10.48 -23.83 -40.59
CA ILE C 599 -11.27 -22.69 -40.13
C ILE C 599 -12.69 -22.77 -40.66
N ALA C 600 -12.85 -23.22 -41.91
CA ALA C 600 -14.16 -23.35 -42.52
C ALA C 600 -15.00 -24.48 -41.94
N SER C 601 -14.39 -25.39 -41.18
CA SER C 601 -15.13 -26.51 -40.61
C SER C 601 -16.13 -26.05 -39.56
N GLN C 602 -15.75 -25.07 -38.75
CA GLN C 602 -16.59 -24.57 -37.66
C GLN C 602 -16.75 -23.06 -37.77
N LEU C 603 -17.05 -22.58 -38.97
CA LEU C 603 -17.32 -21.17 -39.18
C LEU C 603 -18.62 -20.78 -38.47
N GLY C 604 -18.59 -19.64 -37.79
CA GLY C 604 -19.74 -19.24 -36.99
C GLY C 604 -19.92 -20.01 -35.71
N ASN C 605 -18.87 -20.68 -35.24
CA ASN C 605 -18.95 -21.54 -34.07
C ASN C 605 -17.77 -21.27 -33.15
N CYS C 606 -17.95 -21.58 -31.86
CA CYS C 606 -16.93 -21.35 -30.87
C CYS C 606 -15.89 -22.46 -30.92
N VAL C 607 -14.62 -22.09 -31.13
CA VAL C 607 -13.51 -23.04 -31.16
C VAL C 607 -12.32 -22.43 -30.44
N GLU C 608 -11.41 -23.32 -30.00
CA GLU C 608 -10.14 -22.91 -29.44
C GLU C 608 -9.21 -22.53 -30.58
N TYR C 609 -9.06 -21.23 -30.83
CA TYR C 609 -8.24 -20.80 -31.94
C TYR C 609 -6.77 -20.92 -31.59
N SER C 610 -5.97 -21.36 -32.55
CA SER C 610 -4.52 -21.44 -32.40
C SER C 610 -3.91 -21.14 -33.77
N LEU C 611 -3.61 -19.87 -33.99
CA LEU C 611 -3.02 -19.40 -35.23
C LEU C 611 -1.50 -19.34 -35.05
N TYR C 612 -0.93 -20.55 -34.93
CA TYR C 612 0.52 -20.80 -34.93
C TYR C 612 1.26 -19.91 -33.94
N GLY C 613 0.68 -19.72 -32.76
CA GLY C 613 1.25 -18.81 -31.80
C GLY C 613 0.20 -17.88 -31.25
N VAL C 614 -0.81 -17.57 -32.08
CA VAL C 614 -1.93 -16.78 -31.60
C VAL C 614 -2.93 -17.71 -30.96
N SER C 615 -2.83 -17.91 -29.65
CA SER C 615 -3.64 -18.89 -28.95
C SER C 615 -4.80 -18.23 -28.23
N GLY C 616 -5.88 -18.97 -28.06
CA GLY C 616 -7.03 -18.48 -27.34
C GLY C 616 -8.26 -19.28 -27.74
N ARG C 617 -9.44 -18.69 -27.49
CA ARG C 617 -10.68 -19.39 -27.79
C ARG C 617 -11.76 -18.37 -28.11
N GLY C 618 -12.36 -18.49 -29.31
CA GLY C 618 -13.29 -17.49 -29.77
C GLY C 618 -14.25 -18.01 -30.82
N VAL C 619 -15.03 -17.09 -31.38
CA VAL C 619 -16.13 -17.41 -32.28
C VAL C 619 -15.84 -16.82 -33.66
N PHE C 620 -15.94 -17.66 -34.68
CA PHE C 620 -15.74 -17.21 -36.06
C PHE C 620 -16.94 -16.39 -36.56
N GLN C 621 -16.65 -15.48 -37.50
CA GLN C 621 -17.66 -14.74 -38.23
C GLN C 621 -17.02 -14.22 -39.51
N ASN C 622 -17.86 -13.90 -40.49
CA ASN C 622 -17.38 -13.38 -41.77
C ASN C 622 -17.64 -11.88 -41.83
N CYS C 623 -16.61 -11.12 -42.21
CA CYS C 623 -16.68 -9.66 -42.20
C CYS C 623 -16.19 -9.07 -43.52
N THR C 624 -16.04 -7.76 -43.55
CA THR C 624 -15.38 -7.06 -44.65
C THR C 624 -13.96 -6.69 -44.25
N ALA C 625 -13.05 -6.73 -45.23
CA ALA C 625 -11.62 -6.62 -44.96
C ALA C 625 -11.27 -5.22 -44.47
N VAL C 626 -10.57 -5.16 -43.34
CA VAL C 626 -10.21 -3.89 -42.70
C VAL C 626 -8.75 -3.99 -42.27
N GLY C 627 -7.94 -3.02 -42.68
CA GLY C 627 -6.54 -3.01 -42.31
C GLY C 627 -5.65 -3.67 -43.35
N VAL C 628 -4.37 -3.72 -43.01
CA VAL C 628 -3.35 -4.25 -43.90
C VAL C 628 -3.44 -5.77 -43.92
N ARG C 629 -3.58 -6.34 -45.12
CA ARG C 629 -3.70 -7.79 -45.26
C ARG C 629 -2.39 -8.52 -45.05
N GLN C 630 -1.25 -7.84 -45.17
CA GLN C 630 0.03 -8.48 -44.91
C GLN C 630 0.27 -8.65 -43.42
N GLN C 631 -0.40 -7.86 -42.59
CA GLN C 631 -0.22 -7.99 -41.14
C GLN C 631 -0.95 -9.21 -40.59
N ARG C 632 -2.10 -9.54 -41.18
CA ARG C 632 -2.90 -10.76 -40.98
C ARG C 632 -3.61 -10.79 -39.63
N PHE C 633 -3.24 -9.90 -38.71
CA PHE C 633 -3.72 -9.92 -37.32
C PHE C 633 -4.17 -8.52 -36.96
N VAL C 634 -5.45 -8.35 -36.65
CA VAL C 634 -6.00 -7.07 -36.24
C VAL C 634 -6.43 -7.19 -34.80
N TYR C 635 -6.02 -6.23 -33.98
CA TYR C 635 -6.19 -6.29 -32.53
C TYR C 635 -7.04 -5.10 -32.07
N ASP C 636 -7.58 -5.22 -30.86
CA ASP C 636 -8.41 -4.17 -30.29
C ASP C 636 -7.54 -3.12 -29.59
N ALA C 637 -8.18 -2.24 -28.81
CA ALA C 637 -7.46 -1.31 -27.97
C ALA C 637 -6.89 -1.97 -26.72
N TYR C 638 -7.21 -3.23 -26.46
CA TYR C 638 -6.83 -3.91 -25.23
C TYR C 638 -6.02 -5.17 -25.53
N GLN C 639 -5.33 -5.19 -26.66
CA GLN C 639 -4.40 -6.25 -27.06
C GLN C 639 -5.10 -7.61 -27.18
N ASN C 640 -6.23 -7.62 -27.89
CA ASN C 640 -6.97 -8.85 -28.16
C ASN C 640 -7.46 -8.82 -29.59
N LEU C 641 -7.43 -9.98 -30.24
CA LEU C 641 -7.72 -10.05 -31.67
C LEU C 641 -9.19 -9.81 -31.94
N VAL C 642 -9.47 -9.06 -33.02
CA VAL C 642 -10.82 -8.82 -33.49
C VAL C 642 -11.04 -9.38 -34.88
N GLY C 643 -10.08 -9.20 -35.79
CA GLY C 643 -10.21 -9.70 -37.14
C GLY C 643 -9.00 -10.53 -37.55
N TYR C 644 -9.07 -11.06 -38.77
CA TYR C 644 -8.07 -11.98 -39.26
C TYR C 644 -8.16 -12.10 -40.77
N TYR C 645 -7.01 -11.96 -41.44
CA TYR C 645 -6.91 -12.14 -42.89
C TYR C 645 -6.53 -13.58 -43.16
N SER C 646 -7.44 -14.36 -43.73
CA SER C 646 -7.19 -15.77 -43.95
C SER C 646 -6.14 -15.98 -45.04
N ASP C 647 -5.56 -17.19 -45.04
CA ASP C 647 -4.50 -17.52 -45.99
C ASP C 647 -5.02 -17.50 -47.43
N ASP C 648 -6.20 -18.09 -47.65
CA ASP C 648 -6.79 -18.05 -48.98
C ASP C 648 -7.28 -16.65 -49.35
N GLY C 649 -7.72 -15.88 -48.35
CA GLY C 649 -8.07 -14.50 -48.59
C GLY C 649 -9.49 -14.11 -48.20
N ASN C 650 -10.12 -14.89 -47.33
CA ASN C 650 -11.46 -14.59 -46.86
C ASN C 650 -11.36 -14.00 -45.45
N TYR C 651 -11.58 -12.69 -45.33
CA TYR C 651 -11.43 -12.02 -44.06
C TYR C 651 -12.49 -12.48 -43.06
N TYR C 652 -12.04 -12.87 -41.88
CA TYR C 652 -12.93 -13.40 -40.85
C TYR C 652 -12.64 -12.71 -39.53
N CYS C 653 -13.71 -12.32 -38.84
CA CYS C 653 -13.58 -11.78 -37.50
C CYS C 653 -13.69 -12.88 -36.45
N LEU C 654 -12.92 -12.72 -35.38
CA LEU C 654 -13.09 -13.47 -34.16
C LEU C 654 -13.08 -12.46 -33.02
N ARG C 655 -14.22 -12.31 -32.34
CA ARG C 655 -14.33 -11.38 -31.23
C ARG C 655 -14.05 -12.06 -29.89
N ALA C 656 -14.90 -13.03 -29.53
CA ALA C 656 -14.78 -13.81 -28.31
C ALA C 656 -15.77 -14.96 -28.39
N CYS C 657 -15.50 -16.00 -27.60
CA CYS C 657 -16.47 -17.06 -27.39
C CYS C 657 -17.18 -16.73 -26.08
N VAL C 658 -18.17 -15.84 -26.19
CA VAL C 658 -18.96 -15.42 -25.04
C VAL C 658 -19.80 -16.59 -24.57
N SER C 659 -19.92 -16.76 -23.26
CA SER C 659 -20.72 -17.82 -22.67
C SER C 659 -21.87 -17.21 -21.88
N VAL C 660 -22.76 -18.09 -21.41
CA VAL C 660 -24.01 -17.67 -20.78
C VAL C 660 -23.76 -17.22 -19.34
N PRO C 661 -24.10 -15.98 -19.00
CA PRO C 661 -24.07 -15.58 -17.59
C PRO C 661 -25.18 -16.28 -16.81
N VAL C 662 -24.84 -16.74 -15.61
CA VAL C 662 -25.75 -17.54 -14.80
C VAL C 662 -25.90 -16.88 -13.43
N SER C 663 -27.13 -16.74 -12.96
CA SER C 663 -27.43 -16.32 -11.60
C SER C 663 -28.35 -17.35 -10.94
N VAL C 664 -28.59 -17.18 -9.65
CA VAL C 664 -29.33 -18.17 -8.87
C VAL C 664 -30.25 -17.44 -7.89
N ILE C 665 -31.38 -18.06 -7.60
CA ILE C 665 -32.29 -17.64 -6.54
C ILE C 665 -32.45 -18.81 -5.57
N TYR C 666 -32.41 -18.48 -4.28
CA TYR C 666 -32.75 -19.44 -3.23
C TYR C 666 -33.46 -18.69 -2.12
N ASP C 667 -34.48 -19.33 -1.56
CA ASP C 667 -35.26 -18.78 -0.46
C ASP C 667 -34.97 -19.57 0.81
N LYS C 668 -34.73 -18.86 1.91
CA LYS C 668 -34.65 -19.52 3.20
C LYS C 668 -36.07 -19.84 3.69
N GLU C 669 -36.16 -20.82 4.61
CA GLU C 669 -37.32 -21.39 5.30
C GLU C 669 -38.36 -21.98 4.36
N THR C 670 -38.10 -21.93 3.05
CA THR C 670 -38.80 -22.72 2.04
C THR C 670 -37.71 -23.25 1.13
N LYS C 671 -37.47 -24.56 1.15
CA LYS C 671 -36.32 -25.11 0.43
C LYS C 671 -36.56 -25.04 -1.06
N THR C 672 -36.38 -23.84 -1.61
CA THR C 672 -36.78 -23.50 -2.97
C THR C 672 -35.67 -22.71 -3.64
N HIS C 673 -35.32 -23.10 -4.85
CA HIS C 673 -34.18 -22.53 -5.55
C HIS C 673 -34.32 -22.76 -7.05
N ALA C 674 -33.77 -21.85 -7.83
CA ALA C 674 -33.89 -21.89 -9.28
C ALA C 674 -32.72 -21.12 -9.89
N THR C 675 -32.54 -21.27 -11.20
CA THR C 675 -31.42 -20.65 -11.91
C THR C 675 -31.92 -19.74 -13.02
N LEU C 676 -31.17 -18.67 -13.26
CA LEU C 676 -31.47 -17.67 -14.27
C LEU C 676 -30.28 -17.53 -15.20
N PHE C 677 -30.55 -17.16 -16.45
CA PHE C 677 -29.52 -17.02 -17.47
C PHE C 677 -29.82 -15.75 -18.25
N GLY C 678 -28.87 -14.83 -18.27
CA GLY C 678 -29.14 -13.47 -18.67
C GLY C 678 -29.09 -13.23 -20.16
N SER C 679 -30.18 -12.63 -20.69
CA SER C 679 -30.25 -12.11 -22.06
C SER C 679 -29.96 -13.18 -23.11
N VAL C 680 -30.49 -14.38 -22.90
CA VAL C 680 -30.20 -15.52 -23.75
C VAL C 680 -31.50 -16.29 -24.02
N ALA C 681 -31.67 -16.70 -25.27
CA ALA C 681 -32.77 -17.60 -25.59
C ALA C 681 -32.53 -18.96 -24.95
N CYS C 682 -33.62 -19.69 -24.71
CA CYS C 682 -33.46 -21.01 -24.11
C CYS C 682 -32.88 -21.94 -25.17
N GLU C 683 -31.56 -21.99 -25.22
CA GLU C 683 -30.81 -22.56 -26.33
C GLU C 683 -29.88 -23.69 -25.95
N HIS C 684 -29.42 -23.74 -24.70
CA HIS C 684 -28.47 -24.76 -24.26
C HIS C 684 -29.14 -25.67 -23.24
N ILE C 685 -28.91 -26.97 -23.40
CA ILE C 685 -29.46 -27.99 -22.51
C ILE C 685 -28.25 -28.56 -21.78
N SER C 686 -28.47 -29.52 -20.87
CA SER C 686 -27.51 -29.89 -19.83
C SER C 686 -26.23 -30.58 -20.33
N SER C 687 -25.97 -30.55 -21.64
CA SER C 687 -24.85 -31.31 -22.20
C SER C 687 -23.50 -30.70 -21.81
N THR C 688 -23.24 -29.47 -22.25
CA THR C 688 -21.87 -28.90 -22.19
C THR C 688 -21.86 -27.61 -21.37
N MET C 689 -21.74 -27.75 -20.05
CA MET C 689 -21.27 -26.68 -19.18
C MET C 689 -19.77 -26.79 -18.92
N SER C 690 -19.32 -26.03 -17.93
CA SER C 690 -17.97 -26.09 -17.39
C SER C 690 -18.11 -26.02 -15.89
N GLN C 691 -17.01 -25.67 -15.20
CA GLN C 691 -16.84 -25.66 -13.74
C GLN C 691 -17.46 -26.88 -13.06
N TYR C 692 -18.05 -26.70 -11.90
CA TYR C 692 -18.39 -27.81 -11.03
C TYR C 692 -19.74 -28.39 -11.42
N SER C 693 -20.18 -29.42 -10.69
CA SER C 693 -21.37 -30.18 -11.04
C SER C 693 -22.62 -29.36 -10.77
N ARG C 694 -23.36 -29.03 -11.82
CA ARG C 694 -24.65 -28.36 -11.66
C ARG C 694 -25.68 -29.32 -11.08
N SER C 695 -26.62 -28.76 -10.33
CA SER C 695 -27.69 -29.54 -9.72
C SER C 695 -29.03 -29.10 -10.28
N THR C 696 -29.85 -30.07 -10.68
CA THR C 696 -31.20 -29.81 -11.15
C THR C 696 -32.17 -30.66 -10.34
N ARG C 697 -33.46 -30.42 -10.54
CA ARG C 697 -34.52 -31.12 -9.83
C ARG C 697 -35.46 -31.70 -10.87
N SER C 698 -36.62 -32.19 -10.42
CA SER C 698 -37.57 -32.86 -11.30
C SER C 698 -38.13 -31.89 -12.34
N MET C 699 -38.40 -32.42 -13.52
CA MET C 699 -38.93 -31.61 -14.62
C MET C 699 -40.43 -31.81 -14.77
N TYR C 707 -40.60 -25.82 -14.22
CA TYR C 707 -39.22 -26.18 -13.92
C TYR C 707 -38.30 -25.92 -15.10
N GLY C 708 -38.84 -26.07 -16.30
CA GLY C 708 -38.05 -26.10 -17.51
C GLY C 708 -37.61 -24.75 -18.01
N PRO C 709 -36.94 -24.74 -19.17
CA PRO C 709 -36.46 -23.48 -19.76
C PRO C 709 -37.59 -22.59 -20.24
N LEU C 710 -37.68 -21.37 -19.70
CA LEU C 710 -38.73 -20.44 -20.07
C LEU C 710 -38.11 -19.12 -20.51
N GLN C 711 -38.65 -18.55 -21.59
CA GLN C 711 -38.22 -17.26 -22.12
C GLN C 711 -38.75 -16.13 -21.25
N THR C 712 -37.85 -15.41 -20.62
CA THR C 712 -38.10 -14.15 -19.95
C THR C 712 -37.46 -13.01 -20.73
N PRO C 713 -37.93 -11.77 -20.55
CA PRO C 713 -37.24 -10.64 -21.17
C PRO C 713 -35.80 -10.48 -20.72
N VAL C 714 -35.46 -10.96 -19.52
CA VAL C 714 -34.07 -10.97 -19.06
C VAL C 714 -33.30 -12.18 -19.56
N GLY C 715 -33.94 -13.11 -20.26
CA GLY C 715 -33.23 -14.25 -20.80
C GLY C 715 -33.96 -15.57 -20.74
N CYS C 716 -33.32 -16.58 -20.15
CA CYS C 716 -33.90 -17.90 -19.98
C CYS C 716 -33.89 -18.27 -18.51
N VAL C 717 -34.89 -19.00 -18.06
CA VAL C 717 -34.98 -19.35 -16.65
C VAL C 717 -35.27 -20.84 -16.50
N LEU C 718 -34.62 -21.47 -15.53
CA LEU C 718 -34.85 -22.86 -15.16
C LEU C 718 -35.35 -22.90 -13.72
N GLY C 719 -36.43 -23.64 -13.49
CA GLY C 719 -37.00 -23.78 -12.17
C GLY C 719 -38.25 -22.97 -11.91
N LEU C 720 -38.82 -22.32 -12.93
CA LEU C 720 -40.01 -21.51 -12.79
C LEU C 720 -41.16 -22.07 -13.60
N VAL C 721 -42.36 -21.87 -13.07
CA VAL C 721 -43.62 -22.20 -13.74
C VAL C 721 -44.28 -20.89 -14.14
N ASN C 722 -44.83 -20.85 -15.36
CA ASN C 722 -45.42 -19.61 -15.86
C ASN C 722 -46.72 -19.30 -15.13
N SER C 723 -46.86 -18.04 -14.76
CA SER C 723 -48.07 -17.55 -14.09
C SER C 723 -48.13 -16.05 -14.28
N SER C 724 -49.19 -15.55 -14.92
CA SER C 724 -49.35 -14.12 -15.15
C SER C 724 -49.87 -13.46 -13.88
N LEU C 725 -48.98 -13.31 -12.92
CA LEU C 725 -49.29 -12.73 -11.63
C LEU C 725 -48.67 -11.34 -11.51
N PHE C 726 -49.13 -10.59 -10.53
CA PHE C 726 -48.71 -9.21 -10.33
C PHE C 726 -48.53 -8.97 -8.84
N VAL C 727 -47.32 -8.64 -8.42
CA VAL C 727 -47.00 -8.36 -7.03
C VAL C 727 -46.42 -6.96 -6.95
N GLU C 728 -47.07 -6.08 -6.19
CA GLU C 728 -46.59 -4.72 -6.03
C GLU C 728 -45.42 -4.60 -5.06
N ASP C 729 -45.32 -5.51 -4.10
CA ASP C 729 -44.37 -5.41 -3.00
C ASP C 729 -43.52 -6.67 -2.92
N CYS C 730 -42.96 -7.08 -4.06
CA CYS C 730 -42.10 -8.25 -4.09
C CYS C 730 -40.82 -8.01 -3.32
N LYS C 731 -40.44 -8.98 -2.50
CA LYS C 731 -39.29 -8.83 -1.62
C LYS C 731 -37.97 -9.23 -2.29
N LEU C 732 -37.98 -10.22 -3.17
CA LEU C 732 -36.79 -10.64 -3.91
C LEU C 732 -37.13 -10.67 -5.40
N PRO C 733 -36.99 -9.55 -6.09
CA PRO C 733 -37.35 -9.49 -7.51
C PRO C 733 -36.33 -10.23 -8.38
N LEU C 734 -36.72 -10.44 -9.64
CA LEU C 734 -35.91 -11.17 -10.60
C LEU C 734 -35.31 -10.26 -11.66
N GLY C 735 -35.33 -8.95 -11.44
CA GLY C 735 -34.80 -8.01 -12.40
C GLY C 735 -35.83 -7.54 -13.42
N GLN C 736 -35.44 -6.48 -14.12
CA GLN C 736 -36.27 -5.72 -15.06
C GLN C 736 -37.53 -5.29 -14.32
N SER C 737 -38.62 -6.06 -14.45
CA SER C 737 -39.79 -5.92 -13.60
C SER C 737 -40.37 -7.30 -13.28
N LEU C 738 -39.50 -8.24 -12.91
CA LEU C 738 -39.89 -9.62 -12.71
C LEU C 738 -39.65 -10.04 -11.27
N CYS C 739 -40.42 -11.05 -10.83
CA CYS C 739 -40.35 -11.56 -9.48
C CYS C 739 -40.91 -12.98 -9.45
N ALA C 740 -40.61 -13.69 -8.38
CA ALA C 740 -41.16 -15.01 -8.12
C ALA C 740 -41.56 -15.09 -6.66
N LEU C 741 -42.67 -15.77 -6.39
CA LEU C 741 -43.17 -15.86 -5.03
C LEU C 741 -43.39 -17.33 -4.67
N PRO C 742 -42.88 -17.80 -3.53
CA PRO C 742 -42.96 -19.22 -3.22
C PRO C 742 -44.29 -19.60 -2.58
N ASP C 743 -44.67 -20.85 -2.80
CA ASP C 743 -45.89 -21.39 -2.21
C ASP C 743 -45.71 -21.61 -0.71
N THR C 744 -46.77 -21.40 0.04
CA THR C 744 -46.75 -21.59 1.48
C THR C 744 -46.77 -23.07 1.84
N PRO C 757 -42.06 -28.97 -0.54
CA PRO C 757 -42.39 -29.25 -1.93
C PRO C 757 -43.05 -28.05 -2.61
N GLY C 758 -42.83 -26.86 -2.07
CA GLY C 758 -43.41 -25.66 -2.62
C GLY C 758 -42.76 -25.23 -3.92
N GLU C 759 -43.40 -24.28 -4.59
CA GLU C 759 -42.95 -23.77 -5.87
C GLU C 759 -42.96 -22.26 -5.86
N MET C 760 -41.86 -21.64 -6.27
CA MET C 760 -41.92 -20.22 -6.60
C MET C 760 -42.62 -20.07 -7.95
N ARG C 761 -43.43 -19.05 -8.06
CA ARG C 761 -44.22 -18.83 -9.27
C ARG C 761 -43.96 -17.43 -9.81
N LEU C 762 -44.04 -17.33 -11.14
CA LEU C 762 -43.68 -16.11 -11.84
C LEU C 762 -44.69 -15.00 -11.57
N ALA C 763 -44.19 -13.77 -11.62
CA ALA C 763 -45.02 -12.58 -11.51
C ALA C 763 -44.24 -11.41 -12.10
N SER C 764 -44.97 -10.46 -12.66
CA SER C 764 -44.37 -9.21 -13.06
C SER C 764 -44.45 -8.23 -11.89
N ILE C 765 -43.46 -7.34 -11.81
CA ILE C 765 -43.50 -6.29 -10.79
C ILE C 765 -44.64 -5.35 -11.15
N ALA C 766 -45.69 -5.35 -10.33
CA ALA C 766 -46.90 -4.62 -10.65
C ALA C 766 -46.69 -3.12 -10.45
N PHE C 767 -47.41 -2.34 -11.26
CA PHE C 767 -47.39 -0.89 -11.17
C PHE C 767 -48.51 -0.45 -10.24
N ASN C 768 -48.15 0.33 -9.23
CA ASN C 768 -49.14 0.90 -8.33
C ASN C 768 -49.96 2.00 -8.98
N HIS C 769 -51.15 1.63 -9.42
CA HIS C 769 -52.03 2.56 -10.13
C HIS C 769 -52.55 3.62 -9.17
N PRO C 770 -52.30 4.90 -9.43
CA PRO C 770 -52.93 5.94 -8.62
C PRO C 770 -54.40 6.08 -8.97
N ILE C 771 -55.14 6.67 -8.06
CA ILE C 771 -56.58 6.86 -8.27
C ILE C 771 -56.76 7.90 -9.36
N GLN C 772 -57.35 7.48 -10.48
CA GLN C 772 -57.43 8.34 -11.65
C GLN C 772 -58.58 9.32 -11.51
N VAL C 773 -58.26 10.61 -11.52
CA VAL C 773 -59.24 11.68 -11.42
C VAL C 773 -59.08 12.61 -12.62
N ASP C 774 -60.20 12.93 -13.26
CA ASP C 774 -60.18 13.73 -14.48
C ASP C 774 -60.25 15.22 -14.15
N GLN C 775 -60.29 16.04 -15.20
CA GLN C 775 -60.30 17.49 -15.07
C GLN C 775 -61.42 18.07 -15.92
N LEU C 776 -61.95 19.20 -15.48
CA LEU C 776 -63.04 19.87 -16.17
C LEU C 776 -62.55 21.22 -16.69
N ASN C 777 -62.85 21.50 -17.95
CA ASN C 777 -62.43 22.73 -18.61
C ASN C 777 -63.40 23.89 -18.39
N SER C 778 -64.25 23.80 -17.38
CA SER C 778 -65.22 24.84 -17.06
C SER C 778 -64.88 25.47 -15.73
N SER C 779 -65.78 26.37 -15.27
CA SER C 779 -65.64 26.95 -13.94
C SER C 779 -65.79 25.88 -12.85
N TYR C 780 -66.67 24.91 -13.07
CA TYR C 780 -66.73 23.75 -12.20
C TYR C 780 -65.44 22.94 -12.34
N PHE C 781 -64.96 22.40 -11.21
CA PHE C 781 -63.71 21.66 -11.20
C PHE C 781 -63.90 20.33 -10.48
N LYS C 782 -63.20 19.31 -10.97
CA LYS C 782 -63.30 17.96 -10.44
C LYS C 782 -62.22 17.74 -9.38
N LEU C 783 -62.62 17.25 -8.21
CA LEU C 783 -61.72 17.11 -7.07
C LEU C 783 -61.85 15.70 -6.49
N SER C 784 -60.85 15.28 -5.73
CA SER C 784 -60.91 14.04 -4.98
C SER C 784 -60.43 14.26 -3.56
N ILE C 785 -61.02 13.51 -2.63
CA ILE C 785 -60.91 13.85 -1.21
C ILE C 785 -60.80 12.60 -0.35
N PRO C 786 -59.91 12.58 0.65
CA PRO C 786 -59.94 11.49 1.63
C PRO C 786 -61.17 11.55 2.50
N THR C 787 -61.74 10.38 2.80
CA THR C 787 -62.87 10.28 3.70
C THR C 787 -62.57 9.51 4.98
N ASN C 788 -61.47 8.77 5.05
CA ASN C 788 -61.03 8.20 6.30
C ASN C 788 -59.52 8.36 6.38
N PHE C 789 -58.92 7.88 7.47
CA PHE C 789 -57.52 8.19 7.71
C PHE C 789 -56.95 7.21 8.72
N SER C 790 -55.69 7.44 9.04
CA SER C 790 -54.99 6.81 10.16
C SER C 790 -53.85 7.73 10.53
N PHE C 791 -53.07 7.31 11.53
CA PHE C 791 -51.87 8.04 11.91
C PHE C 791 -50.70 7.08 11.68
N GLY C 792 -50.13 7.15 10.49
CA GLY C 792 -49.02 6.28 10.14
C GLY C 792 -47.74 6.76 10.80
N VAL C 793 -46.94 5.80 11.25
CA VAL C 793 -45.65 6.09 11.86
C VAL C 793 -44.57 5.82 10.82
N THR C 794 -43.88 6.89 10.41
CA THR C 794 -42.69 6.77 9.59
C THR C 794 -41.53 6.48 10.54
N GLN C 795 -40.83 5.39 10.30
CA GLN C 795 -39.87 4.86 11.26
C GLN C 795 -38.50 4.72 10.61
N GLU C 796 -37.49 5.38 11.20
CA GLU C 796 -36.14 5.21 10.70
C GLU C 796 -35.13 5.51 11.79
N TYR C 797 -33.86 5.40 11.42
CA TYR C 797 -32.75 5.36 12.37
C TYR C 797 -31.50 5.86 11.67
N ILE C 798 -30.59 6.47 12.42
CA ILE C 798 -29.31 6.90 11.87
C ILE C 798 -28.19 6.43 12.79
N GLN C 799 -26.98 6.34 12.22
CA GLN C 799 -25.78 6.00 12.98
C GLN C 799 -25.07 7.30 13.35
N THR C 800 -25.23 7.73 14.60
CA THR C 800 -24.65 9.00 15.02
C THR C 800 -23.18 8.87 15.38
N THR C 801 -22.87 8.06 16.39
CA THR C 801 -21.50 7.95 16.92
C THR C 801 -21.17 6.48 17.11
N ILE C 802 -20.23 5.98 16.30
CA ILE C 802 -19.81 4.58 16.39
C ILE C 802 -19.04 4.35 17.68
N GLN C 803 -18.74 3.08 17.95
CA GLN C 803 -17.85 2.74 19.04
C GLN C 803 -16.43 3.15 18.69
N LYS C 804 -15.90 4.16 19.37
CA LYS C 804 -14.56 4.65 19.10
C LYS C 804 -13.53 3.79 19.84
N VAL C 805 -12.37 3.61 19.21
CA VAL C 805 -11.40 2.63 19.69
C VAL C 805 -9.99 3.17 19.44
N THR C 806 -9.09 2.89 20.38
CA THR C 806 -7.66 3.17 20.23
C THR C 806 -6.89 1.86 20.32
N VAL C 807 -5.57 1.94 20.17
CA VAL C 807 -4.73 0.76 20.07
C VAL C 807 -3.32 1.12 20.52
N ASP C 808 -2.66 0.17 21.17
CA ASP C 808 -1.26 0.30 21.50
C ASP C 808 -0.40 -0.01 20.27
N CYS C 809 0.85 0.44 20.30
CA CYS C 809 1.79 0.10 19.26
C CYS C 809 2.32 -1.24 19.69
N LYS C 810 2.81 -1.35 20.92
CA LYS C 810 3.46 -2.60 21.37
C LYS C 810 2.62 -3.69 22.02
N GLN C 811 1.30 -3.54 22.02
CA GLN C 811 0.47 -4.64 22.54
C GLN C 811 -0.31 -5.17 21.38
N TYR C 812 -0.23 -4.47 20.26
CA TYR C 812 -0.89 -4.95 19.07
C TYR C 812 0.21 -5.47 18.17
N VAL C 813 1.36 -4.78 18.18
CA VAL C 813 2.42 -5.21 17.30
C VAL C 813 3.58 -5.96 17.94
N CYS C 814 3.95 -5.67 19.19
CA CYS C 814 5.03 -6.47 19.68
C CYS C 814 4.30 -7.52 20.33
N ASN C 815 3.16 -7.18 20.92
CA ASN C 815 2.43 -8.14 21.69
C ASN C 815 3.43 -8.65 22.68
N GLY C 816 4.24 -7.75 23.18
CA GLY C 816 5.26 -8.13 24.12
C GLY C 816 6.49 -8.82 23.59
N PHE C 817 7.05 -8.36 22.49
CA PHE C 817 8.27 -9.03 22.10
C PHE C 817 9.54 -8.27 22.21
N GLN C 818 10.47 -8.84 22.94
CA GLN C 818 11.67 -8.12 23.21
C GLN C 818 12.36 -7.81 21.96
N LYS C 819 12.46 -8.79 21.10
CA LYS C 819 13.21 -8.59 19.93
C LYS C 819 12.39 -7.67 19.14
N CYS C 820 11.08 -7.85 19.23
CA CYS C 820 10.23 -7.05 18.42
C CYS C 820 10.47 -5.62 18.77
N GLU C 821 10.65 -5.37 20.04
CA GLU C 821 10.96 -4.04 20.43
C GLU C 821 12.14 -3.53 19.68
N GLN C 822 13.27 -4.22 19.80
CA GLN C 822 14.42 -3.59 19.14
C GLN C 822 14.22 -3.46 17.63
N LEU C 823 13.40 -4.32 17.02
CA LEU C 823 13.19 -4.21 15.57
C LEU C 823 12.27 -3.03 15.23
N LEU C 824 11.24 -2.78 16.04
CA LEU C 824 10.29 -1.72 15.71
C LEU C 824 10.88 -0.32 15.91
N ARG C 825 12.02 -0.20 16.59
CA ARG C 825 12.62 1.10 16.82
C ARG C 825 13.12 1.76 15.54
N GLU C 826 13.35 0.98 14.49
CA GLU C 826 13.63 1.61 13.20
C GLU C 826 12.35 2.11 12.53
N TYR C 827 11.22 1.43 12.75
CA TYR C 827 9.94 1.96 12.30
C TYR C 827 9.56 3.18 13.12
N GLY C 828 9.65 3.06 14.45
CA GLY C 828 9.49 4.17 15.36
C GLY C 828 8.14 4.85 15.36
N GLN C 829 8.08 6.02 14.76
CA GLN C 829 6.99 6.97 14.93
C GLN C 829 5.79 6.70 14.01
N PHE C 830 5.76 5.56 13.32
CA PHE C 830 4.62 5.22 12.47
C PHE C 830 3.35 5.07 13.29
N CYS C 831 3.41 4.23 14.33
CA CYS C 831 2.26 4.02 15.17
C CYS C 831 1.96 5.27 15.99
N SER C 832 2.99 6.08 16.27
CA SER C 832 2.78 7.33 16.98
C SER C 832 1.92 8.29 16.15
N LYS C 833 2.23 8.43 14.85
CA LYS C 833 1.40 9.35 14.08
C LYS C 833 0.01 8.78 13.84
N ILE C 834 -0.14 7.46 13.66
CA ILE C 834 -1.52 7.00 13.46
C ILE C 834 -2.29 7.07 14.76
N ASN C 835 -1.61 6.97 15.91
CA ASN C 835 -2.30 7.06 17.19
C ASN C 835 -2.70 8.50 17.50
N GLN C 836 -1.83 9.46 17.19
CA GLN C 836 -2.26 10.85 17.37
C GLN C 836 -3.29 11.26 16.32
N ALA C 837 -3.28 10.61 15.16
CA ALA C 837 -4.32 10.86 14.16
C ALA C 837 -5.67 10.36 14.65
N LEU C 838 -5.72 9.16 15.22
CA LEU C 838 -6.98 8.69 15.77
C LEU C 838 -7.37 9.46 17.02
N HIS C 839 -6.39 9.95 17.79
CA HIS C 839 -6.70 10.85 18.89
C HIS C 839 -7.32 12.15 18.40
N GLY C 840 -6.80 12.70 17.31
CA GLY C 840 -7.37 13.90 16.73
C GLY C 840 -8.76 13.66 16.19
N ALA C 841 -8.98 12.51 15.55
CA ALA C 841 -10.32 12.15 15.12
C ALA C 841 -11.26 11.98 16.31
N ASN C 842 -10.75 11.39 17.40
CA ASN C 842 -11.54 11.22 18.60
C ASN C 842 -11.94 12.56 19.21
N LEU C 843 -11.01 13.50 19.29
CA LEU C 843 -11.37 14.80 19.84
C LEU C 843 -12.26 15.58 18.88
N ARG C 844 -12.14 15.32 17.57
CA ARG C 844 -13.05 15.94 16.60
C ARG C 844 -14.47 15.43 16.79
N GLN C 845 -14.64 14.12 16.95
CA GLN C 845 -15.99 13.62 17.17
C GLN C 845 -16.49 13.95 18.56
N ASP C 846 -15.60 14.14 19.53
CA ASP C 846 -16.01 14.65 20.83
C ASP C 846 -16.53 16.08 20.73
N ASP C 847 -15.87 16.89 19.88
CA ASP C 847 -16.36 18.23 19.60
C ASP C 847 -17.74 18.17 18.94
N SER C 848 -17.91 17.23 18.01
CA SER C 848 -19.22 17.02 17.39
C SER C 848 -20.27 16.62 18.42
N VAL C 849 -19.89 15.75 19.35
CA VAL C 849 -20.78 15.31 20.42
C VAL C 849 -21.20 16.49 21.30
N ARG C 850 -20.22 17.32 21.66
CA ARG C 850 -20.51 18.51 22.45
C ARG C 850 -21.41 19.48 21.68
N ASN C 851 -21.18 19.61 20.38
CA ASN C 851 -21.99 20.50 19.55
C ASN C 851 -23.43 20.01 19.48
N LEU C 852 -23.62 18.71 19.27
CA LEU C 852 -24.99 18.20 19.17
C LEU C 852 -25.70 18.25 20.52
N PHE C 853 -24.96 18.04 21.61
CA PHE C 853 -25.59 18.13 22.92
C PHE C 853 -25.93 19.57 23.31
N ALA C 854 -25.08 20.53 22.94
CA ALA C 854 -25.42 21.93 23.17
C ALA C 854 -26.56 22.37 22.27
N SER C 855 -26.66 21.81 21.07
CA SER C 855 -27.76 22.14 20.16
C SER C 855 -29.10 21.69 20.73
N VAL C 856 -29.15 20.49 21.30
CA VAL C 856 -30.40 19.97 21.86
C VAL C 856 -30.65 20.45 23.27
N LYS C 857 -29.80 21.33 23.80
CA LYS C 857 -29.97 21.86 25.15
C LYS C 857 -31.16 22.83 25.11
N SER C 858 -32.27 22.41 25.69
CA SER C 858 -33.47 23.23 25.71
C SER C 858 -33.34 24.36 26.72
N SER C 859 -34.01 25.48 26.43
CA SER C 859 -33.96 26.63 27.33
C SER C 859 -34.63 26.34 28.66
N GLN C 860 -35.87 25.84 28.62
CA GLN C 860 -36.64 25.51 29.81
C GLN C 860 -37.24 24.12 29.62
N SER C 861 -37.60 23.49 30.73
CA SER C 861 -38.02 22.09 30.71
C SER C 861 -39.21 21.85 31.64
N SER C 862 -39.47 20.57 31.91
CA SER C 862 -40.67 20.13 32.61
C SER C 862 -40.43 18.83 33.36
N PRO C 863 -41.02 18.65 34.54
CA PRO C 863 -40.90 17.38 35.25
C PRO C 863 -41.59 16.25 34.50
N ILE C 864 -41.26 15.02 34.91
CA ILE C 864 -41.81 13.82 34.31
C ILE C 864 -42.71 13.17 35.37
N ILE C 865 -44.00 13.44 35.28
CA ILE C 865 -44.96 13.02 36.31
C ILE C 865 -46.01 12.16 35.64
N PRO C 866 -46.67 11.29 36.41
CA PRO C 866 -47.83 10.56 35.86
C PRO C 866 -48.97 11.51 35.52
N GLY C 867 -49.73 11.15 34.49
CA GLY C 867 -50.85 11.94 34.04
C GLY C 867 -50.55 12.88 32.89
N PHE C 868 -49.84 12.42 31.86
CA PHE C 868 -49.50 13.26 30.72
C PHE C 868 -50.45 12.97 29.57
N GLY C 869 -51.06 14.04 29.04
CA GLY C 869 -51.97 13.91 27.93
C GLY C 869 -53.29 13.24 28.25
N GLY C 870 -53.65 13.12 29.52
CA GLY C 870 -54.90 12.49 29.88
C GLY C 870 -54.94 11.00 29.63
N ASP C 871 -55.68 10.60 28.60
CA ASP C 871 -55.89 9.21 28.26
C ASP C 871 -54.68 8.55 27.60
N PHE C 872 -53.62 9.30 27.33
CA PHE C 872 -52.55 8.81 26.46
C PHE C 872 -51.67 7.81 27.19
N ASN C 873 -51.43 6.68 26.55
CA ASN C 873 -50.46 5.68 27.04
C ASN C 873 -49.10 5.90 26.43
N LEU C 874 -48.48 7.06 26.69
CA LEU C 874 -47.14 7.38 26.20
C LEU C 874 -46.08 6.86 27.16
N THR C 875 -46.44 5.86 27.98
CA THR C 875 -45.53 5.25 28.93
C THR C 875 -44.31 4.61 28.27
N LEU C 876 -44.41 4.28 26.98
CA LEU C 876 -43.24 3.83 26.23
C LEU C 876 -42.17 4.91 26.20
N LEU C 877 -42.58 6.16 25.99
CA LEU C 877 -41.65 7.27 26.05
C LEU C 877 -41.29 7.65 27.48
N GLU C 878 -42.13 7.26 28.44
CA GLU C 878 -41.96 7.68 29.83
C GLU C 878 -40.89 6.82 30.52
N PRO C 879 -40.06 7.42 31.37
CA PRO C 879 -39.14 6.62 32.20
C PRO C 879 -39.62 6.49 33.63
N VAL C 880 -38.93 7.16 34.55
CA VAL C 880 -39.31 7.13 35.95
C VAL C 880 -39.98 8.45 36.34
N ALA C 889 -34.26 2.56 34.86
CA ALA C 889 -33.27 3.57 34.52
C ALA C 889 -33.80 4.52 33.45
N ARG C 890 -33.68 4.11 32.19
CA ARG C 890 -34.13 4.90 31.06
C ARG C 890 -35.62 4.66 30.81
N SER C 891 -36.13 5.16 29.70
CA SER C 891 -37.52 4.93 29.36
C SER C 891 -37.67 3.56 28.69
N ALA C 892 -38.90 3.21 28.36
CA ALA C 892 -39.20 1.84 27.92
C ALA C 892 -38.57 1.54 26.57
N ILE C 893 -38.61 2.51 25.64
CA ILE C 893 -38.29 2.23 24.25
C ILE C 893 -36.81 1.89 24.06
N GLU C 894 -35.91 2.64 24.69
CA GLU C 894 -34.49 2.32 24.50
C GLU C 894 -34.08 1.11 25.34
N ASP C 895 -34.78 0.86 26.45
CA ASP C 895 -34.50 -0.36 27.22
C ASP C 895 -34.89 -1.60 26.42
N LEU C 896 -36.04 -1.58 25.75
CA LEU C 896 -36.36 -2.71 24.89
C LEU C 896 -35.54 -2.70 23.61
N LEU C 897 -35.00 -1.55 23.21
CA LEU C 897 -34.01 -1.54 22.13
C LEU C 897 -32.77 -2.31 22.55
N PHE C 898 -32.32 -2.11 23.79
CA PHE C 898 -31.23 -2.91 24.32
C PHE C 898 -31.61 -4.38 24.41
N ASP C 899 -32.86 -4.65 24.79
CA ASP C 899 -33.33 -6.03 24.96
C ASP C 899 -33.38 -6.77 23.63
N LYS C 900 -33.92 -6.14 22.59
CA LYS C 900 -34.20 -6.81 21.32
C LYS C 900 -32.97 -6.88 20.41
N VAL C 901 -31.90 -6.16 20.72
CA VAL C 901 -30.69 -6.16 19.91
C VAL C 901 -29.64 -6.98 20.62
N THR C 902 -29.00 -7.90 19.89
CA THR C 902 -27.96 -8.75 20.45
C THR C 902 -26.71 -7.94 20.71
N ILE C 903 -26.73 -7.11 21.75
CA ILE C 903 -25.63 -6.20 22.05
C ILE C 903 -24.52 -6.99 22.74
N ALA C 904 -23.30 -6.89 22.21
CA ALA C 904 -22.12 -7.37 22.92
C ALA C 904 -21.72 -6.26 23.90
N ASP C 905 -22.45 -6.22 25.01
CA ASP C 905 -22.38 -5.07 25.91
C ASP C 905 -21.09 -5.08 26.71
N PRO C 906 -20.25 -4.05 26.60
CA PRO C 906 -19.04 -3.94 27.44
C PRO C 906 -19.35 -3.26 28.78
N GLY C 907 -19.83 -4.06 29.72
CA GLY C 907 -20.09 -3.57 31.06
C GLY C 907 -18.84 -3.05 31.74
N TYR C 908 -18.79 -1.74 31.96
CA TYR C 908 -17.54 -1.08 32.36
C TYR C 908 -17.30 -1.17 33.85
N MET C 909 -17.41 -2.36 34.42
CA MET C 909 -17.21 -2.58 35.85
C MET C 909 -15.90 -3.29 36.15
N GLN C 910 -15.66 -4.46 35.55
CA GLN C 910 -14.53 -5.31 35.90
C GLN C 910 -13.44 -5.34 34.85
N GLY C 911 -13.78 -5.65 33.60
CA GLY C 911 -12.79 -5.76 32.55
C GLY C 911 -12.00 -7.05 32.60
N TYR C 912 -10.70 -6.95 32.88
CA TYR C 912 -9.83 -8.13 32.90
C TYR C 912 -10.20 -9.09 34.03
N ASP C 913 -10.77 -8.57 35.11
CA ASP C 913 -11.32 -9.43 36.15
C ASP C 913 -12.45 -10.28 35.61
N ASP C 914 -13.35 -9.67 34.84
CA ASP C 914 -14.43 -10.42 34.20
C ASP C 914 -13.88 -11.41 33.18
N CYS C 915 -12.78 -11.07 32.52
CA CYS C 915 -12.17 -12.01 31.58
C CYS C 915 -11.54 -13.20 32.31
N MET C 916 -10.99 -12.97 33.52
CA MET C 916 -10.64 -14.08 34.40
C MET C 916 -11.84 -14.93 34.80
N GLN C 917 -12.97 -14.30 35.15
CA GLN C 917 -14.14 -15.08 35.55
C GLN C 917 -14.98 -15.53 34.36
N GLN C 918 -15.53 -14.60 33.58
CA GLN C 918 -16.35 -14.99 32.43
C GLN C 918 -15.46 -15.31 31.23
N LEU C 926 -14.15 -12.38 22.74
CA LEU C 926 -14.81 -11.36 21.93
C LEU C 926 -14.55 -9.98 22.52
N ILE C 927 -15.36 -9.59 23.50
CA ILE C 927 -15.11 -8.35 24.22
C ILE C 927 -13.84 -8.48 25.05
N CYS C 928 -13.61 -9.65 25.64
CA CYS C 928 -12.31 -9.93 26.25
C CYS C 928 -11.22 -10.13 25.21
N ALA C 929 -11.56 -10.37 23.95
CA ALA C 929 -10.55 -10.43 22.88
C ALA C 929 -10.24 -9.02 22.37
N GLN C 930 -9.91 -8.16 23.32
CA GLN C 930 -9.54 -6.77 23.17
C GLN C 930 -8.13 -6.49 23.63
N TYR C 931 -7.78 -6.96 24.83
CA TYR C 931 -6.42 -6.84 25.34
C TYR C 931 -5.58 -8.03 24.94
N VAL C 932 -6.24 -9.18 24.72
CA VAL C 932 -5.58 -10.33 24.11
C VAL C 932 -5.08 -9.96 22.72
N ALA C 933 -5.92 -9.27 21.95
CA ALA C 933 -5.50 -8.71 20.69
C ALA C 933 -4.80 -7.37 20.86
N GLY C 934 -4.91 -6.75 22.03
CA GLY C 934 -4.15 -5.56 22.36
C GLY C 934 -4.64 -4.27 21.74
N TYR C 935 -5.83 -3.83 22.12
CA TYR C 935 -6.30 -2.48 21.80
C TYR C 935 -7.23 -2.03 22.91
N LYS C 936 -7.94 -0.92 22.68
CA LYS C 936 -8.80 -0.35 23.71
C LYS C 936 -9.93 0.43 23.06
N VAL C 937 -11.17 0.00 23.32
CA VAL C 937 -12.34 0.77 22.91
C VAL C 937 -12.44 2.01 23.79
N LEU C 938 -12.79 3.15 23.18
CA LEU C 938 -13.00 4.33 24.00
C LEU C 938 -14.31 4.22 24.78
N PRO C 939 -14.33 4.67 26.03
CA PRO C 939 -15.59 4.66 26.79
C PRO C 939 -16.55 5.69 26.24
N PRO C 940 -17.85 5.51 26.44
CA PRO C 940 -18.81 6.53 26.03
C PRO C 940 -18.61 7.82 26.81
N LEU C 941 -18.89 8.93 26.14
CA LEU C 941 -18.52 10.24 26.68
C LEU C 941 -19.35 10.67 27.89
N MET C 942 -20.51 10.05 28.12
CA MET C 942 -21.49 10.63 29.04
C MET C 942 -22.45 9.55 29.52
N ASP C 943 -22.72 9.55 30.82
CA ASP C 943 -23.30 8.41 31.53
C ASP C 943 -24.80 8.26 31.25
N VAL C 944 -25.27 7.02 31.40
CA VAL C 944 -26.57 6.55 30.93
C VAL C 944 -27.72 7.35 31.54
N ASN C 945 -27.62 7.62 32.84
CA ASN C 945 -28.66 8.39 33.52
C ASN C 945 -28.82 9.78 32.92
N MET C 946 -27.75 10.35 32.38
CA MET C 946 -27.89 11.68 31.82
C MET C 946 -28.28 11.66 30.34
N GLU C 947 -28.08 10.53 29.64
CA GLU C 947 -28.82 10.33 28.39
C GLU C 947 -30.32 10.31 28.64
N ALA C 948 -30.74 9.57 29.68
CA ALA C 948 -32.13 9.61 30.10
C ALA C 948 -32.56 11.04 30.44
N ALA C 949 -31.66 11.80 31.06
CA ALA C 949 -31.97 13.18 31.43
C ALA C 949 -32.23 14.06 30.21
N TYR C 950 -31.34 14.05 29.21
CA TYR C 950 -31.60 15.03 28.15
C TYR C 950 -32.72 14.54 27.24
N THR C 951 -32.90 13.23 27.10
CA THR C 951 -34.02 12.73 26.31
C THR C 951 -35.35 13.09 26.97
N SER C 952 -35.41 13.01 28.31
CA SER C 952 -36.58 13.52 29.01
C SER C 952 -36.73 15.02 28.84
N SER C 953 -35.62 15.74 28.79
CA SER C 953 -35.67 17.19 28.55
C SER C 953 -36.27 17.50 27.19
N LEU C 954 -35.88 16.75 26.17
CA LEU C 954 -36.44 16.97 24.84
C LEU C 954 -37.91 16.57 24.77
N LEU C 955 -38.28 15.46 25.43
CA LEU C 955 -39.67 15.04 25.46
C LEU C 955 -40.55 15.99 26.26
N GLY C 956 -39.96 16.79 27.15
CA GLY C 956 -40.71 17.86 27.79
C GLY C 956 -40.68 19.15 26.99
N SER C 957 -39.61 19.37 26.22
CA SER C 957 -39.52 20.56 25.38
C SER C 957 -40.57 20.54 24.28
N ILE C 958 -40.78 19.37 23.67
CA ILE C 958 -41.76 19.24 22.60
C ILE C 958 -43.19 19.47 23.06
N ALA C 959 -43.44 19.51 24.37
CA ALA C 959 -44.75 19.88 24.86
C ALA C 959 -45.04 21.37 24.62
N GLY C 960 -44.01 22.18 24.43
CA GLY C 960 -44.23 23.59 24.27
C GLY C 960 -43.60 24.28 23.07
N VAL C 961 -42.58 23.66 22.50
CA VAL C 961 -41.79 24.36 21.48
C VAL C 961 -42.51 24.42 20.13
N GLY C 962 -43.35 23.43 19.81
CA GLY C 962 -43.93 23.36 18.49
C GLY C 962 -45.28 24.02 18.30
N TRP C 963 -45.46 25.23 18.81
CA TRP C 963 -46.71 25.95 18.57
C TRP C 963 -46.52 27.37 18.08
N THR C 964 -45.50 28.08 18.57
CA THR C 964 -45.33 29.49 18.25
C THR C 964 -43.89 29.73 17.85
N ALA C 965 -43.69 30.61 16.86
CA ALA C 965 -42.34 30.96 16.42
C ALA C 965 -41.60 31.70 17.53
N GLY C 966 -40.34 31.31 17.73
CA GLY C 966 -39.54 31.88 18.78
C GLY C 966 -38.99 30.82 19.72
N LEU C 967 -37.67 30.77 19.86
CA LEU C 967 -37.00 29.79 20.71
C LEU C 967 -36.71 30.32 22.10
N SER C 968 -37.14 31.55 22.41
CA SER C 968 -36.71 32.20 23.64
C SER C 968 -37.49 31.68 24.84
N SER C 969 -38.81 31.82 24.82
CA SER C 969 -39.64 31.44 25.95
C SER C 969 -39.92 29.95 25.93
N PHE C 970 -40.77 29.48 26.85
CA PHE C 970 -41.22 28.11 26.87
C PHE C 970 -42.72 28.10 27.15
N ALA C 971 -43.44 27.25 26.44
CA ALA C 971 -44.90 27.25 26.44
C ALA C 971 -45.43 25.83 26.63
N ALA C 972 -44.96 25.13 27.67
CA ALA C 972 -45.13 23.68 27.80
C ALA C 972 -46.58 23.26 27.99
N ILE C 973 -47.33 23.22 26.89
CA ILE C 973 -48.75 22.87 26.89
C ILE C 973 -48.87 21.40 27.28
N PRO C 974 -49.88 20.99 28.05
CA PRO C 974 -50.20 19.56 28.16
C PRO C 974 -50.50 18.98 26.78
N PHE C 975 -50.08 17.73 26.57
CA PHE C 975 -50.00 17.15 25.23
C PHE C 975 -51.32 17.08 24.50
N ALA C 976 -52.46 17.11 25.20
CA ALA C 976 -53.77 17.13 24.58
C ALA C 976 -53.96 18.38 23.73
N GLN C 977 -53.95 19.55 24.36
CA GLN C 977 -54.06 20.79 23.60
C GLN C 977 -52.86 21.04 22.71
N SER C 978 -51.70 20.50 23.06
CA SER C 978 -50.52 20.60 22.19
C SER C 978 -50.77 19.93 20.85
N ILE C 979 -51.26 18.69 20.86
CA ILE C 979 -51.51 18.05 19.58
C ILE C 979 -52.80 18.57 18.95
N PHE C 980 -53.70 19.17 19.73
CA PHE C 980 -54.81 19.89 19.12
C PHE C 980 -54.31 21.08 18.32
N TYR C 981 -53.31 21.79 18.85
CA TYR C 981 -52.63 22.84 18.11
C TYR C 981 -51.93 22.28 16.87
N ARG C 982 -51.34 21.09 17.01
CA ARG C 982 -50.71 20.44 15.86
C ARG C 982 -51.73 20.14 14.76
N LEU C 983 -52.89 19.63 15.14
CA LEU C 983 -53.89 19.21 14.16
C LEU C 983 -54.58 20.39 13.48
N ASN C 984 -55.00 21.39 14.25
CA ASN C 984 -55.60 22.54 13.57
C ASN C 984 -54.56 23.39 12.87
N GLY C 985 -53.27 23.23 13.22
CA GLY C 985 -52.22 23.83 12.41
C GLY C 985 -52.16 23.24 11.02
N VAL C 986 -52.23 21.91 10.90
CA VAL C 986 -52.25 21.28 9.58
C VAL C 986 -53.67 21.20 9.01
N GLY C 987 -54.65 21.77 9.68
CA GLY C 987 -55.96 21.96 9.09
C GLY C 987 -56.92 20.79 9.15
N ILE C 988 -57.25 20.34 10.35
CA ILE C 988 -58.41 19.47 10.58
C ILE C 988 -59.38 20.25 11.44
N THR C 989 -60.64 20.33 10.99
CA THR C 989 -61.59 21.31 11.53
C THR C 989 -61.95 21.01 12.97
N GLN C 990 -62.31 22.07 13.69
CA GLN C 990 -62.51 21.96 15.13
C GLN C 990 -63.82 21.27 15.49
N GLN C 991 -64.70 21.02 14.52
CA GLN C 991 -65.90 20.25 14.81
C GLN C 991 -65.55 18.82 15.20
N VAL C 992 -64.80 18.12 14.34
CA VAL C 992 -64.42 16.74 14.61
C VAL C 992 -63.38 16.68 15.74
N LEU C 993 -62.58 17.73 15.92
CA LEU C 993 -61.73 17.80 17.10
C LEU C 993 -62.58 17.90 18.36
N SER C 994 -63.66 18.67 18.32
CA SER C 994 -64.50 18.84 19.50
C SER C 994 -65.31 17.59 19.82
N GLU C 995 -65.75 16.85 18.80
CA GLU C 995 -66.63 15.71 19.04
C GLU C 995 -65.91 14.37 19.03
N ASN C 996 -64.71 14.29 18.46
CA ASN C 996 -64.06 13.00 18.21
C ASN C 996 -62.61 13.04 18.69
N GLN C 997 -62.40 13.50 19.93
CA GLN C 997 -61.08 13.37 20.56
C GLN C 997 -60.71 11.91 20.76
N LYS C 998 -61.68 11.06 21.07
CA LYS C 998 -61.39 9.69 21.48
C LYS C 998 -60.86 8.86 20.32
N LEU C 999 -61.43 9.04 19.13
CA LEU C 999 -61.00 8.23 17.98
C LEU C 999 -59.58 8.55 17.58
N ILE C 1000 -59.25 9.85 17.48
CA ILE C 1000 -57.88 10.22 17.11
C ILE C 1000 -56.90 9.86 18.22
N ALA C 1001 -57.33 9.99 19.48
CA ALA C 1001 -56.49 9.60 20.61
C ALA C 1001 -56.17 8.12 20.57
N ASN C 1002 -57.18 7.28 20.38
CA ASN C 1002 -56.95 5.84 20.33
C ASN C 1002 -56.23 5.43 19.06
N LYS C 1003 -56.39 6.18 17.97
CA LYS C 1003 -55.62 5.90 16.77
C LYS C 1003 -54.14 6.19 16.98
N PHE C 1004 -53.84 7.29 17.68
CA PHE C 1004 -52.46 7.57 18.08
C PHE C 1004 -51.92 6.48 19.00
N ASN C 1005 -52.74 6.02 19.94
CA ASN C 1005 -52.30 4.97 20.87
C ASN C 1005 -52.04 3.66 20.14
N GLN C 1006 -52.91 3.28 19.20
CA GLN C 1006 -52.68 2.03 18.49
C GLN C 1006 -51.53 2.16 17.50
N ALA C 1007 -51.25 3.37 17.01
CA ALA C 1007 -50.08 3.57 16.18
C ALA C 1007 -48.79 3.38 16.97
N LEU C 1008 -48.72 3.97 18.17
CA LEU C 1008 -47.54 3.79 18.99
C LEU C 1008 -47.40 2.35 19.50
N GLY C 1009 -48.54 1.68 19.74
CA GLY C 1009 -48.48 0.27 20.05
C GLY C 1009 -48.03 -0.58 18.87
N ALA C 1010 -48.45 -0.20 17.66
CA ALA C 1010 -48.06 -0.94 16.46
C ALA C 1010 -46.57 -0.84 16.20
N MET C 1011 -46.00 0.36 16.38
CA MET C 1011 -44.55 0.44 16.28
C MET C 1011 -43.87 -0.24 17.46
N GLN C 1012 -44.53 -0.24 18.63
CA GLN C 1012 -43.96 -0.84 19.82
C GLN C 1012 -43.83 -2.35 19.69
N THR C 1013 -44.72 -2.98 18.93
CA THR C 1013 -44.69 -4.43 18.76
C THR C 1013 -43.96 -4.87 17.50
N GLY C 1014 -43.53 -3.95 16.65
CA GLY C 1014 -42.96 -4.31 15.37
C GLY C 1014 -41.51 -4.72 15.38
N PHE C 1015 -40.84 -4.68 16.53
CA PHE C 1015 -39.39 -4.85 16.58
C PHE C 1015 -38.95 -6.28 16.31
N THR C 1016 -38.74 -6.57 15.04
CA THR C 1016 -38.27 -7.87 14.56
C THR C 1016 -37.47 -7.62 13.29
N THR C 1017 -37.27 -8.68 12.48
CA THR C 1017 -36.56 -8.55 11.22
C THR C 1017 -37.28 -7.61 10.26
N THR C 1018 -38.61 -7.56 10.31
CA THR C 1018 -39.39 -6.76 9.38
C THR C 1018 -39.16 -5.26 9.53
N ASN C 1019 -38.76 -4.80 10.71
CA ASN C 1019 -38.48 -3.38 10.91
C ASN C 1019 -37.17 -3.02 10.22
N GLU C 1020 -37.24 -2.16 9.21
CA GLU C 1020 -36.03 -1.72 8.51
C GLU C 1020 -35.17 -0.84 9.41
N ALA C 1021 -35.79 -0.12 10.35
CA ALA C 1021 -35.01 0.61 11.35
C ALA C 1021 -34.22 -0.35 12.23
N PHE C 1022 -34.84 -1.47 12.62
CA PHE C 1022 -34.12 -2.52 13.33
C PHE C 1022 -33.02 -3.10 12.46
N GLN C 1023 -33.29 -3.23 11.16
CA GLN C 1023 -32.29 -3.77 10.24
C GLN C 1023 -31.05 -2.88 10.16
N LYS C 1024 -31.25 -1.57 10.08
CA LYS C 1024 -30.10 -0.68 10.03
C LYS C 1024 -29.43 -0.49 11.39
N VAL C 1025 -30.16 -0.70 12.50
CA VAL C 1025 -29.49 -0.85 13.80
C VAL C 1025 -28.55 -2.04 13.77
N GLN C 1026 -29.02 -3.18 13.23
CA GLN C 1026 -28.14 -4.34 13.09
C GLN C 1026 -27.01 -4.07 12.09
N ASP C 1027 -27.25 -3.19 11.11
CA ASP C 1027 -26.17 -2.78 10.22
C ASP C 1027 -25.10 -2.02 10.97
N ALA C 1028 -25.50 -1.15 11.91
CA ALA C 1028 -24.52 -0.50 12.77
C ALA C 1028 -23.78 -1.52 13.64
N VAL C 1029 -24.52 -2.49 14.17
CA VAL C 1029 -23.93 -3.50 15.06
C VAL C 1029 -22.89 -4.33 14.32
N ASN C 1030 -23.23 -4.83 13.14
CA ASN C 1030 -22.24 -5.64 12.44
C ASN C 1030 -21.20 -4.80 11.72
N ASN C 1031 -21.44 -3.49 11.57
CA ASN C 1031 -20.33 -2.59 11.22
C ASN C 1031 -19.30 -2.55 12.33
N ASN C 1032 -19.75 -2.45 13.58
CA ASN C 1032 -18.83 -2.57 14.71
C ASN C 1032 -18.16 -3.94 14.73
N ALA C 1033 -18.94 -4.99 14.47
CA ALA C 1033 -18.40 -6.34 14.48
C ALA C 1033 -17.34 -6.54 13.41
N GLN C 1034 -17.56 -6.00 12.20
CA GLN C 1034 -16.58 -6.14 11.15
C GLN C 1034 -15.35 -5.27 11.40
N ALA C 1035 -15.52 -4.11 12.05
CA ALA C 1035 -14.36 -3.31 12.42
C ALA C 1035 -13.48 -4.05 13.43
N LEU C 1036 -14.10 -4.61 14.46
CA LEU C 1036 -13.34 -5.41 15.42
C LEU C 1036 -12.77 -6.67 14.81
N SER C 1037 -13.44 -7.23 13.79
CA SER C 1037 -12.90 -8.38 13.08
C SER C 1037 -11.64 -8.00 12.31
N LYS C 1038 -11.69 -6.90 11.57
CA LYS C 1038 -10.51 -6.42 10.85
C LYS C 1038 -9.41 -5.97 11.80
N LEU C 1039 -9.74 -5.69 13.06
CA LEU C 1039 -8.70 -5.53 14.07
C LEU C 1039 -8.09 -6.88 14.45
N ALA C 1040 -8.91 -7.78 14.99
CA ALA C 1040 -8.38 -8.91 15.74
C ALA C 1040 -7.92 -10.05 14.83
N SER C 1041 -8.64 -10.30 13.74
CA SER C 1041 -8.42 -11.52 12.95
C SER C 1041 -7.08 -11.50 12.24
N GLU C 1042 -6.52 -10.32 11.99
CA GLU C 1042 -5.32 -10.20 11.17
C GLU C 1042 -4.04 -10.49 11.94
N LEU C 1043 -4.11 -10.58 13.26
CA LEU C 1043 -2.96 -11.08 14.03
C LEU C 1043 -2.69 -12.54 13.68
N SER C 1044 -3.75 -13.34 13.55
CA SER C 1044 -3.60 -14.72 13.10
C SER C 1044 -3.15 -14.77 11.64
N ASN C 1045 -3.51 -13.78 10.84
CA ASN C 1045 -3.04 -13.69 9.47
C ASN C 1045 -1.54 -13.44 9.48
N THR C 1046 -0.77 -14.44 9.06
CA THR C 1046 0.69 -14.31 9.04
C THR C 1046 1.20 -13.55 7.82
N PHE C 1047 0.37 -13.43 6.77
CA PHE C 1047 0.73 -12.77 5.52
C PHE C 1047 2.00 -13.35 4.91
N GLY C 1048 2.01 -14.68 4.78
CA GLY C 1048 3.14 -15.39 4.24
C GLY C 1048 4.16 -15.85 5.26
N ALA C 1049 4.05 -15.42 6.51
CA ALA C 1049 4.95 -15.92 7.54
C ALA C 1049 4.56 -17.33 7.94
N ILE C 1050 5.49 -18.04 8.56
CA ILE C 1050 5.27 -19.44 8.94
C ILE C 1050 4.59 -19.59 10.29
N SER C 1051 4.52 -18.53 11.09
CA SER C 1051 3.83 -18.59 12.37
C SER C 1051 3.35 -17.20 12.76
N ALA C 1052 2.10 -17.11 13.19
CA ALA C 1052 1.57 -15.87 13.73
C ALA C 1052 2.07 -15.57 15.12
N SER C 1053 2.65 -16.56 15.81
CA SER C 1053 3.24 -16.36 17.12
C SER C 1053 4.67 -15.86 16.97
N ILE C 1054 4.90 -14.62 17.42
CA ILE C 1054 6.24 -14.04 17.35
C ILE C 1054 7.19 -14.79 18.27
N GLY C 1055 6.69 -15.27 19.42
CA GLY C 1055 7.54 -16.01 20.33
C GLY C 1055 8.02 -17.34 19.77
N ASP C 1056 7.13 -18.03 19.05
CA ASP C 1056 7.52 -19.25 18.35
C ASP C 1056 8.58 -18.93 17.29
N ILE C 1057 8.40 -17.80 16.59
CA ILE C 1057 9.36 -17.36 15.58
C ILE C 1057 10.73 -17.12 16.20
N ILE C 1058 10.78 -16.41 17.33
CA ILE C 1058 12.07 -16.07 17.93
C ILE C 1058 12.70 -17.23 18.69
N GLN C 1059 11.92 -18.22 19.12
CA GLN C 1059 12.54 -19.38 19.76
C GLN C 1059 12.96 -20.43 18.74
N ARG C 1060 12.37 -20.39 17.55
CA ARG C 1060 12.53 -21.48 16.61
C ARG C 1060 13.53 -21.19 15.49
N LEU C 1061 13.74 -19.93 15.12
CA LEU C 1061 14.41 -19.62 13.86
C LEU C 1061 15.75 -18.96 14.08
N ASP C 1062 16.52 -18.90 12.99
CA ASP C 1062 17.81 -18.21 12.96
C ASP C 1062 17.52 -16.71 13.03
N PRO C 1063 18.24 -15.95 13.87
CA PRO C 1063 17.90 -14.52 14.10
C PRO C 1063 17.84 -13.65 12.85
N PRO C 1064 18.72 -13.79 11.83
CA PRO C 1064 18.53 -12.95 10.63
C PRO C 1064 17.24 -13.23 9.86
N GLU C 1065 16.97 -14.49 9.53
CA GLU C 1065 15.76 -14.79 8.77
C GLU C 1065 14.50 -14.56 9.60
N GLN C 1066 14.57 -14.77 10.92
CA GLN C 1066 13.39 -14.46 11.72
C GLN C 1066 13.18 -12.97 11.83
N ASP C 1067 14.25 -12.17 11.81
CA ASP C 1067 14.08 -10.72 11.77
C ASP C 1067 13.47 -10.27 10.45
N ALA C 1068 13.85 -10.94 9.34
CA ALA C 1068 13.20 -10.67 8.07
C ALA C 1068 11.71 -11.02 8.10
N GLN C 1069 11.37 -12.16 8.72
CA GLN C 1069 9.98 -12.57 8.85
C GLN C 1069 9.18 -11.58 9.69
N ILE C 1070 9.77 -11.12 10.80
CA ILE C 1070 9.14 -10.09 11.62
C ILE C 1070 9.01 -8.78 10.84
N ASP C 1071 9.99 -8.47 10.00
CA ASP C 1071 9.89 -7.27 9.15
C ASP C 1071 8.67 -7.35 8.25
N ARG C 1072 8.46 -8.51 7.62
CA ARG C 1072 7.26 -8.70 6.80
C ARG C 1072 5.99 -8.61 7.63
N LEU C 1073 6.00 -9.17 8.83
CA LEU C 1073 4.82 -9.14 9.70
C LEU C 1073 4.48 -7.71 10.13
N ILE C 1074 5.50 -6.93 10.51
CA ILE C 1074 5.27 -5.53 10.87
C ILE C 1074 4.75 -4.74 9.69
N ASN C 1075 5.29 -4.99 8.49
CA ASN C 1075 4.75 -4.33 7.30
C ASN C 1075 3.28 -4.67 7.10
N GLY C 1076 2.93 -5.95 7.25
CA GLY C 1076 1.54 -6.36 7.06
C GLY C 1076 0.60 -5.71 8.06
N ARG C 1077 0.96 -5.75 9.34
CA ARG C 1077 0.08 -5.14 10.34
C ARG C 1077 0.04 -3.61 10.25
N LEU C 1078 1.14 -2.96 9.89
CA LEU C 1078 1.06 -1.50 9.74
C LEU C 1078 0.19 -1.13 8.55
N THR C 1079 0.25 -1.91 7.46
CA THR C 1079 -0.62 -1.63 6.32
C THR C 1079 -2.09 -1.85 6.68
N THR C 1080 -2.38 -2.89 7.46
CA THR C 1080 -3.76 -3.08 7.93
C THR C 1080 -4.21 -1.92 8.79
N LEU C 1081 -3.32 -1.38 9.63
CA LEU C 1081 -3.72 -0.23 10.44
C LEU C 1081 -3.81 1.05 9.63
N ASN C 1082 -3.05 1.20 8.54
CA ASN C 1082 -3.29 2.34 7.65
C ASN C 1082 -4.67 2.23 7.01
N ALA C 1083 -5.06 1.02 6.60
CA ALA C 1083 -6.42 0.82 6.10
C ALA C 1083 -7.45 1.11 7.19
N PHE C 1084 -7.14 0.74 8.44
CA PHE C 1084 -8.02 1.03 9.56
C PHE C 1084 -8.18 2.52 9.78
N VAL C 1085 -7.08 3.27 9.72
CA VAL C 1085 -7.15 4.73 9.88
C VAL C 1085 -7.96 5.35 8.75
N ALA C 1086 -7.76 4.87 7.52
CA ALA C 1086 -8.51 5.39 6.38
C ALA C 1086 -10.02 5.15 6.53
N GLN C 1087 -10.39 3.92 6.89
CA GLN C 1087 -11.82 3.65 7.02
C GLN C 1087 -12.40 4.32 8.26
N GLN C 1088 -11.58 4.53 9.30
CA GLN C 1088 -12.06 5.22 10.48
C GLN C 1088 -12.28 6.70 10.21
N LEU C 1089 -11.41 7.34 9.43
CA LEU C 1089 -11.65 8.74 9.10
C LEU C 1089 -12.84 8.87 8.15
N VAL C 1090 -13.04 7.86 7.29
CA VAL C 1090 -14.25 7.83 6.46
C VAL C 1090 -15.49 7.74 7.33
N ARG C 1091 -15.48 6.84 8.32
CA ARG C 1091 -16.61 6.73 9.24
C ARG C 1091 -16.75 7.97 10.10
N SER C 1092 -15.64 8.68 10.35
CA SER C 1092 -15.69 9.90 11.14
C SER C 1092 -16.39 11.02 10.39
N GLU C 1093 -16.02 11.23 9.12
CA GLU C 1093 -16.71 12.26 8.34
C GLU C 1093 -18.15 11.85 8.04
N SER C 1094 -18.40 10.55 7.90
CA SER C 1094 -19.77 10.07 7.75
C SER C 1094 -20.58 10.35 9.02
N ALA C 1095 -19.97 10.17 10.19
CA ALA C 1095 -20.65 10.47 11.44
C ALA C 1095 -20.87 11.96 11.59
N ALA C 1096 -19.94 12.77 11.10
CA ALA C 1096 -20.14 14.22 11.08
C ALA C 1096 -21.33 14.59 10.23
N LEU C 1097 -21.42 14.01 9.03
CA LEU C 1097 -22.58 14.22 8.16
C LEU C 1097 -23.87 13.78 8.84
N SER C 1098 -23.84 12.62 9.48
CA SER C 1098 -24.98 12.17 10.25
C SER C 1098 -25.29 13.12 11.40
N ALA C 1099 -24.28 13.84 11.91
CA ALA C 1099 -24.53 14.79 12.98
C ALA C 1099 -25.31 16.00 12.49
N GLN C 1100 -24.93 16.59 11.34
CA GLN C 1100 -25.77 17.72 10.90
C GLN C 1100 -27.14 17.25 10.42
N LEU C 1101 -27.24 16.08 9.77
CA LEU C 1101 -28.58 15.56 9.49
C LEU C 1101 -29.36 15.24 10.76
N ALA C 1102 -28.67 14.84 11.83
CA ALA C 1102 -29.34 14.56 13.09
C ALA C 1102 -29.93 15.83 13.70
N LYS C 1103 -29.14 16.91 13.72
CA LYS C 1103 -29.67 18.16 14.24
C LYS C 1103 -30.76 18.72 13.33
N ASP C 1104 -30.65 18.49 12.01
CA ASP C 1104 -31.71 18.93 11.11
C ASP C 1104 -33.02 18.20 11.40
N LYS C 1105 -32.95 16.89 11.60
CA LYS C 1105 -34.15 16.15 11.98
C LYS C 1105 -34.72 16.61 13.32
N VAL C 1106 -33.87 16.71 14.35
CA VAL C 1106 -34.41 16.96 15.68
C VAL C 1106 -34.89 18.42 15.81
N ASN C 1107 -34.35 19.33 15.01
CA ASN C 1107 -34.73 20.72 15.14
C ASN C 1107 -35.79 21.16 14.14
N GLU C 1108 -36.02 20.42 13.05
CA GLU C 1108 -37.05 20.87 12.12
C GLU C 1108 -38.42 20.24 12.39
N CYS C 1109 -38.50 18.91 12.30
CA CYS C 1109 -39.80 18.23 12.33
C CYS C 1109 -40.09 17.54 13.65
N VAL C 1110 -39.17 17.61 14.61
CA VAL C 1110 -39.40 16.98 15.90
C VAL C 1110 -39.90 18.02 16.89
N LYS C 1111 -39.20 19.15 16.98
CA LYS C 1111 -39.62 20.24 17.84
C LYS C 1111 -40.50 21.25 17.11
N ALA C 1112 -40.87 20.96 15.86
CA ALA C 1112 -41.84 21.76 15.12
C ALA C 1112 -42.49 20.84 14.09
N GLN C 1113 -43.25 21.43 13.17
CA GLN C 1113 -43.82 20.70 12.04
C GLN C 1113 -43.14 21.20 10.77
N SER C 1114 -42.49 20.29 10.05
CA SER C 1114 -41.83 20.64 8.81
C SER C 1114 -42.86 21.01 7.75
N LYS C 1115 -42.55 22.06 6.99
CA LYS C 1115 -43.38 22.47 5.86
C LYS C 1115 -42.95 21.80 4.57
N ARG C 1116 -42.13 20.75 4.66
CA ARG C 1116 -41.59 20.07 3.49
C ARG C 1116 -42.33 18.76 3.27
N SER C 1117 -42.56 18.43 2.00
CA SER C 1117 -43.30 17.23 1.63
C SER C 1117 -42.57 15.96 2.01
N GLY C 1118 -43.04 15.29 3.06
CA GLY C 1118 -42.45 14.04 3.52
C GLY C 1118 -41.01 14.17 3.96
N PHE C 1119 -40.69 15.23 4.71
CA PHE C 1119 -39.30 15.52 5.05
C PHE C 1119 -38.73 14.47 6.00
N CYS C 1120 -39.46 14.16 7.07
CA CYS C 1120 -39.04 13.09 7.97
C CYS C 1120 -40.19 12.11 8.16
N GLY C 1121 -41.42 12.62 8.14
CA GLY C 1121 -42.59 11.77 8.20
C GLY C 1121 -43.37 11.78 6.91
N GLN C 1122 -43.75 10.60 6.43
CA GLN C 1122 -44.49 10.50 5.17
C GLN C 1122 -45.88 11.10 5.33
N GLY C 1123 -46.36 11.72 4.26
CA GLY C 1123 -47.65 12.37 4.32
C GLY C 1123 -47.59 13.65 5.15
N THR C 1124 -48.75 14.05 5.65
CA THR C 1124 -48.88 15.24 6.48
C THR C 1124 -48.36 14.92 7.88
N HIS C 1125 -47.15 15.40 8.19
CA HIS C 1125 -46.55 15.14 9.49
C HIS C 1125 -47.33 15.83 10.60
N ILE C 1126 -47.48 15.14 11.73
CA ILE C 1126 -48.13 15.72 12.88
C ILE C 1126 -47.11 15.94 13.98
N VAL C 1127 -46.51 14.86 14.49
CA VAL C 1127 -45.54 14.91 15.57
C VAL C 1127 -44.40 13.95 15.29
N SER C 1128 -43.31 14.09 16.04
CA SER C 1128 -42.17 13.21 15.89
C SER C 1128 -41.53 12.97 17.26
N PHE C 1129 -40.91 11.81 17.40
CA PHE C 1129 -40.30 11.39 18.66
C PHE C 1129 -38.97 10.69 18.40
N VAL C 1130 -38.00 10.98 19.26
CA VAL C 1130 -36.59 10.69 19.05
C VAL C 1130 -36.02 10.05 20.32
N VAL C 1131 -35.24 8.98 20.16
CA VAL C 1131 -34.63 8.33 21.31
C VAL C 1131 -33.24 7.81 20.94
N ASN C 1132 -32.30 7.89 21.89
CA ASN C 1132 -30.92 7.50 21.65
C ASN C 1132 -30.77 5.99 21.49
N ALA C 1133 -29.75 5.59 20.73
CA ALA C 1133 -29.32 4.22 20.51
C ALA C 1133 -27.82 4.17 20.68
N PRO C 1134 -27.25 3.03 21.11
CA PRO C 1134 -25.83 3.01 21.56
C PRO C 1134 -24.83 3.48 20.52
N ASN C 1135 -25.13 3.33 19.23
CA ASN C 1135 -24.33 3.99 18.21
C ASN C 1135 -25.12 5.01 17.39
N GLY C 1136 -26.44 5.08 17.56
CA GLY C 1136 -27.21 5.96 16.71
C GLY C 1136 -28.40 6.62 17.36
N LEU C 1137 -29.44 6.84 16.57
CA LEU C 1137 -30.55 7.63 17.07
C LEU C 1137 -31.80 7.26 16.27
N TYR C 1138 -32.93 7.17 16.97
CA TYR C 1138 -34.12 6.47 16.50
C TYR C 1138 -35.26 7.47 16.40
N PHE C 1139 -36.06 7.35 15.34
CA PHE C 1139 -37.05 8.35 14.95
C PHE C 1139 -38.35 7.68 14.55
N MET C 1140 -39.41 7.95 15.32
CA MET C 1140 -40.76 7.75 14.80
C MET C 1140 -41.35 9.11 14.47
N HIS C 1141 -42.20 9.14 13.45
CA HIS C 1141 -42.92 10.35 13.07
C HIS C 1141 -44.37 9.97 12.83
N VAL C 1142 -45.25 10.42 13.72
CA VAL C 1142 -46.68 10.18 13.58
C VAL C 1142 -47.25 11.22 12.63
N GLY C 1143 -47.88 10.76 11.56
CA GLY C 1143 -48.38 11.66 10.53
C GLY C 1143 -49.73 11.21 10.01
N TYR C 1144 -50.45 12.17 9.43
CA TYR C 1144 -51.77 11.93 8.88
C TYR C 1144 -51.65 11.06 7.63
N TYR C 1145 -52.33 9.91 7.62
CA TYR C 1145 -52.27 8.96 6.51
C TYR C 1145 -53.67 8.82 5.92
N PRO C 1146 -53.96 9.47 4.80
CA PRO C 1146 -55.32 9.44 4.24
C PRO C 1146 -55.68 8.06 3.69
N SER C 1147 -56.98 7.84 3.54
CA SER C 1147 -57.51 6.61 2.97
C SER C 1147 -58.95 6.84 2.54
N ASN C 1148 -59.43 5.93 1.69
CA ASN C 1148 -60.83 5.91 1.21
C ASN C 1148 -61.20 7.22 0.51
N HIS C 1149 -60.49 7.52 -0.57
CA HIS C 1149 -60.70 8.77 -1.29
C HIS C 1149 -61.87 8.62 -2.25
N ILE C 1150 -62.79 9.59 -2.20
CA ILE C 1150 -63.93 9.61 -3.11
C ILE C 1150 -63.85 10.85 -3.98
N GLU C 1151 -64.80 10.96 -4.92
CA GLU C 1151 -64.75 11.95 -5.97
C GLU C 1151 -65.83 13.01 -5.75
N VAL C 1152 -65.42 14.27 -5.77
CA VAL C 1152 -66.29 15.41 -5.46
C VAL C 1152 -66.08 16.53 -6.47
N VAL C 1153 -66.76 17.65 -6.24
CA VAL C 1153 -66.64 18.84 -7.08
C VAL C 1153 -66.15 20.00 -6.23
N SER C 1154 -65.29 20.84 -6.80
CA SER C 1154 -64.82 22.05 -6.14
C SER C 1154 -64.83 23.19 -7.14
N ALA C 1155 -64.92 24.41 -6.62
CA ALA C 1155 -65.01 25.63 -7.39
C ALA C 1155 -63.71 26.42 -7.28
N TYR C 1156 -63.71 27.62 -7.84
CA TYR C 1156 -62.53 28.47 -7.89
C TYR C 1156 -62.70 29.79 -7.16
N GLY C 1157 -63.87 30.40 -7.23
CA GLY C 1157 -64.12 31.62 -6.48
C GLY C 1157 -65.60 31.97 -6.40
N LEU C 1158 -66.08 32.23 -5.18
CA LEU C 1158 -67.46 32.63 -4.97
C LEU C 1158 -67.55 34.15 -5.07
N CYS C 1159 -68.11 34.64 -6.17
CA CYS C 1159 -68.15 36.07 -6.47
C CYS C 1159 -69.55 36.48 -6.86
N ASP C 1160 -69.93 37.69 -6.45
CA ASP C 1160 -71.24 38.23 -6.78
C ASP C 1160 -71.31 38.60 -8.26
N ALA C 1161 -72.45 38.31 -8.88
CA ALA C 1161 -72.67 38.74 -10.26
C ALA C 1161 -72.78 40.27 -10.34
N ALA C 1162 -73.49 40.89 -9.39
CA ALA C 1162 -73.61 42.33 -9.39
C ALA C 1162 -72.30 43.01 -8.98
N ASN C 1163 -71.53 42.37 -8.11
CA ASN C 1163 -70.25 42.90 -7.63
C ASN C 1163 -69.18 41.86 -7.89
N PRO C 1164 -68.61 41.84 -9.11
CA PRO C 1164 -67.52 40.89 -9.39
C PRO C 1164 -66.29 41.10 -8.53
N THR C 1165 -66.02 42.34 -8.12
CA THR C 1165 -64.88 42.62 -7.25
C THR C 1165 -65.02 41.93 -5.90
N ASN C 1166 -66.27 41.77 -5.44
CA ASN C 1166 -66.53 41.02 -4.22
C ASN C 1166 -66.32 39.53 -4.48
N CYS C 1167 -65.15 39.03 -4.13
CA CYS C 1167 -64.85 37.61 -4.22
C CYS C 1167 -64.33 37.13 -2.87
N ILE C 1168 -64.42 35.81 -2.65
CA ILE C 1168 -63.84 35.20 -1.47
C ILE C 1168 -63.00 34.01 -1.92
N ALA C 1169 -61.99 33.67 -1.11
CA ALA C 1169 -61.14 32.51 -1.32
C ALA C 1169 -60.92 31.83 0.01
N PRO C 1170 -60.89 30.51 0.04
CA PRO C 1170 -60.76 29.80 1.33
C PRO C 1170 -59.38 29.97 1.93
N VAL C 1171 -59.33 29.99 3.26
CA VAL C 1171 -58.06 30.00 3.97
C VAL C 1171 -57.60 28.56 4.07
N ASN C 1172 -56.82 28.12 3.08
CA ASN C 1172 -56.32 26.74 2.97
C ASN C 1172 -57.46 25.73 3.00
N GLY C 1173 -58.52 26.01 2.26
CA GLY C 1173 -59.66 25.12 2.23
C GLY C 1173 -60.19 24.84 0.84
N TYR C 1174 -61.46 24.42 0.78
CA TYR C 1174 -62.06 24.04 -0.49
C TYR C 1174 -63.56 24.34 -0.44
N PHE C 1175 -64.12 24.58 -1.62
CA PHE C 1175 -65.55 24.76 -1.79
C PHE C 1175 -66.17 23.41 -2.17
N ILE C 1176 -67.25 23.06 -1.50
CA ILE C 1176 -67.96 21.81 -1.76
C ILE C 1176 -69.44 22.09 -1.95
N LYS C 1177 -70.01 21.55 -3.03
CA LYS C 1177 -71.43 21.73 -3.31
C LYS C 1177 -72.21 20.74 -2.46
N THR C 1178 -72.48 21.09 -1.21
CA THR C 1178 -73.15 20.20 -0.28
C THR C 1178 -74.63 20.06 -0.60
N ASN C 1179 -75.21 19.00 -0.06
CA ASN C 1179 -76.65 18.80 0.02
C ASN C 1179 -77.17 19.52 1.26
N ASN C 1180 -78.41 19.20 1.66
CA ASN C 1180 -79.06 19.72 2.87
C ASN C 1180 -79.19 21.25 2.84
N GLU C 1186 -75.02 23.67 -2.19
CA GLU C 1186 -74.40 24.99 -2.20
C GLU C 1186 -72.96 24.86 -1.73
N TRP C 1187 -72.06 25.70 -2.24
CA TRP C 1187 -70.66 25.64 -1.87
C TRP C 1187 -70.45 26.06 -0.42
N SER C 1188 -69.76 25.21 0.33
CA SER C 1188 -69.41 25.43 1.72
C SER C 1188 -67.95 25.06 1.93
N TYR C 1189 -67.42 25.47 3.08
CA TYR C 1189 -66.01 25.28 3.36
C TYR C 1189 -65.71 23.85 3.76
N THR C 1190 -64.52 23.38 3.36
CA THR C 1190 -63.99 22.10 3.79
C THR C 1190 -62.49 22.22 3.96
N GLY C 1191 -61.95 21.60 5.01
CA GLY C 1191 -60.52 21.57 5.19
C GLY C 1191 -59.83 20.84 4.05
N SER C 1192 -58.58 21.22 3.81
CA SER C 1192 -57.83 20.76 2.65
C SER C 1192 -57.18 19.39 2.86
N SER C 1193 -57.65 18.59 3.81
CA SER C 1193 -57.06 17.28 4.02
C SER C 1193 -58.05 16.16 4.30
N PHE C 1194 -59.35 16.43 4.42
CA PHE C 1194 -60.28 15.42 4.88
C PHE C 1194 -61.69 15.79 4.45
N TYR C 1195 -62.56 14.78 4.40
CA TYR C 1195 -64.00 14.97 4.18
C TYR C 1195 -64.61 15.61 5.42
N ALA C 1196 -64.42 16.92 5.53
CA ALA C 1196 -64.90 17.71 6.67
C ALA C 1196 -65.67 18.92 6.16
N PRO C 1197 -66.92 18.74 5.71
CA PRO C 1197 -67.70 19.88 5.24
C PRO C 1197 -68.41 20.61 6.37
N GLU C 1198 -68.46 21.93 6.25
CA GLU C 1198 -69.04 22.78 7.28
C GLU C 1198 -69.41 24.10 6.64
N PRO C 1199 -70.43 24.82 7.15
CA PRO C 1199 -70.93 26.02 6.46
C PRO C 1199 -69.90 27.13 6.37
N ILE C 1200 -69.97 27.88 5.27
CA ILE C 1200 -68.97 28.92 4.99
C ILE C 1200 -69.14 30.07 5.98
N THR C 1201 -68.03 30.47 6.59
CA THR C 1201 -67.99 31.56 7.56
C THR C 1201 -66.92 32.57 7.11
N SER C 1202 -66.84 33.67 7.86
CA SER C 1202 -65.74 34.61 7.66
C SER C 1202 -64.44 34.11 8.25
N LEU C 1203 -64.50 33.14 9.17
CA LEU C 1203 -63.32 32.67 9.88
C LEU C 1203 -62.49 31.67 9.09
N ASN C 1204 -62.89 31.35 7.85
CA ASN C 1204 -62.09 30.45 7.03
C ASN C 1204 -61.94 30.93 5.59
N THR C 1205 -62.31 32.18 5.30
CA THR C 1205 -62.18 32.73 3.95
C THR C 1205 -61.67 34.16 4.04
N LYS C 1206 -61.28 34.69 2.89
CA LYS C 1206 -60.75 36.05 2.83
C LYS C 1206 -60.97 36.62 1.43
N TYR C 1207 -61.17 37.94 1.36
CA TYR C 1207 -61.56 38.58 0.12
C TYR C 1207 -60.42 38.62 -0.89
N VAL C 1208 -60.75 38.41 -2.17
CA VAL C 1208 -59.78 38.37 -3.25
C VAL C 1208 -60.34 39.12 -4.46
N ALA C 1209 -59.53 39.14 -5.53
CA ALA C 1209 -59.75 39.89 -6.76
C ALA C 1209 -60.75 39.18 -7.68
N PRO C 1210 -61.47 39.93 -8.53
CA PRO C 1210 -62.30 39.30 -9.55
C PRO C 1210 -61.46 38.59 -10.60
N GLN C 1211 -62.00 37.49 -11.13
CA GLN C 1211 -61.40 36.75 -12.22
C GLN C 1211 -62.49 36.17 -13.11
N VAL C 1212 -62.15 35.96 -14.38
CA VAL C 1212 -63.10 35.41 -15.34
C VAL C 1212 -63.36 33.93 -15.07
N THR C 1213 -62.43 33.23 -14.42
CA THR C 1213 -62.55 31.79 -14.19
C THR C 1213 -63.35 31.46 -12.94
N TYR C 1214 -63.79 32.45 -12.17
CA TYR C 1214 -64.53 32.18 -10.95
C TYR C 1214 -66.01 31.94 -11.26
N GLN C 1215 -66.83 31.93 -10.21
CA GLN C 1215 -68.23 31.52 -10.32
C GLN C 1215 -69.13 32.55 -9.67
N ASN C 1216 -70.39 32.57 -10.11
CA ASN C 1216 -71.41 33.44 -9.54
C ASN C 1216 -72.45 32.65 -8.76
N ILE C 1217 -73.01 33.31 -7.74
CA ILE C 1217 -74.17 32.81 -7.02
C ILE C 1217 -75.11 33.98 -6.77
N SER C 1218 -76.41 33.75 -6.91
CA SER C 1218 -77.38 34.83 -6.71
C SER C 1218 -78.54 34.38 -5.83
N THR C 1219 -78.83 33.07 -5.83
CA THR C 1219 -79.99 32.59 -5.07
C THR C 1219 -79.71 32.58 -3.57
N ASN C 1220 -78.45 32.48 -3.16
CA ASN C 1220 -78.09 32.57 -1.75
C ASN C 1220 -76.63 33.01 -1.68
N LEU C 1221 -76.42 34.30 -1.43
CA LEU C 1221 -75.07 34.80 -1.25
C LEU C 1221 -74.53 34.35 0.11
N PRO C 1222 -73.27 33.92 0.17
CA PRO C 1222 -72.68 33.58 1.46
C PRO C 1222 -72.54 34.82 2.32
N PRO C 1223 -72.60 34.67 3.65
CA PRO C 1223 -72.35 35.81 4.55
C PRO C 1223 -70.96 36.42 4.40
N PRO C 1224 -69.92 35.66 3.98
CA PRO C 1224 -68.71 36.36 3.51
C PRO C 1224 -68.96 37.32 2.35
N LEU C 1225 -69.84 36.96 1.41
CA LEU C 1225 -70.17 37.88 0.33
C LEU C 1225 -71.08 39.00 0.82
N LEU C 1226 -71.83 38.76 1.90
CA LEU C 1226 -72.70 39.77 2.47
C LEU C 1226 -71.92 40.73 3.37
#